data_7UZA
#
_entry.id   7UZA
#
_cell.length_a   1.00
_cell.length_b   1.00
_cell.length_c   1.00
_cell.angle_alpha   90.00
_cell.angle_beta   90.00
_cell.angle_gamma   90.00
#
_symmetry.space_group_name_H-M   'P 1'
#
loop_
_entity.id
_entity.type
_entity.pdbx_description
1 polymer 'Spike glycoprotein'
2 polymer 'HSW-1 Fab heavy chain'
3 polymer 'HSW-1 Fab light chain'
4 branched 2-acetamido-2-deoxy-beta-D-glucopyranose-(1-4)-2-acetamido-2-deoxy-beta-D-glucopyranose
5 non-polymer 2-acetamido-2-deoxy-beta-D-glucopyranose
#
loop_
_entity_poly.entity_id
_entity_poly.type
_entity_poly.pdbx_seq_one_letter_code
_entity_poly.pdbx_strand_id
1 'polypeptide(L)'
;MFVFLVLLPLVSSQCVNLTTRTQLPPAYTNSFTRGVYYPDKVFRSSVLHSTQDLFLPFFSNVTWFHAIHVSGTNGTKRFD
NPVLPFNDGVYFASTEKSNIIRGWIFGTTLDSKTQSLLIVNNATNVVIKVCEFQFCNDPFLGVYYHKNNKSWMESEFRVY
SSANNCTFEYVSQPFLMDLEGKQGNFKNLREFVFKNIDGYFKIYSKHTPINLVRDLPQGFSALEPLVDLPIGINITRFQT
LLALHRSYLTPGDSSSGWTAGAAAYYVGYLQPRTFLLKYNENGTITDAVDCALDPLSETKCTLKSFTVEKGIYQTSNFRV
QPTESIVRFPNITNLCPFGEVFNATRFASVYAWNRKRISNCVADYSVLYNSASFSTFKCYGVSPTKLNDLCFTNVYADSF
VIRGDEVRQIAPGQTGKIADYNYKLPDDFTGCVIAWNSNNLDSKVGGNYNYLYRLFRKSNLKPFERDISTEIYQAGSTPC
NGVEGFNCYFPLQSYGFQPTNGVGYQPYRVVVLSFELLHAPATVCGPKKSTNLVKNKCVNFNFNGLTGTGVLTESNKKFL
PFQQFGRDIADTTDAVRDPQTLEILDITPCSFGGVSVITPGTNTSNQVAVLYQDVNCTEVPVAIHADQLTPTWRVYSTGS
NVFQTRAGCLIGAEHVNNSYECDIPIGAGICASYQTQTNSPASVASQSIIAYTMSLGAENSVAYSNNSIAIPTNFTISVT
TEILPVSMTKTSVDCTMYICGDSTECSNLLLQYGSFCTQLNRALTGIAVEQDKNTQEVFAQVKQIYKTPPIKDFGGFNFS
QILPDPSKPSKRSPIEDLLFNKVTLADAGFIKQYGDCLGDIAARDLICAQKFNGLTVLPPLLTDEMIAQYTSALLAGTIT
SGWTFGAGPALQIPFPMQMAYRFNGIGVTQNVLYENQKLIANQFNSAIGKIQDSLSSTPSALGKLQDVVNQNAQALNTLV
KQLSSNFGAISSVLNDILSRLDPPEAEVQIDRLITGRLQSLQTYVTQQLIRAAEIRASANLAATKMSECVLGQSKRVDFC
GKGYHLMSFPQSAPHGVVFLHVTYVPAQEKNFTTAPAICHDGKAHFPREGVFVSNGTHWFVTQRNFYEPQIITTDNTFVS
GNCDVVIGIVNNTVYDPLQPELDSFKEELDKYFKNHTSPDVDLGDISGINASVVNIQKEIDRLNEVAKNLNESLIDLQEL
GKYEQYIKWPSGRLVPRGSPGSGYIPEAPRDGQAYVRKDGEWVLLSTFLGHHHHHH
;
A,B,C
2 'polypeptide(L)'
;QVQLQQPGAELVKPGTSMKLSCKASGYTFTSYWMHWVKQRPGQGLEWIGMIHPNSGSTKYNENFKSKATLTVDKSSSTAY
MQFSSLTSEDSAVYYCVRSGSYYGTTYDYFDYWGQGTTLTVSSASTKGPSVFPLAPSSKSTSGGTAALGCLVKDYFPEPV
TVSWNSGALTSGVHTFPAVLQSSGLYSLSSVVTVPSSSLGTQTYICNVNHKPSNTKVDKRVEPKSCDKTHHHHHH
;
H
3 'polypeptide(L)'
;DIVLTQSPASLAVSLGQRATISCRASESVNIYGNSFMHWYQQKPGQPPKLLIFRASNLESGIPVRFSGSGSRTDFTLTIN
PVEADDVATYYCHQSNEDPFTFGSGTKLEIKRTVAAPSVFIFPPSDEQLKSGTASVVCLLNNFYPREAKVQWKVDNALQS
GNSQESVTEQDSKDSTYSLSSTLTLSKADYEKHKVYACEVTHQGLSSPVTKSFNRGEC
;
L
#
loop_
_chem_comp.id
_chem_comp.type
_chem_comp.name
_chem_comp.formula
NAG D-saccharide, beta linking 2-acetamido-2-deoxy-beta-D-glucopyranose 'C8 H15 N O6'
#
# COMPACT_ATOMS: atom_id res chain seq x y z
N PRO A 26 44.52 -9.44 39.00
CA PRO A 26 43.07 -9.45 38.83
C PRO A 26 42.52 -10.80 38.37
N ALA A 27 41.69 -11.40 39.19
CA ALA A 27 41.08 -12.70 38.90
C ALA A 27 39.64 -12.48 38.48
N TYR A 28 39.23 -13.11 37.39
CA TYR A 28 37.91 -12.90 36.81
C TYR A 28 36.93 -13.94 37.32
N THR A 29 35.68 -13.53 37.48
CA THR A 29 34.61 -14.42 37.89
C THR A 29 33.37 -14.15 37.06
N ASN A 30 32.52 -15.18 36.93
CA ASN A 30 31.32 -15.06 36.11
C ASN A 30 30.32 -14.08 36.71
N SER A 31 29.65 -13.32 35.85
CA SER A 31 28.60 -12.42 36.33
C SER A 31 27.43 -13.22 36.92
N PHE A 32 27.06 -14.32 36.26
CA PHE A 32 26.02 -15.23 36.75
C PHE A 32 24.66 -14.54 36.85
N THR A 33 24.20 -14.01 35.72
CA THR A 33 22.86 -13.42 35.59
C THR A 33 22.63 -12.32 36.63
N ARG A 34 23.51 -11.32 36.62
CA ARG A 34 23.39 -10.18 37.51
C ARG A 34 23.56 -8.89 36.72
N GLY A 35 23.17 -7.79 37.35
CA GLY A 35 23.18 -6.50 36.68
C GLY A 35 21.85 -6.06 36.14
N VAL A 36 20.77 -6.78 36.44
CA VAL A 36 19.45 -6.47 35.92
C VAL A 36 18.80 -5.40 36.79
N TYR A 37 18.46 -4.27 36.19
CA TYR A 37 17.83 -3.17 36.90
C TYR A 37 16.50 -2.82 36.23
N TYR A 38 15.84 -1.82 36.77
CA TYR A 38 14.57 -1.36 36.21
C TYR A 38 14.85 -0.41 35.05
N PRO A 39 14.42 -0.72 33.83
CA PRO A 39 14.73 0.18 32.71
C PRO A 39 14.01 1.52 32.80
N ASP A 40 12.71 1.51 33.08
CA ASP A 40 11.91 2.72 33.16
C ASP A 40 11.04 2.69 34.40
N LYS A 41 10.71 3.87 34.91
CA LYS A 41 9.88 4.00 36.10
C LYS A 41 8.40 3.87 35.73
N VAL A 42 8.05 2.70 35.20
CA VAL A 42 6.70 2.38 34.77
C VAL A 42 6.32 1.03 35.37
N PHE A 43 5.19 0.99 36.07
CA PHE A 43 4.75 -0.24 36.70
C PHE A 43 4.20 -1.21 35.67
N ARG A 44 4.51 -2.48 35.85
CA ARG A 44 3.99 -3.56 35.02
C ARG A 44 3.81 -4.80 35.88
N SER A 45 2.69 -5.48 35.70
CA SER A 45 2.36 -6.67 36.48
C SER A 45 2.10 -7.84 35.54
N SER A 46 2.81 -8.94 35.76
CA SER A 46 2.71 -10.12 34.91
C SER A 46 2.96 -9.78 33.44
N VAL A 47 3.92 -8.89 33.20
CA VAL A 47 4.24 -8.38 31.88
C VAL A 47 5.63 -8.88 31.49
N LEU A 48 5.70 -9.57 30.36
CA LEU A 48 6.98 -10.03 29.81
C LEU A 48 7.40 -8.99 28.78
N HIS A 49 7.90 -7.85 29.25
CA HIS A 49 8.27 -6.73 28.40
C HIS A 49 9.75 -6.81 28.08
N SER A 50 10.06 -6.89 26.79
CA SER A 50 11.43 -7.00 26.32
C SER A 50 11.88 -5.67 25.77
N THR A 51 12.99 -5.15 26.28
CA THR A 51 13.51 -3.85 25.88
C THR A 51 15.02 -3.95 25.66
N GLN A 52 15.53 -3.06 24.81
CA GLN A 52 16.97 -2.96 24.57
C GLN A 52 17.51 -1.83 25.44
N ASP A 53 18.58 -2.11 26.18
CA ASP A 53 19.19 -1.14 27.07
C ASP A 53 20.60 -1.60 27.42
N LEU A 54 21.39 -0.64 27.90
CA LEU A 54 22.73 -0.98 28.40
C LEU A 54 22.59 -1.89 29.62
N PHE A 55 23.11 -3.11 29.49
CA PHE A 55 22.95 -4.12 30.52
C PHE A 55 24.24 -4.92 30.65
N LEU A 56 24.48 -5.46 31.83
CA LEU A 56 25.59 -6.37 32.00
C LEU A 56 25.25 -7.71 31.35
N PRO A 57 26.03 -8.16 30.36
CA PRO A 57 25.71 -9.43 29.71
C PRO A 57 25.73 -10.58 30.71
N PHE A 58 24.81 -11.51 30.51
CA PHE A 58 24.73 -12.67 31.40
C PHE A 58 25.96 -13.54 31.24
N PHE A 59 26.38 -14.16 32.34
CA PHE A 59 27.52 -15.08 32.37
C PHE A 59 28.78 -14.41 31.81
N SER A 60 28.92 -13.12 32.07
CA SER A 60 30.13 -12.42 31.67
C SER A 60 31.22 -12.57 32.73
N ASN A 61 32.46 -12.64 32.27
CA ASN A 61 33.60 -12.87 33.16
C ASN A 61 34.02 -11.53 33.76
N VAL A 62 33.67 -11.33 35.03
CA VAL A 62 33.77 -10.04 35.70
C VAL A 62 35.06 -10.02 36.51
N THR A 63 35.81 -8.93 36.39
CA THR A 63 37.13 -8.84 37.01
C THR A 63 36.99 -8.45 38.48
N TRP A 64 37.44 -9.34 39.37
CA TRP A 64 37.47 -9.07 40.80
C TRP A 64 38.75 -8.30 41.15
N PHE A 65 38.70 -7.00 40.89
CA PHE A 65 39.81 -6.13 41.27
C PHE A 65 39.96 -6.11 42.79
N HIS A 66 41.21 -6.14 43.25
CA HIS A 66 41.52 -6.05 44.67
C HIS A 66 42.50 -4.90 44.85
N ALA A 67 42.03 -3.80 45.44
CA ALA A 67 42.78 -2.54 45.37
C ALA A 67 44.05 -2.59 46.22
N ILE A 68 43.90 -2.76 47.53
CA ILE A 68 45.02 -2.75 48.45
C ILE A 68 45.09 -4.09 49.15
N HIS A 69 46.25 -4.75 49.05
CA HIS A 69 46.47 -6.06 49.65
C HIS A 69 47.60 -5.96 50.66
N VAL A 70 47.30 -6.28 51.91
CA VAL A 70 48.33 -6.26 52.95
C VAL A 70 49.33 -7.38 52.71
N SER A 71 50.61 -7.07 52.89
CA SER A 71 51.67 -8.05 52.70
C SER A 71 51.67 -9.07 53.83
N ASN A 74 51.68 -8.76 57.06
CA ASN A 74 52.64 -7.91 57.74
C ASN A 74 52.09 -6.49 57.90
N GLY A 75 50.95 -6.23 57.26
CA GLY A 75 50.33 -4.93 57.33
C GLY A 75 50.91 -3.89 56.40
N THR A 76 51.81 -4.28 55.50
CA THR A 76 52.42 -3.33 54.59
C THR A 76 51.39 -2.81 53.59
N LYS A 77 51.38 -1.49 53.40
CA LYS A 77 50.41 -0.86 52.51
C LYS A 77 50.83 -1.05 51.06
N ARG A 78 49.87 -1.44 50.21
CA ARG A 78 50.07 -1.56 48.78
C ARG A 78 48.92 -0.82 48.07
N PHE A 79 49.09 0.49 47.89
CA PHE A 79 48.03 1.31 47.31
C PHE A 79 47.97 1.11 45.81
N ASP A 80 46.80 0.64 45.32
CA ASP A 80 46.59 0.45 43.90
C ASP A 80 45.10 0.66 43.61
N ASN A 81 44.76 1.89 43.19
CA ASN A 81 43.42 2.21 42.73
C ASN A 81 43.48 2.50 41.24
N PRO A 82 43.31 1.50 40.38
CA PRO A 82 43.45 1.73 38.94
C PRO A 82 42.31 2.56 38.38
N VAL A 83 42.61 3.26 37.28
CA VAL A 83 41.59 4.02 36.57
C VAL A 83 40.88 3.10 35.58
N LEU A 84 39.91 2.35 36.08
CA LEU A 84 39.21 1.39 35.24
C LEU A 84 38.31 2.11 34.24
N PRO A 85 38.29 1.70 32.98
CA PRO A 85 37.45 2.38 32.00
C PRO A 85 35.97 2.24 32.33
N PHE A 86 35.20 3.27 31.97
CA PHE A 86 33.76 3.24 32.25
C PHE A 86 33.06 2.19 31.39
N ASN A 87 33.37 2.16 30.09
CA ASN A 87 32.88 1.14 29.16
C ASN A 87 31.36 1.06 29.16
N ASP A 88 30.72 2.22 29.14
CA ASP A 88 29.26 2.33 29.04
C ASP A 88 28.55 1.56 30.16
N GLY A 89 29.07 1.69 31.38
CA GLY A 89 28.43 1.06 32.51
C GLY A 89 29.37 0.23 33.38
N VAL A 90 29.19 0.31 34.69
CA VAL A 90 29.99 -0.44 35.65
C VAL A 90 29.05 -1.13 36.62
N TYR A 91 29.18 -2.46 36.72
CA TYR A 91 28.42 -3.23 37.71
C TYR A 91 29.28 -3.42 38.97
N PHE A 92 29.50 -2.31 39.67
CA PHE A 92 30.27 -2.35 40.90
C PHE A 92 29.54 -3.14 41.97
N ALA A 93 30.29 -3.93 42.73
CA ALA A 93 29.71 -4.73 43.81
C ALA A 93 30.80 -5.07 44.81
N SER A 94 30.38 -5.30 46.06
CA SER A 94 31.30 -5.66 47.13
C SER A 94 30.56 -6.45 48.19
N THR A 95 31.21 -7.49 48.69
CA THR A 95 30.65 -8.33 49.74
C THR A 95 31.10 -7.92 51.14
N GLU A 96 31.91 -6.88 51.25
CA GLU A 96 32.47 -6.50 52.54
C GLU A 96 31.38 -5.86 53.41
N LYS A 97 31.24 -6.36 54.64
CA LYS A 97 30.31 -5.79 55.61
C LYS A 97 30.94 -4.70 56.46
N SER A 98 32.25 -4.47 56.33
CA SER A 98 32.92 -3.44 57.11
C SER A 98 32.77 -2.05 56.50
N ASN A 99 32.13 -1.93 55.34
CA ASN A 99 31.92 -0.65 54.67
C ASN A 99 33.25 0.05 54.38
N ILE A 100 34.23 -0.73 53.93
CA ILE A 100 35.54 -0.16 53.60
C ILE A 100 35.41 0.80 52.43
N ILE A 101 34.62 0.45 51.43
CA ILE A 101 34.40 1.35 50.30
C ILE A 101 33.56 2.53 50.74
N ARG A 102 33.98 3.73 50.37
CA ARG A 102 33.25 4.96 50.65
C ARG A 102 33.31 5.85 49.40
N GLY A 103 32.31 5.71 48.53
CA GLY A 103 32.19 6.53 47.36
C GLY A 103 32.98 6.02 46.17
N TRP A 104 32.94 6.80 45.10
CA TRP A 104 33.55 6.45 43.83
C TRP A 104 34.06 7.70 43.14
N ILE A 105 34.83 7.48 42.07
CA ILE A 105 35.39 8.55 41.26
C ILE A 105 34.99 8.33 39.82
N PHE A 106 34.44 9.36 39.19
CA PHE A 106 34.06 9.33 37.78
C PHE A 106 34.59 10.58 37.11
N GLY A 107 35.20 10.41 35.94
CA GLY A 107 35.72 11.55 35.21
C GLY A 107 36.33 11.14 33.89
N THR A 108 36.50 12.12 33.01
CA THR A 108 37.14 11.88 31.73
C THR A 108 38.66 11.83 31.87
N THR A 109 39.25 12.90 32.40
CA THR A 109 40.69 12.97 32.61
C THR A 109 41.10 13.29 34.04
N LEU A 110 40.15 13.56 34.93
CA LEU A 110 40.45 13.80 36.35
C LEU A 110 41.44 14.95 36.54
N ASP A 111 41.22 16.04 35.81
CA ASP A 111 42.02 17.25 35.97
C ASP A 111 41.11 18.45 36.16
N SER A 112 41.72 19.59 36.51
CA SER A 112 40.95 20.80 36.76
C SER A 112 40.20 21.26 35.52
N LYS A 113 40.77 21.01 34.34
CA LYS A 113 40.12 21.43 33.11
C LYS A 113 38.79 20.74 32.89
N THR A 114 38.73 19.44 33.15
CA THR A 114 37.52 18.66 32.90
C THR A 114 36.65 18.60 34.14
N GLN A 115 35.33 18.58 33.93
CA GLN A 115 34.40 18.40 35.02
C GLN A 115 34.52 16.99 35.58
N SER A 116 34.52 16.89 36.91
CA SER A 116 34.72 15.63 37.59
C SER A 116 33.53 15.33 38.49
N LEU A 117 33.23 14.04 38.62
CA LEU A 117 32.12 13.56 39.43
C LEU A 117 32.67 12.95 40.72
N LEU A 118 32.09 13.33 41.85
CA LEU A 118 32.50 12.83 43.15
C LEU A 118 31.31 12.21 43.87
N ILE A 119 31.52 11.03 44.44
CA ILE A 119 30.56 10.41 45.35
C ILE A 119 31.29 10.18 46.67
N VAL A 120 30.71 10.68 47.75
CA VAL A 120 31.28 10.54 49.08
C VAL A 120 30.18 10.04 50.02
N ASN A 121 30.47 8.97 50.75
CA ASN A 121 29.50 8.33 51.62
C ASN A 121 30.01 8.39 53.07
N ASN A 122 29.71 9.50 53.74
CA ASN A 122 30.05 9.62 55.15
C ASN A 122 28.90 9.10 56.02
N ALA A 123 29.14 9.07 57.32
CA ALA A 123 28.15 8.53 58.25
C ALA A 123 26.87 9.35 58.24
N THR A 124 27.00 10.68 58.20
CA THR A 124 25.81 11.54 58.27
C THR A 124 24.95 11.41 57.04
N ASN A 125 25.55 11.51 55.85
CA ASN A 125 24.80 11.49 54.61
C ASN A 125 25.74 11.16 53.46
N VAL A 126 25.16 11.05 52.26
CA VAL A 126 25.91 10.83 51.04
C VAL A 126 26.04 12.17 50.32
N VAL A 127 27.24 12.49 49.87
CA VAL A 127 27.53 13.75 49.21
C VAL A 127 27.99 13.44 47.79
N ILE A 128 27.16 13.82 46.81
CA ILE A 128 27.50 13.70 45.40
C ILE A 128 27.72 15.11 44.87
N LYS A 129 28.96 15.44 44.53
CA LYS A 129 29.33 16.82 44.23
C LYS A 129 30.11 16.83 42.92
N VAL A 130 29.70 17.68 41.98
CA VAL A 130 30.27 17.70 40.63
C VAL A 130 30.78 19.11 40.34
N CYS A 131 32.08 19.22 40.07
CA CYS A 131 32.70 20.47 39.68
C CYS A 131 33.87 20.16 38.76
N GLU A 132 34.54 21.22 38.31
CA GLU A 132 35.85 21.08 37.69
C GLU A 132 36.89 20.88 38.78
N PHE A 133 37.36 19.65 38.94
CA PHE A 133 38.13 19.25 40.12
C PHE A 133 39.56 18.91 39.73
N GLN A 134 40.52 19.54 40.40
CA GLN A 134 41.92 19.19 40.25
C GLN A 134 42.26 18.14 41.31
N PHE A 135 42.27 16.88 40.89
CA PHE A 135 42.44 15.78 41.82
C PHE A 135 43.88 15.71 42.34
N CYS A 136 44.01 15.20 43.56
CA CYS A 136 45.31 14.82 44.07
C CYS A 136 45.73 13.49 43.46
N ASN A 137 47.00 13.11 43.71
CA ASN A 137 47.48 11.82 43.22
C ASN A 137 46.69 10.67 43.84
N ASP A 138 46.39 10.77 45.12
CA ASP A 138 45.54 9.79 45.81
C ASP A 138 44.31 10.48 46.36
N PRO A 139 43.15 10.36 45.71
CA PRO A 139 41.91 10.90 46.29
C PRO A 139 41.37 9.96 47.35
N PHE A 140 41.15 10.48 48.56
CA PHE A 140 40.73 9.64 49.67
C PHE A 140 39.96 10.46 50.69
N LEU A 141 39.28 9.76 51.58
CA LEU A 141 38.59 10.35 52.72
C LEU A 141 39.36 10.01 53.98
N GLY A 142 39.74 11.04 54.74
CA GLY A 142 40.49 10.83 55.96
C GLY A 142 39.62 10.80 57.20
N VAL A 143 39.70 9.71 57.97
CA VAL A 143 38.91 9.55 59.18
C VAL A 143 39.87 9.43 60.36
N TYR A 144 39.40 9.82 61.54
CA TYR A 144 40.18 9.75 62.76
C TYR A 144 39.39 9.03 63.84
N TYR A 145 40.11 8.40 64.76
CA TYR A 145 39.52 7.71 65.90
C TYR A 145 39.61 8.61 67.13
N HIS A 146 38.47 8.92 67.73
CA HIS A 146 38.40 9.73 68.94
C HIS A 146 38.16 8.81 70.12
N LYS A 147 39.00 8.92 71.15
CA LYS A 147 38.95 7.99 72.27
C LYS A 147 37.63 8.09 73.02
N ASN A 148 37.15 9.31 73.27
CA ASN A 148 35.92 9.48 74.02
C ASN A 148 34.71 8.97 73.24
N ASN A 149 34.62 9.32 71.96
CA ASN A 149 33.49 8.88 71.14
C ASN A 149 33.62 7.42 70.73
N LYS A 150 34.85 6.92 70.63
CA LYS A 150 35.13 5.53 70.23
C LYS A 150 34.54 5.22 68.85
N SER A 151 34.61 6.18 67.94
CA SER A 151 34.11 6.00 66.58
C SER A 151 35.02 6.72 65.59
N TRP A 152 34.96 6.27 64.34
CA TRP A 152 35.83 6.81 63.29
C TRP A 152 35.09 7.91 62.53
N MET A 153 35.19 9.13 63.06
CA MET A 153 34.59 10.27 62.40
C MET A 153 35.49 10.79 61.28
N GLU A 154 34.90 11.57 60.38
CA GLU A 154 35.61 12.13 59.24
C GLU A 154 36.48 13.30 59.73
N SER A 155 37.80 13.14 59.64
CA SER A 155 38.69 14.23 60.03
C SER A 155 38.68 15.34 58.97
N GLU A 156 39.10 15.01 57.75
CA GLU A 156 39.03 15.95 56.64
C GLU A 156 39.01 15.15 55.34
N PHE A 157 38.59 15.80 54.27
CA PHE A 157 38.50 15.20 52.95
C PHE A 157 39.68 15.65 52.10
N ARG A 158 40.42 14.70 51.56
CA ARG A 158 41.57 14.98 50.70
C ARG A 158 41.40 14.22 49.38
N VAL A 159 40.64 14.82 48.46
CA VAL A 159 40.42 14.26 47.14
C VAL A 159 40.81 15.25 46.05
N TYR A 160 40.43 16.51 46.19
CA TYR A 160 40.69 17.53 45.19
C TYR A 160 41.44 18.69 45.81
N SER A 161 42.31 19.31 45.01
CA SER A 161 43.00 20.51 45.47
C SER A 161 42.14 21.75 45.32
N SER A 162 41.36 21.83 44.24
CA SER A 162 40.55 23.01 43.95
C SER A 162 39.19 22.59 43.46
N ALA A 163 38.20 23.47 43.64
CA ALA A 163 36.82 23.24 43.23
C ALA A 163 36.35 24.45 42.41
N ASN A 164 36.45 24.33 41.10
CA ASN A 164 36.06 25.42 40.21
C ASN A 164 34.86 25.03 39.36
N ASN A 165 34.08 26.02 38.95
CA ASN A 165 32.95 25.85 38.05
C ASN A 165 32.01 24.76 38.54
N CYS A 166 31.66 24.85 39.83
CA CYS A 166 30.79 23.85 40.43
C CYS A 166 29.40 23.88 39.82
N THR A 167 28.84 22.69 39.57
CA THR A 167 27.56 22.57 38.88
C THR A 167 26.46 21.98 39.74
N PHE A 168 26.69 20.80 40.33
CA PHE A 168 25.61 20.07 41.01
C PHE A 168 26.10 19.55 42.35
N GLU A 169 25.16 19.41 43.28
CA GLU A 169 25.41 18.77 44.56
C GLU A 169 24.14 18.06 45.01
N TYR A 170 24.29 16.93 45.69
CA TYR A 170 23.17 16.13 46.14
C TYR A 170 23.46 15.58 47.53
N VAL A 171 22.46 15.63 48.40
CA VAL A 171 22.57 15.11 49.77
C VAL A 171 21.35 14.24 50.05
N SER A 172 21.59 13.04 50.57
CA SER A 172 20.52 12.13 50.93
C SER A 172 21.04 11.12 51.95
N GLN A 173 20.17 10.21 52.34
CA GLN A 173 20.57 9.16 53.27
C GLN A 173 21.65 8.29 52.63
N PRO A 174 22.70 7.95 53.35
CA PRO A 174 23.80 7.16 52.75
C PRO A 174 23.34 5.75 52.41
N PHE A 175 23.43 5.41 51.12
CA PHE A 175 23.03 4.08 50.67
C PHE A 175 24.15 3.07 50.85
N LEU A 176 25.40 3.53 50.83
CA LEU A 176 26.54 2.62 50.91
C LEU A 176 26.56 1.88 52.24
N MET A 177 26.28 2.57 53.33
CA MET A 177 26.21 1.93 54.64
C MET A 177 24.76 1.57 54.97
N ASP A 178 24.55 0.33 55.39
CA ASP A 178 23.22 -0.18 55.72
C ASP A 178 22.24 -0.02 54.56
N LYS A 187 28.88 -9.70 54.94
CA LYS A 187 27.69 -10.49 54.65
C LYS A 187 26.80 -9.79 53.62
N ASN A 188 26.51 -8.52 53.88
CA ASN A 188 25.67 -7.76 52.98
C ASN A 188 26.40 -7.48 51.67
N LEU A 189 25.72 -7.71 50.55
CA LEU A 189 26.27 -7.48 49.23
C LEU A 189 25.60 -6.23 48.64
N ARG A 190 26.42 -5.24 48.28
CA ARG A 190 25.93 -3.96 47.79
C ARG A 190 26.25 -3.85 46.30
N GLU A 191 25.22 -3.63 45.49
CA GLU A 191 25.34 -3.59 44.04
C GLU A 191 24.96 -2.20 43.54
N PHE A 192 25.72 -1.70 42.57
CA PHE A 192 25.49 -0.37 42.00
C PHE A 192 25.82 -0.39 40.52
N VAL A 193 24.90 0.08 39.71
CA VAL A 193 25.10 0.22 38.27
C VAL A 193 25.24 1.70 37.97
N PHE A 194 26.33 2.09 37.34
CA PHE A 194 26.60 3.48 36.99
C PHE A 194 26.52 3.65 35.49
N LYS A 195 25.58 4.49 35.04
CA LYS A 195 25.35 4.71 33.62
C LYS A 195 25.21 6.20 33.34
N ASN A 196 25.68 6.62 32.17
CA ASN A 196 25.53 8.00 31.70
C ASN A 196 24.73 7.96 30.40
N ILE A 197 23.48 8.42 30.47
CA ILE A 197 22.60 8.46 29.31
C ILE A 197 22.01 9.85 29.19
N ASP A 198 22.31 10.53 28.08
CA ASP A 198 21.74 11.84 27.76
C ASP A 198 21.99 12.84 28.89
N GLY A 199 23.20 12.82 29.45
CA GLY A 199 23.55 13.73 30.51
C GLY A 199 22.96 13.40 31.86
N TYR A 200 22.40 12.20 32.01
CA TYR A 200 21.84 11.75 33.28
C TYR A 200 22.70 10.63 33.84
N PHE A 201 22.96 10.70 35.14
CA PHE A 201 23.69 9.65 35.84
C PHE A 201 22.68 8.70 36.47
N LYS A 202 22.69 7.44 36.01
CA LYS A 202 21.78 6.43 36.53
C LYS A 202 22.54 5.59 37.56
N ILE A 203 21.98 5.52 38.77
CA ILE A 203 22.54 4.72 39.85
C ILE A 203 21.42 3.82 40.37
N TYR A 204 21.64 2.51 40.30
CA TYR A 204 20.69 1.52 40.81
C TYR A 204 21.36 0.75 41.94
N SER A 205 20.70 0.71 43.09
CA SER A 205 21.28 0.12 44.29
C SER A 205 20.42 -1.03 44.78
N LYS A 206 21.06 -2.11 45.19
CA LYS A 206 20.39 -3.24 45.82
C LYS A 206 21.32 -3.85 46.86
N HIS A 207 20.77 -4.15 48.04
CA HIS A 207 21.53 -4.73 49.14
C HIS A 207 20.89 -6.04 49.57
N THR A 208 21.67 -7.11 49.56
CA THR A 208 21.20 -8.43 49.94
C THR A 208 22.31 -9.17 50.67
N PRO A 209 22.06 -9.68 51.88
CA PRO A 209 23.10 -10.40 52.60
C PRO A 209 23.39 -11.75 51.95
N ILE A 210 24.68 -12.05 51.83
CA ILE A 210 25.14 -13.31 51.25
C ILE A 210 26.27 -13.87 52.10
N ASN A 211 26.50 -15.19 51.95
CA ASN A 211 27.56 -15.88 52.65
C ASN A 211 28.73 -16.27 51.75
N LEU A 212 28.71 -15.85 50.48
CA LEU A 212 29.78 -16.20 49.56
C LEU A 212 31.08 -15.52 49.97
N VAL A 213 32.20 -16.21 49.74
CA VAL A 213 33.49 -15.67 50.15
C VAL A 213 33.99 -14.64 49.14
N ARG A 214 34.21 -15.07 47.90
CA ARG A 214 34.75 -14.17 46.88
C ARG A 214 34.08 -14.32 45.52
N ASP A 215 32.90 -14.92 45.45
CA ASP A 215 32.18 -15.11 44.19
C ASP A 215 30.81 -14.45 44.28
N LEU A 216 30.41 -13.80 43.19
CA LEU A 216 29.08 -13.22 43.13
C LEU A 216 28.03 -14.33 43.18
N PRO A 217 26.94 -14.14 43.92
CA PRO A 217 25.97 -15.22 44.10
C PRO A 217 25.33 -15.66 42.80
N GLN A 218 25.00 -16.95 42.73
CA GLN A 218 24.33 -17.52 41.57
C GLN A 218 22.81 -17.32 41.72
N GLY A 219 22.43 -16.05 41.87
CA GLY A 219 21.04 -15.71 42.11
C GLY A 219 20.66 -14.47 41.34
N PHE A 220 19.35 -14.22 41.30
CA PHE A 220 18.78 -13.11 40.55
C PHE A 220 18.25 -12.06 41.53
N SER A 221 18.65 -10.81 41.32
CA SER A 221 18.19 -9.70 42.15
C SER A 221 18.12 -8.44 41.29
N ALA A 222 16.93 -7.89 41.15
CA ALA A 222 16.75 -6.67 40.39
C ALA A 222 17.31 -5.48 41.16
N LEU A 223 17.60 -4.40 40.42
CA LEU A 223 18.17 -3.19 41.00
C LEU A 223 17.23 -2.02 40.77
N GLU A 224 16.63 -1.52 41.85
CA GLU A 224 15.74 -0.38 41.75
C GLU A 224 16.54 0.90 41.49
N PRO A 225 15.95 1.88 40.80
CA PRO A 225 16.67 3.13 40.57
C PRO A 225 16.82 3.95 41.85
N LEU A 226 18.03 3.96 42.39
CA LEU A 226 18.29 4.68 43.63
C LEU A 226 18.10 6.18 43.43
N VAL A 227 18.72 6.74 42.38
CA VAL A 227 18.59 8.15 42.07
C VAL A 227 19.08 8.37 40.65
N ASP A 228 18.49 9.36 39.98
CA ASP A 228 18.93 9.76 38.65
C ASP A 228 19.43 11.20 38.73
N LEU A 229 20.63 11.43 38.22
CA LEU A 229 21.25 12.73 38.42
C LEU A 229 21.58 13.39 37.09
N PRO A 230 21.09 14.60 36.86
CA PRO A 230 21.40 15.33 35.61
C PRO A 230 22.78 15.98 35.65
N ILE A 231 23.81 15.13 35.68
CA ILE A 231 25.18 15.64 35.74
C ILE A 231 25.55 16.34 34.44
N GLY A 232 25.25 15.73 33.30
CA GLY A 232 25.52 16.35 32.02
C GLY A 232 26.97 16.38 31.61
N ILE A 233 27.78 15.42 32.07
CA ILE A 233 29.18 15.31 31.68
C ILE A 233 29.45 13.91 31.20
N ASN A 234 30.57 13.75 30.50
CA ASN A 234 30.99 12.48 29.93
C ASN A 234 32.00 11.81 30.85
N ILE A 235 31.81 10.53 31.11
CA ILE A 235 32.67 9.76 32.01
C ILE A 235 33.35 8.66 31.20
N THR A 236 34.68 8.63 31.24
CA THR A 236 35.44 7.62 30.49
C THR A 236 36.07 6.56 31.39
N ARG A 237 36.54 6.92 32.58
CA ARG A 237 37.19 5.96 33.45
C ARG A 237 36.60 6.05 34.86
N PHE A 238 36.49 4.89 35.50
CA PHE A 238 35.87 4.75 36.81
C PHE A 238 36.92 4.30 37.83
N GLN A 239 36.98 5.01 38.96
CA GLN A 239 37.92 4.71 40.03
C GLN A 239 37.16 4.60 41.34
N THR A 240 37.40 3.50 42.06
CA THR A 240 36.77 3.32 43.37
C THR A 240 37.51 4.14 44.41
N LEU A 241 36.76 4.73 45.34
CA LEU A 241 37.32 5.52 46.43
C LEU A 241 37.18 4.73 47.73
N LEU A 242 38.27 4.68 48.50
CA LEU A 242 38.33 3.90 49.72
C LEU A 242 38.60 4.82 50.90
N ALA A 243 37.92 4.58 52.01
CA ALA A 243 38.19 5.34 53.23
C ALA A 243 39.52 4.91 53.83
N LEU A 244 40.30 5.89 54.26
CA LEU A 244 41.63 5.67 54.82
C LEU A 244 41.67 6.17 56.26
N HIS A 245 42.08 5.30 57.17
CA HIS A 245 42.00 5.61 58.60
C HIS A 245 43.21 6.43 59.04
N ARG A 246 43.13 6.90 60.30
CA ARG A 246 44.18 7.74 60.85
C ARG A 246 45.53 7.03 60.84
N SER A 247 45.52 5.71 61.04
CA SER A 247 46.76 4.95 60.95
C SER A 247 47.36 5.03 59.56
N TYR A 248 46.52 4.97 58.52
CA TYR A 248 47.02 5.11 57.16
C TYR A 248 47.45 6.54 56.89
N LEU A 249 46.72 7.52 57.44
CA LEU A 249 47.02 8.92 57.17
C LEU A 249 48.42 9.30 57.65
N THR A 250 48.89 8.65 58.72
CA THR A 250 50.25 8.88 59.18
C THR A 250 51.24 8.39 58.12
N PRO A 251 52.38 9.08 57.97
CA PRO A 251 53.36 8.67 56.95
C PRO A 251 54.00 7.33 57.20
N GLY A 252 53.68 6.66 58.31
CA GLY A 252 54.23 5.34 58.56
C GLY A 252 53.83 4.35 57.48
N ASP A 253 54.76 3.48 57.10
CA ASP A 253 54.50 2.52 56.04
C ASP A 253 53.51 1.45 56.48
N SER A 254 53.33 1.30 57.80
CA SER A 254 52.41 0.30 58.35
C SER A 254 51.30 1.01 59.12
N SER A 255 50.05 0.66 58.82
CA SER A 255 48.89 1.19 59.51
C SER A 255 48.59 0.30 60.71
N SER A 256 48.91 0.79 61.91
CA SER A 256 48.73 -0.02 63.10
C SER A 256 47.26 -0.28 63.39
N GLY A 257 46.41 0.74 63.24
CA GLY A 257 45.01 0.61 63.60
C GLY A 257 44.07 0.16 62.51
N TRP A 258 44.51 0.13 61.26
CA TRP A 258 43.65 -0.21 60.14
C TRP A 258 44.36 -1.17 59.20
N THR A 259 43.58 -2.06 58.58
CA THR A 259 44.08 -2.98 57.57
C THR A 259 43.19 -2.86 56.34
N ALA A 260 43.82 -2.70 55.17
CA ALA A 260 43.10 -2.53 53.91
C ALA A 260 43.01 -3.80 53.10
N GLY A 261 43.38 -4.95 53.68
CA GLY A 261 43.35 -6.21 52.95
C GLY A 261 41.96 -6.67 52.58
N ALA A 262 40.93 -6.12 53.21
CA ALA A 262 39.55 -6.49 52.93
C ALA A 262 38.96 -5.72 51.74
N ALA A 263 39.78 -4.97 51.02
CA ALA A 263 39.31 -4.17 49.89
C ALA A 263 39.03 -5.10 48.72
N ALA A 264 37.85 -5.72 48.75
CA ALA A 264 37.39 -6.62 47.72
C ALA A 264 36.17 -6.01 47.02
N TYR A 265 36.28 -5.82 45.71
CA TYR A 265 35.18 -5.27 44.93
C TYR A 265 35.23 -5.86 43.52
N TYR A 266 34.07 -5.89 42.88
CA TYR A 266 33.91 -6.44 41.53
C TYR A 266 33.56 -5.31 40.59
N VAL A 267 34.07 -5.37 39.36
CA VAL A 267 33.76 -4.39 38.34
C VAL A 267 33.44 -5.12 37.04
N GLY A 268 32.24 -4.89 36.51
CA GLY A 268 31.87 -5.41 35.22
C GLY A 268 31.58 -4.26 34.26
N TYR A 269 31.32 -4.62 33.01
CA TYR A 269 31.06 -3.65 31.96
C TYR A 269 29.77 -3.99 31.24
N LEU A 270 28.91 -2.98 31.08
CA LEU A 270 27.61 -3.17 30.45
C LEU A 270 27.72 -3.07 28.94
N GLN A 271 26.88 -3.82 28.24
CA GLN A 271 26.89 -3.86 26.78
C GLN A 271 25.47 -3.67 26.26
N PRO A 272 25.33 -3.07 25.07
CA PRO A 272 23.97 -2.83 24.54
C PRO A 272 23.32 -4.10 24.02
N ARG A 273 22.72 -4.87 24.93
CA ARG A 273 22.06 -6.12 24.59
C ARG A 273 20.58 -6.02 24.92
N THR A 274 19.73 -6.53 24.03
CA THR A 274 18.30 -6.59 24.28
C THR A 274 18.03 -7.59 25.40
N PHE A 275 17.09 -7.26 26.28
CA PHE A 275 16.77 -8.08 27.44
C PHE A 275 15.27 -8.29 27.53
N LEU A 276 14.86 -9.51 27.88
CA LEU A 276 13.44 -9.82 28.09
C LEU A 276 13.17 -9.84 29.59
N LEU A 277 12.86 -8.66 30.13
CA LEU A 277 12.59 -8.54 31.54
C LEU A 277 11.22 -9.11 31.89
N LYS A 278 11.12 -9.75 33.05
CA LYS A 278 9.87 -10.33 33.52
C LYS A 278 9.46 -9.65 34.82
N TYR A 279 8.31 -8.97 34.80
CA TYR A 279 7.78 -8.32 35.98
C TYR A 279 6.77 -9.23 36.66
N ASN A 280 6.88 -9.34 37.98
CA ASN A 280 5.94 -10.14 38.76
C ASN A 280 4.73 -9.28 39.13
N GLU A 281 3.89 -9.79 40.05
CA GLU A 281 2.70 -9.05 40.44
C GLU A 281 3.07 -7.71 41.09
N ASN A 282 4.16 -7.68 41.85
CA ASN A 282 4.60 -6.46 42.51
C ASN A 282 5.39 -5.54 41.59
N GLY A 283 5.66 -5.94 40.36
CA GLY A 283 6.49 -5.15 39.46
C GLY A 283 7.97 -5.40 39.58
N THR A 284 8.40 -6.32 40.43
CA THR A 284 9.81 -6.64 40.55
C THR A 284 10.24 -7.60 39.44
N ILE A 285 11.42 -7.36 38.88
CA ILE A 285 11.96 -8.24 37.86
C ILE A 285 12.53 -9.50 38.52
N THR A 286 11.73 -10.56 38.55
CA THR A 286 12.18 -11.79 39.20
C THR A 286 13.18 -12.56 38.33
N ASP A 287 13.10 -12.38 37.01
CA ASP A 287 14.00 -13.09 36.10
C ASP A 287 14.11 -12.33 34.79
N ALA A 288 15.14 -12.65 34.03
CA ALA A 288 15.38 -12.03 32.73
C ALA A 288 16.30 -12.93 31.92
N VAL A 289 16.33 -12.69 30.61
CA VAL A 289 17.20 -13.42 29.70
C VAL A 289 17.92 -12.42 28.79
N ASP A 290 19.18 -12.71 28.49
CA ASP A 290 20.00 -11.89 27.61
C ASP A 290 19.96 -12.51 26.21
N CYS A 291 19.43 -11.75 25.25
CA CYS A 291 19.12 -12.32 23.94
C CYS A 291 20.37 -12.84 23.25
N ALA A 292 21.47 -12.10 23.31
CA ALA A 292 22.63 -12.41 22.49
C ALA A 292 23.51 -13.49 23.10
N LEU A 293 23.18 -13.94 24.31
CA LEU A 293 24.07 -14.87 25.00
C LEU A 293 24.20 -16.19 24.25
N ASP A 294 23.08 -16.82 23.91
CA ASP A 294 23.10 -18.07 23.18
C ASP A 294 21.82 -18.18 22.36
N PRO A 295 21.79 -19.08 21.37
CA PRO A 295 20.58 -19.20 20.55
C PRO A 295 19.32 -19.51 21.35
N LEU A 296 19.44 -20.21 22.48
CA LEU A 296 18.27 -20.47 23.30
C LEU A 296 17.66 -19.17 23.82
N SER A 297 18.51 -18.25 24.29
CA SER A 297 18.01 -16.98 24.78
C SER A 297 17.47 -16.12 23.62
N GLU A 298 18.07 -16.26 22.44
CA GLU A 298 17.49 -15.62 21.27
C GLU A 298 16.11 -16.19 20.97
N THR A 299 15.93 -17.49 21.17
CA THR A 299 14.61 -18.08 21.00
C THR A 299 13.62 -17.54 22.02
N LYS A 300 14.06 -17.39 23.27
CA LYS A 300 13.19 -16.83 24.30
C LYS A 300 12.79 -15.41 23.95
N CYS A 301 13.75 -14.61 23.47
CA CYS A 301 13.44 -13.24 23.08
C CYS A 301 12.48 -13.20 21.89
N THR A 302 12.66 -14.11 20.94
CA THR A 302 11.77 -14.14 19.78
C THR A 302 10.35 -14.51 20.17
N LEU A 303 10.20 -15.61 20.91
CA LEU A 303 8.87 -16.06 21.33
C LEU A 303 8.32 -15.25 22.50
N LYS A 304 9.15 -14.44 23.16
CA LYS A 304 8.75 -13.67 24.34
C LYS A 304 8.20 -14.58 25.44
N SER A 305 8.78 -15.78 25.56
CA SER A 305 8.42 -16.72 26.61
C SER A 305 9.68 -17.41 27.13
N PHE A 306 9.79 -17.52 28.45
CA PHE A 306 10.98 -18.15 29.03
C PHE A 306 11.01 -19.64 28.77
N THR A 307 9.87 -20.30 28.78
CA THR A 307 9.78 -21.71 28.44
C THR A 307 9.37 -21.82 26.99
N VAL A 308 10.24 -22.39 26.16
CA VAL A 308 9.99 -22.56 24.74
C VAL A 308 9.82 -24.05 24.47
N GLU A 309 8.78 -24.40 23.73
CA GLU A 309 8.50 -25.80 23.45
C GLU A 309 9.43 -26.29 22.35
N LYS A 310 9.63 -27.61 22.31
CA LYS A 310 10.54 -28.20 21.34
C LYS A 310 10.09 -27.90 19.92
N GLY A 311 11.03 -27.51 19.08
CA GLY A 311 10.72 -27.15 17.71
C GLY A 311 11.84 -26.31 17.12
N ILE A 312 11.55 -25.75 15.95
CA ILE A 312 12.49 -24.92 15.21
C ILE A 312 11.88 -23.53 15.05
N TYR A 313 12.66 -22.51 15.38
CA TYR A 313 12.18 -21.13 15.39
C TYR A 313 13.16 -20.24 14.64
N GLN A 314 12.64 -19.51 13.65
CA GLN A 314 13.48 -18.63 12.83
C GLN A 314 13.82 -17.39 13.65
N THR A 315 14.88 -17.52 14.45
CA THR A 315 15.24 -16.45 15.37
C THR A 315 15.77 -15.23 14.63
N SER A 316 16.63 -15.43 13.64
CA SER A 316 17.24 -14.32 12.94
C SER A 316 17.70 -14.78 11.56
N ASN A 317 18.35 -13.86 10.85
CA ASN A 317 18.84 -14.10 9.50
C ASN A 317 20.36 -13.92 9.46
N PHE A 318 21.04 -14.84 8.80
CA PHE A 318 22.50 -14.81 8.68
C PHE A 318 22.89 -14.01 7.45
N ARG A 319 23.66 -12.94 7.66
CA ARG A 319 24.08 -12.06 6.58
C ARG A 319 25.60 -11.92 6.62
N VAL A 320 26.25 -12.22 5.50
CA VAL A 320 27.70 -12.13 5.41
C VAL A 320 28.07 -10.69 5.05
N GLN A 321 28.81 -10.03 5.93
CA GLN A 321 29.21 -8.66 5.67
C GLN A 321 30.29 -8.61 4.59
N PRO A 322 30.37 -7.51 3.85
CA PRO A 322 31.44 -7.37 2.86
C PRO A 322 32.80 -7.28 3.54
N THR A 323 33.76 -8.02 3.00
CA THR A 323 35.09 -8.04 3.60
C THR A 323 35.83 -6.72 3.36
N GLU A 324 35.82 -6.23 2.13
CA GLU A 324 36.38 -4.91 1.84
C GLU A 324 35.58 -4.28 0.70
N SER A 325 36.07 -3.14 0.24
CA SER A 325 35.44 -2.39 -0.85
C SER A 325 36.40 -2.30 -2.04
N ILE A 326 35.89 -2.61 -3.22
CA ILE A 326 36.65 -2.54 -4.46
C ILE A 326 36.01 -1.51 -5.37
N VAL A 327 36.83 -0.61 -5.90
CA VAL A 327 36.39 0.40 -6.86
C VAL A 327 37.21 0.24 -8.13
N ARG A 328 36.54 0.13 -9.26
CA ARG A 328 37.20 -0.06 -10.55
C ARG A 328 36.69 0.96 -11.55
N PHE A 329 37.61 1.63 -12.21
CA PHE A 329 37.26 2.66 -13.19
C PHE A 329 38.23 2.58 -14.37
N PRO A 330 37.80 2.97 -15.56
CA PRO A 330 38.61 2.76 -16.75
C PRO A 330 39.88 3.59 -16.73
N ASN A 331 40.76 3.31 -17.69
CA ASN A 331 41.98 4.08 -17.83
C ASN A 331 41.67 5.55 -18.05
N ILE A 332 42.55 6.41 -17.56
CA ILE A 332 42.34 7.85 -17.63
C ILE A 332 42.54 8.30 -19.07
N THR A 333 41.43 8.47 -19.80
CA THR A 333 41.51 8.79 -21.22
C THR A 333 42.15 10.15 -21.44
N ASN A 334 41.63 11.18 -20.77
CA ASN A 334 42.24 12.52 -20.84
C ASN A 334 43.35 12.64 -19.81
N LEU A 335 44.43 11.92 -20.08
CA LEU A 335 45.62 11.96 -19.24
C LEU A 335 46.39 13.25 -19.51
N CYS A 336 46.58 14.04 -18.47
CA CYS A 336 47.30 15.30 -18.63
C CYS A 336 48.75 15.01 -19.02
N PRO A 337 49.28 15.69 -20.05
CA PRO A 337 50.62 15.35 -20.56
C PRO A 337 51.74 15.81 -19.65
N PHE A 338 51.70 15.36 -18.39
CA PHE A 338 52.79 15.66 -17.47
C PHE A 338 54.05 14.92 -17.86
N GLY A 339 53.92 13.71 -18.41
CA GLY A 339 55.09 12.98 -18.86
C GLY A 339 55.81 13.70 -20.00
N GLU A 340 55.05 14.26 -20.93
CA GLU A 340 55.67 14.99 -22.04
C GLU A 340 56.36 16.25 -21.57
N VAL A 341 55.67 17.05 -20.74
CA VAL A 341 56.22 18.33 -20.31
C VAL A 341 57.42 18.13 -19.39
N PHE A 342 57.36 17.12 -18.52
CA PHE A 342 58.47 16.89 -17.60
C PHE A 342 59.65 16.25 -18.32
N ASN A 343 59.39 15.26 -19.17
CA ASN A 343 60.44 14.56 -19.92
C ASN A 343 60.35 14.97 -21.38
N ALA A 344 61.24 15.88 -21.78
CA ALA A 344 61.28 16.36 -23.15
C ALA A 344 62.70 16.81 -23.48
N THR A 345 62.98 16.98 -24.76
CA THR A 345 64.33 17.33 -25.19
C THR A 345 64.58 18.83 -25.08
N ARG A 346 63.66 19.64 -25.61
CA ARG A 346 63.89 21.08 -25.72
C ARG A 346 62.88 21.84 -24.85
N PHE A 347 63.37 22.84 -24.13
CA PHE A 347 62.56 23.66 -23.26
C PHE A 347 62.88 25.14 -23.48
N ALA A 348 61.99 25.99 -22.99
CA ALA A 348 62.20 27.42 -23.03
C ALA A 348 63.18 27.85 -21.94
N SER A 349 63.81 29.01 -22.16
CA SER A 349 64.75 29.53 -21.19
C SER A 349 64.02 30.19 -20.02
N VAL A 350 64.79 30.64 -19.03
CA VAL A 350 64.19 31.16 -17.81
C VAL A 350 63.50 32.50 -18.07
N TYR A 351 64.14 33.39 -18.85
CA TYR A 351 63.54 34.68 -19.14
C TYR A 351 62.29 34.51 -19.99
N ALA A 352 62.32 33.57 -20.93
CA ALA A 352 61.19 33.24 -21.78
C ALA A 352 60.42 32.01 -21.28
N TRP A 353 60.32 31.87 -19.96
CA TRP A 353 59.73 30.67 -19.38
C TRP A 353 58.31 30.46 -19.88
N ASN A 354 58.03 29.23 -20.31
CA ASN A 354 56.76 28.91 -20.96
C ASN A 354 55.73 28.51 -19.92
N ARG A 355 54.56 29.14 -19.99
CA ARG A 355 53.44 28.81 -19.12
C ARG A 355 52.40 28.04 -19.94
N LYS A 356 52.07 26.83 -19.51
CA LYS A 356 51.13 25.98 -20.22
C LYS A 356 49.99 25.62 -19.27
N ARG A 357 48.77 25.64 -19.80
CA ARG A 357 47.58 25.38 -18.99
C ARG A 357 47.25 23.90 -19.00
N ILE A 358 47.30 23.28 -17.83
CA ILE A 358 46.89 21.89 -17.66
C ILE A 358 45.48 21.90 -17.09
N SER A 359 44.50 21.60 -17.93
CA SER A 359 43.10 21.72 -17.54
C SER A 359 42.27 20.75 -18.36
N ASN A 360 41.05 20.49 -17.88
CA ASN A 360 40.06 19.63 -18.52
C ASN A 360 40.53 18.19 -18.67
N CYS A 361 41.61 17.81 -17.99
CA CYS A 361 42.13 16.45 -18.04
C CYS A 361 42.39 15.98 -16.63
N VAL A 362 42.37 14.66 -16.41
CA VAL A 362 42.73 14.12 -15.11
C VAL A 362 44.22 13.79 -15.10
N ALA A 363 44.90 14.19 -14.03
CA ALA A 363 46.35 14.12 -13.94
C ALA A 363 46.75 13.18 -12.81
N ASP A 364 47.69 12.27 -13.09
CA ASP A 364 48.20 11.34 -12.10
C ASP A 364 49.54 11.86 -11.58
N TYR A 365 49.53 12.34 -10.33
CA TYR A 365 50.75 12.78 -9.68
C TYR A 365 51.48 11.66 -8.95
N SER A 366 50.89 10.47 -8.88
CA SER A 366 51.56 9.34 -8.22
C SER A 366 52.84 8.96 -8.93
N VAL A 367 52.81 8.93 -10.27
CA VAL A 367 54.01 8.65 -11.04
C VAL A 367 55.03 9.76 -10.86
N LEU A 368 54.56 11.01 -10.73
CA LEU A 368 55.47 12.13 -10.51
C LEU A 368 56.20 11.99 -9.19
N TYR A 369 55.47 11.63 -8.13
CA TYR A 369 56.07 11.52 -6.81
C TYR A 369 56.95 10.29 -6.68
N ASN A 370 56.51 9.16 -7.24
CA ASN A 370 57.27 7.92 -7.11
C ASN A 370 58.57 7.97 -7.89
N SER A 371 58.63 8.81 -8.93
CA SER A 371 59.83 8.90 -9.75
C SER A 371 60.99 9.45 -8.95
N ALA A 372 62.13 8.76 -9.01
CA ALA A 372 63.35 9.19 -8.34
C ALA A 372 64.33 9.86 -9.29
N SER A 373 63.93 10.10 -10.54
CA SER A 373 64.83 10.73 -11.50
C SER A 373 65.11 12.17 -11.13
N PHE A 374 64.13 12.85 -10.54
CA PHE A 374 64.28 14.26 -10.21
C PHE A 374 64.99 14.44 -8.88
N SER A 375 66.06 15.23 -8.90
CA SER A 375 66.83 15.48 -7.68
C SER A 375 66.00 16.24 -6.64
N THR A 376 65.23 17.23 -7.10
CA THR A 376 64.42 18.05 -6.21
C THR A 376 62.94 17.83 -6.51
N PHE A 377 62.19 17.37 -5.49
CA PHE A 377 60.74 17.22 -5.57
C PHE A 377 60.14 17.88 -4.32
N LYS A 378 59.91 19.18 -4.40
CA LYS A 378 59.42 19.97 -3.28
C LYS A 378 58.09 20.61 -3.64
N CYS A 379 57.08 20.38 -2.81
CA CYS A 379 55.76 20.98 -2.97
C CYS A 379 55.49 21.80 -1.72
N TYR A 380 55.68 23.12 -1.83
CA TYR A 380 55.56 23.98 -0.66
C TYR A 380 54.11 24.13 -0.21
N GLY A 381 53.20 24.35 -1.15
CA GLY A 381 51.81 24.60 -0.77
C GLY A 381 51.13 23.41 -0.15
N VAL A 382 51.31 22.23 -0.73
CA VAL A 382 50.61 21.03 -0.29
C VAL A 382 51.64 19.90 -0.13
N SER A 383 51.33 18.97 0.77
CA SER A 383 52.16 17.79 0.91
C SER A 383 52.13 16.98 -0.38
N PRO A 384 53.29 16.67 -0.98
CA PRO A 384 53.28 15.92 -2.24
C PRO A 384 52.69 14.53 -2.14
N THR A 385 52.70 13.94 -0.94
CA THR A 385 52.19 12.58 -0.78
C THR A 385 50.71 12.49 -1.11
N LYS A 386 49.92 13.47 -0.67
CA LYS A 386 48.49 13.48 -0.88
C LYS A 386 48.06 14.36 -2.04
N LEU A 387 48.97 14.64 -2.98
CA LEU A 387 48.63 15.51 -4.10
C LEU A 387 47.62 14.85 -5.03
N ASN A 388 47.50 13.51 -4.95
CA ASN A 388 46.62 12.79 -5.86
C ASN A 388 45.16 13.02 -5.55
N ASP A 389 44.78 12.96 -4.27
CA ASP A 389 43.37 12.99 -3.91
C ASP A 389 42.73 14.34 -4.20
N LEU A 390 43.46 15.43 -3.96
CA LEU A 390 42.89 16.76 -4.09
C LEU A 390 42.53 17.07 -5.54
N CYS A 391 41.49 17.88 -5.71
CA CYS A 391 41.05 18.35 -7.01
C CYS A 391 41.12 19.88 -7.04
N PHE A 392 41.91 20.42 -7.96
CA PHE A 392 42.06 21.86 -8.12
C PHE A 392 41.54 22.27 -9.49
N THR A 393 40.95 23.46 -9.58
CA THR A 393 40.27 23.84 -10.81
C THR A 393 41.26 24.09 -11.95
N ASN A 394 42.43 24.63 -11.66
CA ASN A 394 43.38 25.06 -12.68
C ASN A 394 44.80 24.73 -12.25
N VAL A 395 45.60 24.21 -13.18
CA VAL A 395 46.98 23.81 -12.91
C VAL A 395 47.87 24.40 -14.00
N TYR A 396 49.01 24.95 -13.59
CA TYR A 396 49.97 25.56 -14.51
C TYR A 396 51.34 24.92 -14.32
N ALA A 397 52.07 24.77 -15.42
CA ALA A 397 53.44 24.28 -15.40
C ALA A 397 54.35 25.29 -16.10
N ASP A 398 55.45 25.64 -15.44
CA ASP A 398 56.42 26.60 -15.96
C ASP A 398 57.71 25.89 -16.31
N SER A 399 58.20 26.12 -17.52
CA SER A 399 59.44 25.52 -18.01
C SER A 399 60.50 26.60 -18.14
N PHE A 400 61.66 26.38 -17.51
CA PHE A 400 62.72 27.37 -17.49
C PHE A 400 64.04 26.69 -17.17
N VAL A 401 65.13 27.43 -17.39
CA VAL A 401 66.49 26.91 -17.21
C VAL A 401 67.29 27.88 -16.36
N ILE A 402 67.86 27.36 -15.26
CA ILE A 402 68.70 28.15 -14.37
C ILE A 402 69.94 27.33 -14.02
N ARG A 403 70.97 28.02 -13.54
CA ARG A 403 72.20 27.35 -13.16
C ARG A 403 71.98 26.41 -11.98
N GLY A 404 72.90 25.46 -11.81
CA GLY A 404 72.77 24.50 -10.72
C GLY A 404 72.90 25.14 -9.35
N ASP A 405 73.80 26.12 -9.21
CA ASP A 405 74.01 26.76 -7.91
C ASP A 405 72.82 27.60 -7.51
N GLU A 406 72.06 28.10 -8.48
CA GLU A 406 70.93 28.98 -8.24
C GLU A 406 69.58 28.26 -8.25
N VAL A 407 69.59 26.92 -8.21
CA VAL A 407 68.34 26.18 -8.12
C VAL A 407 67.61 26.52 -6.83
N ARG A 408 68.36 26.70 -5.74
CA ARG A 408 67.75 27.06 -4.46
C ARG A 408 67.14 28.45 -4.48
N GLN A 409 67.52 29.29 -5.46
CA GLN A 409 66.97 30.65 -5.51
C GLN A 409 65.49 30.65 -5.81
N ILE A 410 65.03 29.72 -6.65
CA ILE A 410 63.60 29.61 -6.96
C ILE A 410 62.93 28.93 -5.78
N ALA A 411 62.35 29.74 -4.89
CA ALA A 411 61.71 29.24 -3.68
C ALA A 411 60.69 30.27 -3.23
N PRO A 412 59.66 29.85 -2.49
CA PRO A 412 58.61 30.81 -2.09
C PRO A 412 59.18 31.92 -1.21
N GLY A 413 59.13 33.14 -1.72
CA GLY A 413 59.66 34.27 -0.97
C GLY A 413 61.15 34.22 -0.75
N GLN A 414 61.90 33.87 -1.79
CA GLN A 414 63.35 33.77 -1.73
C GLN A 414 63.96 34.97 -2.44
N THR A 415 64.95 35.59 -1.81
CA THR A 415 65.66 36.72 -2.38
C THR A 415 66.93 36.24 -3.06
N GLY A 416 66.95 36.33 -4.39
CA GLY A 416 68.13 35.94 -5.15
C GLY A 416 68.12 36.64 -6.50
N LYS A 417 69.32 36.73 -7.09
CA LYS A 417 69.46 37.43 -8.36
C LYS A 417 68.48 36.90 -9.40
N ILE A 418 68.58 35.61 -9.72
CA ILE A 418 67.65 35.02 -10.68
C ILE A 418 66.23 35.07 -10.16
N ALA A 419 66.04 34.80 -8.86
CA ALA A 419 64.71 34.82 -8.27
C ALA A 419 64.08 36.21 -8.36
N ASP A 420 64.87 37.25 -8.11
CA ASP A 420 64.33 38.60 -8.15
C ASP A 420 64.10 39.08 -9.58
N TYR A 421 65.00 38.70 -10.49
CA TYR A 421 65.06 39.40 -11.78
C TYR A 421 64.11 38.81 -12.81
N ASN A 422 64.18 37.50 -13.04
CA ASN A 422 63.48 36.88 -14.16
C ASN A 422 62.32 35.99 -13.74
N TYR A 423 62.49 35.14 -12.73
CA TYR A 423 61.43 34.24 -12.27
C TYR A 423 61.22 34.41 -10.77
N LYS A 424 60.06 34.90 -10.39
CA LYS A 424 59.73 35.18 -8.99
C LYS A 424 58.61 34.27 -8.53
N LEU A 425 58.71 33.80 -7.29
CA LEU A 425 57.73 32.91 -6.69
C LEU A 425 57.14 33.55 -5.44
N PRO A 426 55.82 33.60 -5.33
CA PRO A 426 55.19 34.37 -4.25
C PRO A 426 55.38 33.72 -2.89
N ASP A 427 55.19 34.54 -1.83
CA ASP A 427 55.25 34.02 -0.47
C ASP A 427 54.20 32.94 -0.24
N ASP A 428 52.94 33.23 -0.56
CA ASP A 428 51.86 32.27 -0.46
C ASP A 428 51.80 31.50 -1.77
N PHE A 429 52.52 30.39 -1.84
CA PHE A 429 52.62 29.59 -3.05
C PHE A 429 51.99 28.23 -2.81
N THR A 430 51.21 27.77 -3.78
CA THR A 430 50.58 26.46 -3.75
C THR A 430 50.97 25.72 -5.03
N GLY A 431 52.09 25.00 -4.96
CA GLY A 431 52.58 24.27 -6.12
C GLY A 431 53.85 23.53 -5.80
N CYS A 432 54.38 22.86 -6.82
CA CYS A 432 55.56 22.02 -6.70
C CYS A 432 56.68 22.57 -7.57
N VAL A 433 57.88 22.68 -6.99
CA VAL A 433 59.07 23.06 -7.74
C VAL A 433 59.91 21.80 -7.94
N ILE A 434 60.07 21.39 -9.19
CA ILE A 434 60.72 20.12 -9.52
C ILE A 434 61.99 20.42 -10.32
N ALA A 435 63.10 19.84 -9.89
CA ALA A 435 64.38 19.99 -10.55
C ALA A 435 65.04 18.63 -10.71
N TRP A 436 65.82 18.48 -11.78
CA TRP A 436 66.54 17.23 -12.04
C TRP A 436 67.79 17.54 -12.85
N ASN A 437 68.76 16.63 -12.77
CA ASN A 437 70.01 16.80 -13.50
C ASN A 437 69.78 16.68 -15.00
N SER A 438 70.36 17.61 -15.76
CA SER A 438 70.18 17.66 -17.20
C SER A 438 71.49 17.59 -17.97
N ASN A 439 72.54 16.99 -17.39
CA ASN A 439 73.81 16.87 -18.10
C ASN A 439 73.66 16.03 -19.36
N ASN A 440 72.93 14.92 -19.26
CA ASN A 440 72.77 14.04 -20.42
C ASN A 440 71.82 14.64 -21.45
N LEU A 441 70.83 15.40 -21.00
CA LEU A 441 69.79 15.89 -21.91
C LEU A 441 70.34 16.88 -22.92
N ASP A 442 71.05 17.91 -22.45
CA ASP A 442 71.52 18.98 -23.32
C ASP A 442 72.96 19.40 -23.11
N SER A 443 73.56 19.13 -21.94
CA SER A 443 74.92 19.58 -21.70
C SER A 443 75.89 18.85 -22.62
N LYS A 444 76.84 19.61 -23.16
CA LYS A 444 77.79 19.08 -24.14
C LYS A 444 79.03 19.95 -24.13
N VAL A 445 79.99 19.59 -24.99
CA VAL A 445 81.21 20.39 -25.12
C VAL A 445 80.89 21.76 -25.67
N GLY A 446 79.93 21.85 -26.58
CA GLY A 446 79.53 23.15 -27.09
C GLY A 446 78.73 23.93 -26.05
N GLY A 447 79.07 25.19 -25.90
CA GLY A 447 78.37 26.03 -24.93
C GLY A 447 76.92 26.27 -25.35
N ASN A 448 76.02 26.21 -24.36
CA ASN A 448 74.60 26.44 -24.59
C ASN A 448 74.33 27.94 -24.54
N TYR A 449 74.83 28.64 -25.56
CA TYR A 449 74.70 30.09 -25.61
C TYR A 449 73.29 30.54 -25.90
N ASN A 450 72.44 29.64 -26.41
CA ASN A 450 71.06 30.00 -26.69
C ASN A 450 70.32 30.36 -25.41
N TYR A 451 70.53 29.61 -24.33
CA TYR A 451 69.94 29.94 -23.05
C TYR A 451 70.61 31.17 -22.46
N LEU A 452 69.81 32.01 -21.81
CA LEU A 452 70.29 33.28 -21.27
C LEU A 452 69.61 33.55 -19.93
N TYR A 453 70.22 34.40 -19.11
CA TYR A 453 69.62 34.87 -17.88
C TYR A 453 69.74 36.39 -17.80
N ARG A 454 68.78 37.02 -17.14
CA ARG A 454 68.73 38.47 -17.06
C ARG A 454 69.62 38.93 -15.90
N LEU A 455 70.86 39.30 -16.23
CA LEU A 455 71.80 39.75 -15.21
C LEU A 455 71.35 41.06 -14.56
N PHE A 456 70.85 42.00 -15.36
CA PHE A 456 70.44 43.31 -14.87
C PHE A 456 69.05 43.64 -15.38
N ARG A 457 68.22 44.21 -14.50
CA ARG A 457 66.89 44.69 -14.85
C ARG A 457 66.55 45.83 -13.90
N LYS A 458 65.61 46.68 -14.34
CA LYS A 458 65.28 47.89 -13.58
C LYS A 458 64.74 47.56 -12.20
N SER A 459 63.87 46.55 -12.10
CA SER A 459 63.21 46.24 -10.85
C SER A 459 63.01 44.73 -10.73
N ASN A 460 62.81 44.29 -9.48
CA ASN A 460 62.50 42.89 -9.23
C ASN A 460 61.14 42.54 -9.83
N LEU A 461 61.06 41.38 -10.47
CA LEU A 461 59.85 41.00 -11.16
C LEU A 461 58.78 40.51 -10.19
N LYS A 462 57.52 40.74 -10.56
CA LYS A 462 56.41 40.24 -9.77
C LYS A 462 56.30 38.73 -9.91
N PRO A 463 55.75 38.06 -8.89
CA PRO A 463 55.58 36.60 -8.98
C PRO A 463 54.70 36.21 -10.16
N PHE A 464 55.10 35.13 -10.82
CA PHE A 464 54.34 34.58 -11.95
C PHE A 464 54.12 35.62 -13.05
N GLU A 465 55.19 36.32 -13.42
CA GLU A 465 55.16 37.31 -14.47
C GLU A 465 56.19 36.95 -15.53
N ARG A 466 55.76 37.00 -16.80
CA ARG A 466 56.68 36.72 -17.90
C ARG A 466 57.52 37.95 -18.22
N ASP A 467 58.80 37.72 -18.51
CA ASP A 467 59.75 38.79 -18.84
C ASP A 467 60.46 38.45 -20.15
N ILE A 468 59.81 38.79 -21.26
CA ILE A 468 60.43 38.66 -22.58
C ILE A 468 60.72 40.09 -23.04
N SER A 469 61.91 40.57 -22.72
CA SER A 469 62.30 41.95 -22.96
C SER A 469 63.61 41.99 -23.73
N THR A 470 63.59 42.66 -24.88
CA THR A 470 64.80 42.94 -25.65
C THR A 470 65.36 44.31 -25.36
N GLU A 471 64.79 45.05 -24.41
CA GLU A 471 65.29 46.37 -24.06
C GLU A 471 66.72 46.28 -23.54
N ILE A 472 67.55 47.23 -23.97
CA ILE A 472 68.96 47.21 -23.58
C ILE A 472 69.11 47.45 -22.09
N TYR A 473 68.22 48.24 -21.50
CA TYR A 473 68.30 48.61 -20.08
C TYR A 473 69.64 49.31 -19.79
N GLN A 474 69.82 50.49 -20.39
CA GLN A 474 71.07 51.22 -20.23
C GLN A 474 71.31 51.60 -18.78
N ALA A 475 70.32 52.25 -18.16
CA ALA A 475 70.37 52.68 -16.74
C ALA A 475 71.67 53.48 -16.55
N GLY A 476 72.39 53.28 -15.45
CA GLY A 476 73.64 53.99 -15.23
C GLY A 476 73.42 55.44 -14.87
N SER A 477 74.54 56.16 -14.74
CA SER A 477 74.47 57.60 -14.50
C SER A 477 73.85 58.32 -15.69
N THR A 478 74.25 57.93 -16.91
CA THR A 478 73.69 58.48 -18.13
C THR A 478 73.38 57.33 -19.08
N PRO A 479 72.18 57.30 -19.67
CA PRO A 479 71.85 56.22 -20.62
C PRO A 479 72.76 56.27 -21.84
N CYS A 480 73.38 55.13 -22.14
CA CYS A 480 74.30 55.06 -23.27
C CYS A 480 73.56 55.12 -24.60
N ASN A 481 72.29 54.69 -24.61
CA ASN A 481 71.46 54.64 -25.81
C ASN A 481 72.08 53.76 -26.89
N GLY A 482 72.90 52.79 -26.49
CA GLY A 482 73.52 51.88 -27.41
C GLY A 482 73.39 50.44 -26.94
N VAL A 483 73.90 49.53 -27.76
CA VAL A 483 73.81 48.11 -27.43
C VAL A 483 74.58 47.80 -26.15
N GLU A 484 75.78 48.36 -26.02
CA GLU A 484 76.61 48.14 -24.84
C GLU A 484 77.26 49.45 -24.42
N GLY A 485 77.61 49.53 -23.14
CA GLY A 485 78.25 50.72 -22.60
C GLY A 485 79.07 50.39 -21.38
N PHE A 486 79.83 51.39 -20.93
CA PHE A 486 80.64 51.22 -19.73
C PHE A 486 79.78 50.96 -18.50
N ASN A 487 78.71 51.75 -18.34
CA ASN A 487 77.74 51.55 -17.27
C ASN A 487 76.43 50.98 -17.77
N CYS A 488 76.32 50.69 -19.07
CA CYS A 488 75.11 50.15 -19.67
C CYS A 488 75.40 48.76 -20.20
N TYR A 489 74.61 47.78 -19.77
CA TYR A 489 74.82 46.40 -20.14
C TYR A 489 73.52 45.79 -20.62
N PHE A 490 73.61 44.93 -21.63
CA PHE A 490 72.43 44.19 -22.07
C PHE A 490 71.96 43.26 -20.95
N PRO A 491 70.66 43.19 -20.69
CA PRO A 491 70.19 42.39 -19.55
C PRO A 491 70.55 40.92 -19.64
N LEU A 492 70.54 40.35 -20.84
CA LEU A 492 70.67 38.91 -20.98
C LEU A 492 72.13 38.51 -21.13
N GLN A 493 72.54 37.47 -20.41
CA GLN A 493 73.90 36.97 -20.45
C GLN A 493 73.87 35.47 -20.75
N SER A 494 74.79 35.02 -21.59
CA SER A 494 74.76 33.65 -22.10
C SER A 494 75.22 32.65 -21.03
N TYR A 495 74.48 31.55 -20.91
CA TYR A 495 74.93 30.45 -20.07
C TYR A 495 76.17 29.78 -20.65
N GLY A 496 77.01 29.26 -19.76
CA GLY A 496 78.06 28.34 -20.18
C GLY A 496 77.86 26.99 -19.55
N PHE A 497 77.45 26.00 -20.35
CA PHE A 497 77.19 24.65 -19.87
C PHE A 497 78.24 23.71 -20.43
N GLN A 498 78.98 23.06 -19.54
CA GLN A 498 80.05 22.14 -19.91
C GLN A 498 79.99 20.94 -19.00
N PRO A 499 80.35 19.75 -19.50
CA PRO A 499 80.51 18.61 -18.58
C PRO A 499 81.59 18.84 -17.53
N THR A 500 82.63 19.60 -17.88
CA THR A 500 83.70 19.89 -16.93
C THR A 500 83.30 20.93 -15.91
N ASN A 501 82.15 21.59 -16.13
CA ASN A 501 81.70 22.63 -15.19
C ASN A 501 81.43 22.05 -13.81
N GLY A 502 80.90 20.83 -13.76
CA GLY A 502 80.67 20.18 -12.48
C GLY A 502 79.28 20.42 -11.94
N VAL A 503 79.13 20.10 -10.65
CA VAL A 503 77.82 20.16 -10.01
C VAL A 503 77.30 21.58 -9.95
N GLY A 504 78.19 22.55 -9.71
CA GLY A 504 77.75 23.92 -9.51
C GLY A 504 77.13 24.54 -10.74
N TYR A 505 77.65 24.19 -11.93
CA TYR A 505 77.26 24.88 -13.16
C TYR A 505 76.54 23.98 -14.15
N GLN A 506 76.33 22.71 -13.83
CA GLN A 506 75.58 21.84 -14.73
C GLN A 506 74.11 22.26 -14.76
N PRO A 507 73.39 21.94 -15.84
CA PRO A 507 72.07 22.56 -16.04
C PRO A 507 71.11 22.50 -14.85
N TYR A 508 70.75 21.31 -14.36
CA TYR A 508 69.68 21.17 -13.38
C TYR A 508 68.43 21.92 -13.83
N ARG A 509 67.84 21.42 -14.91
CA ARG A 509 66.66 22.06 -15.48
C ARG A 509 65.48 21.91 -14.52
N VAL A 510 64.83 23.03 -14.22
CA VAL A 510 63.87 23.12 -13.12
C VAL A 510 62.48 23.42 -13.69
N VAL A 511 61.48 22.71 -13.19
CA VAL A 511 60.08 22.92 -13.55
C VAL A 511 59.31 23.30 -12.29
N VAL A 512 58.57 24.39 -12.36
CA VAL A 512 57.72 24.84 -11.26
C VAL A 512 56.27 24.54 -11.62
N LEU A 513 55.66 23.62 -10.87
CA LEU A 513 54.24 23.32 -11.06
C LEU A 513 53.41 24.25 -10.19
N SER A 514 52.25 24.64 -10.71
CA SER A 514 51.40 25.64 -10.05
C SER A 514 50.00 25.08 -9.84
N PHE A 515 49.39 25.45 -8.72
CA PHE A 515 48.02 25.08 -8.40
C PHE A 515 47.25 26.31 -7.96
N GLU A 516 45.95 26.32 -8.21
CA GLU A 516 45.08 27.39 -7.76
C GLU A 516 43.65 26.91 -7.69
N LEU A 517 42.84 27.63 -6.93
CA LEU A 517 41.40 27.41 -6.86
C LEU A 517 40.70 28.75 -7.10
N LEU A 518 39.79 28.77 -8.07
CA LEU A 518 39.16 30.00 -8.52
C LEU A 518 37.67 30.05 -8.18
N HIS A 519 37.26 29.35 -7.11
CA HIS A 519 35.86 29.28 -6.71
C HIS A 519 34.99 28.76 -7.86
N ALA A 520 35.52 27.80 -8.60
CA ALA A 520 34.88 27.18 -9.74
C ALA A 520 35.04 25.66 -9.62
N PRO A 521 34.15 24.89 -10.26
CA PRO A 521 34.27 23.44 -10.19
C PRO A 521 35.61 22.96 -10.73
N ALA A 522 36.20 21.99 -10.05
CA ALA A 522 37.51 21.48 -10.44
C ALA A 522 37.39 20.61 -11.69
N THR A 523 38.19 20.93 -12.71
CA THR A 523 38.18 20.18 -13.96
C THR A 523 39.43 19.34 -14.16
N VAL A 524 40.49 19.58 -13.40
CA VAL A 524 41.69 18.75 -13.39
C VAL A 524 41.88 18.19 -11.99
N CYS A 525 42.01 16.86 -11.89
CA CYS A 525 42.12 16.23 -10.59
C CYS A 525 42.79 14.87 -10.76
N GLY A 526 43.16 14.27 -9.63
CA GLY A 526 43.81 12.98 -9.63
C GLY A 526 42.88 11.89 -10.13
N PRO A 527 43.46 10.81 -10.66
CA PRO A 527 42.64 9.71 -11.15
C PRO A 527 41.83 9.08 -10.04
N LYS A 528 40.62 8.65 -10.38
CA LYS A 528 39.77 7.98 -9.41
C LYS A 528 40.39 6.64 -9.04
N LYS A 529 40.50 6.38 -7.73
CA LYS A 529 41.28 5.25 -7.25
C LYS A 529 40.71 3.93 -7.75
N SER A 530 41.61 3.02 -8.12
CA SER A 530 41.25 1.68 -8.55
C SER A 530 42.00 0.67 -7.69
N THR A 531 41.28 -0.29 -7.13
CA THR A 531 41.86 -1.31 -6.27
C THR A 531 41.96 -2.62 -7.03
N ASN A 532 42.83 -3.50 -6.53
CA ASN A 532 43.03 -4.80 -7.17
C ASN A 532 41.74 -5.61 -7.08
N LEU A 533 41.45 -6.34 -8.16
CA LEU A 533 40.21 -7.10 -8.22
C LEU A 533 40.29 -8.33 -7.32
N VAL A 534 39.15 -8.69 -6.74
CA VAL A 534 39.03 -9.88 -5.90
C VAL A 534 37.92 -10.76 -6.46
N LYS A 535 38.19 -12.06 -6.55
CA LYS A 535 37.22 -13.05 -6.98
C LYS A 535 36.89 -13.98 -5.82
N ASN A 536 35.63 -14.41 -5.77
CA ASN A 536 35.12 -15.29 -4.72
C ASN A 536 35.24 -14.69 -3.32
N LYS A 537 35.26 -13.36 -3.23
CA LYS A 537 35.31 -12.65 -1.96
C LYS A 537 34.17 -11.64 -1.92
N CYS A 538 33.33 -11.73 -0.90
CA CYS A 538 32.22 -10.79 -0.76
C CYS A 538 32.74 -9.39 -0.47
N VAL A 539 32.42 -8.46 -1.36
CA VAL A 539 32.96 -7.09 -1.30
C VAL A 539 31.91 -6.10 -1.73
N ASN A 540 32.22 -4.82 -1.56
CA ASN A 540 31.42 -3.73 -2.09
C ASN A 540 32.06 -3.25 -3.39
N PHE A 541 31.40 -3.53 -4.51
CA PHE A 541 31.96 -3.22 -5.82
C PHE A 541 31.30 -1.98 -6.41
N ASN A 542 32.11 -1.10 -6.96
CA ASN A 542 31.65 0.16 -7.55
C ASN A 542 32.28 0.27 -8.95
N PHE A 543 31.59 -0.28 -9.95
CA PHE A 543 32.06 -0.23 -11.33
C PHE A 543 31.39 0.92 -12.04
N ASN A 544 32.08 2.05 -12.13
CA ASN A 544 31.58 3.23 -12.84
C ASN A 544 30.22 3.67 -12.31
N GLY A 545 30.07 3.64 -11.00
CA GLY A 545 28.81 4.01 -10.37
C GLY A 545 27.80 2.89 -10.26
N LEU A 546 28.18 1.65 -10.53
CA LEU A 546 27.26 0.53 -10.36
C LEU A 546 26.90 0.34 -8.89
N THR A 547 27.84 0.65 -7.99
CA THR A 547 27.64 0.68 -6.53
C THR A 547 26.76 -0.46 -6.03
N GLY A 548 27.20 -1.68 -6.29
CA GLY A 548 26.50 -2.85 -5.79
C GLY A 548 27.34 -3.65 -4.81
N THR A 549 26.70 -4.48 -3.99
CA THR A 549 27.38 -5.30 -3.00
C THR A 549 27.15 -6.76 -3.30
N GLY A 550 28.23 -7.54 -3.34
CA GLY A 550 28.11 -8.95 -3.64
C GLY A 550 29.49 -9.57 -3.80
N VAL A 551 29.50 -10.80 -4.28
CA VAL A 551 30.72 -11.56 -4.52
C VAL A 551 30.88 -11.74 -6.02
N LEU A 552 32.07 -11.47 -6.53
CA LEU A 552 32.36 -11.47 -7.95
C LEU A 552 33.05 -12.76 -8.36
N THR A 553 32.58 -13.38 -9.43
CA THR A 553 33.17 -14.61 -9.96
C THR A 553 33.32 -14.49 -11.46
N GLU A 554 34.26 -15.26 -12.01
CA GLU A 554 34.46 -15.25 -13.45
C GLU A 554 33.25 -15.84 -14.16
N SER A 555 32.84 -15.19 -15.24
CA SER A 555 31.63 -15.54 -15.97
C SER A 555 31.99 -16.09 -17.35
N ASN A 556 31.41 -17.24 -17.70
CA ASN A 556 31.69 -17.85 -18.99
C ASN A 556 31.02 -17.06 -20.13
N LYS A 557 29.89 -16.43 -19.86
CA LYS A 557 29.16 -15.73 -20.90
C LYS A 557 29.95 -14.54 -21.41
N LYS A 558 29.80 -14.24 -22.69
CA LYS A 558 30.50 -13.14 -23.36
C LYS A 558 29.49 -12.09 -23.77
N PHE A 559 29.84 -10.83 -23.56
CA PHE A 559 28.94 -9.73 -23.88
C PHE A 559 29.18 -9.24 -25.30
N LEU A 560 28.25 -8.42 -25.78
CA LEU A 560 28.46 -7.69 -27.02
C LEU A 560 29.59 -6.69 -26.81
N PRO A 561 30.41 -6.44 -27.84
CA PRO A 561 31.56 -5.53 -27.66
C PRO A 561 31.18 -4.16 -27.12
N PHE A 562 30.05 -3.60 -27.55
CA PHE A 562 29.59 -2.35 -26.96
C PHE A 562 28.94 -2.58 -25.61
N GLN A 563 28.39 -3.77 -25.38
CA GLN A 563 27.61 -4.03 -24.18
C GLN A 563 28.50 -3.93 -22.95
N GLN A 564 27.92 -3.46 -21.84
CA GLN A 564 28.69 -3.18 -20.63
C GLN A 564 28.37 -4.12 -19.48
N PHE A 565 27.12 -4.17 -19.02
CA PHE A 565 26.76 -4.96 -17.85
C PHE A 565 25.43 -5.66 -18.09
N GLY A 566 25.25 -6.82 -17.44
CA GLY A 566 24.07 -7.62 -17.67
C GLY A 566 23.03 -7.49 -16.58
N ARG A 567 21.85 -8.05 -16.86
CA ARG A 567 20.76 -8.09 -15.90
C ARG A 567 19.99 -9.39 -16.06
N ASP A 568 19.28 -9.76 -15.00
CA ASP A 568 18.53 -11.00 -14.94
C ASP A 568 17.08 -10.68 -15.34
N ILE A 569 16.26 -11.72 -15.52
CA ILE A 569 14.90 -11.51 -16.02
C ILE A 569 14.10 -10.65 -15.04
N ALA A 570 14.44 -10.70 -13.76
CA ALA A 570 13.79 -9.87 -12.76
C ALA A 570 14.34 -8.45 -12.72
N ASP A 571 15.09 -8.04 -13.75
CA ASP A 571 15.66 -6.70 -13.85
C ASP A 571 16.55 -6.40 -12.65
N THR A 572 17.44 -7.33 -12.32
CA THR A 572 18.43 -7.15 -11.28
C THR A 572 19.82 -7.37 -11.86
N THR A 573 20.79 -6.61 -11.36
CA THR A 573 22.16 -6.71 -11.86
C THR A 573 22.69 -8.12 -11.67
N ASP A 574 23.27 -8.68 -12.73
CA ASP A 574 23.76 -10.04 -12.71
C ASP A 574 25.21 -10.18 -13.15
N ALA A 575 25.68 -9.33 -14.06
CA ALA A 575 27.05 -9.40 -14.53
C ALA A 575 27.53 -8.01 -14.90
N VAL A 576 28.82 -7.76 -14.66
CA VAL A 576 29.44 -6.50 -15.02
C VAL A 576 30.78 -6.81 -15.68
N ARG A 577 31.25 -5.89 -16.51
CA ARG A 577 32.52 -6.04 -17.19
C ARG A 577 33.58 -5.18 -16.50
N ASP A 578 34.80 -5.68 -16.47
CA ASP A 578 35.90 -4.93 -15.90
C ASP A 578 36.27 -3.76 -16.80
N PRO A 579 36.25 -2.53 -16.31
CA PRO A 579 36.68 -1.40 -17.16
C PRO A 579 38.11 -1.53 -17.65
N GLN A 580 39.01 -2.08 -16.84
CA GLN A 580 40.40 -2.23 -17.28
C GLN A 580 40.56 -3.36 -18.29
N THR A 581 39.92 -4.50 -18.04
CA THR A 581 40.15 -5.70 -18.83
C THR A 581 38.84 -6.21 -19.43
N LEU A 582 38.91 -6.64 -20.68
CA LEU A 582 37.74 -7.15 -21.41
C LEU A 582 37.36 -8.54 -20.90
N GLU A 583 36.75 -8.56 -19.72
CA GLU A 583 36.31 -9.79 -19.09
C GLU A 583 34.92 -9.58 -18.50
N ILE A 584 34.21 -10.68 -18.29
CA ILE A 584 32.84 -10.67 -17.80
C ILE A 584 32.82 -11.32 -16.42
N LEU A 585 32.26 -10.61 -15.44
CA LEU A 585 32.24 -11.05 -14.06
C LEU A 585 30.79 -11.24 -13.63
N ASP A 586 30.41 -12.50 -13.39
CA ASP A 586 29.07 -12.78 -12.88
C ASP A 586 28.99 -12.32 -11.43
N ILE A 587 27.91 -11.60 -11.10
CA ILE A 587 27.66 -11.12 -9.75
C ILE A 587 26.55 -11.96 -9.15
N THR A 588 26.90 -12.77 -8.15
CA THR A 588 25.90 -13.44 -7.34
C THR A 588 25.92 -12.84 -5.95
N PRO A 589 24.75 -12.66 -5.32
CA PRO A 589 24.72 -11.95 -4.04
C PRO A 589 25.41 -12.73 -2.93
N CYS A 590 25.88 -12.00 -1.92
CA CYS A 590 26.48 -12.63 -0.77
C CYS A 590 25.48 -13.57 -0.09
N SER A 591 25.98 -14.72 0.35
CA SER A 591 25.10 -15.74 0.89
C SER A 591 24.34 -15.23 2.11
N PHE A 592 23.03 -15.47 2.12
CA PHE A 592 22.18 -15.12 3.25
C PHE A 592 21.24 -16.27 3.54
N GLY A 593 20.80 -16.35 4.79
CA GLY A 593 19.88 -17.40 5.19
C GLY A 593 19.31 -17.11 6.56
N GLY A 594 18.22 -17.81 6.87
CA GLY A 594 17.55 -17.61 8.14
C GLY A 594 18.09 -18.52 9.23
N VAL A 595 18.69 -17.92 10.25
CA VAL A 595 19.21 -18.68 11.38
C VAL A 595 18.03 -19.25 12.15
N SER A 596 17.85 -20.57 12.06
CA SER A 596 16.76 -21.26 12.74
C SER A 596 17.36 -22.18 13.79
N VAL A 597 16.99 -21.98 15.05
CA VAL A 597 17.50 -22.79 16.14
C VAL A 597 16.68 -24.06 16.25
N ILE A 598 17.28 -25.10 16.81
CA ILE A 598 16.61 -26.36 17.07
C ILE A 598 16.81 -26.67 18.54
N THR A 599 15.79 -26.38 19.36
CA THR A 599 15.88 -26.55 20.79
C THR A 599 14.81 -27.52 21.26
N PRO A 600 15.13 -28.43 22.19
CA PRO A 600 14.09 -29.18 22.88
C PRO A 600 13.39 -28.29 23.89
N GLY A 601 12.51 -28.91 24.68
CA GLY A 601 11.81 -28.18 25.72
C GLY A 601 12.77 -27.50 26.68
N THR A 602 12.45 -26.27 27.09
CA THR A 602 13.31 -25.54 28.00
C THR A 602 13.52 -26.32 29.30
N ASN A 603 12.46 -26.92 29.81
CA ASN A 603 12.60 -27.78 30.99
C ASN A 603 13.49 -28.98 30.69
N THR A 604 13.37 -29.54 29.49
CA THR A 604 14.14 -30.73 29.14
C THR A 604 15.63 -30.43 29.07
N SER A 605 16.01 -29.33 28.43
CA SER A 605 17.42 -29.04 28.24
C SER A 605 17.62 -27.57 27.91
N ASN A 606 18.89 -27.17 27.91
CA ASN A 606 19.29 -25.85 27.47
C ASN A 606 20.16 -25.86 26.21
N GLN A 607 20.60 -27.04 25.77
CA GLN A 607 21.40 -27.14 24.57
C GLN A 607 20.55 -26.86 23.33
N VAL A 608 21.14 -26.21 22.33
CA VAL A 608 20.46 -25.88 21.10
C VAL A 608 21.31 -26.28 19.91
N ALA A 609 20.64 -26.52 18.79
CA ALA A 609 21.29 -26.76 17.51
C ALA A 609 20.82 -25.69 16.54
N VAL A 610 21.75 -25.09 15.81
CA VAL A 610 21.46 -23.95 14.96
C VAL A 610 21.54 -24.37 13.50
N LEU A 611 20.50 -24.04 12.74
CA LEU A 611 20.46 -24.28 11.31
C LEU A 611 20.71 -22.96 10.57
N TYR A 612 21.70 -22.95 9.69
CA TYR A 612 21.93 -21.81 8.82
C TYR A 612 21.34 -22.16 7.45
N GLN A 613 20.18 -21.58 7.14
CA GLN A 613 19.41 -22.01 5.98
C GLN A 613 20.13 -21.66 4.68
N ASP A 614 20.39 -22.68 3.86
CA ASP A 614 20.96 -22.51 2.52
C ASP A 614 22.24 -21.68 2.54
N VAL A 615 23.13 -22.00 3.49
CA VAL A 615 24.41 -21.32 3.62
C VAL A 615 25.51 -22.37 3.67
N ASN A 616 26.55 -22.18 2.85
CA ASN A 616 27.71 -23.06 2.91
C ASN A 616 28.46 -22.86 4.22
N CYS A 617 29.03 -23.94 4.74
CA CYS A 617 29.71 -23.87 6.02
C CYS A 617 31.01 -23.09 5.95
N THR A 618 31.50 -22.82 4.74
CA THR A 618 32.79 -22.15 4.60
C THR A 618 32.74 -20.73 5.16
N GLU A 619 31.70 -19.96 4.83
CA GLU A 619 31.64 -18.56 5.24
C GLU A 619 30.98 -18.37 6.60
N VAL A 620 30.56 -19.46 7.26
CA VAL A 620 29.96 -19.33 8.59
C VAL A 620 31.02 -18.94 9.61
N TYR A 636 26.31 -19.95 17.88
CA TYR A 636 27.40 -20.79 18.34
C TYR A 636 28.67 -20.61 17.50
N SER A 637 29.81 -20.86 18.11
CA SER A 637 31.08 -20.79 17.40
C SER A 637 31.16 -21.90 16.37
N THR A 638 31.84 -21.62 15.26
CA THR A 638 31.98 -22.59 14.19
C THR A 638 32.88 -23.75 14.63
N GLY A 639 32.71 -24.88 13.96
CA GLY A 639 33.49 -26.07 14.25
C GLY A 639 32.91 -26.99 15.30
N SER A 640 31.72 -26.70 15.81
CA SER A 640 31.10 -27.52 16.85
C SER A 640 30.14 -28.51 16.18
N ASN A 641 30.67 -29.68 15.81
CA ASN A 641 29.87 -30.75 15.22
C ASN A 641 29.14 -30.28 13.96
N VAL A 642 29.85 -29.52 13.12
CA VAL A 642 29.23 -28.97 11.93
C VAL A 642 28.81 -30.07 10.97
N PHE A 643 27.56 -30.02 10.54
CA PHE A 643 27.02 -30.97 9.58
C PHE A 643 26.28 -30.21 8.49
N GLN A 644 26.43 -30.69 7.25
CA GLN A 644 25.92 -29.98 6.08
C GLN A 644 24.82 -30.81 5.42
N THR A 645 23.72 -30.15 5.06
CA THR A 645 22.64 -30.77 4.32
C THR A 645 22.09 -29.78 3.32
N ARG A 646 21.12 -30.24 2.53
CA ARG A 646 20.56 -29.38 1.49
C ARG A 646 19.84 -28.18 2.09
N ALA A 647 19.20 -28.35 3.24
CA ALA A 647 18.53 -27.24 3.90
C ALA A 647 19.54 -26.16 4.30
N GLY A 648 20.69 -26.56 4.79
CA GLY A 648 21.71 -25.61 5.15
C GLY A 648 22.77 -26.25 6.03
N CYS A 649 23.64 -25.40 6.57
CA CYS A 649 24.75 -25.84 7.41
C CYS A 649 24.25 -25.94 8.85
N LEU A 650 24.08 -27.16 9.33
CA LEU A 650 23.52 -27.43 10.65
C LEU A 650 24.66 -27.50 11.66
N ILE A 651 24.69 -26.54 12.58
CA ILE A 651 25.75 -26.44 13.58
C ILE A 651 25.14 -26.71 14.96
N GLY A 652 25.86 -27.50 15.76
CA GLY A 652 25.45 -27.78 17.12
C GLY A 652 24.87 -29.17 17.34
N ALA A 653 24.54 -29.89 16.28
CA ALA A 653 24.05 -31.26 16.39
C ALA A 653 24.90 -32.16 15.50
N GLU A 654 25.31 -33.30 16.04
CA GLU A 654 26.11 -34.25 15.29
C GLU A 654 25.22 -35.12 14.42
N HIS A 655 25.65 -35.35 13.18
CA HIS A 655 24.88 -36.19 12.27
C HIS A 655 24.88 -37.64 12.74
N VAL A 656 23.76 -38.32 12.51
CA VAL A 656 23.61 -39.72 12.89
C VAL A 656 23.22 -40.50 11.65
N ASN A 657 23.94 -41.59 11.37
CA ASN A 657 23.64 -42.42 10.22
C ASN A 657 22.32 -43.17 10.40
N ASN A 658 22.00 -43.53 11.64
CA ASN A 658 20.74 -44.22 11.90
C ASN A 658 19.58 -43.29 11.64
N SER A 659 18.45 -43.86 11.23
CA SER A 659 17.25 -43.10 10.91
C SER A 659 16.27 -43.17 12.08
N TYR A 660 15.78 -42.01 12.50
CA TYR A 660 14.82 -41.92 13.59
C TYR A 660 13.58 -41.17 13.11
N GLU A 661 12.49 -41.32 13.85
CA GLU A 661 11.26 -40.61 13.53
C GLU A 661 11.47 -39.11 13.70
N CYS A 662 10.80 -38.33 12.87
CA CYS A 662 11.00 -36.88 12.90
C CYS A 662 10.39 -36.28 14.15
N ASP A 663 11.18 -35.47 14.86
CA ASP A 663 10.71 -34.70 16.00
C ASP A 663 10.72 -33.21 15.71
N ILE A 664 11.86 -32.66 15.33
CA ILE A 664 11.98 -31.26 14.95
C ILE A 664 12.43 -31.23 13.48
N PRO A 665 11.55 -30.89 12.55
CA PRO A 665 11.93 -30.94 11.13
C PRO A 665 12.90 -29.85 10.72
N ILE A 666 14.13 -30.24 10.37
CA ILE A 666 15.12 -29.27 9.91
C ILE A 666 14.76 -28.77 8.51
N GLY A 667 14.38 -29.67 7.63
CA GLY A 667 14.14 -29.31 6.24
C GLY A 667 15.00 -30.14 5.31
N ALA A 668 14.51 -30.36 4.08
CA ALA A 668 15.21 -31.16 3.08
C ALA A 668 15.50 -32.57 3.60
N GLY A 669 14.60 -33.10 4.41
CA GLY A 669 14.70 -34.46 4.87
C GLY A 669 15.51 -34.70 6.12
N ILE A 670 15.97 -33.66 6.80
CA ILE A 670 16.75 -33.78 8.02
C ILE A 670 15.84 -33.47 9.20
N CYS A 671 15.91 -34.30 10.23
CA CYS A 671 15.13 -34.12 11.44
C CYS A 671 16.02 -34.26 12.66
N ALA A 672 15.80 -33.41 13.65
CA ALA A 672 16.62 -33.38 14.84
C ALA A 672 15.81 -33.81 16.05
N SER A 673 16.46 -34.55 16.95
CA SER A 673 15.83 -35.03 18.16
C SER A 673 16.83 -34.93 19.31
N TYR A 674 16.30 -34.91 20.53
CA TYR A 674 17.14 -34.87 21.73
C TYR A 674 17.25 -36.29 22.28
N GLN A 675 18.38 -36.95 22.02
CA GLN A 675 18.57 -38.34 22.37
C GLN A 675 19.97 -38.53 22.94
N THR A 676 20.13 -39.57 23.75
CA THR A 676 21.41 -39.88 24.37
C THR A 676 22.47 -40.24 23.32
N SER A 686 26.46 -36.98 27.70
CA SER A 686 25.54 -38.11 27.74
C SER A 686 24.32 -37.85 26.87
N GLN A 687 23.90 -36.59 26.81
CA GLN A 687 22.75 -36.17 26.03
C GLN A 687 23.16 -35.05 25.07
N SER A 688 22.79 -35.19 23.81
CA SER A 688 23.09 -34.18 22.80
C SER A 688 22.03 -34.24 21.70
N ILE A 689 21.90 -33.13 20.97
CA ILE A 689 20.96 -33.06 19.87
C ILE A 689 21.55 -33.78 18.66
N ILE A 690 20.75 -34.67 18.06
CA ILE A 690 21.19 -35.47 16.92
C ILE A 690 20.37 -35.08 15.70
N ALA A 691 21.05 -34.80 14.59
CA ALA A 691 20.40 -34.54 13.32
C ALA A 691 20.54 -35.76 12.43
N TYR A 692 19.42 -36.27 11.94
CA TYR A 692 19.40 -37.51 11.19
C TYR A 692 18.47 -37.38 9.99
N THR A 693 18.63 -38.30 9.05
CA THR A 693 17.70 -38.39 7.93
C THR A 693 16.35 -38.93 8.43
N MET A 694 15.28 -38.51 7.78
CA MET A 694 13.94 -38.93 8.20
C MET A 694 13.78 -40.44 8.05
N SER A 695 13.08 -41.04 9.00
CA SER A 695 12.61 -42.41 8.87
C SER A 695 11.13 -42.36 8.53
N LEU A 696 10.81 -42.52 7.24
CA LEU A 696 9.41 -42.49 6.84
C LEU A 696 8.62 -43.61 7.50
N GLY A 697 9.27 -44.71 7.81
CA GLY A 697 8.63 -45.78 8.54
C GLY A 697 9.46 -47.04 8.45
N ALA A 698 9.00 -48.06 9.17
CA ALA A 698 9.64 -49.35 9.10
C ALA A 698 9.34 -49.99 7.75
N GLU A 699 10.40 -50.27 6.98
CA GLU A 699 10.23 -50.80 5.64
C GLU A 699 9.63 -52.19 5.70
N ASN A 700 8.34 -52.31 5.40
CA ASN A 700 7.62 -53.57 5.48
C ASN A 700 7.44 -54.11 4.07
N SER A 701 8.09 -55.24 3.78
CA SER A 701 7.96 -55.89 2.49
C SER A 701 6.77 -56.82 2.55
N VAL A 702 5.64 -56.38 1.98
CA VAL A 702 4.44 -57.20 1.99
C VAL A 702 4.67 -58.45 1.16
N ALA A 703 4.44 -59.62 1.76
CA ALA A 703 4.73 -60.89 1.11
C ALA A 703 3.66 -61.17 0.06
N TYR A 704 3.72 -60.38 -1.01
CA TYR A 704 2.76 -60.54 -2.10
C TYR A 704 3.00 -61.85 -2.84
N SER A 705 1.91 -62.45 -3.32
CA SER A 705 1.99 -63.59 -4.21
C SER A 705 0.66 -63.70 -4.94
N ASN A 706 0.67 -64.47 -6.03
CA ASN A 706 -0.55 -64.63 -6.80
C ASN A 706 -1.54 -65.57 -6.12
N ASN A 707 -1.13 -66.19 -5.00
CA ASN A 707 -2.03 -67.03 -4.22
C ASN A 707 -1.86 -66.82 -2.72
N SER A 708 -1.51 -65.60 -2.29
CA SER A 708 -1.29 -65.31 -0.88
C SER A 708 -2.33 -64.30 -0.41
N ILE A 709 -3.05 -64.66 0.65
CA ILE A 709 -4.06 -63.80 1.25
C ILE A 709 -3.87 -63.80 2.76
N ALA A 710 -4.05 -62.64 3.37
CA ALA A 710 -4.00 -62.48 4.82
C ALA A 710 -5.36 -62.02 5.31
N ILE A 711 -5.97 -62.78 6.20
CA ILE A 711 -7.28 -62.46 6.77
C ILE A 711 -7.10 -62.32 8.27
N PRO A 712 -7.48 -61.20 8.87
CA PRO A 712 -7.30 -61.05 10.31
C PRO A 712 -8.19 -62.00 11.09
N THR A 713 -7.68 -62.46 12.22
CA THR A 713 -8.43 -63.31 13.13
C THR A 713 -8.94 -62.56 14.35
N ASN A 714 -8.56 -61.30 14.52
CA ASN A 714 -8.91 -60.52 15.69
C ASN A 714 -8.93 -59.05 15.30
N PHE A 715 -9.61 -58.26 16.12
CA PHE A 715 -9.79 -56.84 15.85
C PHE A 715 -9.40 -56.03 17.07
N THR A 716 -9.47 -54.71 16.92
CA THR A 716 -9.24 -53.77 18.00
C THR A 716 -10.20 -52.61 17.83
N ILE A 717 -11.20 -52.51 18.69
CA ILE A 717 -12.18 -51.44 18.59
C ILE A 717 -11.53 -50.20 19.18
N SER A 718 -10.80 -49.46 18.35
CA SER A 718 -9.97 -48.37 18.84
C SER A 718 -10.70 -47.06 18.68
N VAL A 719 -10.93 -46.37 19.79
CA VAL A 719 -11.54 -45.06 19.79
C VAL A 719 -10.45 -44.05 19.43
N THR A 720 -10.59 -43.41 18.27
CA THR A 720 -9.65 -42.41 17.79
C THR A 720 -10.23 -41.03 18.04
N THR A 721 -9.49 -40.19 18.75
CA THR A 721 -9.94 -38.86 19.09
C THR A 721 -9.54 -37.89 17.99
N GLU A 722 -10.53 -37.37 17.27
CA GLU A 722 -10.30 -36.36 16.24
C GLU A 722 -10.85 -35.04 16.76
N ILE A 723 -9.98 -34.04 16.84
CA ILE A 723 -10.34 -32.73 17.38
C ILE A 723 -10.48 -31.78 16.21
N LEU A 724 -11.63 -31.12 16.12
CA LEU A 724 -11.92 -30.22 15.02
C LEU A 724 -12.37 -28.87 15.57
N PRO A 725 -11.76 -27.77 15.14
CA PRO A 725 -12.31 -26.46 15.45
C PRO A 725 -13.68 -26.32 14.82
N VAL A 726 -14.56 -25.57 15.48
CA VAL A 726 -15.89 -25.29 14.96
C VAL A 726 -16.14 -23.79 14.87
N SER A 727 -15.85 -23.05 15.94
CA SER A 727 -16.04 -21.61 15.92
C SER A 727 -14.90 -20.95 16.68
N MET A 728 -14.35 -19.90 16.10
CA MET A 728 -13.38 -19.08 16.80
C MET A 728 -14.11 -18.22 17.82
N THR A 729 -13.35 -17.45 18.60
CA THR A 729 -13.98 -16.56 19.56
C THR A 729 -14.87 -15.56 18.84
N LYS A 730 -16.12 -15.50 19.27
CA LYS A 730 -17.10 -14.62 18.63
C LYS A 730 -16.76 -13.20 19.01
N THR A 731 -15.78 -12.63 18.32
CA THR A 731 -15.24 -11.32 18.64
C THR A 731 -15.74 -10.29 17.65
N SER A 732 -15.89 -9.06 18.13
CA SER A 732 -16.26 -7.92 17.30
C SER A 732 -15.48 -6.71 17.78
N VAL A 733 -14.84 -6.02 16.84
CA VAL A 733 -14.01 -4.86 17.15
C VAL A 733 -14.67 -3.64 16.54
N ASP A 734 -15.03 -2.68 17.38
CA ASP A 734 -15.60 -1.44 16.89
C ASP A 734 -14.53 -0.64 16.17
N CYS A 735 -14.72 -0.41 14.88
CA CYS A 735 -13.69 0.24 14.08
C CYS A 735 -13.39 1.64 14.60
N THR A 736 -14.43 2.42 14.91
CA THR A 736 -14.20 3.78 15.40
C THR A 736 -13.53 3.76 16.77
N MET A 737 -13.98 2.89 17.67
CA MET A 737 -13.39 2.84 19.00
C MET A 737 -11.95 2.38 18.95
N TYR A 738 -11.66 1.36 18.14
CA TYR A 738 -10.27 0.90 18.02
C TYR A 738 -9.38 1.98 17.42
N ILE A 739 -9.78 2.52 16.27
CA ILE A 739 -8.94 3.49 15.58
C ILE A 739 -8.89 4.80 16.35
N CYS A 740 -10.01 5.25 16.90
CA CYS A 740 -10.12 6.59 17.43
C CYS A 740 -10.50 6.68 18.90
N GLY A 741 -10.82 5.56 19.54
CA GLY A 741 -11.23 5.63 20.93
C GLY A 741 -12.52 6.44 21.06
N ASP A 742 -12.48 7.45 21.92
CA ASP A 742 -13.61 8.33 22.14
C ASP A 742 -13.37 9.73 21.58
N SER A 743 -12.38 9.90 20.72
CA SER A 743 -12.07 11.22 20.19
C SER A 743 -13.09 11.67 19.16
N THR A 744 -13.55 12.92 19.29
CA THR A 744 -14.43 13.49 18.29
C THR A 744 -13.67 13.86 17.02
N GLU A 745 -12.48 14.46 17.17
CA GLU A 745 -11.70 14.86 16.01
C GLU A 745 -11.28 13.65 15.18
N CYS A 746 -10.80 12.60 15.84
CA CYS A 746 -10.46 11.38 15.12
C CYS A 746 -11.68 10.78 14.46
N SER A 747 -12.85 10.93 15.09
CA SER A 747 -14.08 10.42 14.49
C SER A 747 -14.34 11.09 13.14
N ASN A 748 -14.17 12.41 13.07
CA ASN A 748 -14.40 13.12 11.81
C ASN A 748 -13.32 12.77 10.78
N LEU A 749 -12.06 12.70 11.21
CA LEU A 749 -10.99 12.37 10.28
C LEU A 749 -11.16 10.95 9.74
N LEU A 750 -11.73 10.06 10.54
CA LEU A 750 -12.01 8.71 10.08
C LEU A 750 -13.25 8.67 9.19
N LEU A 751 -14.22 9.54 9.48
CA LEU A 751 -15.42 9.62 8.64
C LEU A 751 -15.07 10.08 7.24
N GLN A 752 -14.13 11.02 7.11
CA GLN A 752 -13.75 11.49 5.79
C GLN A 752 -12.98 10.42 5.00
N TYR A 753 -12.58 9.33 5.65
CA TYR A 753 -11.93 8.23 4.94
C TYR A 753 -12.92 7.33 4.22
N GLY A 754 -14.21 7.55 4.38
CA GLY A 754 -15.22 6.78 3.69
C GLY A 754 -15.86 5.73 4.58
N SER A 755 -16.31 4.67 3.94
CA SER A 755 -17.01 3.58 4.62
C SER A 755 -16.11 2.41 4.93
N PHE A 756 -14.83 2.65 5.23
CA PHE A 756 -13.96 1.56 5.66
C PHE A 756 -14.43 0.96 6.96
N CYS A 757 -14.76 1.81 7.94
CA CYS A 757 -15.15 1.30 9.25
C CYS A 757 -16.47 0.55 9.20
N THR A 758 -17.43 1.06 8.42
CA THR A 758 -18.69 0.33 8.28
C THR A 758 -18.46 -1.04 7.65
N GLN A 759 -17.61 -1.11 6.62
CA GLN A 759 -17.31 -2.39 5.99
C GLN A 759 -16.60 -3.33 6.96
N LEU A 760 -15.66 -2.81 7.75
CA LEU A 760 -14.95 -3.65 8.70
C LEU A 760 -15.89 -4.19 9.78
N ASN A 761 -16.76 -3.32 10.31
CA ASN A 761 -17.72 -3.77 11.31
C ASN A 761 -18.69 -4.79 10.72
N ARG A 762 -19.11 -4.58 9.48
CA ARG A 762 -19.99 -5.55 8.83
C ARG A 762 -19.28 -6.88 8.64
N ALA A 763 -18.00 -6.84 8.27
CA ALA A 763 -17.24 -8.07 8.10
C ALA A 763 -17.11 -8.82 9.42
N LEU A 764 -16.79 -8.10 10.50
CA LEU A 764 -16.64 -8.76 11.80
C LEU A 764 -17.97 -9.29 12.32
N THR A 765 -19.05 -8.54 12.11
CA THR A 765 -20.37 -9.03 12.50
C THR A 765 -20.76 -10.25 11.68
N GLY A 766 -20.41 -10.26 10.40
CA GLY A 766 -20.63 -11.45 9.59
C GLY A 766 -19.84 -12.64 10.10
N ILE A 767 -18.61 -12.40 10.56
CA ILE A 767 -17.81 -13.47 11.15
C ILE A 767 -18.47 -13.99 12.41
N ALA A 768 -18.99 -13.09 13.25
CA ALA A 768 -19.63 -13.51 14.50
C ALA A 768 -20.89 -14.34 14.23
N VAL A 769 -21.76 -13.83 13.35
CA VAL A 769 -22.96 -14.58 12.99
C VAL A 769 -22.58 -15.89 12.33
N GLU A 770 -21.47 -15.89 11.58
CA GLU A 770 -20.97 -17.12 10.98
C GLU A 770 -20.54 -18.12 12.05
N GLN A 771 -19.93 -17.63 13.14
CA GLN A 771 -19.55 -18.52 14.23
C GLN A 771 -20.78 -19.14 14.88
N ASP A 772 -21.81 -18.32 15.13
CA ASP A 772 -23.04 -18.85 15.68
C ASP A 772 -23.67 -19.87 14.74
N LYS A 773 -23.65 -19.58 13.43
CA LYS A 773 -24.19 -20.52 12.45
C LYS A 773 -23.36 -21.79 12.39
N ASN A 774 -22.04 -21.67 12.58
CA ASN A 774 -21.18 -22.84 12.63
C ASN A 774 -21.58 -23.74 13.80
N THR A 775 -21.78 -23.14 14.97
CA THR A 775 -22.20 -23.94 16.12
C THR A 775 -23.57 -24.57 15.89
N GLN A 776 -24.49 -23.81 15.29
CA GLN A 776 -25.81 -24.35 14.98
C GLN A 776 -25.71 -25.53 14.01
N GLU A 777 -24.90 -25.40 12.97
CA GLU A 777 -24.80 -26.45 11.96
C GLU A 777 -24.12 -27.69 12.53
N VAL A 778 -23.08 -27.50 13.34
CA VAL A 778 -22.35 -28.65 13.87
C VAL A 778 -23.18 -29.38 14.90
N PHE A 779 -23.75 -28.65 15.87
CA PHE A 779 -24.36 -29.28 17.03
C PHE A 779 -25.87 -29.45 16.92
N ALA A 780 -26.57 -28.54 16.26
CA ALA A 780 -28.03 -28.56 16.23
C ALA A 780 -28.59 -29.36 15.06
N GLN A 781 -27.87 -30.40 14.62
CA GLN A 781 -28.40 -31.27 13.58
C GLN A 781 -29.71 -31.91 14.00
N VAL A 782 -29.96 -31.98 15.31
CA VAL A 782 -31.16 -32.60 15.84
C VAL A 782 -32.10 -31.52 16.36
N LYS A 783 -33.40 -31.72 16.19
CA LYS A 783 -34.38 -30.73 16.62
C LYS A 783 -34.95 -31.05 18.00
N GLN A 784 -34.95 -32.32 18.39
CA GLN A 784 -35.49 -32.76 19.67
C GLN A 784 -34.35 -33.07 20.62
N ILE A 785 -34.42 -32.54 21.84
CA ILE A 785 -33.43 -32.87 22.85
C ILE A 785 -33.80 -34.20 23.48
N TYR A 786 -32.84 -35.13 23.52
CA TYR A 786 -33.08 -36.48 23.96
C TYR A 786 -32.48 -36.70 25.34
N LYS A 787 -33.07 -37.63 26.08
CA LYS A 787 -32.62 -37.98 27.42
C LYS A 787 -32.31 -39.47 27.47
N THR A 788 -31.14 -39.80 27.99
CA THR A 788 -30.80 -41.20 28.21
C THR A 788 -31.71 -41.78 29.30
N PRO A 789 -32.02 -43.07 29.22
CA PRO A 789 -32.87 -43.67 30.25
C PRO A 789 -32.16 -43.70 31.59
N PRO A 790 -32.91 -43.72 32.69
CA PRO A 790 -32.25 -43.73 34.02
C PRO A 790 -31.34 -44.91 34.23
N ILE A 791 -31.68 -46.07 33.67
CA ILE A 791 -30.88 -47.28 33.84
C ILE A 791 -29.95 -47.42 32.64
N LYS A 792 -28.67 -47.66 32.91
CA LYS A 792 -27.66 -47.79 31.85
C LYS A 792 -27.40 -49.26 31.56
N ASP A 793 -28.41 -49.91 30.98
CA ASP A 793 -28.31 -51.32 30.61
C ASP A 793 -27.92 -51.46 29.13
N PHE A 794 -26.75 -50.92 28.79
CA PHE A 794 -26.31 -50.88 27.40
C PHE A 794 -25.48 -52.10 27.03
N GLY A 795 -25.99 -53.29 27.34
CA GLY A 795 -25.36 -54.53 26.91
C GLY A 795 -23.92 -54.69 27.37
N GLY A 796 -23.52 -53.98 28.42
CA GLY A 796 -22.14 -53.99 28.87
C GLY A 796 -21.31 -52.82 28.39
N PHE A 797 -21.79 -52.05 27.42
CA PHE A 797 -21.10 -50.85 26.99
C PHE A 797 -21.27 -49.78 28.06
N ASN A 798 -20.18 -49.11 28.41
CA ASN A 798 -20.18 -48.15 29.50
C ASN A 798 -19.89 -46.75 28.95
N PHE A 799 -20.91 -45.90 28.93
CA PHE A 799 -20.81 -44.55 28.41
C PHE A 799 -20.66 -43.51 29.51
N SER A 800 -20.41 -43.95 30.74
CA SER A 800 -20.38 -43.00 31.86
C SER A 800 -19.33 -41.91 31.64
N GLN A 801 -18.30 -42.20 30.85
CA GLN A 801 -17.27 -41.20 30.59
C GLN A 801 -17.75 -40.17 29.59
N ILE A 802 -18.61 -40.58 28.66
CA ILE A 802 -19.04 -39.66 27.60
C ILE A 802 -20.39 -39.04 27.92
N LEU A 803 -21.20 -39.70 28.73
CA LEU A 803 -22.50 -39.16 29.10
C LEU A 803 -22.33 -38.07 30.14
N PRO A 804 -23.28 -37.14 30.23
CA PRO A 804 -23.16 -36.05 31.21
C PRO A 804 -23.16 -36.57 32.64
N ASP A 805 -22.46 -35.85 33.52
CA ASP A 805 -22.35 -36.23 34.92
C ASP A 805 -23.31 -35.39 35.75
N PRO A 806 -24.35 -35.97 36.33
CA PRO A 806 -25.29 -35.16 37.12
C PRO A 806 -24.66 -34.48 38.32
N SER A 807 -23.61 -35.07 38.89
CA SER A 807 -23.02 -34.53 40.12
C SER A 807 -22.45 -33.13 39.89
N LYS A 808 -21.77 -32.92 38.78
CA LYS A 808 -21.17 -31.63 38.51
C LYS A 808 -22.26 -30.58 38.30
N PRO A 809 -22.04 -29.34 38.76
CA PRO A 809 -23.06 -28.30 38.57
C PRO A 809 -23.42 -28.08 37.11
N SER A 810 -22.45 -28.17 36.20
CA SER A 810 -22.72 -28.17 34.77
C SER A 810 -22.77 -29.61 34.29
N LYS A 811 -23.90 -30.00 33.68
CA LYS A 811 -24.14 -31.39 33.33
C LYS A 811 -23.28 -31.78 32.13
N ARG A 812 -21.98 -31.85 32.38
CA ARG A 812 -21.00 -32.19 31.36
C ARG A 812 -20.37 -33.53 31.68
N SER A 813 -19.87 -34.19 30.63
CA SER A 813 -19.23 -35.47 30.80
C SER A 813 -17.85 -35.31 31.43
N PRO A 814 -17.35 -36.36 32.11
CA PRO A 814 -15.98 -36.27 32.64
C PRO A 814 -14.95 -35.98 31.57
N ILE A 815 -15.07 -36.63 30.40
CA ILE A 815 -14.20 -36.32 29.28
C ILE A 815 -14.37 -34.86 28.89
N GLU A 816 -15.61 -34.40 28.80
CA GLU A 816 -15.85 -32.99 28.52
C GLU A 816 -15.28 -32.11 29.61
N ASP A 817 -15.38 -32.54 30.88
CA ASP A 817 -14.81 -31.76 31.97
C ASP A 817 -13.32 -31.54 31.77
N LEU A 818 -12.57 -32.60 31.48
CA LEU A 818 -11.14 -32.43 31.31
C LEU A 818 -10.83 -31.69 30.01
N LEU A 819 -11.70 -31.81 29.00
CA LEU A 819 -11.50 -31.05 27.77
C LEU A 819 -11.59 -29.56 28.02
N PHE A 820 -12.59 -29.12 28.79
CA PHE A 820 -12.69 -27.71 29.15
C PHE A 820 -11.58 -27.30 30.12
N ASN A 821 -11.12 -28.23 30.97
CA ASN A 821 -10.00 -27.92 31.86
C ASN A 821 -8.72 -27.65 31.08
N LYS A 822 -8.45 -28.46 30.04
CA LYS A 822 -7.16 -28.39 29.37
C LYS A 822 -7.01 -27.09 28.57
N VAL A 823 -8.04 -26.70 27.84
CA VAL A 823 -7.97 -25.52 26.98
C VAL A 823 -8.18 -24.27 27.83
N THR A 824 -7.26 -23.32 27.72
CA THR A 824 -7.34 -22.08 28.48
C THR A 824 -8.12 -21.02 27.69
N LYS A 851 -8.68 -6.22 27.84
CA LYS A 851 -8.79 -5.63 26.51
C LYS A 851 -9.99 -4.70 26.43
N PHE A 852 -9.73 -3.40 26.58
CA PHE A 852 -10.77 -2.38 26.66
C PHE A 852 -10.60 -1.31 25.60
N ASN A 853 -9.93 -1.65 24.49
CA ASN A 853 -9.72 -0.72 23.40
C ASN A 853 -10.73 -0.91 22.28
N GLY A 854 -11.96 -1.27 22.61
CA GLY A 854 -12.99 -1.54 21.63
C GLY A 854 -13.16 -3.01 21.31
N LEU A 855 -12.24 -3.86 21.72
CA LEU A 855 -12.32 -5.29 21.47
C LEU A 855 -13.27 -5.92 22.48
N THR A 856 -14.46 -6.29 22.01
CA THR A 856 -15.47 -6.91 22.86
C THR A 856 -15.75 -8.32 22.35
N VAL A 857 -15.69 -9.29 23.26
CA VAL A 857 -15.95 -10.68 22.91
C VAL A 857 -17.45 -10.92 23.10
N LEU A 858 -18.19 -10.91 22.01
CA LEU A 858 -19.61 -11.18 22.07
C LEU A 858 -19.84 -12.62 22.53
N PRO A 859 -20.68 -12.84 23.53
CA PRO A 859 -20.95 -14.20 24.00
C PRO A 859 -21.58 -15.03 22.90
N PRO A 860 -21.24 -16.31 22.80
CA PRO A 860 -21.92 -17.19 21.85
C PRO A 860 -23.40 -17.26 22.19
N LEU A 861 -24.24 -17.33 21.15
CA LEU A 861 -25.67 -17.48 21.40
C LEU A 861 -25.95 -18.77 22.15
N LEU A 862 -25.29 -19.85 21.77
CA LEU A 862 -25.38 -21.11 22.50
C LEU A 862 -24.35 -21.11 23.61
N THR A 863 -24.81 -21.08 24.85
CA THR A 863 -23.91 -21.17 25.99
C THR A 863 -23.32 -22.58 26.07
N ASP A 864 -22.24 -22.71 26.84
CA ASP A 864 -21.60 -24.00 27.01
C ASP A 864 -22.56 -25.02 27.59
N GLU A 865 -23.51 -24.57 28.41
CA GLU A 865 -24.50 -25.48 28.98
C GLU A 865 -25.41 -26.05 27.91
N MET A 866 -25.97 -25.19 27.05
CA MET A 866 -26.86 -25.69 26.01
C MET A 866 -26.09 -26.35 24.88
N ILE A 867 -24.84 -25.95 24.66
CA ILE A 867 -24.00 -26.70 23.72
C ILE A 867 -23.79 -28.11 24.23
N ALA A 868 -23.51 -28.25 25.53
CA ALA A 868 -23.42 -29.56 26.13
C ALA A 868 -24.76 -30.28 26.06
N GLN A 869 -25.86 -29.53 26.06
CA GLN A 869 -27.17 -30.17 25.97
C GLN A 869 -27.43 -30.73 24.58
N TYR A 870 -27.08 -29.99 23.53
CA TYR A 870 -27.06 -30.57 22.20
C TYR A 870 -26.15 -31.77 22.12
N THR A 871 -24.97 -31.69 22.73
CA THR A 871 -24.05 -32.83 22.70
C THR A 871 -24.66 -34.05 23.38
N SER A 872 -25.33 -33.84 24.51
CA SER A 872 -26.00 -34.93 25.21
C SER A 872 -27.17 -35.47 24.41
N ALA A 873 -27.90 -34.59 23.72
CA ALA A 873 -28.99 -35.05 22.88
C ALA A 873 -28.48 -35.90 21.73
N LEU A 874 -27.40 -35.47 21.09
CA LEU A 874 -26.79 -36.27 20.03
C LEU A 874 -26.29 -37.61 20.58
N LEU A 875 -25.66 -37.58 21.75
CA LEU A 875 -25.18 -38.82 22.35
C LEU A 875 -26.33 -39.76 22.68
N ALA A 876 -27.41 -39.23 23.23
CA ALA A 876 -28.55 -40.07 23.58
C ALA A 876 -29.24 -40.64 22.35
N GLY A 877 -29.39 -39.82 21.31
CA GLY A 877 -29.94 -40.33 20.07
C GLY A 877 -29.06 -41.40 19.44
N THR A 878 -27.75 -41.18 19.46
CA THR A 878 -26.83 -42.17 18.93
C THR A 878 -26.90 -43.47 19.74
N ILE A 879 -26.98 -43.34 21.05
CA ILE A 879 -26.96 -44.52 21.92
C ILE A 879 -28.24 -45.34 21.78
N THR A 880 -29.39 -44.68 21.83
CA THR A 880 -30.67 -45.36 21.86
C THR A 880 -31.33 -45.47 20.49
N SER A 881 -31.51 -44.35 19.80
CA SER A 881 -32.12 -44.39 18.48
C SER A 881 -31.15 -44.93 17.43
N GLY A 882 -29.89 -44.50 17.48
CA GLY A 882 -28.93 -44.93 16.49
C GLY A 882 -28.67 -43.85 15.45
N TRP A 883 -28.67 -44.24 14.17
CA TRP A 883 -28.56 -43.24 13.12
C TRP A 883 -29.92 -42.76 12.64
N THR A 884 -31.01 -43.35 13.13
CA THR A 884 -32.33 -43.01 12.61
C THR A 884 -32.78 -41.62 13.03
N PHE A 885 -32.27 -41.12 14.15
CA PHE A 885 -32.72 -39.81 14.62
C PHE A 885 -32.26 -38.69 13.69
N GLY A 886 -31.28 -38.99 12.84
CA GLY A 886 -30.84 -38.00 11.86
C GLY A 886 -31.70 -38.00 10.61
N ALA A 887 -32.42 -39.09 10.38
CA ALA A 887 -33.25 -39.24 9.19
C ALA A 887 -34.72 -38.94 9.45
N GLY A 888 -35.05 -38.32 10.57
CA GLY A 888 -36.43 -38.00 10.89
C GLY A 888 -36.76 -38.30 12.33
N PRO A 889 -37.76 -39.16 12.53
CA PRO A 889 -38.09 -39.59 13.90
C PRO A 889 -36.94 -40.36 14.50
N ALA A 890 -36.82 -40.30 15.82
CA ALA A 890 -35.87 -41.16 16.52
C ALA A 890 -36.56 -42.46 16.91
N LEU A 891 -35.93 -43.57 16.56
CA LEU A 891 -36.53 -44.89 16.77
C LEU A 891 -35.59 -45.71 17.65
N GLN A 892 -36.07 -46.07 18.83
CA GLN A 892 -35.22 -46.74 19.82
C GLN A 892 -34.72 -48.08 19.29
N ILE A 893 -33.46 -48.37 19.56
CA ILE A 893 -32.83 -49.64 19.20
C ILE A 893 -31.85 -50.01 20.31
N PRO A 894 -31.85 -51.25 20.79
CA PRO A 894 -30.88 -51.65 21.81
C PRO A 894 -29.46 -51.46 21.28
N PHE A 895 -28.58 -50.95 22.15
CA PHE A 895 -27.25 -50.60 21.68
C PHE A 895 -26.47 -51.78 21.10
N PRO A 896 -26.53 -53.00 21.65
CA PRO A 896 -25.91 -54.12 20.92
C PRO A 896 -26.46 -54.28 19.51
N MET A 897 -27.76 -54.08 19.30
CA MET A 897 -28.30 -54.18 17.96
C MET A 897 -27.76 -53.07 17.06
N GLN A 898 -27.65 -51.85 17.60
CA GLN A 898 -27.06 -50.77 16.82
C GLN A 898 -25.62 -51.06 16.43
N MET A 899 -24.84 -51.60 17.37
CA MET A 899 -23.45 -51.89 17.05
C MET A 899 -23.35 -53.03 16.05
N ALA A 900 -24.25 -54.01 16.13
CA ALA A 900 -24.26 -55.06 15.12
C ALA A 900 -24.57 -54.51 13.75
N TYR A 901 -25.45 -53.51 13.68
CA TYR A 901 -25.75 -52.92 12.38
C TYR A 901 -24.60 -52.03 11.89
N ARG A 902 -23.87 -51.41 12.81
CA ARG A 902 -22.65 -50.72 12.42
C ARG A 902 -21.62 -51.70 11.84
N PHE A 903 -21.51 -52.88 12.45
CA PHE A 903 -20.67 -53.94 11.88
C PHE A 903 -21.12 -54.30 10.48
N ASN A 904 -22.41 -54.56 10.29
CA ASN A 904 -22.92 -54.83 8.95
C ASN A 904 -22.57 -53.71 7.99
N GLY A 905 -22.52 -52.48 8.50
CA GLY A 905 -22.13 -51.35 7.66
C GLY A 905 -20.67 -51.43 7.22
N ILE A 906 -19.77 -51.79 8.15
CA ILE A 906 -18.36 -51.84 7.79
C ILE A 906 -17.98 -53.12 7.04
N GLY A 907 -18.93 -54.00 6.76
CA GLY A 907 -18.66 -55.20 6.02
C GLY A 907 -18.44 -56.43 6.86
N VAL A 908 -18.14 -56.27 8.14
CA VAL A 908 -18.03 -57.40 9.05
C VAL A 908 -19.43 -57.83 9.45
N THR A 909 -19.75 -59.12 9.26
CA THR A 909 -21.08 -59.58 9.59
C THR A 909 -21.35 -59.39 11.08
N GLN A 910 -22.63 -59.21 11.41
CA GLN A 910 -23.03 -58.93 12.79
C GLN A 910 -22.85 -60.12 13.71
N ASN A 911 -22.50 -61.29 13.16
CA ASN A 911 -22.13 -62.43 13.99
C ASN A 911 -21.07 -62.05 15.00
N VAL A 912 -20.08 -61.26 14.57
CA VAL A 912 -18.90 -61.00 15.38
C VAL A 912 -19.27 -60.29 16.67
N LEU A 913 -20.14 -59.29 16.60
CA LEU A 913 -20.46 -58.51 17.79
C LEU A 913 -21.16 -59.35 18.84
N TYR A 914 -22.25 -60.01 18.45
CA TYR A 914 -22.99 -60.80 19.43
C TYR A 914 -22.15 -61.94 19.98
N GLU A 915 -21.33 -62.58 19.13
CA GLU A 915 -20.49 -63.66 19.63
C GLU A 915 -19.38 -63.11 20.53
N ASN A 916 -19.04 -61.83 20.38
CA ASN A 916 -18.02 -61.19 21.20
C ASN A 916 -18.53 -59.95 21.92
N GLN A 917 -19.77 -60.00 22.42
CA GLN A 917 -20.36 -58.83 23.03
C GLN A 917 -19.56 -58.37 24.25
N LYS A 918 -19.20 -59.31 25.12
CA LYS A 918 -18.45 -58.96 26.33
C LYS A 918 -17.08 -58.41 25.97
N LEU A 919 -16.37 -59.10 25.09
CA LEU A 919 -15.03 -58.67 24.71
C LEU A 919 -15.04 -57.31 24.02
N ILE A 920 -15.99 -57.09 23.11
CA ILE A 920 -16.04 -55.83 22.39
C ILE A 920 -16.44 -54.69 23.33
N ALA A 921 -17.38 -54.97 24.23
CA ALA A 921 -17.75 -53.96 25.22
C ALA A 921 -16.56 -53.59 26.09
N ASN A 922 -15.80 -54.60 26.53
CA ASN A 922 -14.62 -54.34 27.35
C ASN A 922 -13.57 -53.56 26.58
N GLN A 923 -13.35 -53.90 25.32
CA GLN A 923 -12.39 -53.16 24.50
C GLN A 923 -12.82 -51.72 24.32
N PHE A 924 -14.12 -51.49 24.10
CA PHE A 924 -14.63 -50.14 23.94
C PHE A 924 -14.46 -49.33 25.21
N ASN A 925 -14.77 -49.94 26.36
CA ASN A 925 -14.62 -49.25 27.64
C ASN A 925 -13.16 -48.92 27.92
N SER A 926 -12.27 -49.89 27.70
CA SER A 926 -10.85 -49.66 27.92
C SER A 926 -10.32 -48.60 26.96
N ALA A 927 -10.83 -48.59 25.73
CA ALA A 927 -10.43 -47.56 24.77
C ALA A 927 -10.85 -46.18 25.25
N ILE A 928 -12.06 -46.05 25.77
CA ILE A 928 -12.50 -44.75 26.29
C ILE A 928 -11.63 -44.34 27.48
N GLY A 929 -11.33 -45.28 28.37
CA GLY A 929 -10.47 -44.98 29.50
C GLY A 929 -9.09 -44.53 29.06
N LYS A 930 -8.54 -45.19 28.04
CA LYS A 930 -7.23 -44.81 27.53
C LYS A 930 -7.28 -43.44 26.87
N ILE A 931 -8.40 -43.10 26.23
CA ILE A 931 -8.59 -41.74 25.72
C ILE A 931 -8.54 -40.74 26.85
N GLN A 932 -9.23 -41.04 27.95
CA GLN A 932 -9.24 -40.14 29.10
C GLN A 932 -7.82 -39.95 29.64
N ASP A 933 -7.10 -41.05 29.82
CA ASP A 933 -5.74 -40.98 30.35
C ASP A 933 -4.80 -40.24 29.40
N SER A 934 -4.92 -40.49 28.09
CA SER A 934 -4.06 -39.82 27.13
C SER A 934 -4.33 -38.32 27.07
N LEU A 935 -5.61 -37.95 27.12
CA LEU A 935 -5.94 -36.52 27.16
C LEU A 935 -5.40 -35.87 28.42
N SER A 936 -5.53 -36.53 29.56
CA SER A 936 -5.04 -35.96 30.81
C SER A 936 -3.52 -35.82 30.79
N SER A 937 -2.82 -36.85 30.31
CA SER A 937 -1.36 -36.88 30.40
C SER A 937 -0.73 -35.95 29.37
N THR A 938 -1.21 -35.97 28.13
CA THR A 938 -0.55 -35.25 27.05
C THR A 938 -1.08 -33.83 26.98
N PRO A 939 -0.25 -32.82 27.24
CA PRO A 939 -0.74 -31.42 27.13
C PRO A 939 -1.18 -31.04 25.74
N SER A 940 -0.54 -31.59 24.70
CA SER A 940 -0.85 -31.24 23.33
C SER A 940 -1.90 -32.16 22.70
N ALA A 941 -2.71 -32.82 23.53
CA ALA A 941 -3.78 -33.65 22.98
C ALA A 941 -4.80 -32.80 22.23
N LEU A 942 -5.18 -31.66 22.79
CA LEU A 942 -6.08 -30.72 22.13
C LEU A 942 -5.31 -29.69 21.32
N GLY A 943 -4.43 -30.20 20.46
CA GLY A 943 -3.52 -29.33 19.75
C GLY A 943 -4.23 -28.40 18.79
N LYS A 944 -5.21 -28.90 18.05
CA LYS A 944 -5.89 -28.08 17.05
C LYS A 944 -6.63 -26.93 17.72
N LEU A 945 -7.41 -27.24 18.77
CA LEU A 945 -8.16 -26.19 19.47
C LEU A 945 -7.23 -25.20 20.13
N GLN A 946 -6.16 -25.68 20.78
CA GLN A 946 -5.24 -24.76 21.42
C GLN A 946 -4.54 -23.88 20.40
N ASP A 947 -4.23 -24.43 19.22
CA ASP A 947 -3.62 -23.63 18.17
C ASP A 947 -4.59 -22.58 17.66
N VAL A 948 -5.87 -22.92 17.52
CA VAL A 948 -6.87 -21.93 17.08
C VAL A 948 -6.97 -20.81 18.11
N VAL A 949 -7.06 -21.16 19.39
CA VAL A 949 -7.19 -20.16 20.43
C VAL A 949 -5.93 -19.29 20.49
N ASN A 950 -4.76 -19.92 20.33
CA ASN A 950 -3.51 -19.17 20.36
C ASN A 950 -3.39 -18.24 19.15
N GLN A 951 -3.84 -18.69 17.97
CA GLN A 951 -3.80 -17.82 16.81
C GLN A 951 -4.71 -16.62 17.00
N ASN A 952 -5.92 -16.85 17.49
CA ASN A 952 -6.83 -15.73 17.73
C ASN A 952 -6.27 -14.79 18.79
N ALA A 953 -5.70 -15.33 19.86
CA ALA A 953 -5.14 -14.49 20.91
C ALA A 953 -3.93 -13.71 20.41
N GLN A 954 -3.09 -14.34 19.59
CA GLN A 954 -1.95 -13.64 19.02
C GLN A 954 -2.40 -12.53 18.09
N ALA A 955 -3.43 -12.79 17.28
CA ALA A 955 -3.96 -11.74 16.41
C ALA A 955 -4.49 -10.58 17.23
N LEU A 956 -5.25 -10.87 18.28
CA LEU A 956 -5.80 -9.81 19.12
C LEU A 956 -4.70 -9.05 19.84
N ASN A 957 -3.68 -9.76 20.33
CA ASN A 957 -2.58 -9.11 21.03
C ASN A 957 -1.77 -8.24 20.08
N THR A 958 -1.53 -8.71 18.86
CA THR A 958 -0.84 -7.88 17.87
C THR A 958 -1.66 -6.65 17.52
N LEU A 959 -2.97 -6.82 17.35
CA LEU A 959 -3.85 -5.69 17.07
C LEU A 959 -3.80 -4.67 18.19
N VAL A 960 -3.80 -5.15 19.43
CA VAL A 960 -3.70 -4.26 20.58
C VAL A 960 -2.34 -3.57 20.61
N LYS A 961 -1.28 -4.31 20.31
CA LYS A 961 0.07 -3.75 20.36
C LYS A 961 0.27 -2.68 19.31
N GLN A 962 -0.38 -2.82 18.15
CA GLN A 962 -0.26 -1.80 17.12
C GLN A 962 -0.72 -0.44 17.61
N LEU A 963 -1.55 -0.40 18.65
CA LEU A 963 -1.90 0.87 19.27
C LEU A 963 -0.68 1.52 19.91
N SER A 964 0.34 0.73 20.22
CA SER A 964 1.55 1.28 20.84
C SER A 964 2.58 1.72 19.79
N SER A 965 2.34 1.40 18.52
CA SER A 965 3.30 1.74 17.48
C SER A 965 3.03 3.15 16.95
N ASN A 966 4.11 3.88 16.68
CA ASN A 966 4.00 5.29 16.31
C ASN A 966 3.42 5.47 14.91
N PHE A 967 3.70 4.54 14.01
CA PHE A 967 3.35 4.68 12.59
C PHE A 967 3.91 5.96 11.98
N GLY A 968 4.97 6.49 12.58
CA GLY A 968 5.54 7.75 12.15
C GLY A 968 4.97 8.97 12.87
N ALA A 969 3.93 8.80 13.68
CA ALA A 969 3.40 9.90 14.46
C ALA A 969 4.28 10.19 15.66
N ILE A 970 4.08 11.37 16.26
CA ILE A 970 4.93 11.77 17.38
C ILE A 970 4.68 10.86 18.58
N SER A 971 3.44 10.48 18.82
CA SER A 971 3.11 9.59 19.91
C SER A 971 2.02 8.63 19.46
N SER A 972 1.97 7.47 20.13
CA SER A 972 1.03 6.42 19.76
C SER A 972 -0.25 6.44 20.56
N VAL A 973 -0.44 7.41 21.45
CA VAL A 973 -1.66 7.56 22.21
C VAL A 973 -2.38 8.82 21.73
N LEU A 974 -3.64 8.65 21.31
CA LEU A 974 -4.37 9.76 20.70
C LEU A 974 -4.60 10.89 21.69
N ASN A 975 -4.81 10.56 22.96
CA ASN A 975 -5.12 11.59 23.94
C ASN A 975 -3.96 12.55 24.13
N ASP A 976 -2.72 12.04 24.10
CA ASP A 976 -1.56 12.90 24.28
C ASP A 976 -1.41 13.89 23.12
N ILE A 977 -1.43 13.39 21.89
CA ILE A 977 -1.28 14.27 20.73
C ILE A 977 -2.46 15.22 20.64
N LEU A 978 -3.65 14.77 21.06
CA LEU A 978 -4.82 15.62 21.05
C LEU A 978 -4.72 16.71 22.11
N SER A 979 -3.98 16.45 23.19
CA SER A 979 -3.75 17.48 24.19
C SER A 979 -2.47 18.25 23.91
N ARG A 980 -1.63 17.75 23.01
CA ARG A 980 -0.35 18.36 22.70
C ARG A 980 -0.37 19.26 21.47
N LEU A 981 -1.21 18.95 20.49
CA LEU A 981 -1.18 19.62 19.20
C LEU A 981 -2.56 20.18 18.86
N ASP A 982 -2.59 21.43 18.43
CA ASP A 982 -3.83 22.05 17.97
C ASP A 982 -4.26 21.41 16.64
N PRO A 983 -5.57 21.39 16.37
CA PRO A 983 -6.10 20.56 15.27
C PRO A 983 -5.44 20.81 13.93
N PRO A 984 -5.09 22.07 13.57
CA PRO A 984 -4.45 22.27 12.24
C PRO A 984 -3.25 21.37 11.98
N GLU A 985 -2.27 21.33 12.89
CA GLU A 985 -1.14 20.42 12.68
C GLU A 985 -1.31 19.12 13.45
N ALA A 986 -2.29 19.05 14.34
CA ALA A 986 -2.59 17.77 14.99
C ALA A 986 -3.19 16.79 14.00
N GLU A 987 -3.91 17.29 13.01
CA GLU A 987 -4.66 16.41 12.12
C GLU A 987 -3.73 15.57 11.26
N VAL A 988 -2.53 16.07 10.96
CA VAL A 988 -1.59 15.28 10.17
C VAL A 988 -1.08 14.08 10.98
N GLN A 989 -0.78 14.30 12.27
CA GLN A 989 -0.33 13.19 13.10
C GLN A 989 -1.47 12.21 13.35
N ILE A 990 -2.68 12.73 13.60
CA ILE A 990 -3.82 11.86 13.77
C ILE A 990 -4.10 11.09 12.49
N ASP A 991 -3.83 11.69 11.34
CA ASP A 991 -4.00 10.99 10.07
C ASP A 991 -2.96 9.91 9.89
N ARG A 992 -1.72 10.17 10.33
CA ARG A 992 -0.71 9.13 10.32
C ARG A 992 -1.15 7.94 11.17
N LEU A 993 -1.62 8.22 12.39
CA LEU A 993 -2.09 7.15 13.26
C LEU A 993 -3.31 6.46 12.68
N ILE A 994 -4.20 7.22 12.04
CA ILE A 994 -5.41 6.64 11.46
C ILE A 994 -5.04 5.70 10.32
N THR A 995 -4.13 6.14 9.45
CA THR A 995 -3.69 5.29 8.35
C THR A 995 -3.02 4.03 8.87
N GLY A 996 -2.13 4.19 9.86
CA GLY A 996 -1.46 3.02 10.41
C GLY A 996 -2.41 2.05 11.10
N ARG A 997 -3.29 2.57 11.95
CA ARG A 997 -4.22 1.70 12.67
C ARG A 997 -5.26 1.11 11.73
N LEU A 998 -5.63 1.83 10.68
CA LEU A 998 -6.56 1.30 9.70
C LEU A 998 -5.90 0.21 8.87
N GLN A 999 -4.62 0.38 8.53
CA GLN A 999 -3.88 -0.70 7.88
C GLN A 999 -3.78 -1.92 8.78
N SER A 1000 -3.49 -1.70 10.06
CA SER A 1000 -3.39 -2.81 11.01
C SER A 1000 -4.73 -3.51 11.17
N LEU A 1001 -5.81 -2.73 11.26
CA LEU A 1001 -7.14 -3.31 11.42
C LEU A 1001 -7.59 -4.01 10.15
N GLN A 1002 -7.28 -3.46 8.98
CA GLN A 1002 -7.59 -4.13 7.73
C GLN A 1002 -6.83 -5.45 7.63
N THR A 1003 -5.55 -5.44 8.01
CA THR A 1003 -4.78 -6.68 8.01
C THR A 1003 -5.38 -7.68 8.99
N TYR A 1004 -5.76 -7.22 10.18
CA TYR A 1004 -6.35 -8.11 11.17
C TYR A 1004 -7.66 -8.69 10.68
N VAL A 1005 -8.49 -7.85 10.05
CA VAL A 1005 -9.80 -8.29 9.58
C VAL A 1005 -9.64 -9.24 8.41
N THR A 1006 -8.67 -9.00 7.54
CA THR A 1006 -8.42 -9.92 6.43
C THR A 1006 -7.90 -11.26 6.94
N GLN A 1007 -6.98 -11.22 7.91
CA GLN A 1007 -6.51 -12.47 8.52
C GLN A 1007 -7.66 -13.19 9.19
N GLN A 1008 -8.55 -12.46 9.87
CA GLN A 1008 -9.69 -13.07 10.52
C GLN A 1008 -10.65 -13.65 9.50
N LEU A 1009 -10.81 -12.99 8.35
CA LEU A 1009 -11.70 -13.50 7.31
C LEU A 1009 -11.14 -14.78 6.70
N ILE A 1010 -9.84 -14.81 6.43
CA ILE A 1010 -9.24 -16.03 5.90
C ILE A 1010 -9.26 -17.15 6.94
N ARG A 1011 -8.95 -16.81 8.20
CA ARG A 1011 -8.98 -17.80 9.27
C ARG A 1011 -10.41 -18.27 9.52
N ALA A 1012 -11.39 -17.39 9.32
CA ALA A 1012 -12.78 -17.78 9.51
C ALA A 1012 -13.27 -18.60 8.34
N ALA A 1013 -12.71 -18.39 7.15
CA ALA A 1013 -12.96 -19.31 6.05
C ALA A 1013 -12.39 -20.69 6.36
N GLU A 1014 -11.20 -20.72 6.95
CA GLU A 1014 -10.62 -21.99 7.39
C GLU A 1014 -11.47 -22.65 8.46
N ILE A 1015 -11.95 -21.86 9.43
CA ILE A 1015 -12.80 -22.38 10.50
C ILE A 1015 -14.15 -22.80 9.95
N ARG A 1016 -14.63 -22.14 8.89
CA ARG A 1016 -15.90 -22.53 8.29
C ARG A 1016 -15.74 -23.81 7.49
N ALA A 1017 -14.60 -24.00 6.85
CA ALA A 1017 -14.30 -25.29 6.25
C ALA A 1017 -14.23 -26.36 7.31
N SER A 1018 -13.60 -26.05 8.44
CA SER A 1018 -13.54 -26.99 9.56
C SER A 1018 -14.92 -27.27 10.13
N ALA A 1019 -15.79 -26.25 10.13
CA ALA A 1019 -17.12 -26.41 10.70
C ALA A 1019 -18.03 -27.19 9.76
N ASN A 1020 -17.89 -26.99 8.46
CA ASN A 1020 -18.60 -27.83 7.50
C ASN A 1020 -18.09 -29.25 7.54
N LEU A 1021 -16.78 -29.42 7.75
CA LEU A 1021 -16.21 -30.75 7.94
C LEU A 1021 -16.76 -31.40 9.21
N ALA A 1022 -16.86 -30.63 10.29
CA ALA A 1022 -17.41 -31.16 11.53
C ALA A 1022 -18.88 -31.50 11.37
N ALA A 1023 -19.63 -30.66 10.66
CA ALA A 1023 -21.04 -30.93 10.41
C ALA A 1023 -21.20 -32.20 9.59
N THR A 1024 -20.37 -32.38 8.56
CA THR A 1024 -20.45 -33.58 7.74
C THR A 1024 -20.04 -34.81 8.54
N LYS A 1025 -19.00 -34.69 9.36
CA LYS A 1025 -18.58 -35.80 10.21
C LYS A 1025 -19.68 -36.17 11.18
N MET A 1026 -20.33 -35.19 11.79
CA MET A 1026 -21.49 -35.45 12.64
C MET A 1026 -22.59 -36.11 11.83
N SER A 1027 -22.83 -35.64 10.60
CA SER A 1027 -23.97 -36.08 9.82
C SER A 1027 -23.87 -37.54 9.42
N GLU A 1028 -22.74 -37.96 8.85
CA GLU A 1028 -22.66 -39.40 8.53
C GLU A 1028 -21.68 -40.18 9.38
N CYS A 1029 -21.29 -39.69 10.55
CA CYS A 1029 -20.57 -40.49 11.53
C CYS A 1029 -21.32 -40.55 12.85
N VAL A 1030 -21.81 -39.42 13.36
CA VAL A 1030 -22.64 -39.46 14.55
C VAL A 1030 -24.07 -39.85 14.19
N LEU A 1031 -24.62 -39.23 13.16
CA LEU A 1031 -25.99 -39.48 12.71
C LEU A 1031 -26.06 -40.61 11.70
N GLY A 1032 -24.94 -41.26 11.40
CA GLY A 1032 -24.91 -42.35 10.44
C GLY A 1032 -23.56 -43.02 10.50
N GLN A 1033 -23.35 -43.95 9.57
CA GLN A 1033 -22.08 -44.66 9.45
C GLN A 1033 -21.46 -44.35 8.10
N SER A 1034 -20.28 -43.73 8.12
CA SER A 1034 -19.63 -43.28 6.89
C SER A 1034 -18.77 -44.40 6.30
N LYS A 1035 -19.01 -44.71 5.04
CA LYS A 1035 -18.17 -45.63 4.29
C LYS A 1035 -16.96 -44.95 3.65
N ARG A 1036 -16.83 -43.63 3.82
CA ARG A 1036 -15.65 -42.94 3.32
C ARG A 1036 -14.44 -43.33 4.15
N VAL A 1037 -13.46 -43.95 3.50
CA VAL A 1037 -12.32 -44.51 4.22
C VAL A 1037 -11.44 -43.40 4.75
N ASP A 1038 -11.05 -43.52 6.01
CA ASP A 1038 -10.23 -42.59 6.78
C ASP A 1038 -10.90 -41.23 6.96
N PHE A 1039 -12.18 -41.10 6.63
CA PHE A 1039 -12.89 -39.85 6.89
C PHE A 1039 -13.15 -39.66 8.39
N CYS A 1040 -13.65 -40.71 9.05
CA CYS A 1040 -13.93 -40.67 10.49
C CYS A 1040 -13.12 -41.79 11.15
N GLY A 1041 -11.88 -41.47 11.50
CA GLY A 1041 -11.02 -42.40 12.20
C GLY A 1041 -10.33 -43.37 11.26
N LYS A 1042 -9.10 -43.75 11.65
CA LYS A 1042 -8.30 -44.68 10.88
C LYS A 1042 -8.85 -46.08 11.07
N GLY A 1043 -9.55 -46.58 10.08
CA GLY A 1043 -10.12 -47.90 10.11
C GLY A 1043 -11.53 -47.87 9.58
N TYR A 1044 -12.22 -49.01 9.68
CA TYR A 1044 -13.61 -49.10 9.27
C TYR A 1044 -14.47 -48.45 10.35
N HIS A 1045 -14.91 -47.22 10.09
CA HIS A 1045 -15.57 -46.42 11.12
C HIS A 1045 -16.88 -47.04 11.56
N LEU A 1046 -17.10 -47.08 12.88
CA LEU A 1046 -18.30 -47.65 13.47
C LEU A 1046 -19.26 -46.58 13.99
N MET A 1047 -18.80 -45.73 14.89
CA MET A 1047 -19.62 -44.68 15.48
C MET A 1047 -18.76 -43.46 15.71
N SER A 1048 -19.41 -42.36 16.05
CA SER A 1048 -18.70 -41.18 16.51
C SER A 1048 -19.53 -40.51 17.58
N PHE A 1049 -18.88 -40.21 18.71
CA PHE A 1049 -19.52 -39.55 19.83
C PHE A 1049 -19.02 -38.12 19.90
N PRO A 1050 -19.86 -37.13 19.59
CA PRO A 1050 -19.41 -35.74 19.76
C PRO A 1050 -19.18 -35.43 21.22
N GLN A 1051 -18.20 -34.58 21.48
CA GLN A 1051 -17.89 -34.10 22.82
C GLN A 1051 -17.57 -32.63 22.73
N SER A 1052 -18.44 -31.79 23.29
CA SER A 1052 -18.22 -30.35 23.23
C SER A 1052 -16.90 -29.99 23.90
N ALA A 1053 -16.13 -29.15 23.22
CA ALA A 1053 -14.83 -28.68 23.69
C ALA A 1053 -14.77 -27.18 23.46
N PRO A 1054 -13.93 -26.47 24.20
CA PRO A 1054 -13.92 -25.00 24.10
C PRO A 1054 -13.68 -24.52 22.68
N HIS A 1055 -14.70 -23.88 22.11
CA HIS A 1055 -14.63 -23.32 20.76
C HIS A 1055 -14.26 -24.38 19.74
N GLY A 1056 -14.93 -25.52 19.82
CA GLY A 1056 -14.67 -26.60 18.88
C GLY A 1056 -15.49 -27.82 19.25
N VAL A 1057 -15.19 -28.92 18.57
CA VAL A 1057 -15.84 -30.20 18.82
C VAL A 1057 -14.77 -31.28 18.83
N VAL A 1058 -15.05 -32.35 19.55
CA VAL A 1058 -14.16 -33.51 19.63
C VAL A 1058 -14.98 -34.76 19.34
N PHE A 1059 -14.51 -35.57 18.40
CA PHE A 1059 -15.17 -36.81 18.02
C PHE A 1059 -14.38 -37.99 18.56
N LEU A 1060 -15.07 -38.97 19.11
CA LEU A 1060 -14.45 -40.23 19.50
C LEU A 1060 -14.80 -41.27 18.44
N HIS A 1061 -14.03 -41.29 17.36
CA HIS A 1061 -14.35 -42.12 16.21
C HIS A 1061 -14.10 -43.58 16.57
N VAL A 1062 -15.14 -44.26 17.04
CA VAL A 1062 -15.03 -45.68 17.30
C VAL A 1062 -14.84 -46.40 15.97
N THR A 1063 -13.67 -47.00 15.77
CA THR A 1063 -13.32 -47.61 14.51
C THR A 1063 -12.92 -49.07 14.72
N TYR A 1064 -13.23 -49.90 13.74
CA TYR A 1064 -12.88 -51.31 13.76
C TYR A 1064 -11.54 -51.48 13.05
N VAL A 1065 -10.50 -51.83 13.79
CA VAL A 1065 -9.16 -52.01 13.26
C VAL A 1065 -8.76 -53.46 13.48
N PRO A 1066 -8.61 -54.27 12.43
CA PRO A 1066 -8.17 -55.65 12.61
C PRO A 1066 -6.73 -55.72 13.12
N ALA A 1067 -6.43 -56.78 13.87
CA ALA A 1067 -5.13 -56.83 14.52
C ALA A 1067 -4.26 -58.02 14.10
N GLN A 1068 -4.79 -59.23 14.19
CA GLN A 1068 -3.97 -60.44 14.06
C GLN A 1068 -4.28 -61.13 12.74
N GLU A 1069 -3.43 -60.89 11.74
CA GLU A 1069 -3.63 -61.48 10.42
C GLU A 1069 -2.93 -62.82 10.31
N LYS A 1070 -3.53 -63.73 9.54
CA LYS A 1070 -2.96 -65.04 9.28
C LYS A 1070 -2.86 -65.24 7.78
N ASN A 1071 -1.67 -65.64 7.32
CA ASN A 1071 -1.43 -65.79 5.89
C ASN A 1071 -2.01 -67.10 5.38
N PHE A 1072 -2.72 -67.03 4.26
CA PHE A 1072 -3.43 -68.19 3.71
C PHE A 1072 -3.20 -68.28 2.22
N THR A 1073 -3.53 -69.43 1.65
CA THR A 1073 -3.45 -69.66 0.22
C THR A 1073 -4.83 -69.46 -0.40
N THR A 1074 -4.90 -68.61 -1.42
CA THR A 1074 -6.16 -68.21 -2.02
C THR A 1074 -6.21 -68.53 -3.50
N ALA A 1075 -7.42 -68.61 -4.03
CA ALA A 1075 -7.67 -68.77 -5.45
C ALA A 1075 -8.81 -67.88 -5.88
N PRO A 1076 -8.78 -67.34 -7.10
CA PRO A 1076 -9.87 -66.47 -7.55
C PRO A 1076 -11.22 -67.17 -7.59
N ALA A 1077 -11.24 -68.47 -7.80
CA ALA A 1077 -12.49 -69.19 -8.00
C ALA A 1077 -12.40 -70.56 -7.36
N ILE A 1078 -13.43 -71.37 -7.59
CA ILE A 1078 -13.45 -72.77 -7.22
C ILE A 1078 -14.13 -73.54 -8.35
N CYS A 1079 -13.46 -74.57 -8.86
CA CYS A 1079 -13.97 -75.36 -9.98
C CYS A 1079 -14.60 -76.63 -9.43
N HIS A 1080 -15.92 -76.74 -9.54
CA HIS A 1080 -16.64 -77.97 -9.21
C HIS A 1080 -17.50 -78.37 -10.40
N ASP A 1081 -17.38 -79.64 -10.80
CA ASP A 1081 -18.13 -80.18 -11.93
C ASP A 1081 -17.88 -79.37 -13.21
N GLY A 1082 -16.71 -78.74 -13.31
CA GLY A 1082 -16.34 -78.00 -14.49
C GLY A 1082 -16.91 -76.61 -14.60
N LYS A 1083 -17.71 -76.17 -13.64
CA LYS A 1083 -18.29 -74.84 -13.65
C LYS A 1083 -17.70 -74.02 -12.51
N ALA A 1084 -17.21 -72.82 -12.84
CA ALA A 1084 -16.54 -72.00 -11.85
C ALA A 1084 -17.52 -71.52 -10.80
N HIS A 1085 -17.09 -71.56 -9.54
CA HIS A 1085 -17.89 -71.06 -8.42
C HIS A 1085 -17.16 -69.87 -7.82
N PHE A 1086 -17.80 -68.72 -7.83
CA PHE A 1086 -17.17 -67.58 -7.20
C PHE A 1086 -17.77 -67.35 -5.82
N PRO A 1087 -17.05 -66.70 -4.91
CA PRO A 1087 -17.63 -66.46 -3.58
C PRO A 1087 -18.70 -65.39 -3.65
N ARG A 1088 -19.89 -65.71 -3.13
CA ARG A 1088 -20.98 -64.74 -3.15
C ARG A 1088 -20.61 -63.49 -2.37
N GLU A 1089 -20.01 -63.67 -1.19
CA GLU A 1089 -19.52 -62.55 -0.40
C GLU A 1089 -18.44 -63.08 0.53
N GLY A 1090 -17.20 -62.71 0.25
CA GLY A 1090 -16.07 -63.16 1.04
C GLY A 1090 -14.88 -63.45 0.16
N VAL A 1091 -13.93 -64.21 0.72
CA VAL A 1091 -12.68 -64.56 0.06
C VAL A 1091 -12.53 -66.07 0.13
N PHE A 1092 -12.03 -66.66 -0.95
CA PHE A 1092 -11.68 -68.08 -0.95
C PHE A 1092 -10.29 -68.26 -0.39
N VAL A 1093 -10.18 -69.01 0.72
CA VAL A 1093 -8.91 -69.21 1.41
C VAL A 1093 -8.78 -70.66 1.81
N SER A 1094 -7.56 -71.04 2.18
CA SER A 1094 -7.31 -72.41 2.63
C SER A 1094 -6.13 -72.41 3.59
N ASN A 1095 -6.16 -73.35 4.54
CA ASN A 1095 -5.06 -73.57 5.45
C ASN A 1095 -4.14 -74.70 5.00
N GLY A 1096 -4.42 -75.30 3.84
CA GLY A 1096 -3.69 -76.47 3.38
C GLY A 1096 -4.56 -77.71 3.35
N THR A 1097 -4.93 -78.14 2.15
CA THR A 1097 -5.79 -79.28 1.83
C THR A 1097 -7.23 -79.08 2.27
N HIS A 1098 -7.58 -77.92 2.84
CA HIS A 1098 -8.96 -77.63 3.22
C HIS A 1098 -9.27 -76.19 2.83
N TRP A 1099 -10.21 -76.03 1.88
CA TRP A 1099 -10.53 -74.73 1.31
C TRP A 1099 -11.76 -74.17 1.99
N PHE A 1100 -11.69 -72.91 2.41
CA PHE A 1100 -12.75 -72.25 3.14
C PHE A 1100 -13.04 -70.88 2.55
N VAL A 1101 -14.29 -70.46 2.64
CA VAL A 1101 -14.71 -69.12 2.25
C VAL A 1101 -14.85 -68.27 3.51
N THR A 1102 -14.28 -67.07 3.48
CA THR A 1102 -14.18 -66.24 4.66
C THR A 1102 -14.52 -64.80 4.31
N GLN A 1103 -15.29 -64.16 5.19
CA GLN A 1103 -15.54 -62.74 5.02
C GLN A 1103 -14.23 -61.97 5.02
N ARG A 1104 -14.24 -60.81 4.35
CA ARG A 1104 -12.99 -60.13 4.03
C ARG A 1104 -12.25 -59.66 5.29
N ASN A 1105 -12.99 -59.14 6.28
CA ASN A 1105 -12.37 -58.42 7.37
C ASN A 1105 -12.33 -59.18 8.69
N PHE A 1106 -12.57 -60.50 8.68
CA PHE A 1106 -12.51 -61.29 9.91
C PHE A 1106 -12.46 -62.75 9.53
N TYR A 1107 -11.50 -63.47 10.11
CA TYR A 1107 -11.29 -64.87 9.76
C TYR A 1107 -12.39 -65.71 10.38
N GLU A 1108 -13.39 -66.05 9.59
CA GLU A 1108 -14.46 -66.96 9.98
C GLU A 1108 -14.61 -68.00 8.89
N PRO A 1109 -13.78 -69.04 8.91
CA PRO A 1109 -13.85 -70.06 7.85
C PRO A 1109 -15.19 -70.78 7.84
N GLN A 1110 -15.72 -71.00 6.64
CA GLN A 1110 -16.97 -71.72 6.45
C GLN A 1110 -16.80 -72.71 5.31
N ILE A 1111 -17.44 -73.86 5.44
CA ILE A 1111 -17.38 -74.85 4.37
C ILE A 1111 -18.02 -74.27 3.12
N ILE A 1112 -17.50 -74.68 1.96
CA ILE A 1112 -17.99 -74.10 0.71
C ILE A 1112 -19.35 -74.69 0.38
N THR A 1113 -20.31 -73.81 0.09
CA THR A 1113 -21.68 -74.22 -0.16
C THR A 1113 -22.24 -73.41 -1.31
N THR A 1114 -23.26 -73.96 -1.98
CA THR A 1114 -23.92 -73.22 -3.04
C THR A 1114 -24.60 -71.98 -2.52
N ASP A 1115 -24.87 -71.92 -1.20
CA ASP A 1115 -25.50 -70.74 -0.62
C ASP A 1115 -24.60 -69.52 -0.71
N ASN A 1116 -23.31 -69.68 -0.42
CA ASN A 1116 -22.37 -68.57 -0.47
C ASN A 1116 -21.46 -68.61 -1.70
N THR A 1117 -21.80 -69.41 -2.70
CA THR A 1117 -21.06 -69.45 -3.96
C THR A 1117 -22.05 -69.42 -5.12
N PHE A 1118 -21.81 -68.54 -6.08
CA PHE A 1118 -22.64 -68.46 -7.27
C PHE A 1118 -21.85 -68.90 -8.49
N VAL A 1119 -22.45 -69.78 -9.29
CA VAL A 1119 -21.78 -70.32 -10.46
C VAL A 1119 -21.65 -69.24 -11.52
N SER A 1120 -20.53 -69.25 -12.25
CA SER A 1120 -20.27 -68.21 -13.24
C SER A 1120 -19.33 -68.74 -14.32
N GLY A 1121 -19.90 -69.15 -15.45
CA GLY A 1121 -19.11 -69.49 -16.63
C GLY A 1121 -18.49 -70.86 -16.53
N ASN A 1122 -17.51 -71.08 -17.42
CA ASN A 1122 -16.80 -72.34 -17.49
C ASN A 1122 -15.46 -72.25 -16.78
N CYS A 1123 -14.88 -73.41 -16.50
CA CYS A 1123 -13.65 -73.48 -15.70
C CYS A 1123 -12.47 -72.86 -16.42
N ASP A 1124 -12.29 -73.17 -17.70
CA ASP A 1124 -11.03 -72.85 -18.38
C ASP A 1124 -10.86 -71.36 -18.60
N VAL A 1125 -11.95 -70.60 -18.51
CA VAL A 1125 -11.88 -69.18 -18.84
C VAL A 1125 -10.99 -68.42 -17.85
N VAL A 1126 -11.10 -68.73 -16.57
CA VAL A 1126 -10.36 -68.01 -15.55
C VAL A 1126 -9.04 -68.70 -15.26
N ILE A 1127 -8.00 -67.90 -15.00
CA ILE A 1127 -6.68 -68.38 -14.65
C ILE A 1127 -6.51 -68.25 -13.14
N GLY A 1128 -5.97 -69.29 -12.51
CA GLY A 1128 -5.85 -69.35 -11.07
C GLY A 1128 -6.94 -70.15 -10.39
N ILE A 1129 -7.91 -70.69 -11.14
CA ILE A 1129 -8.95 -71.51 -10.55
C ILE A 1129 -8.32 -72.80 -10.03
N VAL A 1130 -8.90 -73.33 -8.96
CA VAL A 1130 -8.40 -74.54 -8.31
C VAL A 1130 -9.54 -75.55 -8.20
N ASN A 1131 -9.23 -76.82 -8.46
CA ASN A 1131 -10.23 -77.86 -8.25
C ASN A 1131 -10.53 -78.00 -6.77
N ASN A 1132 -11.80 -78.27 -6.47
CA ASN A 1132 -12.24 -78.42 -5.09
C ASN A 1132 -13.62 -79.06 -5.11
N THR A 1133 -14.23 -79.18 -3.94
CA THR A 1133 -15.60 -79.63 -3.80
C THR A 1133 -16.41 -78.53 -3.13
N VAL A 1134 -17.65 -78.37 -3.56
CA VAL A 1134 -18.57 -77.40 -2.96
C VAL A 1134 -19.76 -78.18 -2.40
N TYR A 1135 -20.04 -77.98 -1.12
CA TYR A 1135 -21.11 -78.73 -0.48
C TYR A 1135 -22.46 -78.21 -0.91
N ASP A 1136 -23.36 -79.14 -1.23
CA ASP A 1136 -24.73 -78.79 -1.54
C ASP A 1136 -25.73 -79.51 -0.63
N PRO A 1137 -26.63 -78.77 0.03
CA PRO A 1137 -27.36 -79.36 1.16
C PRO A 1137 -28.48 -80.32 0.76
N LEU A 1138 -28.80 -80.44 -0.52
CA LEU A 1138 -30.04 -81.11 -0.89
C LEU A 1138 -29.96 -82.63 -0.78
N GLN A 1139 -28.83 -83.23 -1.17
CA GLN A 1139 -28.74 -84.69 -1.19
C GLN A 1139 -28.93 -85.37 0.16
N PRO A 1140 -28.41 -84.85 1.29
CA PRO A 1140 -28.73 -85.52 2.57
C PRO A 1140 -30.23 -85.59 2.84
N GLU A 1141 -31.00 -84.61 2.40
CA GLU A 1141 -32.45 -84.71 2.50
C GLU A 1141 -33.03 -85.66 1.45
N LEU A 1142 -32.44 -85.66 0.25
CA LEU A 1142 -32.94 -86.52 -0.82
C LEU A 1142 -32.82 -87.99 -0.45
N ASP A 1143 -31.67 -88.39 0.11
CA ASP A 1143 -31.50 -89.78 0.51
C ASP A 1143 -32.46 -90.17 1.62
N SER A 1144 -32.66 -89.29 2.59
CA SER A 1144 -33.57 -89.55 3.69
C SER A 1144 -35.01 -89.18 3.31
N PRO B 26 -49.86 30.73 26.63
CA PRO B 26 -49.31 29.90 25.55
C PRO B 26 -49.74 28.45 25.64
N ALA B 27 -49.59 27.70 24.55
CA ALA B 27 -49.95 26.30 24.50
C ALA B 27 -48.77 25.51 23.94
N TYR B 28 -48.93 24.19 23.91
CA TYR B 28 -47.88 23.29 23.45
C TYR B 28 -48.53 22.15 22.66
N THR B 29 -48.51 22.27 21.34
CA THR B 29 -49.05 21.23 20.47
C THR B 29 -47.92 20.28 20.06
N ASN B 30 -48.27 19.10 19.56
CA ASN B 30 -47.29 18.10 19.16
C ASN B 30 -47.01 18.25 17.67
N SER B 31 -45.72 18.33 17.32
CA SER B 31 -45.34 18.59 15.94
C SER B 31 -45.75 17.44 15.02
N PHE B 32 -45.87 16.25 15.57
CA PHE B 32 -46.15 15.03 14.79
C PHE B 32 -45.02 14.87 13.79
N THR B 33 -45.29 14.65 12.51
CA THR B 33 -44.24 14.43 11.52
C THR B 33 -44.00 15.65 10.62
N ARG B 34 -44.50 16.81 11.00
CA ARG B 34 -44.36 17.99 10.17
C ARG B 34 -42.94 18.56 10.26
N GLY B 35 -42.64 19.47 9.35
CA GLY B 35 -41.36 20.13 9.31
C GLY B 35 -40.34 19.54 8.36
N VAL B 36 -40.72 18.54 7.56
CA VAL B 36 -39.81 17.88 6.64
C VAL B 36 -39.98 18.48 5.25
N TYR B 37 -38.87 18.96 4.69
CA TYR B 37 -38.87 19.60 3.38
C TYR B 37 -37.96 18.85 2.42
N TYR B 38 -37.76 19.44 1.25
CA TYR B 38 -36.81 18.90 0.30
C TYR B 38 -35.42 19.46 0.62
N PRO B 39 -34.47 18.61 1.02
CA PRO B 39 -33.18 19.14 1.44
C PRO B 39 -32.33 19.62 0.28
N ASP B 40 -32.48 19.02 -0.89
CA ASP B 40 -31.63 19.33 -2.04
C ASP B 40 -32.48 19.42 -3.29
N LYS B 41 -31.88 19.95 -4.35
CA LYS B 41 -32.52 20.06 -5.65
C LYS B 41 -32.30 18.82 -6.51
N VAL B 42 -32.10 17.65 -5.90
CA VAL B 42 -31.81 16.45 -6.68
C VAL B 42 -33.06 15.59 -6.79
N PHE B 43 -33.32 15.09 -8.00
CA PHE B 43 -34.46 14.26 -8.29
C PHE B 43 -34.11 12.79 -8.07
N ARG B 44 -34.95 12.08 -7.34
CA ARG B 44 -34.77 10.66 -7.11
C ARG B 44 -36.12 9.96 -7.23
N SER B 45 -36.11 8.79 -7.86
CA SER B 45 -37.33 8.03 -8.14
C SER B 45 -37.34 6.78 -7.29
N SER B 46 -38.30 6.71 -6.36
CA SER B 46 -38.46 5.55 -5.47
C SER B 46 -37.15 5.23 -4.74
N VAL B 47 -36.50 6.27 -4.24
CA VAL B 47 -35.20 6.16 -3.60
C VAL B 47 -35.34 6.53 -2.13
N LEU B 48 -34.92 5.62 -1.25
CA LEU B 48 -34.86 5.89 0.18
C LEU B 48 -33.49 6.48 0.50
N HIS B 49 -33.40 7.80 0.48
CA HIS B 49 -32.13 8.50 0.62
C HIS B 49 -32.03 9.14 1.99
N SER B 50 -30.87 8.99 2.62
CA SER B 50 -30.65 9.54 3.96
C SER B 50 -30.02 10.93 3.86
N THR B 51 -30.64 11.90 4.52
CA THR B 51 -30.18 13.28 4.48
C THR B 51 -29.94 13.77 5.89
N GLN B 52 -28.84 14.49 6.10
CA GLN B 52 -28.52 15.11 7.38
C GLN B 52 -28.54 16.61 7.20
N ASP B 53 -29.50 17.29 7.84
CA ASP B 53 -29.64 18.73 7.72
C ASP B 53 -30.46 19.23 8.88
N LEU B 54 -30.39 20.54 9.12
CA LEU B 54 -31.16 21.15 10.19
C LEU B 54 -32.65 20.94 9.96
N PHE B 55 -33.28 20.20 10.87
CA PHE B 55 -34.62 19.69 10.68
C PHE B 55 -35.44 19.90 11.93
N LEU B 56 -36.76 19.86 11.77
CA LEU B 56 -37.66 19.86 12.92
C LEU B 56 -37.79 18.45 13.47
N PRO B 57 -37.48 18.20 14.73
CA PRO B 57 -37.57 16.84 15.28
C PRO B 57 -39.00 16.33 15.26
N PHE B 58 -39.14 15.02 15.09
CA PHE B 58 -40.45 14.39 15.13
C PHE B 58 -40.99 14.37 16.56
N PHE B 59 -42.31 14.55 16.67
CA PHE B 59 -43.03 14.40 17.94
C PHE B 59 -42.42 15.26 19.04
N SER B 60 -42.27 16.55 18.74
CA SER B 60 -41.80 17.53 19.70
C SER B 60 -42.84 18.62 19.88
N ASN B 61 -42.82 19.27 21.05
CA ASN B 61 -43.70 20.41 21.26
C ASN B 61 -43.41 21.54 20.28
N VAL B 62 -44.47 22.09 19.72
CA VAL B 62 -44.45 23.34 18.96
C VAL B 62 -45.39 24.30 19.66
N THR B 63 -44.86 25.45 20.07
CA THR B 63 -45.59 26.37 20.94
C THR B 63 -46.65 27.10 20.12
N TRP B 64 -47.92 26.91 20.48
CA TRP B 64 -49.04 27.57 19.80
C TRP B 64 -49.26 28.94 20.45
N PHE B 65 -48.47 29.91 20.00
CA PHE B 65 -48.67 31.28 20.46
C PHE B 65 -50.00 31.82 19.97
N HIS B 66 -50.66 32.61 20.81
CA HIS B 66 -51.86 33.34 20.44
C HIS B 66 -51.50 34.82 20.37
N ALA B 67 -51.69 35.42 19.19
CA ALA B 67 -51.27 36.80 18.97
C ALA B 67 -52.38 37.79 19.25
N ILE B 68 -53.51 37.66 18.56
CA ILE B 68 -54.62 38.60 18.68
C ILE B 68 -55.87 37.85 19.11
N HIS B 69 -56.56 38.39 20.11
CA HIS B 69 -57.83 37.85 20.57
C HIS B 69 -58.87 38.94 20.60
N VAL B 70 -60.08 38.63 20.16
CA VAL B 70 -61.19 39.57 20.08
C VAL B 70 -62.32 39.04 20.96
N SER B 71 -62.82 39.88 21.85
CA SER B 71 -63.92 39.50 22.74
C SER B 71 -65.15 40.37 22.48
N ASN B 74 -68.33 44.72 20.09
CA ASN B 74 -67.18 44.87 20.99
C ASN B 74 -65.89 45.07 20.20
N GLY B 75 -65.31 43.97 19.73
CA GLY B 75 -64.09 44.03 18.96
C GLY B 75 -62.89 44.55 19.74
N THR B 76 -62.70 44.04 20.95
CA THR B 76 -61.57 44.46 21.77
C THR B 76 -60.24 44.17 21.07
N LYS B 77 -59.34 45.15 21.12
CA LYS B 77 -58.04 45.06 20.45
C LYS B 77 -56.99 44.63 21.48
N ARG B 78 -56.54 43.39 21.39
CA ARG B 78 -55.46 42.87 22.23
C ARG B 78 -54.31 42.45 21.31
N PHE B 79 -53.17 43.13 21.43
CA PHE B 79 -52.04 42.93 20.55
C PHE B 79 -50.93 42.20 21.31
N ASP B 80 -50.38 41.16 20.69
CA ASP B 80 -49.26 40.41 21.24
C ASP B 80 -48.40 39.92 20.09
N ASN B 81 -47.20 40.48 19.95
CA ASN B 81 -46.26 40.09 18.90
C ASN B 81 -44.90 39.79 19.55
N PRO B 82 -44.79 38.65 20.23
CA PRO B 82 -43.52 38.32 20.88
C PRO B 82 -42.42 38.07 19.87
N VAL B 83 -41.26 38.65 20.12
CA VAL B 83 -40.10 38.49 19.24
C VAL B 83 -39.32 37.26 19.67
N LEU B 84 -39.68 36.10 19.11
CA LEU B 84 -38.99 34.87 19.47
C LEU B 84 -37.66 34.77 18.75
N PRO B 85 -36.67 34.13 19.37
CA PRO B 85 -35.38 33.92 18.69
C PRO B 85 -35.53 32.96 17.51
N PHE B 86 -34.68 33.16 16.51
CA PHE B 86 -34.72 32.29 15.33
C PHE B 86 -34.33 30.86 15.70
N ASN B 87 -33.24 30.70 16.45
CA ASN B 87 -32.78 29.40 16.95
C ASN B 87 -32.60 28.41 15.80
N ASP B 88 -31.72 28.77 14.86
CA ASP B 88 -31.39 27.92 13.71
C ASP B 88 -32.63 27.57 12.89
N GLY B 89 -33.50 28.56 12.70
CA GLY B 89 -34.67 28.37 11.86
C GLY B 89 -35.91 28.05 12.67
N VAL B 90 -37.07 28.37 12.08
CA VAL B 90 -38.36 28.13 12.71
C VAL B 90 -39.28 27.46 11.70
N TYR B 91 -40.30 26.78 12.23
CA TYR B 91 -41.33 26.13 11.44
C TYR B 91 -42.66 26.81 11.73
N PHE B 92 -43.01 27.80 10.92
CA PHE B 92 -44.23 28.56 11.11
C PHE B 92 -45.41 27.88 10.41
N ALA B 93 -46.59 28.02 11.00
CA ALA B 93 -47.81 27.48 10.42
C ALA B 93 -49.00 28.24 10.97
N SER B 94 -50.01 28.47 10.13
CA SER B 94 -51.23 29.15 10.53
C SER B 94 -52.43 28.37 10.01
N THR B 95 -53.30 27.95 10.93
CA THR B 95 -54.48 27.17 10.53
C THR B 95 -55.56 28.05 9.94
N GLU B 96 -55.66 29.30 10.38
CA GLU B 96 -56.77 30.16 9.97
C GLU B 96 -56.71 30.45 8.48
N LYS B 97 -57.87 30.42 7.84
CA LYS B 97 -58.01 30.77 6.42
C LYS B 97 -58.39 32.23 6.20
N SER B 98 -58.52 33.00 7.28
CA SER B 98 -58.88 34.41 7.12
C SER B 98 -57.72 35.23 6.56
N ASN B 99 -56.52 34.63 6.53
CA ASN B 99 -55.32 35.30 6.03
C ASN B 99 -55.02 36.59 6.78
N ILE B 100 -55.27 36.60 8.08
CA ILE B 100 -54.94 37.76 8.91
C ILE B 100 -53.44 37.98 8.93
N ILE B 101 -52.67 36.90 9.10
CA ILE B 101 -51.22 37.00 9.04
C ILE B 101 -50.79 37.30 7.61
N ARG B 102 -49.92 38.30 7.45
CA ARG B 102 -49.51 38.73 6.13
C ARG B 102 -48.01 38.61 5.88
N GLY B 103 -47.19 38.39 6.92
CA GLY B 103 -45.77 38.25 6.71
C GLY B 103 -45.05 38.02 8.02
N TRP B 104 -43.71 38.04 7.93
CA TRP B 104 -42.85 37.88 9.09
C TRP B 104 -41.78 38.95 9.07
N ILE B 105 -41.55 39.56 10.24
CA ILE B 105 -40.54 40.58 10.43
C ILE B 105 -39.47 39.98 11.33
N PHE B 106 -38.46 39.37 10.72
CA PHE B 106 -37.43 38.65 11.45
C PHE B 106 -36.04 39.09 10.99
N GLY B 107 -35.19 39.39 11.97
CA GLY B 107 -33.85 39.87 11.70
C GLY B 107 -33.00 39.71 12.93
N THR B 108 -31.69 39.89 12.76
CA THR B 108 -30.77 39.69 13.87
C THR B 108 -30.96 40.75 14.94
N THR B 109 -31.30 41.98 14.54
CA THR B 109 -31.50 43.08 15.48
C THR B 109 -32.80 43.85 15.25
N LEU B 110 -33.39 43.78 14.06
CA LEU B 110 -34.62 44.49 13.74
C LEU B 110 -34.48 46.00 14.00
N ASP B 111 -33.37 46.56 13.56
CA ASP B 111 -33.09 47.98 13.69
C ASP B 111 -32.71 48.56 12.34
N SER B 112 -32.59 49.89 12.30
CA SER B 112 -32.20 50.55 11.04
C SER B 112 -30.74 50.30 10.72
N LYS B 113 -29.92 49.98 11.74
CA LYS B 113 -28.50 49.77 11.50
C LYS B 113 -28.24 48.53 10.65
N THR B 114 -28.96 47.45 10.92
CA THR B 114 -28.75 46.18 10.24
C THR B 114 -29.99 45.81 9.43
N GLN B 115 -29.77 45.31 8.22
CA GLN B 115 -30.87 44.97 7.34
C GLN B 115 -31.71 43.83 7.92
N SER B 116 -33.01 43.90 7.69
CA SER B 116 -33.94 42.85 8.08
C SER B 116 -34.89 42.57 6.93
N LEU B 117 -35.62 41.47 7.03
CA LEU B 117 -36.45 40.97 5.95
C LEU B 117 -37.91 41.27 6.25
N LEU B 118 -38.63 41.78 5.24
CA LEU B 118 -40.04 42.15 5.37
C LEU B 118 -40.82 41.46 4.26
N ILE B 119 -41.98 40.90 4.62
CA ILE B 119 -42.86 40.23 3.66
C ILE B 119 -44.25 40.85 3.76
N VAL B 120 -44.77 41.28 2.61
CA VAL B 120 -46.15 41.72 2.49
C VAL B 120 -46.79 40.94 1.35
N ASN B 121 -47.73 40.06 1.69
CA ASN B 121 -48.37 39.20 0.69
C ASN B 121 -49.72 39.80 0.30
N ASN B 122 -49.65 40.98 -0.29
CA ASN B 122 -50.86 41.65 -0.75
C ASN B 122 -51.46 40.91 -1.94
N ALA B 123 -52.70 41.27 -2.26
CA ALA B 123 -53.43 40.55 -3.30
C ALA B 123 -52.74 40.68 -4.65
N THR B 124 -52.11 41.82 -4.92
CA THR B 124 -51.48 42.02 -6.22
C THR B 124 -50.23 41.15 -6.37
N ASN B 125 -49.37 41.14 -5.37
CA ASN B 125 -48.09 40.42 -5.48
C ASN B 125 -47.50 40.21 -4.09
N VAL B 126 -46.38 39.50 -4.06
CA VAL B 126 -45.61 39.29 -2.83
C VAL B 126 -44.52 40.35 -2.77
N VAL B 127 -44.44 41.04 -1.64
CA VAL B 127 -43.47 42.10 -1.43
C VAL B 127 -42.42 41.60 -0.44
N ILE B 128 -41.27 41.19 -0.96
CA ILE B 128 -40.14 40.72 -0.14
C ILE B 128 -38.98 41.66 -0.38
N LYS B 129 -38.64 42.47 0.63
CA LYS B 129 -37.53 43.40 0.55
C LYS B 129 -36.66 43.26 1.79
N VAL B 130 -35.36 43.17 1.59
CA VAL B 130 -34.38 43.09 2.68
C VAL B 130 -33.59 44.39 2.65
N CYS B 131 -33.87 45.28 3.60
CA CYS B 131 -33.31 46.61 3.60
C CYS B 131 -33.00 47.01 5.03
N GLU B 132 -32.21 48.08 5.18
CA GLU B 132 -31.97 48.65 6.50
C GLU B 132 -33.25 49.34 6.94
N PHE B 133 -34.08 48.63 7.69
CA PHE B 133 -35.45 49.05 7.98
C PHE B 133 -35.48 49.73 9.35
N GLN B 134 -35.95 50.98 9.38
CA GLN B 134 -36.42 51.56 10.62
C GLN B 134 -37.84 51.07 10.86
N PHE B 135 -38.00 50.18 11.82
CA PHE B 135 -39.23 49.40 11.96
C PHE B 135 -40.17 50.07 12.95
N CYS B 136 -41.43 50.19 12.56
CA CYS B 136 -42.46 50.66 13.48
C CYS B 136 -42.74 49.58 14.53
N ASN B 137 -43.39 50.00 15.62
CA ASN B 137 -43.71 49.06 16.69
C ASN B 137 -44.60 47.93 16.20
N ASP B 138 -45.62 48.28 15.41
CA ASP B 138 -46.52 47.29 14.82
C ASP B 138 -46.68 47.57 13.33
N PRO B 139 -45.78 47.06 12.49
CA PRO B 139 -45.96 47.22 11.04
C PRO B 139 -47.27 46.61 10.59
N PHE B 140 -47.94 47.29 9.66
CA PHE B 140 -49.28 46.90 9.26
C PHE B 140 -49.60 47.48 7.88
N LEU B 141 -50.66 46.96 7.28
CA LEU B 141 -51.14 47.39 5.98
C LEU B 141 -52.44 48.15 6.14
N GLY B 142 -52.57 49.27 5.42
CA GLY B 142 -53.81 50.03 5.46
C GLY B 142 -54.74 49.64 4.32
N VAL B 143 -55.79 48.89 4.63
CA VAL B 143 -56.76 48.43 3.66
C VAL B 143 -58.15 48.86 4.13
N TYR B 144 -58.95 49.40 3.21
CA TYR B 144 -60.29 49.87 3.50
C TYR B 144 -61.27 49.24 2.53
N TYR B 145 -62.43 48.84 3.04
CA TYR B 145 -63.49 48.31 2.18
C TYR B 145 -64.17 49.45 1.44
N HIS B 146 -64.34 49.28 0.13
CA HIS B 146 -64.95 50.28 -0.73
C HIS B 146 -66.38 49.85 -1.05
N LYS B 147 -67.34 50.72 -0.75
CA LYS B 147 -68.74 50.40 -1.03
C LYS B 147 -68.98 50.26 -2.53
N ASN B 148 -68.40 51.15 -3.33
CA ASN B 148 -68.64 51.12 -4.77
C ASN B 148 -68.07 49.86 -5.41
N ASN B 149 -66.83 49.50 -5.05
CA ASN B 149 -66.21 48.30 -5.60
C ASN B 149 -66.64 47.03 -4.88
N LYS B 150 -67.26 47.15 -3.71
CA LYS B 150 -67.72 46.00 -2.93
C LYS B 150 -66.58 45.04 -2.60
N SER B 151 -65.38 45.57 -2.41
CA SER B 151 -64.21 44.75 -2.11
C SER B 151 -63.19 45.58 -1.35
N TRP B 152 -62.34 44.88 -0.60
CA TRP B 152 -61.28 45.56 0.14
C TRP B 152 -60.15 45.99 -0.79
N MET B 153 -59.70 47.22 -0.63
CA MET B 153 -58.60 47.77 -1.42
C MET B 153 -57.64 48.47 -0.47
N GLU B 154 -56.34 48.28 -0.70
CA GLU B 154 -55.31 48.75 0.22
C GLU B 154 -55.16 50.26 0.07
N SER B 155 -55.43 50.99 1.16
CA SER B 155 -55.28 52.44 1.13
C SER B 155 -53.82 52.86 1.08
N GLU B 156 -53.06 52.51 2.11
CA GLU B 156 -51.66 52.92 2.22
C GLU B 156 -50.85 51.80 2.84
N PHE B 157 -49.54 51.85 2.60
CA PHE B 157 -48.59 50.90 3.18
C PHE B 157 -47.89 51.58 4.35
N ARG B 158 -48.06 51.04 5.55
CA ARG B 158 -47.54 51.63 6.78
C ARG B 158 -46.71 50.59 7.53
N VAL B 159 -45.82 49.92 6.82
CA VAL B 159 -45.04 48.82 7.37
C VAL B 159 -43.68 49.27 7.89
N TYR B 160 -42.93 50.06 7.10
CA TYR B 160 -41.59 50.49 7.48
C TYR B 160 -41.52 52.01 7.47
N SER B 161 -40.74 52.56 8.40
CA SER B 161 -40.45 53.99 8.38
C SER B 161 -39.44 54.33 7.28
N SER B 162 -38.40 53.50 7.15
CA SER B 162 -37.37 53.71 6.14
C SER B 162 -36.99 52.38 5.52
N ALA B 163 -36.48 52.44 4.29
CA ALA B 163 -36.10 51.24 3.53
C ALA B 163 -34.71 51.44 2.91
N ASN B 164 -33.77 51.90 3.72
CA ASN B 164 -32.42 52.14 3.25
C ASN B 164 -31.71 50.84 2.89
N ASN B 165 -30.82 50.91 1.90
CA ASN B 165 -29.99 49.78 1.47
C ASN B 165 -30.84 48.54 1.16
N CYS B 166 -31.70 48.70 0.16
CA CYS B 166 -32.58 47.62 -0.30
C CYS B 166 -31.77 46.72 -1.24
N THR B 167 -31.21 45.66 -0.68
CA THR B 167 -30.34 44.79 -1.47
C THR B 167 -31.13 43.90 -2.43
N PHE B 168 -32.26 43.35 -1.98
CA PHE B 168 -33.00 42.36 -2.73
C PHE B 168 -34.48 42.70 -2.72
N GLU B 169 -35.15 42.47 -3.85
CA GLU B 169 -36.58 42.75 -4.03
C GLU B 169 -37.20 41.61 -4.83
N TYR B 170 -38.12 40.87 -4.22
CA TYR B 170 -38.76 39.76 -4.89
C TYR B 170 -40.26 40.00 -5.02
N VAL B 171 -40.80 39.65 -6.18
CA VAL B 171 -42.24 39.80 -6.45
C VAL B 171 -42.76 38.47 -6.98
N SER B 172 -43.87 38.00 -6.40
CA SER B 172 -44.47 36.75 -6.82
C SER B 172 -45.94 36.77 -6.42
N GLN B 173 -46.66 35.72 -6.82
CA GLN B 173 -48.07 35.60 -6.51
C GLN B 173 -48.27 35.37 -5.01
N PRO B 174 -49.30 35.97 -4.42
CA PRO B 174 -49.52 35.85 -2.96
C PRO B 174 -49.91 34.43 -2.59
N PHE B 175 -49.15 33.84 -1.66
CA PHE B 175 -49.45 32.50 -1.19
C PHE B 175 -50.38 32.52 0.02
N LEU B 176 -50.29 33.56 0.84
CA LEU B 176 -51.20 33.71 1.99
C LEU B 176 -52.52 34.32 1.52
N MET B 177 -53.21 33.56 0.68
CA MET B 177 -54.48 34.03 0.11
C MET B 177 -55.43 32.84 0.01
N ASP B 178 -56.73 33.15 0.05
CA ASP B 178 -57.79 32.15 -0.03
C ASP B 178 -57.67 31.09 1.06
N LYS B 187 -59.04 27.40 8.05
CA LYS B 187 -59.52 26.29 7.22
C LYS B 187 -58.46 25.89 6.21
N ASN B 188 -57.22 26.33 6.42
CA ASN B 188 -56.12 26.00 5.55
C ASN B 188 -54.80 26.14 6.32
N LEU B 189 -54.03 25.06 6.38
CA LEU B 189 -52.75 25.05 7.07
C LEU B 189 -51.66 25.40 6.09
N ARG B 190 -50.98 26.52 6.33
CA ARG B 190 -49.89 26.99 5.47
C ARG B 190 -48.61 26.94 6.27
N GLU B 191 -47.67 26.10 5.82
CA GLU B 191 -46.44 25.81 6.54
C GLU B 191 -45.27 26.50 5.86
N PHE B 192 -44.43 27.19 6.64
CA PHE B 192 -43.31 27.95 6.11
C PHE B 192 -42.05 27.64 6.92
N VAL B 193 -41.29 26.65 6.46
CA VAL B 193 -40.01 26.35 7.08
C VAL B 193 -39.00 27.43 6.72
N PHE B 194 -38.37 28.01 7.73
CA PHE B 194 -37.38 29.06 7.54
C PHE B 194 -36.04 28.55 8.02
N LYS B 195 -34.98 28.85 7.27
CA LYS B 195 -33.62 28.47 7.65
C LYS B 195 -32.62 29.33 6.90
N ASN B 196 -31.48 29.58 7.53
CA ASN B 196 -30.42 30.40 6.96
C ASN B 196 -29.14 29.58 6.94
N ILE B 197 -28.55 29.42 5.76
CA ILE B 197 -27.30 28.69 5.57
C ILE B 197 -26.46 29.46 4.57
N ASP B 198 -25.15 29.53 4.83
CA ASP B 198 -24.11 30.06 3.93
C ASP B 198 -24.60 31.20 3.05
N GLY B 199 -25.15 32.24 3.70
CA GLY B 199 -25.58 33.42 2.98
C GLY B 199 -26.83 33.23 2.15
N TYR B 200 -27.62 32.20 2.45
CA TYR B 200 -28.85 31.91 1.75
C TYR B 200 -29.95 31.68 2.77
N PHE B 201 -31.11 32.33 2.57
CA PHE B 201 -32.28 32.07 3.39
C PHE B 201 -33.32 31.35 2.54
N LYS B 202 -33.87 30.28 3.08
CA LYS B 202 -34.70 29.36 2.32
C LYS B 202 -36.10 29.30 2.93
N ILE B 203 -37.12 29.49 2.09
CA ILE B 203 -38.52 29.44 2.48
C ILE B 203 -39.17 28.26 1.79
N TYR B 204 -39.83 27.41 2.57
CA TYR B 204 -40.50 26.23 2.05
C TYR B 204 -41.99 26.32 2.38
N SER B 205 -42.84 26.17 1.38
CA SER B 205 -44.26 26.41 1.52
C SER B 205 -45.05 25.16 1.18
N LYS B 206 -46.09 24.89 1.96
CA LYS B 206 -47.07 23.85 1.66
C LYS B 206 -48.39 24.24 2.31
N HIS B 207 -49.45 24.28 1.51
CA HIS B 207 -50.77 24.72 1.97
C HIS B 207 -51.77 23.59 1.79
N THR B 208 -52.39 23.17 2.89
CA THR B 208 -53.38 22.10 2.88
C THR B 208 -54.54 22.49 3.79
N PRO B 209 -55.78 22.38 3.32
CA PRO B 209 -56.92 22.64 4.20
C PRO B 209 -57.07 21.52 5.22
N ILE B 210 -57.36 21.89 6.46
CA ILE B 210 -57.48 20.95 7.57
C ILE B 210 -58.72 21.27 8.38
N ASN B 211 -59.42 20.22 8.83
CA ASN B 211 -60.58 20.42 9.69
C ASN B 211 -60.16 20.92 11.07
N LEU B 212 -59.01 20.45 11.57
CA LEU B 212 -58.52 20.90 12.86
C LEU B 212 -58.17 22.38 12.82
N VAL B 213 -58.37 23.05 13.95
CA VAL B 213 -58.14 24.49 14.07
C VAL B 213 -57.05 24.80 15.10
N ARG B 214 -57.19 24.24 16.31
CA ARG B 214 -56.29 24.57 17.41
C ARG B 214 -55.04 23.70 17.45
N ASP B 215 -55.05 22.53 16.79
CA ASP B 215 -53.92 21.61 16.83
C ASP B 215 -53.50 21.24 15.42
N LEU B 216 -52.21 20.94 15.25
CA LEU B 216 -51.70 20.54 13.95
C LEU B 216 -52.20 19.15 13.59
N PRO B 217 -52.43 18.88 12.30
CA PRO B 217 -52.96 17.58 11.91
C PRO B 217 -51.90 16.49 11.97
N GLN B 218 -52.36 15.24 11.90
CA GLN B 218 -51.49 14.08 11.88
C GLN B 218 -51.45 13.49 10.47
N GLY B 219 -50.27 13.13 10.03
CA GLY B 219 -50.02 12.79 8.64
C GLY B 219 -48.74 13.44 8.18
N PHE B 220 -48.49 13.35 6.88
CA PHE B 220 -47.28 13.91 6.29
C PHE B 220 -47.64 14.80 5.11
N SER B 221 -46.96 15.95 5.01
CA SER B 221 -47.06 16.83 3.87
C SER B 221 -45.68 17.44 3.63
N ALA B 222 -45.01 17.01 2.58
CA ALA B 222 -43.67 17.49 2.28
C ALA B 222 -43.69 18.98 1.96
N LEU B 223 -42.63 19.67 2.37
CA LEU B 223 -42.52 21.11 2.18
C LEU B 223 -41.76 21.40 0.90
N GLU B 224 -42.49 21.69 -0.16
CA GLU B 224 -41.86 22.09 -1.41
C GLU B 224 -41.15 23.43 -1.22
N PRO B 225 -39.95 23.60 -1.79
CA PRO B 225 -39.25 24.88 -1.65
C PRO B 225 -39.90 25.93 -2.54
N LEU B 226 -40.35 27.02 -1.91
CA LEU B 226 -40.94 28.13 -2.64
C LEU B 226 -39.88 28.95 -3.35
N VAL B 227 -38.92 29.51 -2.62
CA VAL B 227 -37.77 30.18 -3.22
C VAL B 227 -36.61 30.19 -2.24
N ASP B 228 -35.41 29.92 -2.75
CA ASP B 228 -34.19 29.92 -1.92
C ASP B 228 -33.46 31.25 -2.11
N LEU B 229 -33.78 32.18 -1.22
CA LEU B 229 -33.26 33.53 -1.36
C LEU B 229 -31.79 33.60 -0.94
N PRO B 230 -30.92 34.19 -1.77
CA PRO B 230 -29.52 34.43 -1.36
C PRO B 230 -29.37 35.76 -0.61
N ILE B 231 -29.82 35.75 0.64
CA ILE B 231 -29.85 36.99 1.42
C ILE B 231 -28.44 37.44 1.77
N GLY B 232 -27.67 36.58 2.43
CA GLY B 232 -26.30 36.90 2.79
C GLY B 232 -26.10 37.42 4.19
N ILE B 233 -27.11 37.31 5.06
CA ILE B 233 -27.01 37.82 6.43
C ILE B 233 -27.42 36.70 7.37
N ASN B 234 -27.05 36.86 8.64
CA ASN B 234 -27.42 35.92 9.70
C ASN B 234 -28.52 36.53 10.55
N ILE B 235 -29.58 35.75 10.79
CA ILE B 235 -30.79 36.21 11.47
C ILE B 235 -30.96 35.41 12.75
N THR B 236 -31.24 36.11 13.85
CA THR B 236 -31.34 35.49 15.16
C THR B 236 -32.71 35.64 15.82
N ARG B 237 -33.54 36.58 15.37
CA ARG B 237 -34.83 36.83 15.99
C ARG B 237 -35.94 36.69 14.96
N PHE B 238 -37.14 36.37 15.44
CA PHE B 238 -38.30 36.15 14.59
C PHE B 238 -39.52 36.87 15.17
N GLN B 239 -40.23 37.61 14.31
CA GLN B 239 -41.47 38.26 14.68
C GLN B 239 -42.43 38.18 13.49
N THR B 240 -43.72 38.17 13.80
CA THR B 240 -44.77 37.91 12.81
C THR B 240 -45.50 39.20 12.45
N LEU B 241 -45.77 39.37 11.15
CA LEU B 241 -46.55 40.50 10.66
C LEU B 241 -47.93 40.01 10.22
N LEU B 242 -48.97 40.76 10.58
CA LEU B 242 -50.34 40.43 10.23
C LEU B 242 -51.01 41.62 9.56
N ALA B 243 -51.87 41.34 8.60
CA ALA B 243 -52.63 42.41 7.95
C ALA B 243 -53.80 42.85 8.83
N LEU B 244 -54.07 44.15 8.81
CA LEU B 244 -55.10 44.75 9.64
C LEU B 244 -56.02 45.61 8.78
N HIS B 245 -57.33 45.42 8.93
CA HIS B 245 -58.31 46.15 8.14
C HIS B 245 -58.51 47.55 8.69
N ARG B 246 -59.26 48.37 7.93
CA ARG B 246 -59.55 49.72 8.39
C ARG B 246 -60.39 49.72 9.66
N SER B 247 -61.18 48.67 9.87
CA SER B 247 -61.94 48.56 11.12
C SER B 247 -60.99 48.44 12.31
N TYR B 248 -59.84 47.78 12.12
CA TYR B 248 -58.81 47.78 13.14
C TYR B 248 -58.13 49.14 13.26
N LEU B 249 -58.18 49.95 12.20
CA LEU B 249 -57.54 51.25 12.17
C LEU B 249 -58.49 52.39 12.50
N THR B 250 -59.69 52.08 12.98
CA THR B 250 -60.63 53.12 13.36
C THR B 250 -60.11 53.89 14.56
N PRO B 251 -60.50 55.16 14.73
CA PRO B 251 -60.04 55.93 15.89
C PRO B 251 -60.45 55.31 17.21
N GLY B 252 -61.53 54.53 17.24
CA GLY B 252 -61.91 53.84 18.46
C GLY B 252 -60.85 52.80 18.84
N ASP B 253 -60.74 52.57 20.15
CA ASP B 253 -59.74 51.62 20.64
C ASP B 253 -60.13 50.18 20.33
N SER B 254 -61.37 49.94 19.95
CA SER B 254 -61.89 48.61 19.67
C SER B 254 -62.29 48.48 18.22
N SER B 255 -61.94 47.34 17.61
CA SER B 255 -62.26 47.07 16.21
C SER B 255 -63.54 46.25 16.16
N SER B 256 -64.68 46.92 16.29
CA SER B 256 -65.96 46.23 16.28
C SER B 256 -66.24 45.60 14.92
N GLY B 257 -65.90 46.29 13.84
CA GLY B 257 -66.24 45.78 12.52
C GLY B 257 -65.49 44.52 12.14
N TRP B 258 -64.19 44.47 12.43
CA TRP B 258 -63.34 43.36 12.03
C TRP B 258 -62.83 42.62 13.24
N THR B 259 -62.93 41.29 13.20
CA THR B 259 -62.48 40.42 14.28
C THR B 259 -61.18 39.74 13.86
N ALA B 260 -60.09 40.09 14.55
CA ALA B 260 -58.77 39.51 14.29
C ALA B 260 -58.43 38.38 15.25
N GLY B 261 -59.37 37.94 16.08
CA GLY B 261 -59.07 36.90 17.05
C GLY B 261 -58.93 35.53 16.43
N ALA B 262 -59.40 35.35 15.20
CA ALA B 262 -59.29 34.07 14.53
C ALA B 262 -57.83 33.73 14.23
N ALA B 263 -56.95 34.73 14.26
CA ALA B 263 -55.54 34.49 13.98
C ALA B 263 -54.91 33.57 15.01
N ALA B 264 -54.20 32.56 14.54
CA ALA B 264 -53.49 31.61 15.38
C ALA B 264 -52.33 31.02 14.59
N TYR B 265 -51.23 30.76 15.28
CA TYR B 265 -50.03 30.32 14.60
C TYR B 265 -49.16 29.49 15.54
N TYR B 266 -48.18 28.81 14.95
CA TYR B 266 -47.28 27.92 15.65
C TYR B 266 -45.84 28.34 15.38
N VAL B 267 -44.95 28.03 16.32
CA VAL B 267 -43.51 28.23 16.15
C VAL B 267 -42.78 27.03 16.73
N GLY B 268 -41.90 26.43 15.92
CA GLY B 268 -41.05 25.36 16.38
C GLY B 268 -39.62 25.62 15.97
N TYR B 269 -38.70 25.00 16.68
CA TYR B 269 -37.27 25.20 16.47
C TYR B 269 -36.64 23.96 15.84
N LEU B 270 -35.91 24.18 14.74
CA LEU B 270 -35.28 23.08 14.03
C LEU B 270 -34.05 22.60 14.79
N GLN B 271 -33.67 21.33 14.55
CA GLN B 271 -32.53 20.74 15.21
C GLN B 271 -31.69 19.97 14.19
N PRO B 272 -30.38 19.92 14.37
CA PRO B 272 -29.53 19.15 13.45
C PRO B 272 -29.77 17.66 13.63
N ARG B 273 -30.43 17.06 12.65
CA ARG B 273 -30.83 15.66 12.74
C ARG B 273 -30.76 15.02 11.37
N THR B 274 -30.90 13.70 11.34
CA THR B 274 -30.84 12.92 10.12
C THR B 274 -32.15 12.17 9.95
N PHE B 275 -32.76 12.30 8.76
CA PHE B 275 -33.93 11.50 8.42
C PHE B 275 -33.63 10.59 7.24
N LEU B 276 -34.50 9.60 7.06
CA LEU B 276 -34.58 8.81 5.85
C LEU B 276 -35.75 9.31 5.02
N LEU B 277 -35.48 9.74 3.80
CA LEU B 277 -36.48 10.39 2.95
C LEU B 277 -36.93 9.42 1.87
N LYS B 278 -38.24 9.26 1.73
CA LYS B 278 -38.82 8.33 0.78
C LYS B 278 -39.35 9.11 -0.41
N TYR B 279 -38.52 9.23 -1.44
CA TYR B 279 -38.95 9.84 -2.69
C TYR B 279 -39.82 8.87 -3.48
N ASN B 280 -40.72 9.40 -4.29
CA ASN B 280 -41.58 8.58 -5.13
C ASN B 280 -41.24 8.80 -6.60
N GLU B 281 -42.01 8.17 -7.49
CA GLU B 281 -41.77 8.32 -8.92
C GLU B 281 -41.97 9.77 -9.36
N ASN B 282 -42.99 10.44 -8.82
CA ASN B 282 -43.16 11.86 -9.10
C ASN B 282 -41.96 12.67 -8.63
N GLY B 283 -41.24 12.17 -7.62
CA GLY B 283 -40.18 12.92 -6.98
C GLY B 283 -40.56 13.54 -5.66
N THR B 284 -41.76 13.26 -5.15
CA THR B 284 -42.21 13.85 -3.89
C THR B 284 -41.89 12.94 -2.72
N ILE B 285 -41.81 13.53 -1.53
CA ILE B 285 -41.50 12.78 -0.31
C ILE B 285 -42.80 12.25 0.28
N THR B 286 -43.03 10.95 0.14
CA THR B 286 -44.25 10.34 0.66
C THR B 286 -44.21 10.20 2.18
N ASP B 287 -43.05 9.81 2.72
CA ASP B 287 -42.93 9.58 4.15
C ASP B 287 -41.48 9.77 4.56
N ALA B 288 -41.27 10.00 5.85
CA ALA B 288 -39.95 10.19 6.41
C ALA B 288 -39.90 9.62 7.82
N VAL B 289 -38.70 9.29 8.27
CA VAL B 289 -38.47 8.74 9.61
C VAL B 289 -37.22 9.37 10.19
N ASP B 290 -37.23 9.65 11.49
CA ASP B 290 -36.16 10.35 12.16
C ASP B 290 -35.29 9.35 12.93
N CYS B 291 -33.98 9.37 12.67
CA CYS B 291 -33.10 8.37 13.24
C CYS B 291 -33.06 8.42 14.76
N ALA B 292 -33.04 9.63 15.32
CA ALA B 292 -32.82 9.76 16.76
C ALA B 292 -34.13 9.79 17.55
N LEU B 293 -35.27 9.64 16.88
CA LEU B 293 -36.55 9.72 17.58
C LEU B 293 -36.70 8.59 18.59
N ASP B 294 -36.51 7.35 18.15
CA ASP B 294 -36.69 6.19 19.01
C ASP B 294 -35.92 5.03 18.42
N PRO B 295 -35.62 3.99 19.21
CA PRO B 295 -34.72 2.94 18.73
C PRO B 295 -35.16 2.24 17.45
N LEU B 296 -36.47 2.06 17.25
CA LEU B 296 -36.91 1.43 16.01
C LEU B 296 -36.55 2.27 14.81
N SER B 297 -36.67 3.59 14.93
CA SER B 297 -36.34 4.47 13.81
C SER B 297 -34.84 4.48 13.55
N GLU B 298 -34.02 4.28 14.58
CA GLU B 298 -32.59 4.12 14.37
C GLU B 298 -32.31 2.87 13.55
N THR B 299 -33.05 1.79 13.80
CA THR B 299 -32.93 0.59 12.97
C THR B 299 -33.37 0.87 11.53
N LYS B 300 -34.44 1.65 11.35
CA LYS B 300 -34.88 2.00 10.01
C LYS B 300 -33.78 2.76 9.27
N CYS B 301 -33.14 3.70 9.97
CA CYS B 301 -32.04 4.45 9.35
C CYS B 301 -30.85 3.55 9.04
N THR B 302 -30.53 2.61 9.94
CA THR B 302 -29.39 1.74 9.72
C THR B 302 -29.57 0.86 8.49
N LEU B 303 -30.76 0.27 8.34
CA LEU B 303 -31.03 -0.58 7.20
C LEU B 303 -31.44 0.21 5.96
N LYS B 304 -31.63 1.52 6.10
CA LYS B 304 -32.05 2.39 5.00
C LYS B 304 -33.38 1.94 4.40
N SER B 305 -34.23 1.31 5.20
CA SER B 305 -35.52 0.82 4.75
C SER B 305 -36.59 1.20 5.77
N PHE B 306 -37.76 1.61 5.28
CA PHE B 306 -38.84 1.99 6.19
C PHE B 306 -39.41 0.77 6.90
N THR B 307 -39.41 -0.38 6.23
CA THR B 307 -39.82 -1.63 6.85
C THR B 307 -38.59 -2.44 7.21
N VAL B 308 -38.50 -2.86 8.46
CA VAL B 308 -37.37 -3.64 8.96
C VAL B 308 -37.90 -4.99 9.41
N GLU B 309 -37.22 -6.06 9.00
CA GLU B 309 -37.65 -7.41 9.34
C GLU B 309 -37.42 -7.71 10.81
N LYS B 310 -38.10 -8.74 11.29
CA LYS B 310 -37.94 -9.16 12.68
C LYS B 310 -36.53 -9.67 12.92
N GLY B 311 -35.85 -9.05 13.88
CA GLY B 311 -34.49 -9.46 14.21
C GLY B 311 -33.82 -8.44 15.08
N ILE B 312 -32.56 -8.72 15.39
CA ILE B 312 -31.72 -7.84 16.19
C ILE B 312 -30.76 -7.11 15.24
N TYR B 313 -30.72 -5.79 15.35
CA TYR B 313 -29.91 -4.95 14.46
C TYR B 313 -29.10 -3.98 15.30
N GLN B 314 -27.77 -4.09 15.21
CA GLN B 314 -26.90 -3.13 15.87
C GLN B 314 -27.15 -1.75 15.31
N THR B 315 -27.26 -0.76 16.18
CA THR B 315 -27.49 0.62 15.77
C THR B 315 -26.39 1.57 16.17
N SER B 316 -25.93 1.52 17.42
CA SER B 316 -24.91 2.44 17.89
C SER B 316 -24.23 1.84 19.11
N ASN B 317 -23.36 2.63 19.72
CA ASN B 317 -22.59 2.22 20.88
C ASN B 317 -22.97 3.07 22.08
N PHE B 318 -23.24 2.42 23.21
CA PHE B 318 -23.62 3.10 24.44
C PHE B 318 -22.36 3.50 25.21
N ARG B 319 -22.02 4.79 25.19
CA ARG B 319 -20.87 5.31 25.89
C ARG B 319 -21.33 6.17 27.06
N VAL B 320 -20.91 5.81 28.26
CA VAL B 320 -21.27 6.59 29.44
C VAL B 320 -20.50 7.91 29.41
N GLN B 321 -21.23 9.01 29.35
CA GLN B 321 -20.59 10.31 29.27
C GLN B 321 -19.90 10.65 30.59
N PRO B 322 -18.79 11.40 30.53
CA PRO B 322 -18.12 11.81 31.77
C PRO B 322 -18.98 12.77 32.57
N THR B 323 -19.24 12.39 33.82
CA THR B 323 -20.10 13.20 34.68
C THR B 323 -19.45 14.56 34.97
N GLU B 324 -18.16 14.57 35.27
CA GLU B 324 -17.43 15.82 35.48
C GLU B 324 -15.97 15.60 35.16
N SER B 325 -15.23 16.70 35.09
CA SER B 325 -13.81 16.68 34.76
C SER B 325 -13.00 16.99 36.01
N ILE B 326 -11.99 16.16 36.28
CA ILE B 326 -11.09 16.35 37.42
C ILE B 326 -9.70 16.60 36.89
N VAL B 327 -9.04 17.62 37.42
CA VAL B 327 -7.66 17.95 37.08
C VAL B 327 -6.85 17.89 38.35
N ARG B 328 -5.84 17.02 38.39
CA ARG B 328 -4.98 16.86 39.54
C ARG B 328 -3.52 16.92 39.10
N PHE B 329 -2.81 17.91 39.61
CA PHE B 329 -1.43 18.20 39.27
C PHE B 329 -0.61 18.23 40.56
N PRO B 330 0.71 18.13 40.46
CA PRO B 330 1.54 18.23 41.66
C PRO B 330 1.35 19.57 42.34
N ASN B 331 1.65 19.59 43.64
CA ASN B 331 1.47 20.79 44.44
C ASN B 331 2.24 21.97 43.83
N ILE B 332 1.57 23.12 43.76
CA ILE B 332 2.15 24.28 43.12
C ILE B 332 3.39 24.75 43.88
N THR B 333 4.46 25.00 43.15
CA THR B 333 5.73 25.44 43.72
C THR B 333 6.03 26.84 43.19
N ASN B 334 7.09 27.44 43.71
CA ASN B 334 7.50 28.77 43.27
C ASN B 334 7.75 28.77 41.77
N LEU B 335 7.25 29.80 41.09
CA LEU B 335 7.32 29.86 39.65
C LEU B 335 8.76 29.88 39.17
N CYS B 336 9.07 29.03 38.18
CA CYS B 336 10.37 29.09 37.55
C CYS B 336 10.51 30.42 36.80
N PRO B 337 11.58 31.16 37.03
CA PRO B 337 11.69 32.53 36.49
C PRO B 337 11.99 32.54 35.00
N PHE B 338 10.93 32.41 34.19
CA PHE B 338 11.09 32.58 32.75
C PHE B 338 11.53 34.00 32.42
N GLY B 339 11.33 34.93 33.35
CA GLY B 339 11.83 36.29 33.15
C GLY B 339 13.33 36.34 33.00
N GLU B 340 14.06 35.64 33.88
CA GLU B 340 15.52 35.64 33.76
C GLU B 340 15.97 34.73 32.63
N VAL B 341 15.13 33.77 32.22
CA VAL B 341 15.46 32.95 31.06
C VAL B 341 15.38 33.77 29.78
N PHE B 342 14.40 34.68 29.70
CA PHE B 342 14.14 35.42 28.47
C PHE B 342 14.60 36.87 28.54
N ASN B 343 14.35 37.55 29.66
CA ASN B 343 14.73 38.96 29.80
C ASN B 343 16.06 39.12 30.54
N ALA B 344 16.97 38.18 30.36
CA ALA B 344 18.29 38.29 30.97
C ALA B 344 19.13 39.34 30.25
N THR B 345 20.10 39.91 30.97
CA THR B 345 20.99 40.90 30.37
C THR B 345 21.98 40.25 29.42
N ARG B 346 22.48 39.07 29.76
CA ARG B 346 23.54 38.41 29.01
C ARG B 346 23.08 37.04 28.53
N PHE B 347 23.44 36.71 27.29
CA PHE B 347 23.21 35.39 26.74
C PHE B 347 24.48 34.90 26.05
N ALA B 348 24.72 33.60 26.12
CA ALA B 348 25.96 33.04 25.63
C ALA B 348 25.92 32.84 24.12
N SER B 349 27.10 32.67 23.54
CA SER B 349 27.23 32.44 22.11
C SER B 349 26.76 31.04 21.75
N VAL B 350 26.60 30.81 20.45
CA VAL B 350 25.98 29.56 19.99
C VAL B 350 26.90 28.38 20.24
N TYR B 351 28.20 28.55 19.99
CA TYR B 351 29.15 27.44 20.11
C TYR B 351 29.18 26.90 21.53
N ALA B 352 29.04 27.77 22.53
CA ALA B 352 28.95 27.36 23.93
C ALA B 352 27.71 28.02 24.54
N TRP B 353 26.56 27.37 24.36
CA TRP B 353 25.30 27.94 24.80
C TRP B 353 24.97 27.51 26.22
N ASN B 354 24.04 28.22 26.84
CA ASN B 354 23.62 27.94 28.21
C ASN B 354 22.47 26.93 28.20
N ARG B 355 22.70 25.77 28.80
CA ARG B 355 21.65 24.79 29.06
C ARG B 355 21.41 24.76 30.55
N LYS B 356 20.19 25.09 30.97
CA LYS B 356 19.87 25.25 32.38
C LYS B 356 18.62 24.45 32.73
N ARG B 357 18.56 23.98 33.97
CA ARG B 357 17.45 23.15 34.40
C ARG B 357 16.23 23.99 34.72
N ILE B 358 15.06 23.44 34.40
CA ILE B 358 13.77 23.98 34.85
C ILE B 358 12.98 22.83 35.47
N SER B 359 12.71 22.92 36.77
CA SER B 359 12.01 21.86 37.47
C SER B 359 11.43 22.40 38.76
N ASN B 360 10.44 21.66 39.29
CA ASN B 360 9.81 21.98 40.57
C ASN B 360 9.23 23.39 40.57
N CYS B 361 8.34 23.65 39.62
CA CYS B 361 7.71 24.96 39.50
C CYS B 361 6.32 24.80 38.90
N VAL B 362 5.68 25.93 38.66
CA VAL B 362 4.49 26.01 37.83
C VAL B 362 4.81 26.92 36.66
N ALA B 363 4.53 26.45 35.44
CA ALA B 363 4.95 27.12 34.22
C ALA B 363 3.73 27.70 33.51
N ASP B 364 3.75 29.02 33.29
CA ASP B 364 2.69 29.69 32.54
C ASP B 364 3.22 30.04 31.16
N TYR B 365 3.08 29.09 30.24
CA TYR B 365 3.54 29.31 28.88
C TYR B 365 2.64 30.31 28.16
N SER B 366 1.42 30.52 28.67
CA SER B 366 0.47 31.40 27.99
C SER B 366 0.95 32.84 28.00
N VAL B 367 1.53 33.29 29.12
CA VAL B 367 2.02 34.67 29.18
C VAL B 367 3.17 34.87 28.20
N LEU B 368 3.94 33.81 27.94
CA LEU B 368 4.95 33.89 26.89
C LEU B 368 4.32 33.94 25.51
N TYR B 369 3.35 33.07 25.25
CA TYR B 369 2.79 32.97 23.90
C TYR B 369 2.04 34.25 23.51
N ASN B 370 1.22 34.78 24.42
CA ASN B 370 0.42 35.95 24.07
C ASN B 370 1.28 37.19 23.89
N SER B 371 2.48 37.20 24.49
CA SER B 371 3.39 38.32 24.34
C SER B 371 3.76 38.52 22.86
N ALA B 372 3.71 39.76 22.41
CA ALA B 372 4.00 40.09 21.02
C ALA B 372 5.48 40.36 20.78
N SER B 373 6.31 40.32 21.82
CA SER B 373 7.74 40.54 21.63
C SER B 373 8.37 39.45 20.78
N PHE B 374 7.97 38.20 21.00
CA PHE B 374 8.56 37.07 20.29
C PHE B 374 8.00 37.04 18.87
N SER B 375 8.88 37.25 17.88
CA SER B 375 8.45 37.28 16.49
C SER B 375 8.03 35.89 16.02
N THR B 376 8.85 34.88 16.29
CA THR B 376 8.59 33.51 15.85
C THR B 376 8.36 32.64 17.08
N PHE B 377 7.29 31.85 17.07
CA PHE B 377 6.95 30.97 18.16
C PHE B 377 6.60 29.58 17.64
N LYS B 378 7.42 29.04 16.75
CA LYS B 378 7.11 27.75 16.14
C LYS B 378 7.32 26.62 17.13
N CYS B 379 6.24 25.93 17.47
CA CYS B 379 6.26 24.78 18.36
C CYS B 379 6.19 23.52 17.51
N TYR B 380 7.18 22.64 17.64
CA TYR B 380 7.28 21.51 16.73
C TYR B 380 6.58 20.28 17.28
N GLY B 381 6.83 19.94 18.54
CA GLY B 381 6.22 18.75 19.11
C GLY B 381 4.98 19.05 19.91
N VAL B 382 4.71 20.34 20.13
CA VAL B 382 3.60 20.78 20.98
C VAL B 382 2.85 21.89 20.27
N SER B 383 1.81 22.38 20.94
CA SER B 383 1.04 23.52 20.47
C SER B 383 1.15 24.67 21.46
N PRO B 384 1.36 25.90 20.98
CA PRO B 384 1.56 27.02 21.91
C PRO B 384 0.40 27.25 22.85
N THR B 385 -0.83 27.08 22.37
CA THR B 385 -1.99 27.33 23.23
C THR B 385 -2.17 26.21 24.25
N LYS B 386 -1.88 24.97 23.86
CA LYS B 386 -2.18 23.82 24.68
C LYS B 386 -1.01 23.40 25.58
N LEU B 387 -0.02 24.27 25.75
CA LEU B 387 1.10 23.96 26.63
C LEU B 387 0.66 23.92 28.08
N ASN B 388 -0.37 24.69 28.44
CA ASN B 388 -0.80 24.75 29.83
C ASN B 388 -1.36 23.42 30.31
N ASP B 389 -2.10 22.72 29.44
CA ASP B 389 -2.73 21.47 29.84
C ASP B 389 -1.69 20.39 30.16
N LEU B 390 -0.60 20.37 29.40
CA LEU B 390 0.39 19.31 29.54
C LEU B 390 1.19 19.47 30.83
N CYS B 391 1.71 18.35 31.33
CA CYS B 391 2.64 18.34 32.44
C CYS B 391 3.87 17.53 32.06
N PHE B 392 5.05 18.11 32.26
CA PHE B 392 6.28 17.64 31.67
C PHE B 392 7.31 17.26 32.73
N THR B 393 8.03 16.16 32.49
CA THR B 393 9.00 15.68 33.46
C THR B 393 10.16 16.65 33.63
N ASN B 394 10.67 17.20 32.53
CA ASN B 394 11.83 18.08 32.57
C ASN B 394 11.74 19.10 31.46
N VAL B 395 12.18 20.32 31.76
CA VAL B 395 12.19 21.43 30.80
C VAL B 395 13.59 21.97 30.71
N TYR B 396 14.10 22.09 29.48
CA TYR B 396 15.43 22.61 29.22
C TYR B 396 15.32 23.87 28.37
N ALA B 397 15.99 24.93 28.81
CA ALA B 397 15.99 26.20 28.09
C ALA B 397 17.38 26.45 27.51
N ASP B 398 17.50 26.36 26.19
CA ASP B 398 18.74 26.61 25.49
C ASP B 398 18.65 27.98 24.83
N SER B 399 19.49 28.92 25.29
CA SER B 399 19.44 30.29 24.81
C SER B 399 20.77 30.68 24.20
N PHE B 400 20.72 31.40 23.08
CA PHE B 400 21.91 31.83 22.37
C PHE B 400 21.52 32.92 21.39
N VAL B 401 22.53 33.60 20.84
CA VAL B 401 22.32 34.70 19.91
C VAL B 401 22.81 34.28 18.53
N ILE B 402 21.94 34.40 17.53
CA ILE B 402 22.26 34.03 16.16
C ILE B 402 21.95 35.20 15.24
N ARG B 403 22.37 35.05 13.99
CA ARG B 403 22.02 36.04 12.97
C ARG B 403 20.62 35.78 12.43
N GLY B 404 20.04 36.81 11.81
CA GLY B 404 18.61 36.79 11.53
C GLY B 404 18.19 35.68 10.58
N ASP B 405 18.94 35.51 9.49
CA ASP B 405 18.52 34.54 8.46
C ASP B 405 18.68 33.11 8.96
N GLU B 406 19.45 32.92 10.02
CA GLU B 406 19.71 31.58 10.54
C GLU B 406 18.62 31.08 11.48
N VAL B 407 17.59 31.89 11.74
CA VAL B 407 16.50 31.44 12.61
C VAL B 407 15.82 30.21 12.02
N ARG B 408 15.65 30.19 10.70
CA ARG B 408 14.92 29.09 10.07
C ARG B 408 15.65 27.76 10.26
N GLN B 409 16.98 27.76 10.21
CA GLN B 409 17.71 26.51 10.23
C GLN B 409 17.86 25.92 11.63
N ILE B 410 17.44 26.65 12.66
CA ILE B 410 17.34 26.07 14.00
C ILE B 410 15.97 25.44 14.13
N ALA B 411 15.82 24.22 13.63
CA ALA B 411 14.55 23.54 13.54
C ALA B 411 14.85 22.05 13.37
N PRO B 412 13.90 21.18 13.70
CA PRO B 412 14.18 19.74 13.58
C PRO B 412 14.44 19.35 12.13
N GLY B 413 15.68 18.97 11.86
CA GLY B 413 16.06 18.53 10.53
C GLY B 413 16.19 19.63 9.51
N GLN B 414 17.16 20.53 9.69
CA GLN B 414 17.53 21.51 8.68
C GLN B 414 19.03 21.72 8.72
N THR B 415 19.66 21.83 7.56
CA THR B 415 21.10 21.93 7.45
C THR B 415 21.51 23.39 7.26
N GLY B 416 22.74 23.71 7.65
CA GLY B 416 23.26 25.05 7.52
C GLY B 416 24.58 25.16 8.25
N LYS B 417 25.10 26.39 8.28
CA LYS B 417 26.31 26.64 9.06
C LYS B 417 26.05 26.47 10.55
N ILE B 418 25.12 27.27 11.09
CA ILE B 418 24.84 27.25 12.52
C ILE B 418 24.29 25.88 12.93
N ALA B 419 23.38 25.34 12.13
CA ALA B 419 22.74 24.09 12.48
C ALA B 419 23.75 22.94 12.54
N ASP B 420 24.76 22.95 11.68
CA ASP B 420 25.57 21.74 11.53
C ASP B 420 26.89 21.86 12.29
N TYR B 421 27.44 23.07 12.43
CA TYR B 421 28.69 23.25 13.17
C TYR B 421 28.53 23.96 14.50
N ASN B 422 27.36 24.51 14.82
CA ASN B 422 27.20 25.31 16.04
C ASN B 422 26.16 24.73 16.98
N TYR B 423 24.95 24.44 16.50
CA TYR B 423 23.86 23.97 17.35
C TYR B 423 22.89 23.14 16.53
N LYS B 424 22.80 21.84 16.84
CA LYS B 424 22.02 20.91 16.04
C LYS B 424 20.86 20.37 16.87
N LEU B 425 19.64 20.65 16.43
CA LEU B 425 18.47 20.08 17.07
C LEU B 425 18.20 18.67 16.53
N PRO B 426 17.62 17.80 17.36
CA PRO B 426 17.30 16.45 16.87
C PRO B 426 16.21 16.47 15.83
N ASP B 427 16.21 15.44 14.99
CA ASP B 427 15.15 15.30 13.99
C ASP B 427 13.78 15.12 14.65
N ASP B 428 13.71 14.29 15.68
CA ASP B 428 12.49 14.06 16.45
C ASP B 428 12.49 14.97 17.67
N PHE B 429 12.39 16.27 17.43
CA PHE B 429 12.51 17.27 18.48
C PHE B 429 11.12 17.68 18.95
N THR B 430 10.85 17.48 20.24
CA THR B 430 9.60 17.89 20.86
C THR B 430 9.88 19.13 21.70
N GLY B 431 9.40 20.27 21.24
CA GLY B 431 9.66 21.53 21.93
C GLY B 431 9.16 22.69 21.10
N CYS B 432 9.55 23.88 21.54
CA CYS B 432 9.14 25.11 20.87
C CYS B 432 10.32 26.07 20.84
N VAL B 433 10.58 26.64 19.67
CA VAL B 433 11.66 27.61 19.49
C VAL B 433 11.09 29.01 19.57
N ILE B 434 11.68 29.85 20.41
CA ILE B 434 11.20 31.20 20.66
C ILE B 434 12.30 32.16 20.25
N ALA B 435 12.01 33.03 19.29
CA ALA B 435 12.98 33.98 18.79
C ALA B 435 12.36 35.37 18.72
N TRP B 436 13.11 36.38 19.15
CA TRP B 436 12.70 37.77 19.05
C TRP B 436 13.89 38.63 18.68
N ASN B 437 13.62 39.72 17.98
CA ASN B 437 14.69 40.61 17.55
C ASN B 437 15.39 41.23 18.75
N SER B 438 16.71 41.42 18.63
CA SER B 438 17.52 41.96 19.71
C SER B 438 18.49 43.03 19.21
N ASN B 439 18.17 43.70 18.11
CA ASN B 439 19.11 44.65 17.53
C ASN B 439 19.42 45.79 18.51
N ASN B 440 18.40 46.26 19.24
CA ASN B 440 18.63 47.36 20.17
C ASN B 440 19.29 46.88 21.46
N LEU B 441 19.24 45.58 21.75
CA LEU B 441 19.70 45.08 23.04
C LEU B 441 21.18 44.69 23.03
N ASP B 442 21.56 43.73 22.19
CA ASP B 442 22.92 43.20 22.21
C ASP B 442 23.75 43.63 21.01
N SER B 443 23.30 44.64 20.26
CA SER B 443 24.07 45.22 19.16
C SER B 443 24.22 46.71 19.41
N LYS B 444 25.46 47.16 19.49
CA LYS B 444 25.75 48.57 19.77
C LYS B 444 26.03 49.31 18.47
N VAL B 445 26.30 50.62 18.60
CA VAL B 445 26.60 51.44 17.44
C VAL B 445 27.85 50.93 16.73
N GLY B 446 28.89 50.63 17.51
CA GLY B 446 30.05 49.97 16.95
C GLY B 446 29.79 48.49 16.72
N GLY B 447 30.76 47.82 16.11
CA GLY B 447 30.62 46.39 15.89
C GLY B 447 30.58 45.59 17.16
N ASN B 448 29.49 44.88 17.41
CA ASN B 448 29.37 43.99 18.56
C ASN B 448 29.82 42.61 18.13
N TYR B 449 30.94 42.15 18.69
CA TYR B 449 31.63 40.98 18.18
C TYR B 449 31.84 39.90 19.22
N ASN B 450 31.14 39.98 20.36
CA ASN B 450 31.37 39.02 21.44
C ASN B 450 30.79 37.66 21.14
N TYR B 451 29.78 37.59 20.27
CA TYR B 451 29.17 36.32 19.94
C TYR B 451 29.96 35.61 18.85
N LEU B 452 30.19 34.32 19.04
CA LEU B 452 31.06 33.52 18.18
C LEU B 452 30.27 32.35 17.61
N TYR B 453 30.58 31.97 16.38
CA TYR B 453 30.09 30.72 15.81
C TYR B 453 31.25 29.96 15.19
N ARG B 454 31.25 28.64 15.36
CA ARG B 454 32.34 27.80 14.88
C ARG B 454 32.20 27.64 13.38
N LEU B 455 33.03 28.36 12.64
CA LEU B 455 32.91 28.38 11.19
C LEU B 455 33.39 27.07 10.57
N PHE B 456 34.42 26.45 11.15
CA PHE B 456 34.99 25.22 10.64
C PHE B 456 34.94 24.14 11.71
N ARG B 457 34.59 22.91 11.31
CA ARG B 457 34.66 21.76 12.19
C ARG B 457 34.85 20.52 11.33
N LYS B 458 35.46 19.49 11.91
CA LYS B 458 35.80 18.28 11.15
C LYS B 458 34.56 17.61 10.56
N SER B 459 33.50 17.49 11.34
CA SER B 459 32.34 16.72 10.90
C SER B 459 31.07 17.33 11.49
N ASN B 460 29.98 16.57 11.36
CA ASN B 460 28.67 17.06 11.76
C ASN B 460 28.57 17.16 13.28
N LEU B 461 27.60 17.92 13.76
CA LEU B 461 27.33 18.00 15.18
C LEU B 461 26.22 17.03 15.58
N LYS B 462 26.41 16.37 16.71
CA LYS B 462 25.37 15.50 17.24
C LYS B 462 24.27 16.33 17.88
N PRO B 463 23.06 15.79 18.00
CA PRO B 463 21.97 16.54 18.63
C PRO B 463 22.28 16.91 20.08
N PHE B 464 22.01 18.16 20.43
CA PHE B 464 22.04 18.64 21.82
C PHE B 464 23.37 18.34 22.52
N GLU B 465 24.47 18.60 21.84
CA GLU B 465 25.79 18.50 22.46
C GLU B 465 26.59 19.77 22.22
N ARG B 466 27.33 20.19 23.25
CA ARG B 466 28.06 21.44 23.25
C ARG B 466 29.54 21.14 23.06
N ASP B 467 30.13 21.65 21.98
CA ASP B 467 31.54 21.48 21.68
C ASP B 467 32.22 22.84 21.77
N ILE B 468 33.12 22.99 22.74
CA ILE B 468 33.82 24.24 22.96
C ILE B 468 35.28 24.19 22.52
N SER B 469 35.66 23.12 21.81
CA SER B 469 37.04 22.95 21.39
C SER B 469 37.48 24.08 20.48
N THR B 470 38.70 24.58 20.70
CA THR B 470 39.27 25.66 19.90
C THR B 470 40.48 25.20 19.09
N GLU B 471 40.61 23.90 18.83
CA GLU B 471 41.73 23.41 18.05
C GLU B 471 41.64 23.91 16.61
N ILE B 472 42.80 24.22 16.03
CA ILE B 472 42.84 24.75 14.68
C ILE B 472 42.40 23.67 13.68
N TYR B 473 41.60 24.09 12.70
CA TYR B 473 41.02 23.18 11.73
C TYR B 473 41.89 23.10 10.49
N GLN B 474 42.23 21.89 10.08
CA GLN B 474 43.04 21.64 8.89
C GLN B 474 42.13 21.22 7.74
N ALA B 475 42.26 21.90 6.60
CA ALA B 475 41.43 21.57 5.45
C ALA B 475 41.74 20.16 4.94
N GLY B 476 43.03 19.79 4.90
CA GLY B 476 43.41 18.45 4.51
C GLY B 476 44.59 18.38 3.57
N SER B 477 44.95 19.50 2.95
CA SER B 477 46.07 19.49 2.00
C SER B 477 47.40 19.28 2.71
N THR B 478 47.64 20.02 3.79
CA THR B 478 48.91 19.91 4.50
C THR B 478 48.66 19.89 6.00
N PRO B 479 49.48 19.14 6.75
CA PRO B 479 49.42 19.22 8.21
C PRO B 479 49.98 20.55 8.70
N CYS B 480 49.43 21.02 9.81
CA CYS B 480 49.84 22.29 10.41
C CYS B 480 49.89 22.14 11.93
N ASN B 481 50.68 22.99 12.57
CA ASN B 481 50.76 23.01 14.02
C ASN B 481 49.66 23.90 14.61
N GLY B 482 49.79 24.18 15.91
CA GLY B 482 48.81 25.02 16.57
C GLY B 482 48.80 26.45 16.05
N VAL B 483 49.95 26.93 15.59
CA VAL B 483 50.02 28.28 15.04
C VAL B 483 49.18 28.36 13.77
N GLU B 484 48.53 29.51 13.59
CA GLU B 484 47.70 29.72 12.41
C GLU B 484 48.53 29.62 11.14
N GLY B 485 47.96 28.99 10.11
CA GLY B 485 48.67 28.76 8.87
C GLY B 485 47.85 29.17 7.67
N PHE B 486 48.45 28.99 6.49
CA PHE B 486 47.76 29.32 5.25
C PHE B 486 46.53 28.44 5.05
N ASN B 487 46.65 27.15 5.32
CA ASN B 487 45.58 26.20 5.07
C ASN B 487 44.72 25.93 6.29
N CYS B 488 45.16 26.34 7.48
CA CYS B 488 44.43 26.09 8.71
C CYS B 488 44.00 27.41 9.33
N TYR B 489 42.77 27.44 9.86
CA TYR B 489 42.14 28.66 10.31
C TYR B 489 41.63 28.49 11.73
N PHE B 490 41.55 29.59 12.47
CA PHE B 490 40.94 29.56 13.79
C PHE B 490 39.46 29.24 13.65
N PRO B 491 38.91 28.32 14.44
CA PRO B 491 37.54 27.86 14.18
C PRO B 491 36.47 28.85 14.62
N LEU B 492 36.74 29.66 15.63
CA LEU B 492 35.75 30.62 16.11
C LEU B 492 35.72 31.83 15.18
N GLN B 493 34.52 32.20 14.74
CA GLN B 493 34.33 33.36 13.87
C GLN B 493 33.31 34.29 14.50
N SER B 494 33.58 35.59 14.45
CA SER B 494 32.73 36.55 15.14
C SER B 494 31.56 36.98 14.25
N TYR B 495 30.36 37.00 14.82
CA TYR B 495 29.22 37.59 14.16
C TYR B 495 29.47 39.07 13.87
N GLY B 496 29.08 39.49 12.67
CA GLY B 496 29.12 40.89 12.34
C GLY B 496 27.78 41.57 12.59
N PHE B 497 27.65 42.23 13.73
CA PHE B 497 26.41 42.88 14.13
C PHE B 497 26.57 44.39 14.09
N GLN B 498 25.72 45.04 13.30
CA GLN B 498 25.68 46.49 13.16
C GLN B 498 24.22 46.92 13.23
N PRO B 499 23.94 48.08 13.81
CA PRO B 499 22.54 48.56 13.83
C PRO B 499 21.98 48.79 12.44
N THR B 500 22.84 49.09 11.47
CA THR B 500 22.36 49.38 10.12
C THR B 500 22.00 48.13 9.33
N ASN B 501 22.35 46.95 9.84
CA ASN B 501 22.02 45.72 9.13
C ASN B 501 20.53 45.50 9.07
N GLY B 502 20.06 44.96 7.94
CA GLY B 502 18.66 44.64 7.79
C GLY B 502 18.31 43.28 8.36
N VAL B 503 17.06 42.89 8.15
CA VAL B 503 16.60 41.57 8.59
C VAL B 503 17.41 40.50 7.90
N GLY B 504 17.74 39.44 8.63
CA GLY B 504 18.65 38.42 8.15
C GLY B 504 20.11 38.68 8.48
N TYR B 505 20.44 39.88 8.95
CA TYR B 505 21.78 40.21 9.40
C TYR B 505 21.80 40.80 10.80
N GLN B 506 20.67 40.76 11.53
CA GLN B 506 20.54 41.30 12.86
C GLN B 506 20.47 40.19 13.89
N PRO B 507 20.98 40.41 15.10
CA PRO B 507 20.94 39.37 16.12
C PRO B 507 19.51 39.03 16.53
N TYR B 508 19.24 37.74 16.65
CA TYR B 508 17.93 37.23 17.07
C TYR B 508 18.13 36.25 18.20
N ARG B 509 17.81 36.69 19.42
CA ARG B 509 17.86 35.79 20.57
C ARG B 509 16.93 34.61 20.35
N VAL B 510 17.42 33.41 20.62
CA VAL B 510 16.65 32.20 20.45
C VAL B 510 16.69 31.42 21.75
N VAL B 511 15.52 31.07 22.28
CA VAL B 511 15.41 30.24 23.46
C VAL B 511 14.65 28.98 23.06
N VAL B 512 15.35 27.84 23.07
CA VAL B 512 14.79 26.59 22.60
C VAL B 512 14.32 25.81 23.83
N LEU B 513 13.02 25.84 24.07
CA LEU B 513 12.44 25.10 25.19
C LEU B 513 12.19 23.67 24.77
N SER B 514 13.07 22.77 25.19
CA SER B 514 13.00 21.36 24.82
C SER B 514 12.30 20.59 25.93
N PHE B 515 11.18 19.96 25.59
CA PHE B 515 10.35 19.24 26.54
C PHE B 515 10.46 17.75 26.25
N GLU B 516 10.55 16.94 27.30
CA GLU B 516 10.54 15.50 27.14
C GLU B 516 9.64 14.88 28.20
N LEU B 517 8.96 13.79 27.82
CA LEU B 517 8.11 13.04 28.73
C LEU B 517 8.72 11.65 28.88
N LEU B 518 9.51 11.46 29.93
CA LEU B 518 10.22 10.21 30.16
C LEU B 518 9.47 9.27 31.09
N HIS B 519 8.20 9.54 31.36
CA HIS B 519 7.31 8.79 32.26
C HIS B 519 7.74 8.93 33.71
N ALA B 520 8.80 9.68 33.99
CA ALA B 520 9.21 9.98 35.35
C ALA B 520 8.23 10.98 35.97
N PRO B 521 8.22 11.12 37.29
CA PRO B 521 7.35 12.13 37.91
C PRO B 521 7.64 13.51 37.37
N ALA B 522 6.57 14.24 37.06
CA ALA B 522 6.70 15.58 36.51
C ALA B 522 7.05 16.57 37.61
N THR B 523 7.76 17.64 37.23
CA THR B 523 8.22 18.65 38.18
C THR B 523 7.64 20.03 37.92
N VAL B 524 7.73 20.52 36.70
CA VAL B 524 7.23 21.84 36.35
C VAL B 524 6.23 21.73 35.21
N CYS B 525 5.07 22.36 35.35
CA CYS B 525 4.09 22.39 34.29
C CYS B 525 3.03 23.46 34.53
N GLY B 526 1.95 23.36 33.75
CA GLY B 526 0.99 24.43 33.58
C GLY B 526 0.25 24.82 34.83
N PRO B 527 -0.38 26.00 34.81
CA PRO B 527 -1.06 26.52 35.99
C PRO B 527 -2.49 26.03 36.14
N LYS B 528 -2.89 24.97 35.44
CA LYS B 528 -4.24 24.45 35.58
C LYS B 528 -4.53 24.10 37.03
N LYS B 529 -5.65 24.60 37.54
CA LYS B 529 -5.95 24.46 38.95
C LYS B 529 -6.34 23.03 39.28
N SER B 530 -5.83 22.52 40.39
CA SER B 530 -6.16 21.18 40.84
C SER B 530 -7.58 21.15 41.38
N THR B 531 -8.27 20.02 41.16
CA THR B 531 -9.63 19.82 41.62
C THR B 531 -9.69 18.61 42.53
N ASN B 532 -10.85 18.42 43.13
CA ASN B 532 -11.04 17.32 44.06
C ASN B 532 -11.02 15.99 43.31
N LEU B 533 -10.52 14.94 43.96
CA LEU B 533 -10.42 13.64 43.34
C LEU B 533 -11.74 12.90 43.47
N VAL B 534 -12.13 12.20 42.39
CA VAL B 534 -13.41 11.49 42.34
C VAL B 534 -13.13 10.03 42.03
N LYS B 535 -13.76 9.14 42.78
CA LYS B 535 -13.60 7.70 42.62
C LYS B 535 -14.95 7.06 42.32
N ASN B 536 -14.91 5.90 41.68
CA ASN B 536 -16.06 5.05 41.37
C ASN B 536 -17.07 5.74 40.47
N LYS B 537 -16.71 6.86 39.84
CA LYS B 537 -17.62 7.58 38.96
C LYS B 537 -16.90 7.94 37.68
N CYS B 538 -17.56 7.72 36.54
CA CYS B 538 -16.96 8.06 35.26
C CYS B 538 -16.68 9.56 35.19
N VAL B 539 -15.40 9.91 35.06
CA VAL B 539 -14.97 11.30 35.08
C VAL B 539 -13.88 11.50 34.04
N ASN B 540 -13.64 12.77 33.70
CA ASN B 540 -12.51 13.15 32.87
C ASN B 540 -11.34 13.49 33.76
N PHE B 541 -10.28 12.71 33.68
CA PHE B 541 -9.13 12.86 34.57
C PHE B 541 -7.93 13.38 33.79
N ASN B 542 -7.20 14.30 34.40
CA ASN B 542 -5.96 14.85 33.85
C ASN B 542 -4.90 14.75 34.93
N PHE B 543 -4.26 13.58 35.03
CA PHE B 543 -3.23 13.34 36.03
C PHE B 543 -1.87 13.65 35.42
N ASN B 544 -1.40 14.87 35.61
CA ASN B 544 -0.12 15.33 35.06
C ASN B 544 -0.07 15.13 33.56
N GLY B 545 -1.18 15.44 32.88
CA GLY B 545 -1.19 15.48 31.43
C GLY B 545 -1.52 14.19 30.71
N LEU B 546 -1.96 13.14 31.40
CA LEU B 546 -2.46 11.97 30.70
C LEU B 546 -3.71 12.30 29.89
N THR B 547 -4.62 13.09 30.47
CA THR B 547 -5.80 13.58 29.77
C THR B 547 -6.61 12.40 29.22
N GLY B 548 -7.16 11.61 30.13
CA GLY B 548 -7.96 10.46 29.74
C GLY B 548 -9.32 10.46 30.40
N THR B 549 -10.23 9.62 29.89
CA THR B 549 -11.56 9.47 30.46
C THR B 549 -11.73 8.05 30.98
N GLY B 550 -12.26 7.92 32.19
CA GLY B 550 -12.46 6.62 32.79
C GLY B 550 -12.96 6.74 34.21
N VAL B 551 -13.29 5.60 34.79
CA VAL B 551 -13.76 5.54 36.17
C VAL B 551 -12.62 5.08 37.06
N LEU B 552 -12.41 5.80 38.16
CA LEU B 552 -11.27 5.59 39.04
C LEU B 552 -11.71 4.74 40.23
N THR B 553 -10.99 3.64 40.46
CA THR B 553 -11.24 2.75 41.59
C THR B 553 -9.95 2.55 42.36
N GLU B 554 -10.07 2.47 43.69
CA GLU B 554 -8.90 2.21 44.51
C GLU B 554 -8.35 0.82 44.22
N SER B 555 -7.02 0.71 44.17
CA SER B 555 -6.35 -0.50 43.75
C SER B 555 -5.40 -0.99 44.84
N ASN B 556 -5.30 -2.31 44.96
CA ASN B 556 -4.39 -2.94 45.92
C ASN B 556 -2.98 -3.09 45.38
N LYS B 557 -2.75 -2.79 44.10
CA LYS B 557 -1.41 -2.92 43.53
C LYS B 557 -0.45 -1.93 44.18
N LYS B 558 0.77 -2.39 44.44
CA LYS B 558 1.77 -1.61 45.16
C LYS B 558 2.77 -1.04 44.17
N PHE B 559 2.95 0.28 44.21
CA PHE B 559 3.91 0.97 43.35
C PHE B 559 5.13 1.33 44.17
N LEU B 560 6.32 1.05 43.62
CA LEU B 560 7.54 1.46 44.27
C LEU B 560 7.69 2.98 44.20
N PRO B 561 8.40 3.57 45.18
CA PRO B 561 8.38 5.04 45.29
C PRO B 561 8.87 5.78 44.04
N PHE B 562 9.87 5.24 43.34
CA PHE B 562 10.42 5.96 42.19
C PHE B 562 9.42 6.02 41.04
N GLN B 563 8.69 4.92 40.82
CA GLN B 563 7.86 4.79 39.63
C GLN B 563 6.48 5.38 39.86
N GLN B 564 5.95 6.06 38.85
CA GLN B 564 4.72 6.82 39.00
C GLN B 564 3.48 6.04 38.57
N PHE B 565 3.41 5.63 37.31
CA PHE B 565 2.18 5.06 36.78
C PHE B 565 2.47 3.76 36.05
N GLY B 566 1.46 2.90 35.97
CA GLY B 566 1.58 1.62 35.32
C GLY B 566 1.12 1.63 33.89
N ARG B 567 1.22 0.48 33.21
CA ARG B 567 0.84 0.36 31.81
C ARG B 567 0.31 -1.04 31.56
N ASP B 568 -0.35 -1.20 30.42
CA ASP B 568 -0.91 -2.47 29.99
C ASP B 568 -0.27 -2.89 28.65
N ILE B 569 -0.84 -3.92 28.04
CA ILE B 569 -0.32 -4.42 26.77
C ILE B 569 -0.37 -3.33 25.70
N ALA B 570 -1.46 -2.57 25.64
CA ALA B 570 -1.63 -1.51 24.65
C ALA B 570 -0.77 -0.29 24.94
N ASP B 571 0.02 -0.30 26.01
CA ASP B 571 0.79 0.86 26.44
C ASP B 571 -0.11 2.07 26.67
N THR B 572 -1.32 1.81 27.14
CA THR B 572 -2.22 2.84 27.64
C THR B 572 -2.29 2.72 29.16
N THR B 573 -2.38 3.87 29.84
CA THR B 573 -2.21 3.89 31.27
C THR B 573 -3.31 3.10 31.98
N ASP B 574 -2.90 2.14 32.80
CA ASP B 574 -3.82 1.29 33.53
C ASP B 574 -3.92 1.62 35.02
N ALA B 575 -3.00 2.43 35.53
CA ALA B 575 -3.04 2.88 36.92
C ALA B 575 -2.14 4.09 37.06
N VAL B 576 -2.60 5.08 37.83
CA VAL B 576 -1.85 6.30 38.05
C VAL B 576 -1.75 6.56 39.54
N ARG B 577 -0.60 7.06 39.96
CA ARG B 577 -0.41 7.55 41.32
C ARG B 577 -0.74 9.03 41.35
N ASP B 578 -1.54 9.42 42.34
CA ASP B 578 -1.98 10.81 42.44
C ASP B 578 -0.77 11.73 42.63
N PRO B 579 -0.76 12.90 42.00
CA PRO B 579 0.33 13.85 42.27
C PRO B 579 0.23 14.54 43.62
N GLN B 580 -0.98 14.98 44.00
CA GLN B 580 -1.15 15.69 45.27
C GLN B 580 -0.85 14.78 46.46
N THR B 581 -1.49 13.61 46.50
CA THR B 581 -1.31 12.64 47.56
C THR B 581 -0.41 11.51 47.05
N LEU B 582 -0.29 10.45 47.83
CA LEU B 582 0.49 9.27 47.44
C LEU B 582 -0.43 8.05 47.55
N GLU B 583 -1.16 7.77 46.47
CA GLU B 583 -2.09 6.65 46.41
C GLU B 583 -2.14 6.10 44.99
N ILE B 584 -2.53 4.84 44.87
CA ILE B 584 -2.55 4.16 43.58
C ILE B 584 -4.00 4.01 43.15
N LEU B 585 -4.37 4.69 42.07
CA LEU B 585 -5.73 4.69 41.55
C LEU B 585 -5.75 3.90 40.26
N ASP B 586 -6.37 2.73 40.28
CA ASP B 586 -6.59 1.97 39.06
C ASP B 586 -7.56 2.72 38.16
N ILE B 587 -7.30 2.68 36.86
CA ILE B 587 -8.16 3.30 35.86
C ILE B 587 -8.81 2.20 35.04
N THR B 588 -10.13 2.20 35.00
CA THR B 588 -10.89 1.29 34.18
C THR B 588 -11.80 2.08 33.25
N PRO B 589 -12.05 1.58 32.04
CA PRO B 589 -12.82 2.36 31.07
C PRO B 589 -14.27 2.51 31.47
N CYS B 590 -14.87 3.60 31.01
CA CYS B 590 -16.32 3.76 31.15
C CYS B 590 -17.02 2.66 30.35
N SER B 591 -18.13 2.17 30.90
CA SER B 591 -18.83 1.06 30.27
C SER B 591 -19.27 1.43 28.87
N PHE B 592 -18.88 0.61 27.90
CA PHE B 592 -19.26 0.81 26.51
C PHE B 592 -19.74 -0.51 25.93
N GLY B 593 -20.70 -0.43 25.01
CA GLY B 593 -21.24 -1.61 24.38
C GLY B 593 -22.12 -1.24 23.21
N GLY B 594 -22.28 -2.19 22.30
CA GLY B 594 -23.06 -1.94 21.10
C GLY B 594 -24.55 -2.05 21.37
N VAL B 595 -25.24 -0.93 21.27
CA VAL B 595 -26.69 -0.90 21.44
C VAL B 595 -27.33 -1.65 20.27
N SER B 596 -27.89 -2.81 20.57
CA SER B 596 -28.57 -3.62 19.56
C SER B 596 -30.07 -3.51 19.78
N VAL B 597 -30.79 -3.13 18.73
CA VAL B 597 -32.24 -2.93 18.82
C VAL B 597 -32.94 -4.22 18.45
N ILE B 598 -33.81 -4.69 19.34
CA ILE B 598 -34.59 -5.90 19.14
C ILE B 598 -36.01 -5.48 18.82
N THR B 599 -36.42 -5.62 17.55
CA THR B 599 -37.74 -5.23 17.14
C THR B 599 -38.34 -6.33 16.26
N PRO B 600 -39.64 -6.56 16.33
CA PRO B 600 -40.30 -7.41 15.34
C PRO B 600 -40.54 -6.64 14.05
N GLY B 601 -41.13 -7.33 13.09
CA GLY B 601 -41.45 -6.67 11.83
C GLY B 601 -42.38 -5.48 12.04
N THR B 602 -42.09 -4.38 11.32
CA THR B 602 -42.92 -3.19 11.45
C THR B 602 -44.37 -3.49 11.08
N ASN B 603 -44.58 -4.37 10.10
CA ASN B 603 -45.94 -4.80 9.79
C ASN B 603 -46.57 -5.56 10.96
N THR B 604 -45.76 -6.39 11.63
CA THR B 604 -46.28 -7.16 12.75
C THR B 604 -46.52 -6.29 13.97
N SER B 605 -45.58 -5.41 14.30
CA SER B 605 -45.70 -4.61 15.51
C SER B 605 -44.83 -3.38 15.40
N ASN B 606 -45.01 -2.47 16.35
CA ASN B 606 -44.28 -1.21 16.41
C ASN B 606 -43.39 -1.09 17.64
N GLN B 607 -43.57 -1.96 18.63
CA GLN B 607 -42.80 -1.86 19.86
C GLN B 607 -41.34 -2.24 19.62
N VAL B 608 -40.49 -1.80 20.54
CA VAL B 608 -39.04 -1.97 20.38
C VAL B 608 -38.44 -2.37 21.73
N ALA B 609 -37.49 -3.28 21.69
CA ALA B 609 -36.70 -3.67 22.85
C ALA B 609 -35.24 -3.43 22.54
N VAL B 610 -34.51 -2.87 23.50
CA VAL B 610 -33.13 -2.45 23.27
C VAL B 610 -32.20 -3.31 24.11
N LEU B 611 -31.17 -3.87 23.48
CA LEU B 611 -30.14 -4.64 24.15
C LEU B 611 -28.89 -3.79 24.31
N TYR B 612 -28.41 -3.66 25.53
CA TYR B 612 -27.12 -3.00 25.80
C TYR B 612 -26.08 -4.08 26.01
N GLN B 613 -25.24 -4.30 25.00
CA GLN B 613 -24.31 -5.42 25.03
C GLN B 613 -23.21 -5.19 26.06
N ASP B 614 -23.03 -6.16 26.95
CA ASP B 614 -21.94 -6.18 27.93
C ASP B 614 -21.90 -4.89 28.76
N VAL B 615 -23.07 -4.44 29.20
CA VAL B 615 -23.20 -3.30 30.10
C VAL B 615 -24.07 -3.73 31.27
N ASN B 616 -23.60 -3.47 32.48
CA ASN B 616 -24.39 -3.78 33.67
C ASN B 616 -25.61 -2.88 33.75
N CYS B 617 -26.72 -3.45 34.23
CA CYS B 617 -27.98 -2.70 34.27
C CYS B 617 -27.89 -1.50 35.21
N THR B 618 -26.98 -1.54 36.18
CA THR B 618 -26.89 -0.45 37.15
C THR B 618 -26.50 0.87 36.47
N GLU B 619 -25.53 0.82 35.56
CA GLU B 619 -25.00 2.03 34.95
C GLU B 619 -25.79 2.49 33.73
N VAL B 620 -26.74 1.69 33.25
CA VAL B 620 -27.53 2.06 32.09
C VAL B 620 -28.46 3.23 32.43
N TYR B 636 -33.63 4.58 25.18
CA TYR B 636 -34.93 4.16 25.70
C TYR B 636 -35.14 4.65 27.13
N SER B 637 -36.37 4.59 27.60
CA SER B 637 -36.67 5.03 28.95
C SER B 637 -36.21 3.97 29.96
N THR B 638 -35.43 4.41 30.95
CA THR B 638 -34.96 3.49 31.98
C THR B 638 -36.11 3.08 32.89
N GLY B 639 -35.95 1.91 33.52
CA GLY B 639 -36.98 1.38 34.39
C GLY B 639 -38.11 0.67 33.70
N SER B 640 -38.01 0.44 32.39
CA SER B 640 -39.06 -0.22 31.62
C SER B 640 -38.72 -1.69 31.48
N ASN B 641 -39.12 -2.49 32.47
CA ASN B 641 -38.92 -3.93 32.45
C ASN B 641 -37.45 -4.30 32.26
N VAL B 642 -36.58 -3.62 33.01
CA VAL B 642 -35.15 -3.83 32.85
C VAL B 642 -34.79 -5.25 33.28
N PHE B 643 -34.10 -5.96 32.40
CA PHE B 643 -33.71 -7.34 32.63
C PHE B 643 -32.24 -7.51 32.28
N GLN B 644 -31.56 -8.39 33.00
CA GLN B 644 -30.12 -8.56 32.88
C GLN B 644 -29.78 -9.98 32.47
N THR B 645 -28.84 -10.13 31.54
CA THR B 645 -28.33 -11.43 31.13
C THR B 645 -26.84 -11.30 30.86
N ARG B 646 -26.21 -12.43 30.51
CA ARG B 646 -24.77 -12.43 30.25
C ARG B 646 -24.43 -11.56 29.05
N ALA B 647 -25.31 -11.54 28.04
CA ALA B 647 -25.07 -10.70 26.87
C ALA B 647 -25.05 -9.22 27.24
N GLY B 648 -25.96 -8.81 28.12
CA GLY B 648 -25.99 -7.42 28.55
C GLY B 648 -27.35 -7.09 29.15
N CYS B 649 -27.55 -5.79 29.38
CA CYS B 649 -28.77 -5.29 29.98
C CYS B 649 -29.84 -5.09 28.91
N LEU B 650 -30.91 -5.87 28.99
CA LEU B 650 -31.97 -5.86 27.99
C LEU B 650 -33.14 -5.04 28.52
N ILE B 651 -33.48 -3.96 27.82
CA ILE B 651 -34.55 -3.04 28.21
C ILE B 651 -35.63 -3.12 27.15
N GLY B 652 -36.89 -3.13 27.60
CA GLY B 652 -38.01 -3.23 26.71
C GLY B 652 -38.65 -4.60 26.64
N ALA B 653 -38.04 -5.61 27.25
CA ALA B 653 -38.59 -6.95 27.29
C ALA B 653 -38.59 -7.44 28.73
N GLU B 654 -39.60 -8.25 29.06
CA GLU B 654 -39.72 -8.83 30.39
C GLU B 654 -39.36 -10.30 30.34
N HIS B 655 -38.64 -10.76 31.36
CA HIS B 655 -38.20 -12.15 31.39
C HIS B 655 -39.39 -13.08 31.48
N VAL B 656 -39.34 -14.18 30.74
CA VAL B 656 -40.39 -15.18 30.71
C VAL B 656 -39.81 -16.51 31.20
N ASN B 657 -40.45 -17.09 32.20
CA ASN B 657 -39.95 -18.35 32.76
C ASN B 657 -40.16 -19.50 31.78
N ASN B 658 -41.25 -19.46 31.02
CA ASN B 658 -41.52 -20.50 30.05
C ASN B 658 -40.48 -20.48 28.93
N SER B 659 -40.13 -21.66 28.44
CA SER B 659 -39.15 -21.77 27.36
C SER B 659 -39.85 -21.72 26.01
N TYR B 660 -39.29 -20.94 25.10
CA TYR B 660 -39.83 -20.80 23.75
C TYR B 660 -38.72 -20.99 22.73
N GLU B 661 -39.09 -21.35 21.51
CA GLU B 661 -38.13 -21.49 20.43
C GLU B 661 -37.51 -20.14 20.13
N CYS B 662 -36.25 -20.16 19.69
CA CYS B 662 -35.54 -18.91 19.43
C CYS B 662 -36.10 -18.20 18.21
N ASP B 663 -36.38 -16.91 18.36
CA ASP B 663 -36.78 -16.06 17.25
C ASP B 663 -35.79 -14.96 16.97
N ILE B 664 -35.46 -14.14 17.96
CA ILE B 664 -34.44 -13.10 17.85
C ILE B 664 -33.36 -13.41 18.86
N PRO B 665 -32.21 -13.93 18.45
CA PRO B 665 -31.18 -14.31 19.42
C PRO B 665 -30.47 -13.13 20.06
N ILE B 666 -30.70 -12.90 21.35
CA ILE B 666 -29.94 -11.90 22.08
C ILE B 666 -28.49 -12.35 22.24
N GLY B 667 -28.29 -13.59 22.62
CA GLY B 667 -26.97 -14.09 22.95
C GLY B 667 -26.96 -14.70 24.33
N ALA B 668 -26.01 -15.61 24.59
CA ALA B 668 -25.90 -16.31 25.86
C ALA B 668 -27.18 -17.07 26.20
N GLY B 669 -27.83 -17.64 25.18
CA GLY B 669 -28.98 -18.48 25.39
C GLY B 669 -30.30 -17.77 25.54
N ILE B 670 -30.34 -16.45 25.40
CA ILE B 670 -31.56 -15.67 25.55
C ILE B 670 -32.08 -15.29 24.18
N CYS B 671 -33.35 -15.61 23.91
CA CYS B 671 -33.99 -15.31 22.64
C CYS B 671 -35.30 -14.59 22.88
N ALA B 672 -35.59 -13.61 22.03
CA ALA B 672 -36.74 -12.74 22.17
C ALA B 672 -37.79 -13.06 21.13
N SER B 673 -39.02 -12.61 21.38
CA SER B 673 -40.12 -12.81 20.46
C SER B 673 -41.24 -11.86 20.82
N TYR B 674 -42.21 -11.74 19.91
CA TYR B 674 -43.43 -10.97 20.14
C TYR B 674 -44.53 -11.94 20.52
N GLN B 675 -44.99 -11.87 21.77
CA GLN B 675 -45.98 -12.80 22.27
C GLN B 675 -46.98 -12.04 23.13
N THR B 676 -48.20 -12.57 23.18
CA THR B 676 -49.27 -12.00 23.98
C THR B 676 -49.15 -12.42 25.45
N SER B 686 -50.97 -6.40 26.89
CA SER B 686 -51.36 -7.66 26.26
C SER B 686 -50.20 -8.26 25.47
N GLN B 687 -49.76 -7.54 24.45
CA GLN B 687 -48.67 -7.97 23.59
C GLN B 687 -47.45 -7.10 23.85
N SER B 688 -46.31 -7.74 24.13
CA SER B 688 -45.07 -7.03 24.38
C SER B 688 -43.89 -7.96 24.09
N ILE B 689 -42.72 -7.36 23.95
CA ILE B 689 -41.51 -8.14 23.68
C ILE B 689 -41.16 -8.94 24.92
N ILE B 690 -40.85 -10.22 24.74
CA ILE B 690 -40.53 -11.13 25.83
C ILE B 690 -39.13 -11.69 25.59
N ALA B 691 -38.35 -11.80 26.67
CA ALA B 691 -37.04 -12.41 26.62
C ALA B 691 -37.05 -13.68 27.45
N TYR B 692 -36.60 -14.78 26.87
CA TYR B 692 -36.66 -16.08 27.52
C TYR B 692 -35.37 -16.84 27.25
N THR B 693 -35.10 -17.82 28.11
CA THR B 693 -34.06 -18.79 27.81
C THR B 693 -34.53 -19.67 26.65
N MET B 694 -33.73 -19.71 25.59
CA MET B 694 -34.17 -20.36 24.37
C MET B 694 -34.43 -21.85 24.61
N SER B 695 -35.50 -22.35 24.02
CA SER B 695 -35.88 -23.75 24.15
C SER B 695 -35.21 -24.55 23.05
N LEU B 696 -34.24 -25.37 23.43
CA LEU B 696 -33.54 -26.20 22.44
C LEU B 696 -34.51 -27.15 21.75
N GLY B 697 -35.57 -27.54 22.45
CA GLY B 697 -36.57 -28.40 21.85
C GLY B 697 -37.33 -29.14 22.90
N ALA B 698 -38.31 -29.92 22.45
CA ALA B 698 -39.09 -30.76 23.35
C ALA B 698 -38.23 -31.93 23.81
N GLU B 699 -38.22 -32.16 25.13
CA GLU B 699 -37.39 -33.21 25.72
C GLU B 699 -38.02 -34.57 25.39
N ASN B 700 -37.80 -34.99 24.15
CA ASN B 700 -38.38 -36.25 23.65
C ASN B 700 -37.53 -37.41 24.16
N SER B 701 -37.77 -37.77 25.42
CA SER B 701 -37.09 -38.93 25.98
C SER B 701 -37.48 -40.18 25.21
N VAL B 702 -36.50 -40.98 24.82
CA VAL B 702 -36.73 -42.16 24.01
C VAL B 702 -36.76 -43.38 24.91
N ALA B 703 -37.79 -44.21 24.75
CA ALA B 703 -38.00 -45.37 25.62
C ALA B 703 -37.01 -46.46 25.24
N TYR B 704 -35.75 -46.24 25.62
CA TYR B 704 -34.74 -47.26 25.42
C TYR B 704 -34.99 -48.45 26.34
N SER B 705 -34.58 -49.63 25.90
CA SER B 705 -34.65 -50.83 26.72
C SER B 705 -33.75 -51.89 26.11
N ASN B 706 -33.52 -52.96 26.88
CA ASN B 706 -32.79 -54.10 26.36
C ASN B 706 -33.56 -54.78 25.23
N ASN B 707 -34.87 -54.61 25.19
CA ASN B 707 -35.70 -55.10 24.11
C ASN B 707 -36.76 -54.04 23.84
N SER B 708 -36.46 -53.13 22.92
CA SER B 708 -37.36 -52.07 22.53
C SER B 708 -36.95 -51.55 21.17
N ILE B 709 -37.75 -51.84 20.15
CA ILE B 709 -37.47 -51.44 18.79
C ILE B 709 -38.68 -50.73 18.20
N ALA B 710 -38.43 -49.65 17.47
CA ALA B 710 -39.44 -48.94 16.71
C ALA B 710 -39.10 -49.09 15.24
N ILE B 711 -40.05 -49.56 14.45
CA ILE B 711 -39.91 -49.74 13.02
C ILE B 711 -41.02 -48.94 12.33
N PRO B 712 -40.70 -48.02 11.44
CA PRO B 712 -41.75 -47.18 10.86
C PRO B 712 -42.65 -48.00 9.94
N THR B 713 -43.95 -47.81 10.12
CA THR B 713 -44.95 -48.48 9.28
C THR B 713 -45.33 -47.66 8.07
N ASN B 714 -44.77 -46.46 7.91
CA ASN B 714 -45.14 -45.57 6.83
C ASN B 714 -44.02 -44.57 6.63
N PHE B 715 -44.02 -43.92 5.48
CA PHE B 715 -42.97 -43.00 5.10
C PHE B 715 -43.57 -41.68 4.66
N THR B 716 -42.71 -40.81 4.16
CA THR B 716 -43.10 -39.52 3.62
C THR B 716 -42.05 -39.09 2.62
N ILE B 717 -42.41 -39.08 1.33
CA ILE B 717 -41.46 -38.74 0.29
C ILE B 717 -41.42 -37.24 0.19
N SER B 718 -40.63 -36.60 1.04
CA SER B 718 -40.61 -35.15 1.11
C SER B 718 -39.57 -34.58 0.16
N VAL B 719 -39.91 -33.49 -0.48
CA VAL B 719 -39.01 -32.76 -1.35
C VAL B 719 -38.46 -31.58 -0.56
N THR B 720 -37.14 -31.53 -0.41
CA THR B 720 -36.48 -30.47 0.33
C THR B 720 -35.73 -29.57 -0.63
N THR B 721 -35.87 -28.27 -0.44
CA THR B 721 -35.23 -27.29 -1.29
C THR B 721 -33.93 -26.85 -0.64
N GLU B 722 -32.81 -27.21 -1.27
CA GLU B 722 -31.49 -26.73 -0.86
C GLU B 722 -30.99 -25.79 -1.94
N ILE B 723 -30.61 -24.59 -1.55
CA ILE B 723 -30.26 -23.53 -2.47
C ILE B 723 -28.79 -23.19 -2.28
N LEU B 724 -28.00 -23.35 -3.33
CA LEU B 724 -26.57 -23.16 -3.27
C LEU B 724 -26.13 -22.10 -4.27
N PRO B 725 -25.45 -21.04 -3.82
CA PRO B 725 -24.85 -20.11 -4.78
C PRO B 725 -23.75 -20.81 -5.58
N VAL B 726 -23.84 -20.71 -6.90
CA VAL B 726 -22.85 -21.33 -7.78
C VAL B 726 -21.88 -20.32 -8.35
N SER B 727 -22.40 -19.25 -8.93
CA SER B 727 -21.55 -18.19 -9.46
C SER B 727 -22.10 -16.85 -9.00
N MET B 728 -21.19 -15.91 -8.79
CA MET B 728 -21.56 -14.55 -8.44
C MET B 728 -21.51 -13.68 -9.69
N THR B 729 -21.84 -12.41 -9.51
CA THR B 729 -21.85 -11.49 -10.64
C THR B 729 -20.46 -11.41 -11.25
N LYS B 730 -20.38 -11.78 -12.53
CA LYS B 730 -19.09 -11.90 -13.23
C LYS B 730 -18.57 -10.50 -13.53
N THR B 731 -18.13 -9.83 -12.47
CA THR B 731 -17.71 -8.45 -12.56
C THR B 731 -16.24 -8.33 -12.95
N SER B 732 -15.91 -7.21 -13.57
CA SER B 732 -14.53 -6.85 -13.89
C SER B 732 -14.40 -5.34 -13.82
N VAL B 733 -13.37 -4.87 -13.14
CA VAL B 733 -13.18 -3.44 -12.89
C VAL B 733 -11.91 -2.98 -13.57
N ASP B 734 -12.03 -1.93 -14.38
CA ASP B 734 -10.87 -1.32 -15.02
C ASP B 734 -10.15 -0.47 -13.98
N CYS B 735 -9.07 -1.00 -13.42
CA CYS B 735 -8.39 -0.34 -12.31
C CYS B 735 -7.94 1.07 -12.69
N THR B 736 -7.28 1.20 -13.84
CA THR B 736 -6.80 2.50 -14.29
C THR B 736 -7.96 3.48 -14.39
N MET B 737 -9.12 3.02 -14.85
CA MET B 737 -10.28 3.88 -14.88
C MET B 737 -10.87 4.12 -13.48
N TYR B 738 -10.93 3.09 -12.64
CA TYR B 738 -11.60 3.30 -11.36
C TYR B 738 -10.87 4.34 -10.53
N ILE B 739 -9.55 4.22 -10.41
CA ILE B 739 -8.81 5.26 -9.70
C ILE B 739 -8.81 6.57 -10.48
N CYS B 740 -8.56 6.51 -11.79
CA CYS B 740 -8.38 7.70 -12.59
C CYS B 740 -9.37 7.73 -13.74
N GLY B 741 -10.09 8.84 -13.88
CA GLY B 741 -11.05 8.96 -14.95
C GLY B 741 -10.44 9.45 -16.25
N ASP B 742 -10.99 10.52 -16.81
CA ASP B 742 -10.46 11.07 -18.04
C ASP B 742 -9.12 11.78 -17.82
N SER B 743 -8.75 11.99 -16.56
CA SER B 743 -7.49 12.68 -16.26
C SER B 743 -6.30 11.84 -16.72
N THR B 744 -5.28 12.53 -17.24
CA THR B 744 -4.09 11.82 -17.72
C THR B 744 -2.97 11.83 -16.68
N GLU B 745 -2.85 12.92 -15.92
CA GLU B 745 -1.82 12.99 -14.88
C GLU B 745 -2.06 11.93 -13.80
N CYS B 746 -3.33 11.67 -13.48
CA CYS B 746 -3.63 10.58 -12.56
C CYS B 746 -3.13 9.25 -13.11
N SER B 747 -3.23 9.05 -14.42
CA SER B 747 -2.74 7.82 -15.01
C SER B 747 -1.24 7.67 -14.81
N ASN B 748 -0.49 8.75 -14.99
CA ASN B 748 0.96 8.69 -14.79
C ASN B 748 1.31 8.45 -13.32
N LEU B 749 0.61 9.14 -12.42
CA LEU B 749 0.89 8.97 -11.00
C LEU B 749 0.55 7.57 -10.52
N LEU B 750 -0.47 6.94 -11.13
CA LEU B 750 -0.75 5.55 -10.82
C LEU B 750 0.29 4.63 -11.45
N LEU B 751 0.73 4.96 -12.66
CA LEU B 751 1.74 4.12 -13.33
C LEU B 751 3.03 4.08 -12.53
N GLN B 752 3.39 5.20 -11.89
CA GLN B 752 4.58 5.20 -11.05
C GLN B 752 4.40 4.34 -9.80
N TYR B 753 3.17 3.90 -9.51
CA TYR B 753 2.92 3.03 -8.36
C TYR B 753 3.25 1.58 -8.66
N GLY B 754 3.60 1.24 -9.88
CA GLY B 754 3.95 -0.12 -10.22
C GLY B 754 2.82 -0.86 -10.92
N SER B 755 2.79 -2.17 -10.70
CA SER B 755 1.83 -3.04 -11.34
C SER B 755 0.68 -3.43 -10.42
N PHE B 756 0.26 -2.53 -9.53
CA PHE B 756 -0.88 -2.82 -8.67
C PHE B 756 -2.15 -3.02 -9.49
N CYS B 757 -2.40 -2.15 -10.46
CA CYS B 757 -3.59 -2.28 -11.28
C CYS B 757 -3.55 -3.54 -12.13
N THR B 758 -2.35 -3.92 -12.60
CA THR B 758 -2.24 -5.17 -13.33
C THR B 758 -2.60 -6.37 -12.45
N GLN B 759 -2.13 -6.37 -11.20
CA GLN B 759 -2.50 -7.44 -10.28
C GLN B 759 -4.00 -7.46 -10.02
N LEU B 760 -4.59 -6.28 -9.82
CA LEU B 760 -6.03 -6.22 -9.54
C LEU B 760 -6.84 -6.72 -10.74
N ASN B 761 -6.48 -6.29 -11.95
CA ASN B 761 -7.20 -6.74 -13.13
C ASN B 761 -7.00 -8.24 -13.35
N ARG B 762 -5.80 -8.75 -13.09
CA ARG B 762 -5.57 -10.18 -13.22
C ARG B 762 -6.41 -10.95 -12.20
N ALA B 763 -6.50 -10.45 -10.98
CA ALA B 763 -7.29 -11.12 -9.95
C ALA B 763 -8.76 -11.14 -10.33
N LEU B 764 -9.27 -10.01 -10.83
CA LEU B 764 -10.69 -9.95 -11.18
C LEU B 764 -11.00 -10.79 -12.43
N THR B 765 -10.08 -10.80 -13.40
CA THR B 765 -10.26 -11.66 -14.57
C THR B 765 -10.21 -13.13 -14.18
N GLY B 766 -9.31 -13.49 -13.27
CA GLY B 766 -9.29 -14.84 -12.76
C GLY B 766 -10.57 -15.19 -12.03
N ILE B 767 -11.13 -14.22 -11.29
CA ILE B 767 -12.42 -14.43 -10.63
C ILE B 767 -13.51 -14.69 -11.67
N ALA B 768 -13.53 -13.91 -12.74
CA ALA B 768 -14.56 -14.07 -13.76
C ALA B 768 -14.45 -15.42 -14.46
N VAL B 769 -13.23 -15.78 -14.87
CA VAL B 769 -13.01 -17.10 -15.47
C VAL B 769 -13.38 -18.18 -14.48
N GLU B 770 -13.12 -17.95 -13.19
CA GLU B 770 -13.51 -18.90 -12.16
C GLU B 770 -15.02 -19.03 -12.08
N GLN B 771 -15.75 -17.93 -12.27
CA GLN B 771 -17.21 -18.01 -12.25
C GLN B 771 -17.73 -18.83 -13.42
N ASP B 772 -17.16 -18.61 -14.60
CA ASP B 772 -17.54 -19.44 -15.75
C ASP B 772 -17.18 -20.90 -15.50
N LYS B 773 -16.02 -21.14 -14.89
CA LYS B 773 -15.62 -22.50 -14.56
C LYS B 773 -16.57 -23.12 -13.55
N ASN B 774 -17.03 -22.33 -12.57
CA ASN B 774 -18.00 -22.82 -11.60
C ASN B 774 -19.29 -23.23 -12.28
N THR B 775 -19.80 -22.38 -13.18
CA THR B 775 -21.05 -22.69 -13.86
C THR B 775 -20.90 -23.94 -14.72
N GLN B 776 -19.79 -24.05 -15.45
CA GLN B 776 -19.58 -25.24 -16.27
C GLN B 776 -19.40 -26.48 -15.42
N GLU B 777 -18.66 -26.38 -14.31
CA GLU B 777 -18.44 -27.54 -13.45
C GLU B 777 -19.73 -28.01 -12.81
N VAL B 778 -20.58 -27.07 -12.39
CA VAL B 778 -21.85 -27.47 -11.77
C VAL B 778 -22.79 -28.05 -12.80
N PHE B 779 -23.03 -27.33 -13.91
CA PHE B 779 -24.10 -27.67 -14.83
C PHE B 779 -23.67 -28.59 -15.96
N ALA B 780 -22.44 -28.49 -16.45
CA ALA B 780 -22.02 -29.23 -17.64
C ALA B 780 -21.51 -30.62 -17.33
N GLN B 781 -21.97 -31.22 -16.23
CA GLN B 781 -21.62 -32.61 -15.94
C GLN B 781 -22.09 -33.52 -17.06
N VAL B 782 -23.15 -33.13 -17.76
CA VAL B 782 -23.70 -33.92 -18.84
C VAL B 782 -22.93 -33.62 -20.13
N LYS B 783 -22.58 -34.65 -20.88
CA LYS B 783 -21.80 -34.46 -22.09
C LYS B 783 -22.67 -34.11 -23.28
N GLN B 784 -23.82 -34.76 -23.41
CA GLN B 784 -24.73 -34.55 -24.54
C GLN B 784 -26.08 -34.08 -24.03
N ILE B 785 -26.58 -32.98 -24.61
CA ILE B 785 -27.87 -32.46 -24.18
C ILE B 785 -28.95 -33.46 -24.53
N TYR B 786 -29.76 -33.81 -23.54
CA TYR B 786 -30.83 -34.78 -23.70
C TYR B 786 -32.18 -34.08 -23.76
N LYS B 787 -33.11 -34.69 -24.49
CA LYS B 787 -34.43 -34.13 -24.68
C LYS B 787 -35.45 -34.98 -23.94
N THR B 788 -36.33 -34.33 -23.21
CA THR B 788 -37.40 -35.04 -22.53
C THR B 788 -38.31 -35.68 -23.57
N PRO B 789 -38.87 -36.86 -23.29
CA PRO B 789 -39.74 -37.50 -24.26
C PRO B 789 -40.97 -36.65 -24.52
N PRO B 790 -41.52 -36.72 -25.73
CA PRO B 790 -42.70 -35.88 -26.04
C PRO B 790 -43.89 -36.17 -25.14
N ILE B 791 -44.07 -37.41 -24.70
CA ILE B 791 -45.17 -37.80 -23.83
C ILE B 791 -44.62 -38.09 -22.45
N LYS B 792 -45.22 -37.50 -21.42
CA LYS B 792 -44.76 -37.65 -20.05
C LYS B 792 -45.59 -38.71 -19.32
N ASP B 793 -45.39 -39.96 -19.75
CA ASP B 793 -46.07 -41.10 -19.13
C ASP B 793 -45.16 -41.75 -18.08
N PHE B 794 -44.77 -40.95 -17.09
CA PHE B 794 -43.78 -41.38 -16.10
C PHE B 794 -44.44 -42.10 -14.93
N GLY B 795 -45.25 -43.11 -15.28
CA GLY B 795 -45.81 -44.00 -14.29
C GLY B 795 -46.62 -43.33 -13.19
N GLY B 796 -47.17 -42.16 -13.47
CA GLY B 796 -47.90 -41.40 -12.48
C GLY B 796 -47.13 -40.27 -11.84
N PHE B 797 -45.81 -40.28 -11.91
CA PHE B 797 -45.02 -39.16 -11.43
C PHE B 797 -45.23 -37.95 -12.34
N ASN B 798 -45.17 -36.77 -11.76
CA ASN B 798 -45.42 -35.53 -12.49
C ASN B 798 -44.24 -34.59 -12.35
N PHE B 799 -43.66 -34.19 -13.49
CA PHE B 799 -42.53 -33.28 -13.51
C PHE B 799 -42.85 -31.99 -14.26
N SER B 800 -44.14 -31.70 -14.48
CA SER B 800 -44.51 -30.54 -15.26
C SER B 800 -44.01 -29.25 -14.62
N GLN B 801 -43.96 -29.21 -13.29
CA GLN B 801 -43.48 -28.00 -12.62
C GLN B 801 -41.97 -27.85 -12.77
N ILE B 802 -41.25 -28.97 -12.94
CA ILE B 802 -39.79 -28.91 -13.03
C ILE B 802 -39.27 -29.01 -14.46
N LEU B 803 -40.04 -29.60 -15.38
CA LEU B 803 -39.61 -29.65 -16.76
C LEU B 803 -39.84 -28.29 -17.43
N PRO B 804 -39.10 -27.99 -18.50
CA PRO B 804 -39.26 -26.68 -19.15
C PRO B 804 -40.67 -26.49 -19.69
N ASP B 805 -41.12 -25.24 -19.68
CA ASP B 805 -42.46 -24.91 -20.12
C ASP B 805 -42.43 -24.49 -21.58
N PRO B 806 -42.98 -25.29 -22.50
CA PRO B 806 -42.93 -24.88 -23.92
C PRO B 806 -43.76 -23.65 -24.22
N SER B 807 -44.80 -23.39 -23.43
CA SER B 807 -45.70 -22.28 -23.74
C SER B 807 -45.01 -20.93 -23.62
N LYS B 808 -44.33 -20.70 -22.50
CA LYS B 808 -43.69 -19.41 -22.28
C LYS B 808 -42.48 -19.26 -23.21
N PRO B 809 -42.08 -18.02 -23.51
CA PRO B 809 -41.00 -17.83 -24.51
C PRO B 809 -39.69 -18.46 -24.09
N SER B 810 -39.15 -18.11 -22.93
CA SER B 810 -37.93 -18.73 -22.45
C SER B 810 -38.25 -20.11 -21.87
N LYS B 811 -37.60 -21.14 -22.42
CA LYS B 811 -37.95 -22.53 -22.09
C LYS B 811 -37.46 -22.87 -20.69
N ARG B 812 -38.13 -22.26 -19.71
CA ARG B 812 -37.80 -22.44 -18.30
C ARG B 812 -39.00 -23.05 -17.58
N SER B 813 -38.72 -23.85 -16.56
CA SER B 813 -39.78 -24.49 -15.82
C SER B 813 -40.55 -23.46 -14.99
N PRO B 814 -41.80 -23.76 -14.63
CA PRO B 814 -42.53 -22.83 -13.75
C PRO B 814 -41.80 -22.56 -12.44
N ILE B 815 -41.19 -23.60 -11.87
CA ILE B 815 -40.39 -23.40 -10.66
C ILE B 815 -39.21 -22.49 -10.95
N GLU B 816 -38.52 -22.72 -12.08
CA GLU B 816 -37.43 -21.83 -12.48
C GLU B 816 -37.95 -20.42 -12.71
N ASP B 817 -39.16 -20.29 -13.25
CA ASP B 817 -39.75 -18.97 -13.46
C ASP B 817 -39.95 -18.25 -12.13
N LEU B 818 -40.47 -18.94 -11.13
CA LEU B 818 -40.62 -18.34 -9.81
C LEU B 818 -39.25 -17.97 -9.23
N LEU B 819 -38.26 -18.85 -9.39
CA LEU B 819 -36.93 -18.56 -8.88
C LEU B 819 -36.33 -17.31 -9.52
N PHE B 820 -36.51 -17.13 -10.82
CA PHE B 820 -36.01 -15.94 -11.49
C PHE B 820 -36.81 -14.69 -11.12
N ASN B 821 -38.12 -14.81 -10.92
CA ASN B 821 -38.92 -13.65 -10.53
C ASN B 821 -38.57 -13.19 -9.12
N LYS B 822 -38.34 -14.13 -8.21
CA LYS B 822 -38.14 -13.77 -6.80
C LYS B 822 -36.86 -12.95 -6.61
N VAL B 823 -35.77 -13.36 -7.25
CA VAL B 823 -34.49 -12.69 -7.06
C VAL B 823 -34.48 -11.41 -7.89
N THR B 824 -34.14 -10.29 -7.25
CA THR B 824 -34.09 -9.01 -7.93
C THR B 824 -32.68 -8.73 -8.46
N LYS B 851 -22.60 2.44 -11.08
CA LYS B 851 -21.81 1.29 -11.52
C LYS B 851 -21.27 1.51 -12.93
N PHE B 852 -21.04 2.77 -13.28
CA PHE B 852 -20.56 3.13 -14.61
C PHE B 852 -19.23 3.88 -14.57
N ASN B 853 -18.53 3.89 -13.44
CA ASN B 853 -17.23 4.55 -13.34
C ASN B 853 -16.13 3.54 -13.57
N GLY B 854 -16.15 2.94 -14.76
CA GLY B 854 -15.19 1.93 -15.13
C GLY B 854 -15.51 0.54 -14.66
N LEU B 855 -16.65 0.34 -14.00
CA LEU B 855 -17.06 -0.98 -13.52
C LEU B 855 -17.88 -1.65 -14.60
N THR B 856 -17.41 -2.80 -15.08
CA THR B 856 -18.06 -3.50 -16.18
C THR B 856 -18.49 -4.88 -15.70
N VAL B 857 -19.76 -5.22 -15.92
CA VAL B 857 -20.29 -6.53 -15.58
C VAL B 857 -20.20 -7.39 -16.83
N LEU B 858 -19.18 -8.22 -16.90
CA LEU B 858 -19.04 -9.12 -18.04
C LEU B 858 -20.16 -10.15 -18.02
N PRO B 859 -20.85 -10.35 -19.14
CA PRO B 859 -21.93 -11.32 -19.15
C PRO B 859 -21.40 -12.72 -18.94
N PRO B 860 -22.18 -13.61 -18.32
CA PRO B 860 -21.75 -15.01 -18.21
C PRO B 860 -21.59 -15.62 -19.60
N LEU B 861 -20.61 -16.51 -19.73
CA LEU B 861 -20.44 -17.22 -21.00
C LEU B 861 -21.68 -18.03 -21.34
N LEU B 862 -22.24 -18.72 -20.36
CA LEU B 862 -23.48 -19.46 -20.54
C LEU B 862 -24.65 -18.54 -20.24
N THR B 863 -25.49 -18.29 -21.24
CA THR B 863 -26.64 -17.43 -21.02
C THR B 863 -27.68 -18.13 -20.15
N ASP B 864 -28.57 -17.33 -19.58
CA ASP B 864 -29.59 -17.88 -18.69
C ASP B 864 -30.44 -18.93 -19.39
N GLU B 865 -30.77 -18.69 -20.66
CA GLU B 865 -31.45 -19.71 -21.45
C GLU B 865 -30.56 -20.94 -21.63
N MET B 866 -29.26 -20.73 -21.82
CA MET B 866 -28.37 -21.86 -22.04
C MET B 866 -28.08 -22.61 -20.74
N ILE B 867 -27.98 -21.88 -19.62
CA ILE B 867 -27.91 -22.56 -18.32
C ILE B 867 -29.19 -23.35 -18.08
N ALA B 868 -30.33 -22.80 -18.47
CA ALA B 868 -31.58 -23.54 -18.39
C ALA B 868 -31.54 -24.76 -19.31
N GLN B 869 -30.79 -24.68 -20.40
CA GLN B 869 -30.68 -25.83 -21.29
C GLN B 869 -29.84 -26.95 -20.68
N TYR B 870 -28.71 -26.60 -20.06
CA TYR B 870 -28.03 -27.57 -19.20
C TYR B 870 -28.97 -28.16 -18.16
N THR B 871 -29.74 -27.33 -17.48
CA THR B 871 -30.61 -27.83 -16.43
C THR B 871 -31.66 -28.78 -16.98
N SER B 872 -32.22 -28.45 -18.14
CA SER B 872 -33.18 -29.34 -18.79
C SER B 872 -32.54 -30.64 -19.23
N ALA B 873 -31.31 -30.58 -19.73
CA ALA B 873 -30.61 -31.80 -20.11
C ALA B 873 -30.36 -32.68 -18.90
N LEU B 874 -29.93 -32.09 -17.79
CA LEU B 874 -29.71 -32.85 -16.57
C LEU B 874 -31.01 -33.45 -16.06
N LEU B 875 -32.10 -32.68 -16.11
CA LEU B 875 -33.39 -33.19 -15.67
C LEU B 875 -33.85 -34.35 -16.56
N ALA B 876 -33.68 -34.21 -17.87
CA ALA B 876 -34.09 -35.28 -18.78
C ALA B 876 -33.24 -36.53 -18.56
N GLY B 877 -31.94 -36.35 -18.35
CA GLY B 877 -31.09 -37.48 -18.04
C GLY B 877 -31.48 -38.17 -16.75
N THR B 878 -31.79 -37.39 -15.71
CA THR B 878 -32.23 -37.96 -14.45
C THR B 878 -33.54 -38.71 -14.61
N ILE B 879 -34.47 -38.13 -15.37
CA ILE B 879 -35.80 -38.72 -15.49
C ILE B 879 -35.76 -40.00 -16.32
N THR B 880 -35.08 -39.97 -17.47
CA THR B 880 -35.11 -41.08 -18.41
C THR B 880 -33.97 -42.07 -18.22
N SER B 881 -32.75 -41.60 -18.00
CA SER B 881 -31.59 -42.47 -17.85
C SER B 881 -31.22 -42.74 -16.41
N GLY B 882 -31.54 -41.85 -15.48
CA GLY B 882 -31.22 -42.09 -14.09
C GLY B 882 -29.83 -41.58 -13.76
N TRP B 883 -29.06 -42.41 -13.07
CA TRP B 883 -27.68 -42.06 -12.74
C TRP B 883 -26.68 -42.47 -13.82
N THR B 884 -27.12 -43.26 -14.81
CA THR B 884 -26.17 -43.83 -15.75
C THR B 884 -25.56 -42.77 -16.64
N PHE B 885 -26.30 -41.71 -16.96
CA PHE B 885 -25.79 -40.71 -17.89
C PHE B 885 -24.59 -39.97 -17.31
N GLY B 886 -24.44 -40.00 -15.98
CA GLY B 886 -23.27 -39.38 -15.37
C GLY B 886 -22.06 -40.29 -15.39
N ALA B 887 -22.28 -41.59 -15.58
CA ALA B 887 -21.20 -42.57 -15.59
C ALA B 887 -20.86 -43.09 -16.98
N GLY B 888 -21.32 -42.42 -18.04
CA GLY B 888 -21.02 -42.84 -19.39
C GLY B 888 -22.19 -42.63 -20.33
N PRO B 889 -22.48 -43.65 -21.14
CA PRO B 889 -23.63 -43.56 -22.04
C PRO B 889 -24.94 -43.47 -21.27
N ALA B 890 -25.80 -42.56 -21.70
CA ALA B 890 -27.18 -42.43 -21.17
C ALA B 890 -27.95 -43.72 -21.44
N LEU B 891 -28.45 -44.36 -20.38
CA LEU B 891 -29.18 -45.61 -20.53
C LEU B 891 -30.59 -45.40 -20.03
N GLN B 892 -31.55 -45.41 -20.96
CA GLN B 892 -32.99 -45.17 -20.66
C GLN B 892 -33.45 -46.10 -19.52
N ILE B 893 -34.15 -45.54 -18.54
CA ILE B 893 -34.78 -46.34 -17.49
C ILE B 893 -36.14 -45.73 -17.16
N PRO B 894 -37.21 -46.50 -17.28
CA PRO B 894 -38.53 -45.98 -16.88
C PRO B 894 -38.51 -45.50 -15.44
N PHE B 895 -39.10 -44.32 -15.22
CA PHE B 895 -38.95 -43.65 -13.94
C PHE B 895 -39.43 -44.45 -12.74
N PRO B 896 -40.54 -45.20 -12.79
CA PRO B 896 -40.87 -46.05 -11.63
C PRO B 896 -39.73 -46.98 -11.24
N MET B 897 -39.04 -47.59 -12.19
CA MET B 897 -37.97 -48.50 -11.81
C MET B 897 -36.73 -47.74 -11.34
N GLN B 898 -36.51 -46.54 -11.88
CA GLN B 898 -35.40 -45.75 -11.34
C GLN B 898 -35.65 -45.38 -9.89
N MET B 899 -36.88 -44.97 -9.57
CA MET B 899 -37.21 -44.68 -8.17
C MET B 899 -37.12 -45.95 -7.32
N ALA B 900 -37.49 -47.10 -7.88
CA ALA B 900 -37.35 -48.35 -7.15
C ALA B 900 -35.89 -48.65 -6.84
N TYR B 901 -35.00 -48.34 -7.78
CA TYR B 901 -33.57 -48.55 -7.53
C TYR B 901 -33.03 -47.54 -6.53
N ARG B 902 -33.58 -46.33 -6.51
CA ARG B 902 -33.21 -45.39 -5.46
C ARG B 902 -33.64 -45.90 -4.08
N PHE B 903 -34.85 -46.46 -3.99
CA PHE B 903 -35.26 -47.14 -2.76
C PHE B 903 -34.29 -48.25 -2.38
N ASN B 904 -33.96 -49.12 -3.33
CA ASN B 904 -33.00 -50.17 -3.05
C ASN B 904 -31.67 -49.60 -2.56
N GLY B 905 -31.31 -48.42 -3.05
CA GLY B 905 -30.08 -47.78 -2.60
C GLY B 905 -30.17 -47.31 -1.15
N ILE B 906 -31.32 -46.75 -0.75
CA ILE B 906 -31.44 -46.25 0.62
C ILE B 906 -31.72 -47.35 1.63
N GLY B 907 -31.77 -48.60 1.22
CA GLY B 907 -31.96 -49.68 2.17
C GLY B 907 -33.38 -50.21 2.19
N VAL B 908 -34.33 -49.43 1.68
CA VAL B 908 -35.71 -49.88 1.60
C VAL B 908 -35.88 -50.80 0.41
N THR B 909 -36.48 -51.97 0.67
CA THR B 909 -36.75 -52.90 -0.42
C THR B 909 -37.66 -52.24 -1.45
N GLN B 910 -37.38 -52.51 -2.73
CA GLN B 910 -38.06 -51.84 -3.82
C GLN B 910 -39.53 -52.20 -3.93
N ASN B 911 -40.00 -53.25 -3.24
CA ASN B 911 -41.41 -53.58 -3.32
C ASN B 911 -42.29 -52.47 -2.76
N VAL B 912 -41.73 -51.65 -1.87
CA VAL B 912 -42.45 -50.52 -1.32
C VAL B 912 -42.93 -49.59 -2.42
N LEU B 913 -42.11 -49.37 -3.44
CA LEU B 913 -42.53 -48.51 -4.54
C LEU B 913 -43.66 -49.13 -5.33
N TYR B 914 -43.42 -50.28 -5.96
CA TYR B 914 -44.39 -50.83 -6.89
C TYR B 914 -45.71 -51.13 -6.21
N GLU B 915 -45.68 -51.54 -4.95
CA GLU B 915 -46.93 -51.79 -4.25
C GLU B 915 -47.62 -50.49 -3.85
N ASN B 916 -46.85 -49.42 -3.66
CA ASN B 916 -47.39 -48.12 -3.33
C ASN B 916 -47.09 -47.07 -4.40
N GLN B 917 -47.16 -47.46 -5.67
CA GLN B 917 -46.73 -46.56 -6.75
C GLN B 917 -47.59 -45.30 -6.81
N LYS B 918 -48.92 -45.47 -6.80
CA LYS B 918 -49.80 -44.32 -6.93
C LYS B 918 -49.69 -43.39 -5.73
N LEU B 919 -49.64 -43.97 -4.52
CA LEU B 919 -49.54 -43.15 -3.32
C LEU B 919 -48.24 -42.36 -3.29
N ILE B 920 -47.12 -43.00 -3.65
CA ILE B 920 -45.84 -42.31 -3.64
C ILE B 920 -45.79 -41.26 -4.73
N ALA B 921 -46.38 -41.54 -5.89
CA ALA B 921 -46.45 -40.55 -6.95
C ALA B 921 -47.25 -39.33 -6.51
N ASN B 922 -48.39 -39.55 -5.85
CA ASN B 922 -49.18 -38.43 -5.35
C ASN B 922 -48.42 -37.64 -4.29
N GLN B 923 -47.70 -38.35 -3.41
CA GLN B 923 -46.90 -37.66 -2.40
C GLN B 923 -45.82 -36.80 -3.06
N PHE B 924 -45.17 -37.32 -4.10
CA PHE B 924 -44.12 -36.58 -4.78
C PHE B 924 -44.68 -35.35 -5.49
N ASN B 925 -45.81 -35.51 -6.17
CA ASN B 925 -46.44 -34.37 -6.85
C ASN B 925 -46.87 -33.31 -5.83
N SER B 926 -47.50 -33.74 -4.74
CA SER B 926 -47.93 -32.79 -3.71
C SER B 926 -46.75 -32.10 -3.07
N ALA B 927 -45.63 -32.82 -2.89
CA ALA B 927 -44.43 -32.20 -2.36
C ALA B 927 -43.90 -31.14 -3.32
N ILE B 928 -43.91 -31.43 -4.62
CA ILE B 928 -43.47 -30.43 -5.59
C ILE B 928 -44.38 -29.20 -5.53
N GLY B 929 -45.68 -29.42 -5.48
CA GLY B 929 -46.61 -28.29 -5.39
C GLY B 929 -46.40 -27.48 -4.12
N LYS B 930 -46.14 -28.16 -3.00
CA LYS B 930 -45.89 -27.46 -1.75
C LYS B 930 -44.60 -26.65 -1.83
N ILE B 931 -43.58 -27.19 -2.50
CA ILE B 931 -42.36 -26.41 -2.73
C ILE B 931 -42.67 -25.17 -3.55
N GLN B 932 -43.47 -25.32 -4.60
CA GLN B 932 -43.82 -24.18 -5.44
C GLN B 932 -44.53 -23.11 -4.62
N ASP B 933 -45.51 -23.52 -3.81
CA ASP B 933 -46.26 -22.57 -3.00
C ASP B 933 -45.38 -21.92 -1.93
N SER B 934 -44.49 -22.70 -1.30
CA SER B 934 -43.63 -22.15 -0.27
C SER B 934 -42.65 -21.14 -0.84
N LEU B 935 -42.10 -21.44 -2.02
CA LEU B 935 -41.24 -20.46 -2.69
C LEU B 935 -42.03 -19.20 -3.04
N SER B 936 -43.26 -19.37 -3.55
CA SER B 936 -44.05 -18.21 -3.96
C SER B 936 -44.39 -17.33 -2.77
N SER B 937 -44.78 -17.93 -1.63
CA SER B 937 -45.28 -17.16 -0.51
C SER B 937 -44.16 -16.52 0.30
N THR B 938 -43.15 -17.30 0.66
CA THR B 938 -42.11 -16.82 1.56
C THR B 938 -41.05 -16.07 0.77
N PRO B 939 -40.86 -14.77 1.01
CA PRO B 939 -39.78 -14.06 0.32
C PRO B 939 -38.40 -14.58 0.65
N SER B 940 -38.20 -15.09 1.86
CA SER B 940 -36.89 -15.57 2.31
C SER B 940 -36.61 -16.99 1.87
N ALA B 941 -37.41 -17.56 0.97
CA ALA B 941 -37.13 -18.90 0.47
C ALA B 941 -35.80 -18.95 -0.28
N LEU B 942 -35.53 -17.94 -1.11
CA LEU B 942 -34.29 -17.84 -1.87
C LEU B 942 -33.29 -16.92 -1.18
N GLY B 943 -33.25 -17.00 0.14
CA GLY B 943 -32.44 -16.07 0.91
C GLY B 943 -30.97 -16.16 0.60
N LYS B 944 -30.47 -17.37 0.32
CA LYS B 944 -29.05 -17.52 0.04
C LYS B 944 -28.63 -16.76 -1.23
N LEU B 945 -29.36 -17.00 -2.32
CA LEU B 945 -29.05 -16.31 -3.57
C LEU B 945 -29.31 -14.81 -3.45
N GLN B 946 -30.39 -14.43 -2.78
CA GLN B 946 -30.66 -13.00 -2.62
C GLN B 946 -29.57 -12.33 -1.80
N ASP B 947 -29.05 -13.03 -0.78
CA ASP B 947 -27.96 -12.50 0.01
C ASP B 947 -26.69 -12.37 -0.83
N VAL B 948 -26.42 -13.34 -1.69
CA VAL B 948 -25.25 -13.25 -2.56
C VAL B 948 -25.37 -12.04 -3.49
N VAL B 949 -26.52 -11.89 -4.14
CA VAL B 949 -26.72 -10.78 -5.06
C VAL B 949 -26.65 -9.46 -4.32
N ASN B 950 -27.26 -9.38 -3.13
CA ASN B 950 -27.21 -8.15 -2.35
C ASN B 950 -25.81 -7.85 -1.88
N GLN B 951 -25.03 -8.88 -1.54
CA GLN B 951 -23.65 -8.65 -1.12
C GLN B 951 -22.82 -8.11 -2.27
N ASN B 952 -22.97 -8.67 -3.46
CA ASN B 952 -22.23 -8.17 -4.61
C ASN B 952 -22.65 -6.75 -4.96
N ALA B 953 -23.95 -6.48 -4.96
CA ALA B 953 -24.44 -5.14 -5.26
C ALA B 953 -23.99 -4.14 -4.19
N GLN B 954 -23.98 -4.56 -2.93
CA GLN B 954 -23.55 -3.69 -1.86
C GLN B 954 -22.05 -3.41 -1.94
N ALA B 955 -21.26 -4.42 -2.35
CA ALA B 955 -19.84 -4.19 -2.57
C ALA B 955 -19.63 -3.18 -3.69
N LEU B 956 -20.37 -3.33 -4.79
CA LEU B 956 -20.23 -2.40 -5.90
C LEU B 956 -20.67 -0.99 -5.49
N ASN B 957 -21.78 -0.88 -4.77
CA ASN B 957 -22.26 0.43 -4.34
C ASN B 957 -21.31 1.06 -3.33
N THR B 958 -20.74 0.24 -2.44
CA THR B 958 -19.75 0.74 -1.50
C THR B 958 -18.52 1.25 -2.24
N LEU B 959 -18.10 0.54 -3.28
CA LEU B 959 -16.95 0.97 -4.06
C LEU B 959 -17.24 2.29 -4.77
N VAL B 960 -18.43 2.42 -5.36
CA VAL B 960 -18.79 3.65 -6.04
C VAL B 960 -18.89 4.81 -5.05
N LYS B 961 -19.42 4.54 -3.85
CA LYS B 961 -19.48 5.59 -2.83
C LYS B 961 -18.07 5.98 -2.37
N GLN B 962 -17.18 4.98 -2.24
CA GLN B 962 -15.79 5.27 -1.91
C GLN B 962 -15.16 6.17 -2.94
N LEU B 963 -15.61 6.07 -4.20
CA LEU B 963 -15.17 7.04 -5.20
C LEU B 963 -15.45 8.47 -4.75
N SER B 964 -16.51 8.68 -3.97
CA SER B 964 -16.87 10.03 -3.53
C SER B 964 -16.20 10.41 -2.23
N SER B 965 -15.44 9.50 -1.62
CA SER B 965 -14.82 9.78 -0.33
C SER B 965 -13.54 10.59 -0.50
N ASN B 966 -13.24 11.42 0.49
CA ASN B 966 -12.07 12.30 0.40
C ASN B 966 -10.77 11.54 0.60
N PHE B 967 -10.75 10.59 1.54
CA PHE B 967 -9.52 9.92 1.97
C PHE B 967 -8.46 10.92 2.42
N GLY B 968 -8.90 12.04 2.98
CA GLY B 968 -7.99 13.09 3.38
C GLY B 968 -7.67 14.10 2.30
N ALA B 969 -8.12 13.88 1.07
CA ALA B 969 -7.93 14.85 0.01
C ALA B 969 -8.88 16.02 0.18
N ILE B 970 -8.54 17.14 -0.45
CA ILE B 970 -9.35 18.35 -0.31
C ILE B 970 -10.71 18.16 -0.98
N SER B 971 -10.77 17.33 -2.02
CA SER B 971 -12.04 17.03 -2.66
C SER B 971 -11.96 15.68 -3.36
N SER B 972 -13.13 15.13 -3.68
CA SER B 972 -13.23 13.84 -4.36
C SER B 972 -13.38 13.97 -5.86
N VAL B 973 -13.37 15.17 -6.41
CA VAL B 973 -13.49 15.38 -7.85
C VAL B 973 -12.10 15.70 -8.40
N LEU B 974 -11.61 14.84 -9.30
CA LEU B 974 -10.26 15.01 -9.83
C LEU B 974 -10.12 16.31 -10.60
N ASN B 975 -11.11 16.64 -11.43
CA ASN B 975 -11.04 17.86 -12.22
C ASN B 975 -11.01 19.09 -11.31
N ASP B 976 -11.82 19.08 -10.26
CA ASP B 976 -11.88 20.24 -9.37
C ASP B 976 -10.56 20.47 -8.65
N ILE B 977 -9.94 19.40 -8.13
CA ILE B 977 -8.69 19.56 -7.41
C ILE B 977 -7.56 19.92 -8.37
N LEU B 978 -7.56 19.33 -9.56
CA LEU B 978 -6.54 19.66 -10.55
C LEU B 978 -6.64 21.12 -10.98
N SER B 979 -7.87 21.60 -11.19
CA SER B 979 -8.06 22.96 -11.66
C SER B 979 -7.80 23.98 -10.55
N ARG B 980 -8.25 23.69 -9.34
CA ARG B 980 -8.13 24.65 -8.25
C ARG B 980 -6.68 24.88 -7.85
N LEU B 981 -5.89 23.82 -7.76
CA LEU B 981 -4.55 23.91 -7.20
C LEU B 981 -3.51 23.67 -8.29
N ASP B 982 -2.35 24.31 -8.13
CA ASP B 982 -1.29 24.17 -9.11
C ASP B 982 -0.82 22.71 -9.18
N PRO B 983 -0.45 22.23 -10.36
CA PRO B 983 -0.17 20.80 -10.55
C PRO B 983 0.91 20.25 -9.63
N PRO B 984 2.00 20.99 -9.32
CA PRO B 984 2.97 20.40 -8.37
C PRO B 984 2.39 20.15 -6.99
N GLU B 985 1.63 21.10 -6.46
CA GLU B 985 0.97 20.88 -5.17
C GLU B 985 -0.25 19.98 -5.32
N ALA B 986 -0.90 20.01 -6.48
CA ALA B 986 -2.02 19.11 -6.72
C ALA B 986 -1.55 17.67 -6.80
N GLU B 987 -0.24 17.46 -7.01
CA GLU B 987 0.29 16.10 -7.08
C GLU B 987 0.11 15.36 -5.77
N VAL B 988 0.31 16.04 -4.63
CA VAL B 988 0.17 15.36 -3.35
C VAL B 988 -1.29 15.01 -3.07
N GLN B 989 -2.21 15.89 -3.45
CA GLN B 989 -3.63 15.59 -3.26
C GLN B 989 -4.08 14.45 -4.17
N ILE B 990 -3.59 14.45 -5.41
CA ILE B 990 -3.90 13.34 -6.31
C ILE B 990 -3.29 12.06 -5.78
N ASP B 991 -2.10 12.14 -5.18
CA ASP B 991 -1.49 10.97 -4.58
C ASP B 991 -2.32 10.43 -3.42
N ARG B 992 -2.82 11.32 -2.56
CA ARG B 992 -3.70 10.89 -1.47
C ARG B 992 -4.96 10.24 -2.01
N LEU B 993 -5.57 10.83 -3.04
CA LEU B 993 -6.81 10.27 -3.58
C LEU B 993 -6.55 8.93 -4.27
N ILE B 994 -5.45 8.81 -5.00
CA ILE B 994 -5.10 7.53 -5.62
C ILE B 994 -4.83 6.48 -4.56
N THR B 995 -4.11 6.85 -3.50
CA THR B 995 -3.84 5.89 -2.43
C THR B 995 -5.14 5.43 -1.79
N GLY B 996 -6.04 6.36 -1.52
CA GLY B 996 -7.31 5.98 -0.93
C GLY B 996 -8.15 5.09 -1.83
N ARG B 997 -8.28 5.47 -3.10
CA ARG B 997 -9.09 4.68 -4.01
C ARG B 997 -8.44 3.34 -4.32
N LEU B 998 -7.11 3.29 -4.36
CA LEU B 998 -6.42 2.03 -4.58
C LEU B 998 -6.56 1.13 -3.37
N GLN B 999 -6.53 1.70 -2.16
CA GLN B 999 -6.79 0.90 -0.97
C GLN B 999 -8.22 0.39 -0.98
N SER B 1000 -9.17 1.22 -1.40
CA SER B 1000 -10.56 0.80 -1.48
C SER B 1000 -10.74 -0.31 -2.51
N LEU B 1001 -10.07 -0.18 -3.65
CA LEU B 1001 -10.17 -1.21 -4.69
C LEU B 1001 -9.48 -2.49 -4.26
N GLN B 1002 -8.35 -2.39 -3.56
CA GLN B 1002 -7.70 -3.58 -3.03
C GLN B 1002 -8.57 -4.26 -1.99
N THR B 1003 -9.24 -3.47 -1.15
CA THR B 1003 -10.19 -4.04 -0.20
C THR B 1003 -11.33 -4.74 -0.91
N TYR B 1004 -11.85 -4.10 -1.96
CA TYR B 1004 -12.93 -4.71 -2.74
C TYR B 1004 -12.47 -6.00 -3.39
N VAL B 1005 -11.26 -6.01 -3.97
CA VAL B 1005 -10.77 -7.18 -4.67
C VAL B 1005 -10.46 -8.30 -3.68
N THR B 1006 -9.91 -7.98 -2.52
CA THR B 1006 -9.65 -8.98 -1.51
C THR B 1006 -10.94 -9.57 -0.96
N GLN B 1007 -11.94 -8.71 -0.71
CA GLN B 1007 -13.24 -9.19 -0.27
C GLN B 1007 -13.88 -10.06 -1.34
N GLN B 1008 -13.73 -9.67 -2.61
CA GLN B 1008 -14.27 -10.47 -3.70
C GLN B 1008 -13.53 -11.78 -3.83
N LEU B 1009 -12.23 -11.80 -3.51
CA LEU B 1009 -11.46 -13.04 -3.57
C LEU B 1009 -11.88 -14.00 -2.47
N ILE B 1010 -12.06 -13.49 -1.25
CA ILE B 1010 -12.55 -14.33 -0.16
C ILE B 1010 -13.96 -14.81 -0.45
N ARG B 1011 -14.82 -13.91 -0.94
CA ARG B 1011 -16.19 -14.27 -1.25
C ARG B 1011 -16.24 -15.25 -2.42
N ALA B 1012 -15.31 -15.13 -3.36
CA ALA B 1012 -15.27 -16.05 -4.49
C ALA B 1012 -14.70 -17.39 -4.06
N ALA B 1013 -13.83 -17.40 -3.05
CA ALA B 1013 -13.43 -18.66 -2.45
C ALA B 1013 -14.62 -19.33 -1.78
N GLU B 1014 -15.45 -18.54 -1.09
CA GLU B 1014 -16.67 -19.08 -0.50
C GLU B 1014 -17.62 -19.61 -1.57
N ILE B 1015 -17.80 -18.85 -2.65
CA ILE B 1015 -18.67 -19.27 -3.74
C ILE B 1015 -18.09 -20.46 -4.47
N ARG B 1016 -16.76 -20.58 -4.52
CA ARG B 1016 -16.14 -21.73 -5.16
C ARG B 1016 -16.28 -22.97 -4.30
N ALA B 1017 -16.19 -22.81 -2.98
CA ALA B 1017 -16.52 -23.92 -2.09
C ALA B 1017 -17.97 -24.34 -2.27
N SER B 1018 -18.87 -23.36 -2.39
CA SER B 1018 -20.28 -23.67 -2.61
C SER B 1018 -20.51 -24.30 -3.99
N ALA B 1019 -19.72 -23.90 -4.98
CA ALA B 1019 -19.86 -24.44 -6.33
C ALA B 1019 -19.32 -25.86 -6.41
N ASN B 1020 -18.21 -26.14 -5.72
CA ASN B 1020 -17.73 -27.51 -5.61
C ASN B 1020 -18.71 -28.35 -4.82
N LEU B 1021 -19.34 -27.78 -3.80
CA LEU B 1021 -20.39 -28.47 -3.07
C LEU B 1021 -21.58 -28.77 -3.98
N ALA B 1022 -21.96 -27.80 -4.82
CA ALA B 1022 -23.07 -28.00 -5.74
C ALA B 1022 -22.74 -29.05 -6.80
N ALA B 1023 -21.51 -29.03 -7.32
CA ALA B 1023 -21.08 -30.03 -8.27
C ALA B 1023 -21.06 -31.41 -7.64
N THR B 1024 -20.57 -31.51 -6.40
CA THR B 1024 -20.57 -32.77 -5.69
C THR B 1024 -22.00 -33.26 -5.46
N LYS B 1025 -22.89 -32.36 -5.04
CA LYS B 1025 -24.28 -32.73 -4.82
C LYS B 1025 -24.94 -33.19 -6.11
N MET B 1026 -24.66 -32.50 -7.21
CA MET B 1026 -25.25 -32.90 -8.49
C MET B 1026 -24.70 -34.24 -8.95
N SER B 1027 -23.40 -34.46 -8.80
CA SER B 1027 -22.79 -35.72 -9.20
C SER B 1027 -23.30 -36.88 -8.37
N GLU B 1028 -23.47 -36.69 -7.06
CA GLU B 1028 -23.84 -37.79 -6.19
C GLU B 1028 -25.34 -37.94 -5.97
N CYS B 1029 -26.14 -36.94 -6.34
CA CYS B 1029 -27.58 -36.97 -6.11
C CYS B 1029 -28.37 -36.81 -7.40
N VAL B 1030 -28.03 -35.87 -8.26
CA VAL B 1030 -28.66 -35.81 -9.56
C VAL B 1030 -28.13 -36.91 -10.47
N LEU B 1031 -26.81 -37.08 -10.49
CA LEU B 1031 -26.14 -38.07 -11.33
C LEU B 1031 -25.97 -39.41 -10.63
N GLY B 1032 -26.52 -39.57 -9.43
CA GLY B 1032 -26.38 -40.80 -8.67
C GLY B 1032 -27.25 -40.73 -7.43
N GLN B 1033 -26.99 -41.65 -6.51
CA GLN B 1033 -27.64 -41.64 -5.20
C GLN B 1033 -26.56 -41.63 -4.13
N SER B 1034 -26.60 -40.64 -3.25
CA SER B 1034 -25.58 -40.47 -2.24
C SER B 1034 -26.02 -41.10 -0.93
N LYS B 1035 -25.21 -42.02 -0.42
CA LYS B 1035 -25.47 -42.65 0.87
C LYS B 1035 -24.96 -41.80 2.03
N ARG B 1036 -24.32 -40.67 1.76
CA ARG B 1036 -23.94 -39.76 2.83
C ARG B 1036 -25.19 -39.24 3.52
N VAL B 1037 -25.18 -39.27 4.85
CA VAL B 1037 -26.34 -38.91 5.64
C VAL B 1037 -26.42 -37.40 5.73
N ASP B 1038 -27.60 -36.85 5.44
CA ASP B 1038 -27.92 -35.42 5.47
C ASP B 1038 -27.09 -34.62 4.49
N PHE B 1039 -26.45 -35.25 3.51
CA PHE B 1039 -25.76 -34.50 2.47
C PHE B 1039 -26.74 -33.89 1.49
N CYS B 1040 -27.73 -34.66 1.05
CA CYS B 1040 -28.77 -34.20 0.15
C CYS B 1040 -30.12 -34.30 0.86
N GLY B 1041 -30.46 -33.27 1.62
CA GLY B 1041 -31.74 -33.20 2.28
C GLY B 1041 -31.84 -34.13 3.48
N LYS B 1042 -32.64 -33.71 4.45
CA LYS B 1042 -32.87 -34.52 5.64
C LYS B 1042 -33.57 -35.81 5.26
N GLY B 1043 -33.10 -36.92 5.83
CA GLY B 1043 -33.63 -38.23 5.53
C GLY B 1043 -32.78 -38.97 4.52
N TYR B 1044 -33.24 -40.18 4.20
CA TYR B 1044 -32.55 -41.01 3.22
C TYR B 1044 -32.80 -40.46 1.83
N HIS B 1045 -31.76 -39.86 1.24
CA HIS B 1045 -31.93 -39.15 -0.02
C HIS B 1045 -32.23 -40.10 -1.16
N LEU B 1046 -33.16 -39.69 -2.03
CA LEU B 1046 -33.55 -40.47 -3.20
C LEU B 1046 -33.03 -39.87 -4.51
N MET B 1047 -33.40 -38.63 -4.82
CA MET B 1047 -32.96 -37.99 -6.05
C MET B 1047 -32.85 -36.50 -5.79
N SER B 1048 -32.19 -35.81 -6.71
CA SER B 1048 -32.16 -34.36 -6.71
C SER B 1048 -32.44 -33.87 -8.12
N PHE B 1049 -33.28 -32.85 -8.21
CA PHE B 1049 -33.59 -32.22 -9.48
C PHE B 1049 -33.00 -30.82 -9.50
N PRO B 1050 -31.98 -30.55 -10.30
CA PRO B 1050 -31.43 -29.19 -10.35
C PRO B 1050 -32.43 -28.23 -10.96
N GLN B 1051 -32.44 -26.99 -10.47
CA GLN B 1051 -33.25 -25.93 -11.02
C GLN B 1051 -32.39 -24.69 -11.14
N SER B 1052 -32.17 -24.23 -12.38
CA SER B 1052 -31.35 -23.05 -12.58
C SER B 1052 -31.98 -21.87 -11.87
N ALA B 1053 -31.15 -21.12 -11.14
CA ALA B 1053 -31.60 -19.99 -10.35
C ALA B 1053 -30.62 -18.85 -10.56
N PRO B 1054 -31.04 -17.61 -10.31
CA PRO B 1054 -30.18 -16.46 -10.62
C PRO B 1054 -28.88 -16.53 -9.86
N HIS B 1055 -27.78 -16.72 -10.60
CA HIS B 1055 -26.45 -16.77 -10.03
C HIS B 1055 -26.35 -17.87 -8.96
N GLY B 1056 -26.89 -19.04 -9.29
CA GLY B 1056 -26.85 -20.15 -8.36
C GLY B 1056 -27.64 -21.32 -8.92
N VAL B 1057 -27.83 -22.32 -8.06
CA VAL B 1057 -28.59 -23.51 -8.41
C VAL B 1057 -29.52 -23.84 -7.25
N VAL B 1058 -30.61 -24.55 -7.56
CA VAL B 1058 -31.58 -25.00 -6.57
C VAL B 1058 -31.75 -26.50 -6.75
N PHE B 1059 -31.65 -27.24 -5.65
CA PHE B 1059 -31.82 -28.69 -5.66
C PHE B 1059 -33.13 -29.04 -4.96
N LEU B 1060 -33.90 -29.94 -5.57
CA LEU B 1060 -35.10 -30.48 -4.95
C LEU B 1060 -34.77 -31.88 -4.46
N HIS B 1061 -34.15 -31.97 -3.29
CA HIS B 1061 -33.67 -33.25 -2.77
C HIS B 1061 -34.86 -34.10 -2.36
N VAL B 1062 -35.35 -34.92 -3.29
CA VAL B 1062 -36.40 -35.87 -2.93
C VAL B 1062 -35.83 -36.87 -1.93
N THR B 1063 -36.38 -36.88 -0.73
CA THR B 1063 -35.84 -37.67 0.36
C THR B 1063 -36.93 -38.53 0.97
N TYR B 1064 -36.55 -39.75 1.35
CA TYR B 1064 -37.45 -40.67 2.03
C TYR B 1064 -37.34 -40.44 3.53
N VAL B 1065 -38.43 -40.01 4.15
CA VAL B 1065 -38.48 -39.75 5.59
C VAL B 1065 -39.60 -40.59 6.18
N PRO B 1066 -39.30 -41.57 7.03
CA PRO B 1066 -40.36 -42.35 7.66
C PRO B 1066 -41.17 -41.50 8.63
N ALA B 1067 -42.44 -41.87 8.78
CA ALA B 1067 -43.37 -41.05 9.55
C ALA B 1067 -43.94 -41.74 10.77
N GLN B 1068 -44.55 -42.93 10.61
CA GLN B 1068 -45.31 -43.57 11.68
C GLN B 1068 -44.57 -44.80 12.16
N GLU B 1069 -44.06 -44.75 13.39
CA GLU B 1069 -43.31 -45.84 13.99
C GLU B 1069 -44.17 -46.56 15.02
N LYS B 1070 -43.95 -47.85 15.18
CA LYS B 1070 -44.69 -48.67 16.12
C LYS B 1070 -43.71 -49.44 17.00
N ASN B 1071 -44.01 -49.49 18.31
CA ASN B 1071 -43.15 -50.18 19.24
C ASN B 1071 -43.22 -51.69 19.02
N PHE B 1072 -42.09 -52.36 19.22
CA PHE B 1072 -42.02 -53.81 19.12
C PHE B 1072 -40.95 -54.34 20.07
N THR B 1073 -41.06 -55.62 20.39
CA THR B 1073 -40.06 -56.30 21.20
C THR B 1073 -39.04 -56.97 20.29
N THR B 1074 -37.76 -56.73 20.54
CA THR B 1074 -36.68 -57.19 19.67
C THR B 1074 -35.68 -58.03 20.46
N ALA B 1075 -35.01 -58.92 19.75
CA ALA B 1075 -33.93 -59.72 20.30
C ALA B 1075 -32.78 -59.77 19.30
N PRO B 1076 -31.53 -59.71 19.79
CA PRO B 1076 -30.40 -59.75 18.85
C PRO B 1076 -30.35 -61.01 18.00
N ALA B 1077 -30.87 -62.12 18.51
CA ALA B 1077 -30.77 -63.38 17.81
C ALA B 1077 -32.08 -64.14 17.93
N ILE B 1078 -32.11 -65.32 17.33
CA ILE B 1078 -33.18 -66.29 17.51
C ILE B 1078 -32.54 -67.65 17.74
N CYS B 1079 -32.90 -68.31 18.83
CA CYS B 1079 -32.32 -69.60 19.19
C CYS B 1079 -33.25 -70.70 18.73
N HIS B 1080 -32.90 -71.37 17.64
CA HIS B 1080 -33.63 -72.52 17.15
C HIS B 1080 -32.68 -73.71 17.05
N ASP B 1081 -33.11 -74.85 17.57
CA ASP B 1081 -32.31 -76.08 17.59
C ASP B 1081 -30.95 -75.88 18.24
N GLY B 1082 -30.83 -74.91 19.14
CA GLY B 1082 -29.59 -74.68 19.84
C GLY B 1082 -28.56 -73.87 19.08
N LYS B 1083 -28.85 -73.46 17.85
CA LYS B 1083 -27.94 -72.68 17.03
C LYS B 1083 -28.52 -71.30 16.82
N ALA B 1084 -27.74 -70.27 17.13
CA ALA B 1084 -28.22 -68.90 17.01
C ALA B 1084 -28.47 -68.55 15.56
N HIS B 1085 -29.59 -67.88 15.29
CA HIS B 1085 -29.94 -67.39 13.96
C HIS B 1085 -29.91 -65.87 13.99
N PHE B 1086 -29.15 -65.28 13.09
CA PHE B 1086 -29.10 -63.83 12.99
C PHE B 1086 -29.83 -63.39 11.73
N PRO B 1087 -30.37 -62.17 11.69
CA PRO B 1087 -31.10 -61.74 10.48
C PRO B 1087 -30.14 -61.42 9.36
N ARG B 1088 -30.40 -61.97 8.17
CA ARG B 1088 -29.53 -61.71 7.03
C ARG B 1088 -29.53 -60.23 6.68
N GLU B 1089 -30.72 -59.64 6.54
CA GLU B 1089 -30.82 -58.19 6.33
C GLU B 1089 -32.17 -57.76 6.91
N GLY B 1090 -32.14 -57.31 8.15
CA GLY B 1090 -33.37 -56.91 8.81
C GLY B 1090 -33.18 -56.91 10.32
N VAL B 1091 -34.30 -56.72 11.02
CA VAL B 1091 -34.36 -56.66 12.47
C VAL B 1091 -35.40 -57.67 12.94
N PHE B 1092 -35.03 -58.48 13.93
CA PHE B 1092 -36.03 -59.33 14.56
C PHE B 1092 -36.93 -58.50 15.47
N VAL B 1093 -38.25 -58.62 15.25
CA VAL B 1093 -39.24 -57.88 16.02
C VAL B 1093 -40.40 -58.81 16.33
N SER B 1094 -41.24 -58.38 17.27
CA SER B 1094 -42.44 -59.13 17.60
C SER B 1094 -43.53 -58.17 18.02
N ASN B 1095 -44.77 -58.47 17.62
CA ASN B 1095 -45.89 -57.64 18.02
C ASN B 1095 -46.36 -57.96 19.43
N GLY B 1096 -45.76 -58.98 20.05
CA GLY B 1096 -46.09 -59.34 21.41
C GLY B 1096 -46.19 -60.84 21.64
N THR B 1097 -46.60 -61.59 20.62
CA THR B 1097 -46.69 -63.04 20.71
C THR B 1097 -46.01 -63.76 19.55
N HIS B 1098 -45.84 -63.10 18.42
CA HIS B 1098 -45.26 -63.71 17.24
C HIS B 1098 -44.07 -62.89 16.78
N TRP B 1099 -42.97 -63.57 16.49
CA TRP B 1099 -41.71 -62.90 16.11
C TRP B 1099 -41.62 -62.75 14.60
N PHE B 1100 -41.15 -61.58 14.17
CA PHE B 1100 -41.04 -61.27 12.77
C PHE B 1100 -39.72 -60.56 12.50
N VAL B 1101 -39.24 -60.67 11.26
CA VAL B 1101 -38.08 -59.95 10.77
C VAL B 1101 -38.52 -58.97 9.70
N THR B 1102 -38.13 -57.71 9.85
CA THR B 1102 -38.54 -56.67 8.93
C THR B 1102 -37.33 -55.81 8.59
N GLN B 1103 -37.38 -55.22 7.40
CA GLN B 1103 -36.33 -54.28 7.00
C GLN B 1103 -36.29 -53.10 7.97
N ARG B 1104 -35.12 -52.49 8.09
CA ARG B 1104 -34.91 -51.52 9.16
C ARG B 1104 -35.72 -50.25 8.95
N ASN B 1105 -35.88 -49.82 7.70
CA ASN B 1105 -36.47 -48.50 7.42
C ASN B 1105 -37.93 -48.57 7.03
N PHE B 1106 -38.59 -49.71 7.19
CA PHE B 1106 -40.00 -49.84 6.85
C PHE B 1106 -40.54 -51.12 7.47
N TYR B 1107 -41.70 -51.02 8.11
CA TYR B 1107 -42.25 -52.17 8.81
C TYR B 1107 -42.92 -53.09 7.81
N GLU B 1108 -42.23 -54.16 7.44
CA GLU B 1108 -42.78 -55.22 6.59
C GLU B 1108 -42.49 -56.54 7.29
N PRO B 1109 -43.41 -56.99 8.15
CA PRO B 1109 -43.16 -58.23 8.89
C PRO B 1109 -43.18 -59.43 7.97
N GLN B 1110 -42.20 -60.32 8.15
CA GLN B 1110 -42.12 -61.58 7.41
C GLN B 1110 -41.83 -62.69 8.41
N ILE B 1111 -42.41 -63.87 8.15
CA ILE B 1111 -42.15 -65.01 9.02
C ILE B 1111 -40.67 -65.36 8.96
N ILE B 1112 -40.11 -65.77 10.10
CA ILE B 1112 -38.69 -66.07 10.18
C ILE B 1112 -38.41 -67.34 9.39
N THR B 1113 -37.38 -67.30 8.56
CA THR B 1113 -37.05 -68.40 7.67
C THR B 1113 -35.54 -68.46 7.49
N THR B 1114 -35.05 -69.63 7.09
CA THR B 1114 -33.61 -69.77 6.84
C THR B 1114 -33.15 -68.90 5.68
N ASP B 1115 -34.08 -68.44 4.84
CA ASP B 1115 -33.71 -67.61 3.70
C ASP B 1115 -33.17 -66.25 4.14
N ASN B 1116 -33.82 -65.61 5.10
CA ASN B 1116 -33.41 -64.30 5.59
C ASN B 1116 -32.68 -64.37 6.93
N THR B 1117 -32.26 -65.55 7.35
CA THR B 1117 -31.49 -65.74 8.58
C THR B 1117 -30.30 -66.63 8.30
N PHE B 1118 -29.12 -66.23 8.78
CA PHE B 1118 -27.92 -67.04 8.65
C PHE B 1118 -27.52 -67.54 10.02
N VAL B 1119 -27.31 -68.85 10.13
CA VAL B 1119 -26.96 -69.48 11.40
C VAL B 1119 -25.47 -69.35 11.64
N SER B 1120 -25.11 -68.95 12.86
CA SER B 1120 -23.69 -68.77 13.20
C SER B 1120 -23.53 -68.83 14.72
N GLY B 1121 -23.05 -69.97 15.21
CA GLY B 1121 -22.65 -70.09 16.60
C GLY B 1121 -23.70 -70.78 17.46
N ASN B 1122 -23.44 -70.76 18.77
CA ASN B 1122 -24.34 -71.34 19.75
C ASN B 1122 -25.12 -70.26 20.48
N CYS B 1123 -26.20 -70.69 21.14
CA CYS B 1123 -27.11 -69.74 21.78
C CYS B 1123 -26.50 -69.15 23.04
N ASP B 1124 -25.73 -69.94 23.79
CA ASP B 1124 -25.27 -69.51 25.11
C ASP B 1124 -24.30 -68.34 25.02
N VAL B 1125 -23.56 -68.24 23.91
CA VAL B 1125 -22.55 -67.19 23.80
C VAL B 1125 -23.19 -65.82 23.78
N VAL B 1126 -24.28 -65.65 23.05
CA VAL B 1126 -24.91 -64.35 22.88
C VAL B 1126 -25.91 -64.13 24.01
N ILE B 1127 -25.95 -62.90 24.53
CA ILE B 1127 -26.90 -62.48 25.55
C ILE B 1127 -28.03 -61.73 24.86
N GLY B 1128 -29.26 -61.96 25.31
CA GLY B 1128 -30.42 -61.40 24.66
C GLY B 1128 -31.10 -62.33 23.68
N ILE B 1129 -30.55 -63.52 23.44
CA ILE B 1129 -31.18 -64.48 22.55
C ILE B 1129 -32.49 -64.95 23.15
N VAL B 1130 -33.46 -65.27 22.28
CA VAL B 1130 -34.79 -65.69 22.71
C VAL B 1130 -35.13 -67.00 22.02
N ASN B 1131 -35.68 -67.95 22.78
CA ASN B 1131 -36.15 -69.19 22.19
C ASN B 1131 -37.30 -68.91 21.24
N ASN B 1132 -37.26 -69.55 20.08
CA ASN B 1132 -38.26 -69.32 19.04
C ASN B 1132 -38.15 -70.46 18.02
N THR B 1133 -38.84 -70.29 16.90
CA THR B 1133 -38.76 -71.22 15.78
C THR B 1133 -38.51 -70.46 14.50
N VAL B 1134 -37.86 -71.11 13.55
CA VAL B 1134 -37.57 -70.54 12.24
C VAL B 1134 -38.09 -71.49 11.17
N TYR B 1135 -38.70 -70.94 10.13
CA TYR B 1135 -39.36 -71.78 9.12
C TYR B 1135 -38.31 -72.40 8.21
N ASP B 1136 -38.49 -73.69 7.91
CA ASP B 1136 -37.65 -74.40 6.96
C ASP B 1136 -38.45 -74.63 5.69
N PRO B 1137 -38.14 -73.94 4.58
CA PRO B 1137 -38.93 -74.13 3.36
C PRO B 1137 -38.87 -75.54 2.79
N LEU B 1138 -37.81 -76.28 3.10
CA LEU B 1138 -37.63 -77.59 2.49
C LEU B 1138 -38.55 -78.63 3.11
N GLN B 1139 -38.99 -78.42 4.36
CA GLN B 1139 -39.82 -79.42 5.02
C GLN B 1139 -41.16 -79.67 4.34
N PRO B 1140 -41.95 -78.65 3.96
CA PRO B 1140 -43.21 -78.97 3.24
C PRO B 1140 -42.98 -79.72 1.95
N GLU B 1141 -41.90 -79.40 1.23
CA GLU B 1141 -41.61 -80.14 0.00
C GLU B 1141 -41.21 -81.57 0.31
N LEU B 1142 -40.49 -81.78 1.40
CA LEU B 1142 -40.14 -83.14 1.82
C LEU B 1142 -41.39 -83.93 2.16
N ASP B 1143 -42.35 -83.30 2.83
CA ASP B 1143 -43.60 -83.97 3.17
C ASP B 1143 -44.36 -84.36 1.90
N SER B 1144 -44.39 -83.48 0.91
CA SER B 1144 -45.07 -83.76 -0.35
C SER B 1144 -44.07 -84.10 -1.45
N PRO C 26 8.19 12.71 -54.57
CA PRO C 26 8.37 11.87 -53.39
C PRO C 26 7.78 10.48 -53.58
N ALA C 27 8.44 9.47 -53.02
CA ALA C 27 7.99 8.08 -53.12
C ALA C 27 7.90 7.48 -51.73
N TYR C 28 7.03 6.48 -51.60
CA TYR C 28 6.78 5.81 -50.32
C TYR C 28 7.12 4.34 -50.45
N THR C 29 7.76 3.79 -49.42
CA THR C 29 8.17 2.39 -49.39
C THR C 29 7.72 1.76 -48.07
N ASN C 30 8.13 0.51 -47.87
CA ASN C 30 7.75 -0.27 -46.71
C ASN C 30 8.88 -0.28 -45.70
N SER C 31 8.59 0.13 -44.47
CA SER C 31 9.62 0.12 -43.43
C SER C 31 10.00 -1.30 -43.03
N PHE C 32 9.05 -2.22 -43.11
CA PHE C 32 9.24 -3.63 -42.72
C PHE C 32 9.60 -3.64 -41.23
N THR C 33 10.61 -4.39 -40.81
CA THR C 33 11.00 -4.46 -39.41
C THR C 33 12.26 -3.66 -39.11
N ARG C 34 12.70 -2.82 -40.04
CA ARG C 34 13.91 -2.05 -39.85
C ARG C 34 13.68 -0.89 -38.89
N GLY C 35 14.78 -0.34 -38.37
CA GLY C 35 14.73 0.77 -37.46
C GLY C 35 14.83 0.41 -35.99
N VAL C 36 15.15 -0.84 -35.66
CA VAL C 36 15.22 -1.29 -34.28
C VAL C 36 16.67 -1.24 -33.82
N TYR C 37 16.93 -0.51 -32.74
CA TYR C 37 18.27 -0.35 -32.18
C TYR C 37 18.28 -0.77 -30.72
N TYR C 38 19.48 -0.88 -30.16
CA TYR C 38 19.61 -1.23 -28.75
C TYR C 38 19.21 -0.04 -27.89
N PRO C 39 18.20 -0.17 -27.04
CA PRO C 39 17.73 1.01 -26.30
C PRO C 39 18.70 1.50 -25.25
N ASP C 40 19.49 0.60 -24.67
CA ASP C 40 20.36 0.96 -23.56
C ASP C 40 21.54 0.01 -23.49
N LYS C 41 22.57 0.42 -22.74
CA LYS C 41 23.76 -0.39 -22.54
C LYS C 41 23.56 -1.37 -21.39
N VAL C 42 22.64 -2.30 -21.59
CA VAL C 42 22.32 -3.34 -20.62
C VAL C 42 22.30 -4.68 -21.33
N PHE C 43 23.10 -5.63 -20.83
CA PHE C 43 23.11 -6.96 -21.39
C PHE C 43 21.94 -7.76 -20.84
N ARG C 44 21.28 -8.51 -21.71
CA ARG C 44 20.20 -9.42 -21.33
C ARG C 44 20.33 -10.68 -22.16
N SER C 45 20.19 -11.83 -21.52
CA SER C 45 20.34 -13.12 -22.18
C SER C 45 19.02 -13.87 -22.13
N SER C 46 18.49 -14.22 -23.30
CA SER C 46 17.20 -14.90 -23.43
C SER C 46 16.10 -14.13 -22.69
N VAL C 47 16.15 -12.82 -22.78
CA VAL C 47 15.25 -11.93 -22.04
C VAL C 47 14.39 -11.18 -23.04
N LEU C 48 13.07 -11.25 -22.85
CA LEU C 48 12.12 -10.50 -23.67
C LEU C 48 11.75 -9.24 -22.90
N HIS C 49 12.51 -8.17 -23.12
CA HIS C 49 12.36 -6.93 -22.38
C HIS C 49 11.62 -5.91 -23.25
N SER C 50 10.52 -5.38 -22.74
CA SER C 50 9.70 -4.43 -23.45
C SER C 50 10.02 -3.02 -22.96
N THR C 51 10.35 -2.14 -23.90
CA THR C 51 10.72 -0.76 -23.58
C THR C 51 9.86 0.20 -24.36
N GLN C 52 9.57 1.35 -23.75
CA GLN C 52 8.79 2.41 -24.39
C GLN C 52 9.71 3.56 -24.72
N ASP C 53 10.03 3.72 -26.01
CA ASP C 53 10.92 4.77 -26.46
C ASP C 53 10.51 5.19 -27.87
N LEU C 54 11.33 6.03 -28.50
CA LEU C 54 11.04 6.47 -29.85
C LEU C 54 11.56 5.45 -30.85
N PHE C 55 10.65 4.84 -31.60
CA PHE C 55 11.01 3.85 -32.61
C PHE C 55 10.32 4.20 -33.92
N LEU C 56 10.82 3.61 -34.99
CA LEU C 56 10.13 3.65 -36.26
C LEU C 56 9.05 2.57 -36.27
N PRO C 57 7.77 2.94 -36.42
CA PRO C 57 6.73 1.92 -36.44
C PRO C 57 6.95 0.93 -37.58
N PHE C 58 6.66 -0.34 -37.30
CA PHE C 58 6.83 -1.39 -38.31
C PHE C 58 5.84 -1.17 -39.45
N PHE C 59 6.28 -1.53 -40.66
CA PHE C 59 5.43 -1.52 -41.85
C PHE C 59 4.85 -0.14 -42.13
N SER C 60 5.41 0.90 -41.51
CA SER C 60 4.92 2.25 -41.72
C SER C 60 5.52 2.84 -42.99
N ASN C 61 4.95 3.96 -43.42
CA ASN C 61 5.46 4.66 -44.59
C ASN C 61 6.86 5.20 -44.32
N VAL C 62 7.75 5.03 -45.29
CA VAL C 62 9.06 5.64 -45.29
C VAL C 62 9.22 6.41 -46.59
N THR C 63 9.47 7.71 -46.49
CA THR C 63 9.58 8.57 -47.66
C THR C 63 10.95 8.39 -48.29
N TRP C 64 10.98 7.88 -49.50
CA TRP C 64 12.22 7.65 -50.24
C TRP C 64 12.39 8.75 -51.27
N PHE C 65 13.53 9.44 -51.21
CA PHE C 65 13.79 10.62 -52.04
C PHE C 65 15.00 10.35 -52.93
N HIS C 66 14.91 10.78 -54.18
CA HIS C 66 16.04 10.74 -55.11
C HIS C 66 16.78 12.06 -54.97
N ALA C 67 17.98 12.02 -54.37
CA ALA C 67 18.70 13.25 -54.08
C ALA C 67 19.14 13.95 -55.35
N ILE C 68 19.78 13.24 -56.26
CA ILE C 68 20.31 13.82 -57.50
C ILE C 68 19.91 12.93 -58.67
N HIS C 69 19.42 13.55 -59.74
CA HIS C 69 19.12 12.87 -60.99
C HIS C 69 19.98 13.46 -62.10
N VAL C 70 20.64 12.60 -62.86
CA VAL C 70 21.55 13.00 -63.92
C VAL C 70 21.07 12.39 -65.23
N SER C 71 20.95 13.23 -66.26
CA SER C 71 20.53 12.75 -67.58
C SER C 71 21.70 12.12 -68.32
N ASN C 74 21.20 17.09 -71.89
CA ASN C 74 22.31 16.14 -71.90
C ASN C 74 23.17 16.29 -70.65
N GLY C 75 23.07 15.32 -69.76
CA GLY C 75 23.83 15.38 -68.51
C GLY C 75 23.46 16.53 -67.62
N THR C 76 22.16 16.78 -67.45
CA THR C 76 21.67 17.90 -66.67
C THR C 76 21.40 17.43 -65.24
N LYS C 77 21.98 18.14 -64.27
CA LYS C 77 21.79 17.80 -62.87
C LYS C 77 20.39 18.18 -62.41
N ARG C 78 19.80 17.33 -61.58
CA ARG C 78 18.55 17.61 -60.90
C ARG C 78 18.80 17.58 -59.40
N PHE C 79 18.61 18.73 -58.75
CA PHE C 79 18.93 18.89 -57.33
C PHE C 79 17.65 18.86 -56.51
N ASP C 80 17.46 17.79 -55.75
CA ASP C 80 16.33 17.65 -54.83
C ASP C 80 16.88 17.21 -53.47
N ASN C 81 17.31 18.18 -52.66
CA ASN C 81 17.84 17.94 -51.31
C ASN C 81 17.16 18.91 -50.35
N PRO C 82 15.88 18.71 -50.07
CA PRO C 82 15.18 19.60 -49.14
C PRO C 82 15.67 19.41 -47.71
N VAL C 83 15.50 20.46 -46.92
CA VAL C 83 15.83 20.40 -45.51
C VAL C 83 14.66 19.78 -44.75
N LEU C 84 14.67 18.45 -44.64
CA LEU C 84 13.56 17.74 -44.05
C LEU C 84 13.50 18.01 -42.55
N PRO C 85 12.31 18.10 -41.96
CA PRO C 85 12.22 18.28 -40.51
C PRO C 85 12.78 17.07 -39.77
N PHE C 86 13.39 17.33 -38.62
CA PHE C 86 13.93 16.25 -37.80
C PHE C 86 12.80 15.37 -37.25
N ASN C 87 11.70 15.99 -36.82
CA ASN C 87 10.54 15.29 -36.28
C ASN C 87 10.90 14.38 -35.11
N ASP C 88 11.83 14.81 -34.27
CA ASP C 88 12.34 14.12 -33.09
C ASP C 88 13.10 12.84 -33.45
N GLY C 89 13.30 12.54 -34.73
CA GLY C 89 14.02 11.35 -35.12
C GLY C 89 14.01 11.10 -36.61
N VAL C 90 15.14 10.68 -37.17
CA VAL C 90 15.25 10.35 -38.58
C VAL C 90 15.95 9.01 -38.71
N TYR C 91 15.30 8.06 -39.39
CA TYR C 91 15.90 6.77 -39.70
C TYR C 91 16.46 6.85 -41.11
N PHE C 92 17.74 7.22 -41.22
CA PHE C 92 18.38 7.39 -42.51
C PHE C 92 18.95 6.05 -42.98
N ALA C 93 18.55 5.61 -44.16
CA ALA C 93 19.05 4.38 -44.76
C ALA C 93 19.47 4.65 -46.20
N SER C 94 20.61 4.10 -46.59
CA SER C 94 21.14 4.25 -47.94
C SER C 94 21.45 2.88 -48.50
N THR C 95 20.68 2.45 -49.50
CA THR C 95 20.91 1.16 -50.14
C THR C 95 22.22 1.16 -50.92
N GLU C 96 22.54 2.27 -51.57
CA GLU C 96 23.75 2.35 -52.38
C GLU C 96 24.99 2.30 -51.49
N LYS C 97 25.99 1.54 -51.93
CA LYS C 97 27.25 1.42 -51.21
C LYS C 97 28.39 2.12 -51.94
N SER C 98 28.07 3.03 -52.87
CA SER C 98 29.08 3.75 -53.63
C SER C 98 29.72 4.88 -52.84
N ASN C 99 29.24 5.15 -51.62
CA ASN C 99 29.74 6.21 -50.75
C ASN C 99 29.56 7.59 -51.35
N ILE C 100 28.57 7.78 -52.22
CA ILE C 100 28.29 9.12 -52.74
C ILE C 100 27.77 10.01 -51.64
N ILE C 101 27.05 9.45 -50.67
CA ILE C 101 26.53 10.19 -49.53
C ILE C 101 27.69 10.42 -48.56
N ARG C 102 28.29 11.61 -48.63
CA ARG C 102 29.42 11.91 -47.76
C ARG C 102 28.98 12.10 -46.31
N GLY C 103 27.83 12.71 -46.11
CA GLY C 103 27.37 12.94 -44.76
C GLY C 103 26.00 13.61 -44.72
N TRP C 104 25.78 14.37 -43.65
CA TRP C 104 24.52 15.07 -43.43
C TRP C 104 24.80 16.43 -42.80
N ILE C 105 23.79 17.30 -42.89
CA ILE C 105 23.83 18.63 -42.29
C ILE C 105 22.69 18.74 -41.31
N PHE C 106 23.00 19.05 -40.06
CA PHE C 106 22.02 19.17 -38.98
C PHE C 106 22.00 20.60 -38.47
N GLY C 107 20.82 21.09 -38.11
CA GLY C 107 20.70 22.41 -37.54
C GLY C 107 19.26 22.78 -37.31
N THR C 108 19.04 23.59 -36.26
CA THR C 108 17.69 24.07 -35.99
C THR C 108 17.24 25.08 -37.04
N THR C 109 18.14 25.97 -37.45
CA THR C 109 17.84 26.98 -38.46
C THR C 109 18.91 27.07 -39.54
N LEU C 110 20.02 26.35 -39.41
CA LEU C 110 21.09 26.33 -40.41
C LEU C 110 21.64 27.73 -40.67
N ASP C 111 21.76 28.52 -39.60
CA ASP C 111 22.28 29.88 -39.69
C ASP C 111 23.32 30.11 -38.60
N SER C 112 24.02 31.24 -38.71
CA SER C 112 25.02 31.57 -37.70
C SER C 112 24.39 31.94 -36.37
N LYS C 113 23.08 32.20 -36.36
CA LYS C 113 22.40 32.54 -35.12
C LYS C 113 22.35 31.35 -34.17
N THR C 114 22.10 30.16 -34.70
CA THR C 114 21.91 28.97 -33.89
C THR C 114 22.94 27.90 -34.23
N GLN C 115 23.20 27.02 -33.26
CA GLN C 115 24.20 25.98 -33.44
C GLN C 115 23.76 24.97 -34.50
N SER C 116 24.74 24.40 -35.20
CA SER C 116 24.49 23.42 -36.24
C SER C 116 25.50 22.28 -36.10
N LEU C 117 25.10 21.09 -36.56
CA LEU C 117 25.90 19.88 -36.49
C LEU C 117 26.23 19.40 -37.88
N LEU C 118 27.51 19.12 -38.14
CA LEU C 118 27.98 18.57 -39.39
C LEU C 118 28.66 17.23 -39.16
N ILE C 119 28.25 16.22 -39.92
CA ILE C 119 28.87 14.90 -39.89
C ILE C 119 29.35 14.58 -41.30
N VAL C 120 30.66 14.53 -41.48
CA VAL C 120 31.27 14.19 -42.77
C VAL C 120 32.33 13.14 -42.54
N ASN C 121 32.35 12.13 -43.40
CA ASN C 121 33.23 10.98 -43.26
C ASN C 121 34.33 11.03 -44.31
N ASN C 122 35.51 11.52 -43.90
CA ASN C 122 36.68 11.40 -44.75
C ASN C 122 37.07 9.94 -44.89
N ALA C 123 37.79 9.65 -45.97
CA ALA C 123 38.21 8.26 -46.22
C ALA C 123 39.06 7.74 -45.07
N THR C 124 39.92 8.59 -44.50
CA THR C 124 40.76 8.17 -43.38
C THR C 124 39.95 8.05 -42.09
N ASN C 125 39.09 9.02 -41.81
CA ASN C 125 38.43 9.07 -40.51
C ASN C 125 37.18 9.94 -40.59
N VAL C 126 36.38 9.86 -39.53
CA VAL C 126 35.17 10.69 -39.42
C VAL C 126 35.55 12.11 -39.00
N VAL C 127 34.80 13.08 -39.50
CA VAL C 127 34.94 14.48 -39.11
C VAL C 127 33.58 14.97 -38.63
N ILE C 128 33.46 15.19 -37.33
CA ILE C 128 32.24 15.73 -36.73
C ILE C 128 32.62 17.00 -35.98
N LYS C 129 31.93 18.09 -36.28
CA LYS C 129 32.35 19.43 -35.86
C LYS C 129 31.12 20.32 -35.74
N VAL C 130 30.91 20.87 -34.55
CA VAL C 130 29.62 21.44 -34.17
C VAL C 130 29.81 22.91 -33.83
N CYS C 131 29.34 23.79 -34.71
CA CYS C 131 29.32 25.22 -34.46
C CYS C 131 28.11 25.84 -35.14
N GLU C 132 27.84 27.10 -34.80
CA GLU C 132 26.84 27.87 -35.52
C GLU C 132 27.37 28.21 -36.91
N PHE C 133 26.73 27.64 -37.93
CA PHE C 133 27.23 27.68 -39.29
C PHE C 133 26.32 28.56 -40.15
N GLN C 134 26.92 29.56 -40.81
CA GLN C 134 26.20 30.40 -41.76
C GLN C 134 26.19 29.68 -43.11
N PHE C 135 25.25 28.75 -43.25
CA PHE C 135 25.19 27.91 -44.44
C PHE C 135 24.70 28.70 -45.66
N CYS C 136 25.07 28.20 -46.84
CA CYS C 136 24.55 28.72 -48.09
C CYS C 136 23.33 27.90 -48.49
N ASN C 137 22.81 28.14 -49.70
CA ASN C 137 21.65 27.39 -50.17
C ASN C 137 21.96 25.91 -50.34
N ASP C 138 23.13 25.59 -50.89
CA ASP C 138 23.53 24.21 -51.16
C ASP C 138 24.93 23.97 -50.63
N PRO C 139 25.08 23.83 -49.31
CA PRO C 139 26.39 23.47 -48.75
C PRO C 139 26.84 22.10 -49.24
N PHE C 140 28.14 21.96 -49.45
CA PHE C 140 28.66 20.74 -50.04
C PHE C 140 30.11 20.55 -49.65
N LEU C 141 30.69 19.46 -50.16
CA LEU C 141 32.11 19.15 -49.98
C LEU C 141 32.73 18.91 -51.34
N GLY C 142 34.01 19.25 -51.49
CA GLY C 142 34.71 19.12 -52.75
C GLY C 142 35.74 18.00 -52.68
N VAL C 143 35.74 17.18 -53.73
CA VAL C 143 36.69 16.08 -53.88
C VAL C 143 37.26 16.11 -55.29
N TYR C 144 38.56 15.86 -55.42
CA TYR C 144 39.24 15.92 -56.71
C TYR C 144 39.98 14.62 -56.96
N TYR C 145 39.98 14.18 -58.22
CA TYR C 145 40.61 12.92 -58.60
C TYR C 145 42.13 13.10 -58.70
N HIS C 146 42.86 12.03 -58.43
CA HIS C 146 44.31 12.00 -58.54
C HIS C 146 44.71 11.04 -59.64
N LYS C 147 45.52 11.51 -60.59
CA LYS C 147 45.93 10.67 -61.70
C LYS C 147 46.95 9.62 -61.28
N ASN C 148 47.85 9.97 -60.36
CA ASN C 148 48.90 9.05 -59.97
C ASN C 148 48.35 7.88 -59.15
N ASN C 149 47.53 8.17 -58.15
CA ASN C 149 47.00 7.15 -57.25
C ASN C 149 45.67 6.57 -57.72
N LYS C 150 45.06 7.14 -58.75
CA LYS C 150 43.76 6.69 -59.27
C LYS C 150 42.71 6.67 -58.16
N SER C 151 42.73 7.70 -57.32
CA SER C 151 41.82 7.80 -56.18
C SER C 151 41.31 9.22 -56.04
N TRP C 152 40.22 9.36 -55.31
CA TRP C 152 39.58 10.65 -55.08
C TRP C 152 39.79 11.05 -53.63
N MET C 153 40.37 12.24 -53.41
CA MET C 153 40.53 12.80 -52.08
C MET C 153 40.00 14.23 -52.06
N GLU C 154 39.58 14.68 -50.88
CA GLU C 154 38.87 15.94 -50.73
C GLU C 154 39.89 17.06 -50.51
N SER C 155 39.83 18.11 -51.33
CA SER C 155 40.77 19.21 -51.21
C SER C 155 40.29 20.24 -50.19
N GLU C 156 39.07 20.76 -50.36
CA GLU C 156 38.56 21.79 -49.48
C GLU C 156 37.03 21.67 -49.43
N PHE C 157 36.47 22.06 -48.29
CA PHE C 157 35.04 21.97 -48.05
C PHE C 157 34.41 23.35 -48.16
N ARG C 158 33.59 23.54 -49.19
CA ARG C 158 32.83 24.78 -49.38
C ARG C 158 31.42 24.51 -48.84
N VAL C 159 31.27 24.61 -47.53
CA VAL C 159 30.04 24.20 -46.86
C VAL C 159 29.43 25.33 -46.03
N TYR C 160 30.22 25.98 -45.18
CA TYR C 160 29.72 27.07 -44.35
C TYR C 160 30.59 28.30 -44.52
N SER C 161 29.96 29.47 -44.42
CA SER C 161 30.70 30.73 -44.53
C SER C 161 31.48 31.03 -43.26
N SER C 162 30.88 30.81 -42.10
CA SER C 162 31.48 31.17 -40.83
C SER C 162 31.07 30.17 -39.76
N ALA C 163 31.85 30.12 -38.68
CA ALA C 163 31.64 29.18 -37.57
C ALA C 163 31.70 29.95 -36.25
N ASN C 164 30.53 30.20 -35.67
CA ASN C 164 30.46 30.90 -34.39
C ASN C 164 30.14 29.93 -33.25
N ASN C 165 30.65 30.26 -32.07
CA ASN C 165 30.33 29.53 -30.83
C ASN C 165 30.67 28.04 -30.95
N CYS C 166 31.86 27.75 -31.47
CA CYS C 166 32.28 26.38 -31.66
C CYS C 166 32.37 25.65 -30.33
N THR C 167 31.86 24.43 -30.30
CA THR C 167 31.74 23.66 -29.07
C THR C 167 32.52 22.35 -29.09
N PHE C 168 32.29 21.50 -30.09
CA PHE C 168 32.75 20.12 -30.06
C PHE C 168 33.31 19.68 -31.41
N GLU C 169 34.29 18.77 -31.38
CA GLU C 169 34.82 18.11 -32.56
C GLU C 169 35.06 16.65 -32.24
N TYR C 170 34.74 15.77 -33.20
CA TYR C 170 34.87 14.33 -33.00
C TYR C 170 35.47 13.68 -34.24
N VAL C 171 36.40 12.74 -34.02
CA VAL C 171 37.07 12.02 -35.09
C VAL C 171 37.17 10.55 -34.71
N SER C 172 36.79 9.67 -35.64
CA SER C 172 36.93 8.23 -35.44
C SER C 172 36.94 7.55 -36.81
N GLN C 173 36.96 6.22 -36.77
CA GLN C 173 37.07 5.44 -38.00
C GLN C 173 35.82 5.66 -38.87
N PRO C 174 35.99 5.81 -40.18
CA PRO C 174 34.84 6.10 -41.04
C PRO C 174 33.84 4.96 -41.08
N PHE C 175 32.56 5.29 -41.20
CA PHE C 175 31.49 4.32 -41.25
C PHE C 175 30.70 4.34 -42.55
N LEU C 176 30.48 5.52 -43.15
CA LEU C 176 29.92 5.53 -44.50
C LEU C 176 30.92 5.05 -45.53
N MET C 177 32.20 5.36 -45.33
CA MET C 177 33.26 4.85 -46.18
C MET C 177 33.48 3.37 -45.88
N ASP C 178 34.18 2.67 -46.78
CA ASP C 178 34.48 1.25 -46.64
C ASP C 178 33.20 0.42 -46.61
N LYS C 187 24.93 -1.24 -52.73
CA LYS C 187 25.26 -2.65 -52.62
C LYS C 187 25.14 -3.14 -51.18
N ASN C 188 25.10 -2.20 -50.25
CA ASN C 188 24.97 -2.53 -48.83
C ASN C 188 24.13 -1.46 -48.16
N LEU C 189 23.27 -1.91 -47.24
CA LEU C 189 22.38 -1.01 -46.53
C LEU C 189 23.07 -0.45 -45.30
N ARG C 190 23.04 0.88 -45.15
CA ARG C 190 23.64 1.57 -44.03
C ARG C 190 22.55 2.38 -43.33
N GLU C 191 22.21 1.98 -42.11
CA GLU C 191 21.11 2.57 -41.36
C GLU C 191 21.67 3.42 -40.23
N PHE C 192 21.11 4.63 -40.05
CA PHE C 192 21.61 5.58 -39.06
C PHE C 192 20.41 6.30 -38.42
N VAL C 193 20.01 5.83 -37.24
CA VAL C 193 18.96 6.53 -36.49
C VAL C 193 19.54 7.78 -35.86
N PHE C 194 18.90 8.91 -36.09
CA PHE C 194 19.32 10.19 -35.53
C PHE C 194 18.34 10.59 -34.44
N LYS C 195 18.83 10.68 -33.20
CA LYS C 195 18.02 11.08 -32.07
C LYS C 195 18.81 12.03 -31.17
N ASN C 196 18.14 13.06 -30.67
CA ASN C 196 18.73 14.01 -29.75
C ASN C 196 17.75 14.25 -28.61
N ILE C 197 18.08 13.73 -27.43
CA ILE C 197 17.24 13.87 -26.24
C ILE C 197 18.12 14.28 -25.06
N ASP C 198 17.61 15.22 -24.27
CA ASP C 198 18.28 15.68 -23.05
C ASP C 198 19.69 16.20 -23.33
N GLY C 199 19.85 16.88 -24.46
CA GLY C 199 21.16 17.37 -24.85
C GLY C 199 22.12 16.28 -25.22
N TYR C 200 21.62 15.08 -25.51
CA TYR C 200 22.44 13.93 -25.87
C TYR C 200 22.00 13.43 -27.24
N PHE C 201 22.93 13.38 -28.18
CA PHE C 201 22.64 12.98 -29.54
C PHE C 201 23.32 11.65 -29.83
N LYS C 202 22.56 10.68 -30.31
CA LYS C 202 23.04 9.31 -30.51
C LYS C 202 22.78 8.90 -31.94
N ILE C 203 23.67 8.07 -32.49
CA ILE C 203 23.47 7.44 -33.79
C ILE C 203 23.67 5.94 -33.62
N TYR C 204 22.74 5.17 -34.17
CA TYR C 204 22.80 3.71 -34.14
C TYR C 204 23.00 3.22 -35.57
N SER C 205 24.15 2.58 -35.83
CA SER C 205 24.54 2.24 -37.18
C SER C 205 24.74 0.73 -37.31
N LYS C 206 24.25 0.19 -38.42
CA LYS C 206 24.46 -1.21 -38.79
C LYS C 206 24.58 -1.30 -40.30
N HIS C 207 25.63 -1.97 -40.77
CA HIS C 207 25.91 -2.10 -42.19
C HIS C 207 25.67 -3.54 -42.61
N THR C 208 24.80 -3.73 -43.61
CA THR C 208 24.45 -5.05 -44.10
C THR C 208 24.38 -5.04 -45.62
N PRO C 209 25.02 -5.99 -46.29
CA PRO C 209 24.92 -6.04 -47.76
C PRO C 209 23.53 -6.46 -48.20
N ILE C 210 22.97 -5.70 -49.15
CA ILE C 210 21.62 -5.94 -49.66
C ILE C 210 21.63 -5.84 -51.18
N ASN C 211 20.53 -6.28 -51.78
CA ASN C 211 20.36 -6.25 -53.24
C ASN C 211 18.96 -5.73 -53.57
N LEU C 212 18.51 -4.72 -52.83
CA LEU C 212 17.21 -4.09 -53.04
C LEU C 212 17.42 -2.58 -53.09
N VAL C 213 17.73 -2.07 -54.29
CA VAL C 213 17.99 -0.64 -54.45
C VAL C 213 16.70 0.16 -54.32
N ARG C 214 15.62 -0.31 -54.95
CA ARG C 214 14.40 0.48 -55.01
C ARG C 214 13.71 0.58 -53.65
N ASP C 215 13.67 -0.51 -52.90
CA ASP C 215 12.96 -0.55 -51.63
C ASP C 215 13.87 -1.06 -50.53
N LEU C 216 13.51 -0.70 -49.30
CA LEU C 216 14.25 -1.19 -48.14
C LEU C 216 14.04 -2.71 -48.00
N PRO C 217 15.09 -3.46 -47.69
CA PRO C 217 14.95 -4.91 -47.60
C PRO C 217 14.04 -5.32 -46.46
N GLN C 218 13.35 -6.45 -46.65
CA GLN C 218 12.46 -7.00 -45.63
C GLN C 218 13.25 -7.94 -44.72
N GLY C 219 14.16 -7.32 -43.97
CA GLY C 219 14.99 -8.06 -43.04
C GLY C 219 15.17 -7.27 -41.75
N PHE C 220 15.54 -7.99 -40.70
CA PHE C 220 15.67 -7.41 -39.36
C PHE C 220 17.12 -7.45 -38.94
N SER C 221 17.63 -6.32 -38.46
CA SER C 221 19.00 -6.22 -37.96
C SER C 221 19.06 -5.09 -36.94
N ALA C 222 19.54 -5.39 -35.75
CA ALA C 222 19.67 -4.38 -34.71
C ALA C 222 20.78 -3.40 -35.04
N LEU C 223 20.69 -2.22 -34.45
CA LEU C 223 21.62 -1.12 -34.72
C LEU C 223 22.39 -0.80 -33.44
N GLU C 224 23.73 -0.84 -33.53
CA GLU C 224 24.56 -0.62 -32.36
C GLU C 224 24.90 0.86 -32.20
N PRO C 225 25.01 1.35 -30.97
CA PRO C 225 25.32 2.77 -30.69
C PRO C 225 26.82 3.06 -30.62
N LEU C 226 27.47 3.15 -31.78
CA LEU C 226 28.91 3.40 -31.79
C LEU C 226 29.24 4.79 -31.28
N VAL C 227 28.48 5.80 -31.68
CA VAL C 227 28.76 7.18 -31.33
C VAL C 227 27.60 7.73 -30.50
N ASP C 228 27.90 8.09 -29.25
CA ASP C 228 26.91 8.64 -28.31
C ASP C 228 27.56 9.84 -27.63
N LEU C 229 27.39 11.03 -28.21
CA LEU C 229 28.00 12.23 -27.67
C LEU C 229 26.94 13.27 -27.33
N PRO C 230 27.19 14.10 -26.31
CA PRO C 230 26.21 15.13 -25.92
C PRO C 230 26.27 16.33 -26.85
N ILE C 231 25.17 16.61 -27.54
CA ILE C 231 25.04 17.76 -28.42
C ILE C 231 23.90 18.63 -27.87
N GLY C 232 24.24 19.86 -27.48
CA GLY C 232 23.25 20.71 -26.84
C GLY C 232 22.14 21.16 -27.78
N ILE C 233 22.49 21.48 -29.03
CA ILE C 233 21.51 22.04 -29.95
C ILE C 233 20.46 21.00 -30.30
N ASN C 234 19.20 21.44 -30.34
CA ASN C 234 18.08 20.58 -30.73
C ASN C 234 17.87 20.75 -32.23
N ILE C 235 18.31 19.74 -33.00
CA ILE C 235 18.22 19.82 -34.45
C ILE C 235 16.77 19.63 -34.87
N THR C 236 16.29 20.55 -35.74
CA THR C 236 14.94 20.47 -36.28
C THR C 236 14.90 20.30 -37.78
N ARG C 237 16.02 20.43 -38.48
CA ARG C 237 16.07 20.28 -39.93
C ARG C 237 17.16 19.29 -40.31
N PHE C 238 16.82 18.34 -41.16
CA PHE C 238 17.73 17.29 -41.61
C PHE C 238 17.93 17.41 -43.12
N GLN C 239 19.19 17.48 -43.54
CA GLN C 239 19.54 17.59 -44.96
C GLN C 239 20.72 16.68 -45.25
N THR C 240 20.54 15.77 -46.20
CA THR C 240 21.60 14.82 -46.55
C THR C 240 22.65 15.51 -47.41
N LEU C 241 23.92 15.23 -47.11
CA LEU C 241 25.05 15.81 -47.83
C LEU C 241 25.65 14.74 -48.74
N LEU C 242 25.92 15.11 -49.99
CA LEU C 242 26.44 14.19 -50.99
C LEU C 242 27.87 14.57 -51.33
N ALA C 243 28.73 13.56 -51.51
CA ALA C 243 30.07 13.82 -52.01
C ALA C 243 30.00 14.25 -53.47
N LEU C 244 30.61 15.38 -53.78
CA LEU C 244 30.46 16.02 -55.08
C LEU C 244 31.83 16.11 -55.76
N HIS C 245 31.92 15.55 -56.96
CA HIS C 245 33.19 15.41 -57.66
C HIS C 245 33.50 16.65 -58.49
N ARG C 246 34.63 16.60 -59.20
CA ARG C 246 35.05 17.71 -60.04
C ARG C 246 34.05 17.95 -61.17
N SER C 247 33.43 16.88 -61.68
CA SER C 247 32.45 17.02 -62.75
C SER C 247 31.27 17.87 -62.29
N TYR C 248 30.81 17.66 -61.06
CA TYR C 248 29.73 18.49 -60.53
C TYR C 248 30.22 19.88 -60.15
N LEU C 249 31.49 20.01 -59.75
CA LEU C 249 31.98 21.30 -59.28
C LEU C 249 31.93 22.37 -60.35
N THR C 250 31.85 21.96 -61.62
CA THR C 250 31.64 22.93 -62.68
C THR C 250 30.27 23.58 -62.51
N PRO C 251 30.18 24.92 -62.60
CA PRO C 251 28.87 25.57 -62.42
C PRO C 251 27.84 25.12 -63.43
N GLY C 252 28.27 24.72 -64.63
CA GLY C 252 27.34 24.23 -65.62
C GLY C 252 26.71 22.91 -65.21
N ASP C 253 25.55 22.61 -65.80
CA ASP C 253 24.84 21.40 -65.45
C ASP C 253 25.60 20.15 -65.91
N SER C 254 26.33 20.26 -67.02
CA SER C 254 27.05 19.11 -67.56
C SER C 254 28.14 18.66 -66.59
N SER C 255 28.18 17.35 -66.35
CA SER C 255 29.17 16.74 -65.46
C SER C 255 29.73 15.50 -66.15
N SER C 256 30.81 15.68 -66.91
CA SER C 256 31.40 14.58 -67.64
C SER C 256 32.35 13.78 -66.74
N GLY C 257 32.24 12.45 -66.82
CA GLY C 257 33.09 11.56 -66.05
C GLY C 257 32.52 11.10 -64.73
N TRP C 258 31.43 11.70 -64.27
CA TRP C 258 30.80 11.31 -63.01
C TRP C 258 29.30 11.23 -63.20
N THR C 259 28.68 10.22 -62.58
CA THR C 259 27.25 10.02 -62.62
C THR C 259 26.71 10.05 -61.19
N ALA C 260 25.79 10.97 -60.92
CA ALA C 260 25.16 11.10 -59.61
C ALA C 260 23.67 10.81 -59.63
N GLY C 261 23.16 10.25 -60.73
CA GLY C 261 21.75 9.94 -60.81
C GLY C 261 21.33 8.88 -59.80
N ALA C 262 22.21 7.94 -59.51
CA ALA C 262 21.93 6.86 -58.56
C ALA C 262 22.01 7.45 -57.16
N ALA C 263 20.87 7.96 -56.67
CA ALA C 263 20.78 8.54 -55.33
C ALA C 263 19.58 7.93 -54.64
N ALA C 264 19.83 7.12 -53.60
CA ALA C 264 18.79 6.41 -52.87
C ALA C 264 19.05 6.57 -51.36
N TYR C 265 18.46 7.62 -50.78
CA TYR C 265 18.51 7.85 -49.35
C TYR C 265 17.08 7.84 -48.81
N TYR C 266 16.86 7.05 -47.75
CA TYR C 266 15.53 6.85 -47.19
C TYR C 266 15.44 7.58 -45.86
N VAL C 267 14.31 8.24 -45.62
CA VAL C 267 14.07 8.98 -44.39
C VAL C 267 12.78 8.47 -43.75
N GLY C 268 12.88 8.02 -42.50
CA GLY C 268 11.72 7.68 -41.72
C GLY C 268 11.79 8.39 -40.37
N TYR C 269 10.61 8.72 -39.85
CA TYR C 269 10.51 9.54 -38.66
C TYR C 269 10.18 8.68 -37.45
N LEU C 270 10.96 8.84 -36.38
CA LEU C 270 10.79 8.06 -35.18
C LEU C 270 9.49 8.45 -34.47
N GLN C 271 8.79 7.45 -33.94
CA GLN C 271 7.51 7.70 -33.29
C GLN C 271 7.50 7.07 -31.90
N PRO C 272 6.74 7.63 -30.96
CA PRO C 272 6.61 7.01 -29.63
C PRO C 272 5.87 5.69 -29.74
N ARG C 273 6.59 4.60 -29.48
CA ARG C 273 6.03 3.26 -29.58
C ARG C 273 6.59 2.40 -28.46
N THR C 274 5.95 1.26 -28.25
CA THR C 274 6.43 0.25 -27.32
C THR C 274 6.83 -0.99 -28.11
N PHE C 275 8.07 -1.43 -27.93
CA PHE C 275 8.59 -2.62 -28.60
C PHE C 275 8.92 -3.67 -27.57
N LEU C 276 8.60 -4.93 -27.88
CA LEU C 276 8.96 -6.05 -27.02
C LEU C 276 10.20 -6.74 -27.63
N LEU C 277 11.35 -6.16 -27.34
CA LEU C 277 12.60 -6.65 -27.90
C LEU C 277 12.93 -8.01 -27.30
N LYS C 278 13.46 -8.91 -28.14
CA LYS C 278 13.95 -10.20 -27.70
C LYS C 278 15.47 -10.22 -27.83
N TYR C 279 16.15 -10.52 -26.73
CA TYR C 279 17.60 -10.65 -26.71
C TYR C 279 17.97 -12.12 -26.78
N ASN C 280 18.89 -12.45 -27.68
CA ASN C 280 19.38 -13.82 -27.77
C ASN C 280 20.42 -14.06 -26.68
N GLU C 281 20.97 -15.28 -26.65
CA GLU C 281 21.97 -15.61 -25.65
C GLU C 281 23.22 -14.76 -25.82
N ASN C 282 23.51 -14.32 -27.05
CA ASN C 282 24.63 -13.41 -27.26
C ASN C 282 24.32 -12.00 -26.82
N GLY C 283 23.05 -11.67 -26.60
CA GLY C 283 22.65 -10.31 -26.31
C GLY C 283 22.22 -9.50 -27.52
N THR C 284 22.21 -10.11 -28.70
CA THR C 284 21.77 -9.41 -29.90
C THR C 284 20.25 -9.44 -30.00
N ILE C 285 19.67 -8.31 -30.40
CA ILE C 285 18.21 -8.21 -30.59
C ILE C 285 17.88 -8.95 -31.88
N THR C 286 17.36 -10.18 -31.74
CA THR C 286 17.13 -11.00 -32.92
C THR C 286 15.75 -10.77 -33.52
N ASP C 287 14.84 -10.18 -32.74
CA ASP C 287 13.48 -9.94 -33.22
C ASP C 287 12.84 -8.84 -32.39
N ALA C 288 11.76 -8.28 -32.93
CA ALA C 288 11.02 -7.22 -32.25
C ALA C 288 9.56 -7.24 -32.70
N VAL C 289 8.71 -6.66 -31.86
CA VAL C 289 7.27 -6.56 -32.13
C VAL C 289 6.80 -5.17 -31.75
N ASP C 290 6.01 -4.55 -32.62
CA ASP C 290 5.46 -3.22 -32.39
C ASP C 290 4.03 -3.38 -31.86
N CYS C 291 3.81 -2.92 -30.63
CA CYS C 291 2.52 -3.11 -29.99
C CYS C 291 1.40 -2.41 -30.75
N ALA C 292 1.66 -1.17 -31.21
CA ALA C 292 0.58 -0.34 -31.74
C ALA C 292 0.14 -0.80 -33.13
N LEU C 293 0.98 -1.57 -33.82
CA LEU C 293 0.68 -1.92 -35.21
C LEU C 293 -0.57 -2.80 -35.31
N ASP C 294 -0.60 -3.91 -34.59
CA ASP C 294 -1.59 -4.93 -34.85
C ASP C 294 -2.24 -5.36 -33.54
N PRO C 295 -3.52 -5.73 -33.58
CA PRO C 295 -4.13 -6.30 -32.37
C PRO C 295 -3.42 -7.54 -31.85
N LEU C 296 -2.90 -8.38 -32.74
CA LEU C 296 -2.10 -9.52 -32.27
C LEU C 296 -0.83 -9.03 -31.59
N SER C 297 -0.21 -7.99 -32.15
CA SER C 297 1.04 -7.48 -31.58
C SER C 297 0.81 -6.88 -30.20
N GLU C 298 -0.35 -6.23 -30.00
CA GLU C 298 -0.68 -5.75 -28.67
C GLU C 298 -0.86 -6.91 -27.70
N THR C 299 -1.44 -8.01 -28.17
CA THR C 299 -1.56 -9.21 -27.33
C THR C 299 -0.19 -9.77 -26.96
N LYS C 300 0.71 -9.82 -27.94
CA LYS C 300 2.06 -10.31 -27.67
C LYS C 300 2.79 -9.41 -26.67
N CYS C 301 2.58 -8.10 -26.79
CA CYS C 301 3.13 -7.18 -25.80
C CYS C 301 2.56 -7.43 -24.42
N THR C 302 1.25 -7.69 -24.34
CA THR C 302 0.61 -7.99 -23.07
C THR C 302 1.07 -9.33 -22.51
N LEU C 303 1.09 -10.36 -23.36
CA LEU C 303 1.48 -11.69 -22.90
C LEU C 303 2.99 -11.80 -22.72
N LYS C 304 3.75 -10.81 -23.19
CA LYS C 304 5.20 -10.77 -23.09
C LYS C 304 5.89 -11.93 -23.80
N SER C 305 5.19 -12.61 -24.70
CA SER C 305 5.74 -13.71 -25.47
C SER C 305 5.38 -13.56 -26.93
N PHE C 306 6.31 -13.88 -27.83
CA PHE C 306 6.03 -13.79 -29.25
C PHE C 306 4.93 -14.77 -29.67
N THR C 307 4.98 -15.99 -29.15
CA THR C 307 3.98 -17.00 -29.45
C THR C 307 2.90 -16.96 -28.39
N VAL C 308 1.71 -16.48 -28.76
CA VAL C 308 0.57 -16.42 -27.87
C VAL C 308 -0.37 -17.56 -28.22
N GLU C 309 -0.75 -18.35 -27.21
CA GLU C 309 -1.56 -19.52 -27.45
C GLU C 309 -2.99 -19.14 -27.83
N LYS C 310 -3.71 -20.10 -28.40
CA LYS C 310 -5.09 -19.87 -28.82
C LYS C 310 -5.96 -19.50 -27.62
N GLY C 311 -6.70 -18.41 -27.75
CA GLY C 311 -7.54 -17.95 -26.67
C GLY C 311 -7.95 -16.51 -26.88
N ILE C 312 -8.50 -15.93 -25.83
CA ILE C 312 -8.97 -14.54 -25.82
C ILE C 312 -8.22 -13.80 -24.72
N TYR C 313 -7.61 -12.67 -25.08
CA TYR C 313 -6.77 -11.92 -24.16
C TYR C 313 -7.18 -10.45 -24.20
N GLN C 314 -7.43 -9.87 -23.03
CA GLN C 314 -7.77 -8.46 -22.96
C GLN C 314 -6.51 -7.62 -23.11
N THR C 315 -6.50 -6.74 -24.10
CA THR C 315 -5.33 -5.91 -24.40
C THR C 315 -5.51 -4.46 -24.00
N SER C 316 -6.69 -3.89 -24.19
CA SER C 316 -6.93 -2.50 -23.88
C SER C 316 -8.42 -2.30 -23.69
N ASN C 317 -8.80 -1.06 -23.42
CA ASN C 317 -10.21 -0.67 -23.26
C ASN C 317 -10.60 0.33 -24.34
N PHE C 318 -11.75 0.08 -24.97
CA PHE C 318 -12.24 0.95 -26.04
C PHE C 318 -12.94 2.16 -25.43
N ARG C 319 -12.64 3.34 -25.96
CA ARG C 319 -13.22 4.59 -25.47
C ARG C 319 -13.71 5.44 -26.62
N VAL C 320 -15.02 5.68 -26.67
CA VAL C 320 -15.56 6.63 -27.63
C VAL C 320 -15.23 8.03 -27.10
N GLN C 321 -14.59 8.84 -27.92
CA GLN C 321 -14.24 10.18 -27.48
C GLN C 321 -15.41 11.12 -27.76
N PRO C 322 -15.69 12.07 -26.86
CA PRO C 322 -16.78 13.02 -27.11
C PRO C 322 -16.52 13.83 -28.37
N THR C 323 -17.56 14.01 -29.17
CA THR C 323 -17.40 14.72 -30.44
C THR C 323 -17.07 16.19 -30.21
N GLU C 324 -17.74 16.82 -29.25
CA GLU C 324 -17.56 18.25 -29.01
C GLU C 324 -17.94 18.55 -27.56
N SER C 325 -17.74 19.81 -27.18
CA SER C 325 -18.12 20.29 -25.86
C SER C 325 -19.24 21.31 -25.99
N ILE C 326 -20.31 21.10 -25.22
CA ILE C 326 -21.48 21.96 -25.26
C ILE C 326 -21.64 22.63 -23.90
N VAL C 327 -21.78 23.95 -23.91
CA VAL C 327 -22.07 24.74 -22.72
C VAL C 327 -23.40 25.43 -22.96
N ARG C 328 -24.36 25.19 -22.08
CA ARG C 328 -25.72 25.67 -22.26
C ARG C 328 -26.20 26.36 -21.00
N PHE C 329 -26.77 27.54 -21.15
CA PHE C 329 -27.23 28.38 -20.05
C PHE C 329 -28.65 28.84 -20.33
N PRO C 330 -29.43 29.12 -19.28
CA PRO C 330 -30.85 29.45 -19.48
C PRO C 330 -31.03 30.74 -20.27
N ASN C 331 -32.29 31.04 -20.56
CA ASN C 331 -32.63 32.23 -21.31
C ASN C 331 -32.09 33.48 -20.63
N ILE C 332 -31.38 34.30 -21.39
CA ILE C 332 -30.78 35.50 -20.82
C ILE C 332 -31.87 36.49 -20.44
N THR C 333 -31.79 37.01 -19.22
CA THR C 333 -32.74 38.02 -18.78
C THR C 333 -32.53 39.31 -19.57
N ASN C 334 -33.54 40.17 -19.54
CA ASN C 334 -33.49 41.41 -20.30
C ASN C 334 -32.30 42.26 -19.87
N LEU C 335 -31.44 42.60 -20.83
CA LEU C 335 -30.31 43.46 -20.54
C LEU C 335 -30.78 44.89 -20.31
N CYS C 336 -29.94 45.66 -19.61
CA CYS C 336 -30.28 47.05 -19.36
C CYS C 336 -30.37 47.82 -20.67
N PRO C 337 -31.32 48.74 -20.80
CA PRO C 337 -31.62 49.35 -22.11
C PRO C 337 -30.65 50.46 -22.50
N PHE C 338 -29.37 50.10 -22.64
CA PHE C 338 -28.43 51.04 -23.25
C PHE C 338 -28.59 51.06 -24.76
N GLY C 339 -28.90 49.91 -25.36
CA GLY C 339 -29.18 49.87 -26.79
C GLY C 339 -30.43 50.67 -27.16
N GLU C 340 -31.43 50.68 -26.26
CA GLU C 340 -32.60 51.51 -26.49
C GLU C 340 -32.24 53.00 -26.48
N VAL C 341 -31.32 53.40 -25.59
CA VAL C 341 -30.79 54.76 -25.62
C VAL C 341 -30.07 55.00 -26.94
N PHE C 342 -29.34 54.00 -27.44
CA PHE C 342 -28.72 54.12 -28.75
C PHE C 342 -29.76 54.29 -29.84
N ASN C 343 -30.87 53.56 -29.75
CA ASN C 343 -31.90 53.61 -30.79
C ASN C 343 -32.59 54.98 -30.82
N ALA C 344 -32.76 55.59 -29.64
CA ALA C 344 -33.56 56.81 -29.55
C ALA C 344 -32.95 57.95 -30.34
N THR C 345 -33.80 58.69 -31.05
CA THR C 345 -33.32 59.84 -31.83
C THR C 345 -32.88 60.98 -30.92
N ARG C 346 -33.71 61.34 -29.95
CA ARG C 346 -33.34 62.39 -29.00
C ARG C 346 -32.20 61.89 -28.11
N PHE C 347 -31.17 62.72 -27.95
CA PHE C 347 -29.93 62.27 -27.35
C PHE C 347 -29.33 63.40 -26.54
N ALA C 348 -28.44 63.05 -25.61
CA ALA C 348 -27.88 64.03 -24.69
C ALA C 348 -26.69 64.76 -25.31
N SER C 349 -26.41 65.95 -24.78
CA SER C 349 -25.28 66.74 -25.25
C SER C 349 -24.02 66.37 -24.49
N VAL C 350 -22.89 66.95 -24.93
CA VAL C 350 -21.60 66.59 -24.35
C VAL C 350 -21.46 67.14 -22.93
N TYR C 351 -21.86 68.38 -22.71
CA TYR C 351 -21.75 68.95 -21.36
C TYR C 351 -22.70 68.27 -20.40
N ALA C 352 -23.92 67.99 -20.84
CA ALA C 352 -24.87 67.21 -20.05
C ALA C 352 -24.88 65.76 -20.56
N TRP C 353 -23.72 65.11 -20.43
CA TRP C 353 -23.59 63.74 -20.87
C TRP C 353 -24.42 62.82 -19.97
N ASN C 354 -25.21 61.95 -20.60
CA ASN C 354 -26.21 61.14 -19.90
C ASN C 354 -25.52 59.91 -19.31
N ARG C 355 -25.28 59.95 -18.00
CA ARG C 355 -24.78 58.78 -17.29
C ARG C 355 -25.91 57.79 -17.07
N LYS C 356 -25.68 56.54 -17.43
CA LYS C 356 -26.64 55.46 -17.23
C LYS C 356 -25.97 54.35 -16.43
N ARG C 357 -26.57 54.01 -15.29
CA ARG C 357 -26.01 52.97 -14.43
C ARG C 357 -26.57 51.62 -14.84
N ILE C 358 -25.66 50.66 -15.09
CA ILE C 358 -26.02 49.32 -15.51
C ILE C 358 -25.79 48.38 -14.33
N SER C 359 -26.88 47.84 -13.79
CA SER C 359 -26.79 46.92 -12.65
C SER C 359 -27.97 45.96 -12.71
N ASN C 360 -27.76 44.76 -12.15
CA ASN C 360 -28.75 43.70 -12.15
C ASN C 360 -29.23 43.37 -13.57
N CYS C 361 -28.34 43.48 -14.54
CA CYS C 361 -28.63 43.21 -15.94
C CYS C 361 -27.55 42.30 -16.50
N VAL C 362 -27.96 41.35 -17.34
CA VAL C 362 -26.98 40.59 -18.12
C VAL C 362 -26.80 41.31 -19.45
N ALA C 363 -25.93 42.31 -19.47
CA ALA C 363 -25.74 43.11 -20.67
C ALA C 363 -25.01 42.31 -21.74
N ASP C 364 -25.59 42.28 -22.94
CA ASP C 364 -25.05 41.53 -24.06
C ASP C 364 -24.31 42.48 -24.98
N TYR C 365 -22.98 42.38 -25.00
CA TYR C 365 -22.15 43.19 -25.87
C TYR C 365 -21.87 42.52 -27.21
N SER C 366 -22.31 41.27 -27.40
CA SER C 366 -22.11 40.60 -28.67
C SER C 366 -22.85 41.31 -29.80
N VAL C 367 -24.08 41.76 -29.53
CA VAL C 367 -24.85 42.49 -30.54
C VAL C 367 -24.16 43.80 -30.88
N LEU C 368 -23.66 44.51 -29.87
CA LEU C 368 -22.96 45.77 -30.12
C LEU C 368 -21.69 45.54 -30.93
N TYR C 369 -20.95 44.48 -30.62
CA TYR C 369 -19.74 44.18 -31.38
C TYR C 369 -20.07 43.79 -32.81
N ASN C 370 -21.13 43.02 -33.02
CA ASN C 370 -21.46 42.54 -34.37
C ASN C 370 -21.93 43.68 -35.26
N SER C 371 -22.63 44.66 -34.68
CA SER C 371 -23.19 45.75 -35.48
C SER C 371 -22.08 46.53 -36.18
N ALA C 372 -22.25 46.76 -37.47
CA ALA C 372 -21.29 47.49 -38.28
C ALA C 372 -21.63 48.98 -38.41
N SER C 373 -22.72 49.42 -37.78
CA SER C 373 -23.07 50.84 -37.84
C SER C 373 -22.07 51.68 -37.06
N PHE C 374 -21.39 51.07 -36.08
CA PHE C 374 -20.42 51.79 -35.26
C PHE C 374 -19.06 51.75 -35.92
N SER C 375 -18.55 52.91 -36.32
CA SER C 375 -17.27 52.97 -37.02
C SER C 375 -16.12 52.53 -36.13
N THR C 376 -16.11 52.95 -34.87
CA THR C 376 -15.04 52.65 -33.93
C THR C 376 -15.60 51.86 -32.76
N PHE C 377 -14.98 50.72 -32.46
CA PHE C 377 -15.35 49.90 -31.31
C PHE C 377 -14.18 49.72 -30.35
N LYS C 378 -13.20 50.63 -30.40
CA LYS C 378 -12.01 50.50 -29.57
C LYS C 378 -12.35 50.68 -28.09
N CYS C 379 -11.74 49.85 -27.25
CA CYS C 379 -11.85 49.98 -25.81
C CYS C 379 -10.46 50.22 -25.25
N TYR C 380 -10.29 51.34 -24.54
CA TYR C 380 -8.97 51.73 -24.07
C TYR C 380 -8.42 50.78 -23.01
N GLY C 381 -9.27 50.35 -22.08
CA GLY C 381 -8.84 49.49 -21.00
C GLY C 381 -9.38 48.08 -21.00
N VAL C 382 -10.19 47.69 -21.98
CA VAL C 382 -10.79 46.37 -22.05
C VAL C 382 -10.61 45.85 -23.46
N SER C 383 -10.64 44.52 -23.61
CA SER C 383 -10.63 43.90 -24.92
C SER C 383 -12.05 43.88 -25.47
N PRO C 384 -12.33 44.56 -26.58
CA PRO C 384 -13.72 44.61 -27.09
C PRO C 384 -14.28 43.24 -27.44
N THR C 385 -13.43 42.33 -27.93
CA THR C 385 -13.92 41.00 -28.32
C THR C 385 -14.40 40.21 -27.10
N LYS C 386 -13.68 40.32 -25.98
CA LYS C 386 -13.99 39.55 -24.78
C LYS C 386 -14.85 40.33 -23.80
N LEU C 387 -15.71 41.23 -24.27
CA LEU C 387 -16.62 41.94 -23.37
C LEU C 387 -17.58 40.97 -22.68
N ASN C 388 -18.09 39.98 -23.43
CA ASN C 388 -18.97 38.99 -22.82
C ASN C 388 -18.21 38.08 -21.85
N ASP C 389 -16.94 37.79 -22.17
CA ASP C 389 -16.18 36.85 -21.35
C ASP C 389 -15.87 37.44 -19.97
N LEU C 390 -15.37 38.66 -19.92
CA LEU C 390 -14.97 39.30 -18.67
C LEU C 390 -15.90 40.47 -18.37
N CYS C 391 -16.29 40.59 -17.10
CA CYS C 391 -17.22 41.62 -16.67
C CYS C 391 -16.78 42.20 -15.34
N PHE C 392 -17.20 43.44 -15.09
CA PHE C 392 -16.91 44.13 -13.84
C PHE C 392 -18.23 44.41 -13.11
N THR C 393 -18.10 44.70 -11.81
CA THR C 393 -19.29 44.83 -10.97
C THR C 393 -20.14 46.03 -11.37
N ASN C 394 -19.51 47.12 -11.79
CA ASN C 394 -20.22 48.36 -12.13
C ASN C 394 -19.94 48.72 -13.58
N VAL C 395 -21.00 48.96 -14.34
CA VAL C 395 -20.90 49.38 -15.73
C VAL C 395 -21.71 50.66 -15.90
N TYR C 396 -21.10 51.67 -16.51
CA TYR C 396 -21.75 52.95 -16.72
C TYR C 396 -21.60 53.38 -18.18
N ALA C 397 -22.65 53.97 -18.72
CA ALA C 397 -22.69 54.42 -20.10
C ALA C 397 -22.81 55.94 -20.12
N ASP C 398 -21.94 56.60 -20.88
CA ASP C 398 -21.98 58.04 -21.04
C ASP C 398 -22.50 58.38 -22.44
N SER C 399 -23.61 59.10 -22.50
CA SER C 399 -24.27 59.44 -23.75
C SER C 399 -24.13 60.94 -24.00
N PHE C 400 -23.52 61.30 -25.12
CA PHE C 400 -23.29 62.71 -25.41
C PHE C 400 -23.08 62.91 -26.91
N VAL C 401 -23.21 64.15 -27.34
CA VAL C 401 -23.04 64.55 -28.74
C VAL C 401 -21.87 65.53 -28.83
N ILE C 402 -20.92 65.24 -29.72
CA ILE C 402 -19.80 66.12 -30.02
C ILE C 402 -19.80 66.39 -31.52
N ARG C 403 -18.89 67.27 -31.94
CA ARG C 403 -18.75 67.55 -33.36
C ARG C 403 -17.94 66.45 -34.04
N GLY C 404 -18.01 66.42 -35.38
CA GLY C 404 -17.34 65.37 -36.12
C GLY C 404 -15.82 65.43 -35.99
N ASP C 405 -15.27 66.64 -35.90
CA ASP C 405 -13.82 66.79 -35.77
C ASP C 405 -13.34 66.64 -34.34
N GLU C 406 -14.26 66.46 -33.38
CA GLU C 406 -13.93 66.40 -31.97
C GLU C 406 -13.80 64.97 -31.46
N VAL C 407 -13.77 63.98 -32.35
CA VAL C 407 -13.74 62.58 -31.92
C VAL C 407 -12.43 62.28 -31.20
N ARG C 408 -11.30 62.77 -31.73
CA ARG C 408 -10.01 62.48 -31.13
C ARG C 408 -9.89 63.06 -29.73
N GLN C 409 -10.65 64.11 -29.41
CA GLN C 409 -10.57 64.72 -28.09
C GLN C 409 -11.14 63.81 -27.02
N ILE C 410 -11.99 62.86 -27.40
CA ILE C 410 -12.52 61.89 -26.44
C ILE C 410 -11.53 60.75 -26.32
N ALA C 411 -10.54 60.92 -25.44
CA ALA C 411 -9.46 59.96 -25.25
C ALA C 411 -8.65 60.39 -24.04
N PRO C 412 -7.99 59.44 -23.36
CA PRO C 412 -7.14 59.82 -22.23
C PRO C 412 -5.99 60.72 -22.67
N GLY C 413 -5.63 61.66 -21.80
CA GLY C 413 -4.51 62.55 -22.07
C GLY C 413 -4.71 63.46 -23.26
N GLN C 414 -5.89 64.05 -23.39
CA GLN C 414 -6.21 64.96 -24.48
C GLN C 414 -6.62 66.32 -23.93
N THR C 415 -6.16 67.38 -24.58
CA THR C 415 -6.46 68.75 -24.18
C THR C 415 -7.29 69.42 -25.26
N GLY C 416 -8.46 69.93 -24.88
CA GLY C 416 -9.34 70.62 -25.82
C GLY C 416 -10.63 70.98 -25.14
N LYS C 417 -11.50 71.66 -25.88
CA LYS C 417 -12.81 72.02 -25.35
C LYS C 417 -13.63 70.76 -25.03
N ILE C 418 -13.76 69.87 -26.01
CA ILE C 418 -14.45 68.61 -25.79
C ILE C 418 -13.63 67.71 -24.86
N ALA C 419 -12.31 67.77 -25.00
CA ALA C 419 -11.45 66.88 -24.21
C ALA C 419 -11.46 67.23 -22.73
N ASP C 420 -11.52 68.52 -22.40
CA ASP C 420 -11.34 68.95 -21.01
C ASP C 420 -12.52 69.75 -20.47
N TYR C 421 -13.00 70.75 -21.22
CA TYR C 421 -13.85 71.77 -20.63
C TYR C 421 -15.22 71.23 -20.21
N ASN C 422 -15.70 70.20 -20.89
CA ASN C 422 -17.03 69.67 -20.64
C ASN C 422 -17.03 68.22 -20.16
N TYR C 423 -16.33 67.33 -20.86
CA TYR C 423 -16.22 65.93 -20.47
C TYR C 423 -14.76 65.52 -20.50
N LYS C 424 -14.32 64.82 -19.45
CA LYS C 424 -12.93 64.45 -19.29
C LYS C 424 -12.83 62.96 -18.99
N LEU C 425 -11.80 62.32 -19.55
CA LEU C 425 -11.52 60.92 -19.34
C LEU C 425 -10.18 60.75 -18.63
N PRO C 426 -10.08 59.81 -17.68
CA PRO C 426 -8.82 59.63 -16.96
C PRO C 426 -7.75 59.03 -17.84
N ASP C 427 -6.49 59.28 -17.47
CA ASP C 427 -5.38 58.65 -18.18
C ASP C 427 -5.44 57.13 -18.08
N ASP C 428 -5.75 56.62 -16.90
CA ASP C 428 -5.98 55.20 -16.69
C ASP C 428 -7.50 54.98 -16.71
N PHE C 429 -8.06 54.89 -17.91
CA PHE C 429 -9.50 54.75 -18.10
C PHE C 429 -9.81 53.34 -18.56
N THR C 430 -10.76 52.71 -17.89
CA THR C 430 -11.21 51.36 -18.23
C THR C 430 -12.62 51.45 -18.81
N GLY C 431 -12.78 50.99 -20.04
CA GLY C 431 -14.08 51.02 -20.69
C GLY C 431 -13.92 51.10 -22.20
N CYS C 432 -15.04 51.36 -22.86
CA CYS C 432 -15.12 51.43 -24.31
C CYS C 432 -15.71 52.76 -24.74
N VAL C 433 -15.20 53.28 -25.85
CA VAL C 433 -15.75 54.47 -26.49
C VAL C 433 -16.44 54.03 -27.77
N ILE C 434 -17.75 54.20 -27.84
CA ILE C 434 -18.56 53.75 -28.97
C ILE C 434 -18.98 54.98 -29.76
N ALA C 435 -18.60 55.02 -31.03
CA ALA C 435 -18.87 56.15 -31.91
C ALA C 435 -19.48 55.67 -33.21
N TRP C 436 -20.51 56.36 -33.68
CA TRP C 436 -21.15 56.05 -34.95
C TRP C 436 -21.80 57.30 -35.51
N ASN C 437 -22.07 57.28 -36.82
CA ASN C 437 -22.64 58.44 -37.49
C ASN C 437 -24.04 58.72 -36.99
N SER C 438 -24.34 60.01 -36.80
CA SER C 438 -25.66 60.46 -36.37
C SER C 438 -26.27 61.49 -37.31
N ASN C 439 -25.80 61.56 -38.55
CA ASN C 439 -26.32 62.53 -39.50
C ASN C 439 -27.79 62.26 -39.81
N ASN C 440 -28.13 61.00 -40.09
CA ASN C 440 -29.52 60.65 -40.35
C ASN C 440 -30.30 60.44 -39.05
N LEU C 441 -29.59 60.34 -37.93
CA LEU C 441 -30.24 60.04 -36.66
C LEU C 441 -30.94 61.28 -36.10
N ASP C 442 -30.17 62.32 -35.79
CA ASP C 442 -30.74 63.48 -35.12
C ASP C 442 -30.59 64.76 -35.94
N SER C 443 -29.57 64.83 -36.80
CA SER C 443 -29.36 66.02 -37.61
C SER C 443 -30.51 66.21 -38.59
N LYS C 444 -30.99 67.44 -38.68
CA LYS C 444 -32.13 67.80 -39.51
C LYS C 444 -31.75 68.95 -40.44
N VAL C 445 -32.74 69.41 -41.21
CA VAL C 445 -32.52 70.54 -42.10
C VAL C 445 -32.21 71.80 -41.30
N GLY C 446 -32.97 72.04 -40.24
CA GLY C 446 -32.70 73.19 -39.40
C GLY C 446 -31.52 72.97 -38.46
N GLY C 447 -31.00 74.07 -37.94
CA GLY C 447 -29.87 73.97 -37.02
C GLY C 447 -30.29 73.32 -35.71
N ASN C 448 -29.35 72.59 -35.11
CA ASN C 448 -29.59 71.91 -33.84
C ASN C 448 -29.26 72.87 -32.69
N TYR C 449 -30.20 73.80 -32.46
CA TYR C 449 -29.98 74.82 -31.44
C TYR C 449 -30.08 74.24 -30.04
N ASN C 450 -30.88 73.20 -29.87
CA ASN C 450 -31.02 72.59 -28.55
C ASN C 450 -29.70 72.01 -28.05
N TYR C 451 -28.94 71.38 -28.94
CA TYR C 451 -27.64 70.84 -28.57
C TYR C 451 -26.65 71.95 -28.27
N LEU C 452 -25.84 71.76 -27.23
CA LEU C 452 -24.89 72.77 -26.79
C LEU C 452 -23.60 72.10 -26.32
N TYR C 453 -22.53 72.87 -26.28
CA TYR C 453 -21.28 72.41 -25.70
C TYR C 453 -20.57 73.57 -25.02
N ARG C 454 -19.79 73.24 -23.99
CA ARG C 454 -19.12 74.24 -23.17
C ARG C 454 -17.82 74.64 -23.85
N LEU C 455 -17.89 75.70 -24.67
CA LEU C 455 -16.70 76.20 -25.33
C LEU C 455 -15.73 76.82 -24.33
N PHE C 456 -16.26 77.54 -23.35
CA PHE C 456 -15.47 78.29 -22.39
C PHE C 456 -15.59 77.65 -21.00
N ARG C 457 -14.45 77.39 -20.37
CA ARG C 457 -14.43 76.90 -19.01
C ARG C 457 -13.18 77.41 -18.31
N LYS C 458 -13.31 77.66 -16.99
CA LYS C 458 -12.20 78.25 -16.24
C LYS C 458 -10.99 77.33 -16.21
N SER C 459 -11.21 76.04 -15.98
CA SER C 459 -10.14 75.07 -15.89
C SER C 459 -10.63 73.72 -16.39
N ASN C 460 -9.67 72.85 -16.71
CA ASN C 460 -10.01 71.52 -17.18
C ASN C 460 -10.72 70.73 -16.09
N LEU C 461 -11.87 70.15 -16.44
CA LEU C 461 -12.65 69.40 -15.46
C LEU C 461 -11.96 68.09 -15.12
N LYS C 462 -12.22 67.60 -13.91
CA LYS C 462 -11.70 66.32 -13.48
C LYS C 462 -12.35 65.20 -14.28
N PRO C 463 -11.66 64.08 -14.45
CA PRO C 463 -12.24 62.97 -15.22
C PRO C 463 -13.53 62.46 -14.59
N PHE C 464 -14.49 62.13 -15.45
CA PHE C 464 -15.81 61.62 -15.03
C PHE C 464 -16.50 62.58 -14.06
N GLU C 465 -16.33 63.87 -14.28
CA GLU C 465 -16.97 64.91 -13.49
C GLU C 465 -17.83 65.78 -14.40
N ARG C 466 -19.09 65.95 -14.04
CA ARG C 466 -20.03 66.75 -14.81
C ARG C 466 -20.49 67.94 -13.97
N ASP C 467 -20.38 69.13 -14.53
CA ASP C 467 -20.79 70.38 -13.86
C ASP C 467 -21.94 70.98 -14.64
N ILE C 468 -23.17 70.66 -14.23
CA ILE C 468 -24.37 71.23 -14.84
C ILE C 468 -24.66 72.57 -14.19
N SER C 469 -24.08 73.64 -14.76
CA SER C 469 -24.27 74.99 -14.27
C SER C 469 -24.35 75.93 -15.46
N THR C 470 -25.46 76.66 -15.57
CA THR C 470 -25.61 77.69 -16.60
C THR C 470 -24.90 78.97 -16.13
N GLU C 471 -23.60 78.81 -15.89
CA GLU C 471 -22.80 79.90 -15.37
C GLU C 471 -22.66 81.01 -16.41
N ILE C 472 -22.44 82.23 -15.92
CA ILE C 472 -22.23 83.37 -16.81
C ILE C 472 -20.90 83.23 -17.53
N TYR C 473 -19.88 82.71 -16.84
CA TYR C 473 -18.50 82.68 -17.32
C TYR C 473 -18.09 84.04 -17.88
N GLN C 474 -18.02 85.03 -16.99
CA GLN C 474 -17.52 86.33 -17.39
C GLN C 474 -16.08 86.24 -17.89
N ALA C 475 -15.22 85.57 -17.12
CA ALA C 475 -13.78 85.59 -17.34
C ALA C 475 -13.27 87.03 -17.39
N GLY C 476 -12.31 87.31 -18.27
CA GLY C 476 -11.86 88.67 -18.47
C GLY C 476 -11.08 89.22 -17.28
N SER C 477 -10.83 90.53 -17.34
CA SER C 477 -10.08 91.19 -16.28
C SER C 477 -10.99 91.92 -15.30
N THR C 478 -12.04 92.57 -15.80
CA THR C 478 -12.90 93.41 -14.98
C THR C 478 -14.33 92.88 -14.98
N PRO C 479 -15.06 93.07 -13.89
CA PRO C 479 -16.42 92.50 -13.81
C PRO C 479 -17.37 93.14 -14.83
N CYS C 480 -17.83 92.31 -15.77
CA CYS C 480 -18.89 92.75 -16.67
C CYS C 480 -20.22 92.87 -15.94
N ASN C 481 -20.54 91.89 -15.09
CA ASN C 481 -21.82 91.75 -14.39
C ASN C 481 -22.98 91.63 -15.37
N GLY C 482 -22.71 91.27 -16.62
CA GLY C 482 -23.75 91.10 -17.61
C GLY C 482 -23.53 89.84 -18.41
N VAL C 483 -24.64 89.29 -18.91
CA VAL C 483 -24.60 88.02 -19.62
C VAL C 483 -23.74 88.13 -20.88
N GLU C 484 -23.92 89.21 -21.63
CA GLU C 484 -23.19 89.42 -22.88
C GLU C 484 -22.27 90.62 -22.74
N GLY C 485 -21.02 90.47 -23.17
CA GLY C 485 -20.06 91.55 -23.11
C GLY C 485 -19.00 91.40 -24.18
N PHE C 486 -18.15 92.43 -24.28
CA PHE C 486 -17.08 92.40 -25.27
C PHE C 486 -16.08 91.28 -24.98
N ASN C 487 -15.63 91.17 -23.73
CA ASN C 487 -14.78 90.08 -23.31
C ASN C 487 -15.50 89.07 -22.42
N CYS C 488 -16.82 89.16 -22.33
CA CYS C 488 -17.62 88.33 -21.45
C CYS C 488 -18.69 87.63 -22.28
N TYR C 489 -18.63 86.30 -22.35
CA TYR C 489 -19.49 85.52 -23.23
C TYR C 489 -20.09 84.35 -22.48
N PHE C 490 -21.19 83.84 -23.00
CA PHE C 490 -21.78 82.62 -22.46
C PHE C 490 -20.89 81.42 -22.77
N PRO C 491 -20.71 80.50 -21.82
CA PRO C 491 -19.84 79.35 -22.09
C PRO C 491 -20.39 78.40 -23.14
N LEU C 492 -21.69 78.10 -23.11
CA LEU C 492 -22.26 77.15 -24.05
C LEU C 492 -22.38 77.76 -25.44
N GLN C 493 -22.13 76.93 -26.45
CA GLN C 493 -22.22 77.34 -27.86
C GLN C 493 -23.11 76.37 -28.61
N SER C 494 -23.99 76.90 -29.44
CA SER C 494 -24.95 76.07 -30.17
C SER C 494 -24.27 75.31 -31.29
N TYR C 495 -24.60 74.02 -31.41
CA TYR C 495 -24.13 73.21 -32.52
C TYR C 495 -24.78 73.63 -33.83
N GLY C 496 -24.10 73.27 -34.93
CA GLY C 496 -24.72 73.27 -36.23
C GLY C 496 -24.46 71.96 -36.94
N PHE C 497 -25.52 71.20 -37.20
CA PHE C 497 -25.41 69.92 -37.90
C PHE C 497 -26.29 69.98 -39.14
N GLN C 498 -25.75 69.52 -40.27
CA GLN C 498 -26.45 69.52 -41.54
C GLN C 498 -25.93 68.37 -42.38
N PRO C 499 -26.80 67.65 -43.09
CA PRO C 499 -26.31 66.63 -44.02
C PRO C 499 -25.40 67.19 -45.09
N THR C 500 -25.59 68.45 -45.47
CA THR C 500 -24.72 69.07 -46.47
C THR C 500 -23.35 69.43 -45.89
N ASN C 501 -23.23 69.47 -44.56
CA ASN C 501 -21.95 69.81 -43.96
C ASN C 501 -20.89 68.76 -44.29
N GLY C 502 -21.25 67.49 -44.26
CA GLY C 502 -20.33 66.41 -44.55
C GLY C 502 -19.95 65.63 -43.30
N VAL C 503 -19.05 64.66 -43.53
CA VAL C 503 -18.61 63.78 -42.44
C VAL C 503 -17.84 64.58 -41.39
N GLY C 504 -17.07 65.58 -41.83
CA GLY C 504 -16.27 66.35 -40.90
C GLY C 504 -17.08 67.07 -39.85
N TYR C 505 -18.26 67.56 -40.22
CA TYR C 505 -19.14 68.28 -39.32
C TYR C 505 -20.42 67.52 -38.99
N GLN C 506 -20.50 66.25 -39.38
CA GLN C 506 -21.67 65.44 -39.03
C GLN C 506 -21.68 65.17 -37.52
N PRO C 507 -22.87 64.92 -36.95
CA PRO C 507 -22.94 64.74 -35.49
C PRO C 507 -22.03 63.64 -34.96
N TYR C 508 -21.95 62.50 -35.65
CA TYR C 508 -21.04 61.42 -35.29
C TYR C 508 -21.18 61.07 -33.80
N ARG C 509 -22.35 60.55 -33.46
CA ARG C 509 -22.69 60.30 -32.05
C ARG C 509 -21.67 59.40 -31.39
N VAL C 510 -21.23 59.81 -30.20
CA VAL C 510 -20.17 59.12 -29.46
C VAL C 510 -20.71 58.75 -28.08
N VAL C 511 -20.53 57.50 -27.68
CA VAL C 511 -20.93 57.00 -26.37
C VAL C 511 -19.72 56.38 -25.71
N VAL C 512 -19.46 56.77 -24.46
CA VAL C 512 -18.35 56.24 -23.68
C VAL C 512 -18.90 55.29 -22.64
N LEU C 513 -18.44 54.05 -22.66
CA LEU C 513 -18.79 53.04 -21.67
C LEU C 513 -17.67 52.96 -20.65
N SER C 514 -18.02 52.93 -19.37
CA SER C 514 -17.05 52.83 -18.29
C SER C 514 -17.38 51.63 -17.41
N PHE C 515 -16.40 50.77 -17.21
CA PHE C 515 -16.53 49.58 -16.37
C PHE C 515 -15.69 49.79 -15.12
N GLU C 516 -16.32 49.59 -13.95
CA GLU C 516 -15.69 49.91 -12.67
C GLU C 516 -15.61 48.65 -11.81
N LEU C 517 -14.48 48.51 -11.12
CA LEU C 517 -14.26 47.41 -10.18
C LEU C 517 -14.25 47.96 -8.76
N LEU C 518 -15.09 47.38 -7.90
CA LEU C 518 -15.17 47.74 -6.50
C LEU C 518 -14.92 46.55 -5.58
N HIS C 519 -14.29 45.49 -6.09
CA HIS C 519 -14.03 44.26 -5.33
C HIS C 519 -15.33 43.69 -4.76
N ALA C 520 -16.38 43.72 -5.56
CA ALA C 520 -17.71 43.28 -5.17
C ALA C 520 -18.25 42.33 -6.23
N PRO C 521 -19.20 41.47 -5.87
CA PRO C 521 -19.81 40.58 -6.88
C PRO C 521 -20.45 41.38 -8.00
N ALA C 522 -20.34 40.86 -9.22
CA ALA C 522 -20.79 41.59 -10.40
C ALA C 522 -22.30 41.60 -10.48
N THR C 523 -22.91 42.75 -10.19
CA THR C 523 -24.34 42.91 -10.42
C THR C 523 -24.67 42.82 -11.91
N VAL C 524 -23.79 43.37 -12.75
CA VAL C 524 -23.92 43.32 -14.19
C VAL C 524 -22.77 42.49 -14.75
N CYS C 525 -23.09 41.58 -15.67
CA CYS C 525 -22.09 40.72 -16.27
C CYS C 525 -22.51 40.34 -17.69
N GLY C 526 -21.52 39.94 -18.48
CA GLY C 526 -21.76 39.50 -19.84
C GLY C 526 -22.44 38.14 -19.88
N PRO C 527 -23.16 37.87 -20.97
CA PRO C 527 -23.87 36.59 -21.07
C PRO C 527 -22.89 35.42 -21.17
N LYS C 528 -23.32 34.28 -20.64
CA LYS C 528 -22.58 33.04 -20.80
C LYS C 528 -22.92 32.42 -22.15
N LYS C 529 -21.90 32.02 -22.90
CA LYS C 529 -22.13 31.48 -24.22
C LYS C 529 -22.97 30.20 -24.13
N SER C 530 -24.00 30.13 -24.97
CA SER C 530 -24.89 28.98 -25.02
C SER C 530 -24.90 28.44 -26.44
N THR C 531 -24.65 27.15 -26.59
CA THR C 531 -24.62 26.49 -27.88
C THR C 531 -25.86 25.61 -28.03
N ASN C 532 -26.08 25.16 -29.27
CA ASN C 532 -27.25 24.36 -29.56
C ASN C 532 -27.19 23.02 -28.84
N LEU C 533 -28.34 22.57 -28.35
CA LEU C 533 -28.41 21.29 -27.65
C LEU C 533 -28.25 20.14 -28.64
N VAL C 534 -27.58 19.08 -28.19
CA VAL C 534 -27.28 17.92 -29.02
C VAL C 534 -27.79 16.67 -28.32
N LYS C 535 -28.36 15.75 -29.09
CA LYS C 535 -28.86 14.49 -28.58
C LYS C 535 -28.24 13.33 -29.35
N ASN C 536 -28.16 12.19 -28.68
CA ASN C 536 -27.66 10.93 -29.25
C ASN C 536 -26.22 11.03 -29.73
N LYS C 537 -25.47 12.05 -29.31
CA LYS C 537 -24.08 12.22 -29.68
C LYS C 537 -23.26 12.44 -28.42
N CYS C 538 -22.19 11.66 -28.26
CA CYS C 538 -21.34 11.80 -27.10
C CYS C 538 -20.64 13.16 -27.10
N VAL C 539 -20.91 13.95 -26.08
CA VAL C 539 -20.38 15.31 -25.98
C VAL C 539 -19.99 15.60 -24.55
N ASN C 540 -19.34 16.75 -24.34
CA ASN C 540 -19.07 17.26 -23.01
C ASN C 540 -20.08 18.36 -22.70
N PHE C 541 -20.88 18.17 -21.66
CA PHE C 541 -21.97 19.08 -21.33
C PHE C 541 -21.67 19.80 -20.02
N ASN C 542 -21.95 21.11 -20.00
CA ASN C 542 -21.83 21.94 -18.79
C ASN C 542 -23.15 22.68 -18.63
N PHE C 543 -24.11 22.03 -17.97
CA PHE C 543 -25.44 22.61 -17.76
C PHE C 543 -25.43 23.36 -16.44
N ASN C 544 -25.04 24.63 -16.47
CA ASN C 544 -25.05 25.49 -15.30
C ASN C 544 -24.21 24.91 -14.17
N GLY C 545 -23.08 24.28 -14.53
CA GLY C 545 -22.12 23.85 -13.55
C GLY C 545 -22.10 22.37 -13.19
N LEU C 546 -22.93 21.55 -13.85
CA LEU C 546 -22.82 20.10 -13.65
C LEU C 546 -21.47 19.58 -14.13
N THR C 547 -21.00 20.06 -15.27
CA THR C 547 -19.67 19.72 -15.79
C THR C 547 -19.50 18.21 -15.94
N GLY C 548 -20.30 17.62 -16.83
CA GLY C 548 -20.22 16.20 -17.06
C GLY C 548 -20.03 15.85 -18.52
N THR C 549 -19.60 14.63 -18.80
CA THR C 549 -19.42 14.15 -20.17
C THR C 549 -20.30 12.92 -20.39
N GLY C 550 -20.93 12.85 -21.56
CA GLY C 550 -21.80 11.74 -21.85
C GLY C 550 -22.68 12.07 -23.05
N VAL C 551 -23.66 11.18 -23.28
CA VAL C 551 -24.60 11.32 -24.37
C VAL C 551 -25.98 11.58 -23.79
N LEU C 552 -26.71 12.52 -24.39
CA LEU C 552 -28.00 12.97 -23.89
C LEU C 552 -29.11 12.37 -24.72
N THR C 553 -30.12 11.82 -24.04
CA THR C 553 -31.27 11.21 -24.70
C THR C 553 -32.55 11.75 -24.10
N GLU C 554 -33.63 11.67 -24.87
CA GLU C 554 -34.94 12.08 -24.38
C GLU C 554 -35.41 11.11 -23.29
N SER C 555 -36.01 11.67 -22.24
CA SER C 555 -36.43 10.90 -21.08
C SER C 555 -37.93 11.08 -20.87
N ASN C 556 -38.60 10.02 -20.40
CA ASN C 556 -40.02 10.07 -20.11
C ASN C 556 -40.33 10.50 -18.68
N LYS C 557 -39.32 10.66 -17.84
CA LYS C 557 -39.56 11.04 -16.45
C LYS C 557 -39.99 12.50 -16.36
N LYS C 558 -40.49 12.88 -15.19
CA LYS C 558 -41.01 14.23 -14.95
C LYS C 558 -40.31 14.84 -13.75
N PHE C 559 -39.83 16.07 -13.91
CA PHE C 559 -39.26 16.82 -12.81
C PHE C 559 -40.33 17.70 -12.16
N LEU C 560 -40.14 17.99 -10.88
CA LEU C 560 -40.95 18.98 -10.20
C LEU C 560 -40.53 20.39 -10.65
N PRO C 561 -41.42 21.37 -10.51
CA PRO C 561 -41.08 22.73 -10.98
C PRO C 561 -39.81 23.29 -10.37
N PHE C 562 -39.58 23.06 -9.07
CA PHE C 562 -38.31 23.47 -8.48
C PHE C 562 -37.19 22.49 -8.86
N GLN C 563 -37.56 21.25 -9.15
CA GLN C 563 -36.58 20.20 -9.39
C GLN C 563 -35.76 20.50 -10.64
N GLN C 564 -34.45 20.31 -10.55
CA GLN C 564 -33.53 20.63 -11.65
C GLN C 564 -32.89 19.41 -12.29
N PHE C 565 -32.18 18.60 -11.51
CA PHE C 565 -31.50 17.43 -12.05
C PHE C 565 -31.62 16.26 -11.09
N GLY C 566 -31.45 15.06 -11.63
CA GLY C 566 -31.68 13.85 -10.88
C GLY C 566 -30.42 13.03 -10.70
N ARG C 567 -30.50 12.06 -9.81
CA ARG C 567 -29.41 11.13 -9.54
C ARG C 567 -29.98 9.74 -9.29
N ASP C 568 -29.14 8.74 -9.50
CA ASP C 568 -29.52 7.34 -9.29
C ASP C 568 -29.24 6.94 -7.84
N ILE C 569 -29.28 5.63 -7.57
CA ILE C 569 -29.06 5.13 -6.22
C ILE C 569 -27.66 5.48 -5.74
N ALA C 570 -26.65 5.32 -6.59
CA ALA C 570 -25.26 5.58 -6.23
C ALA C 570 -24.92 7.07 -6.24
N ASP C 571 -25.92 7.95 -6.34
CA ASP C 571 -25.72 9.39 -6.32
C ASP C 571 -24.79 9.86 -7.43
N THR C 572 -24.99 9.31 -8.64
CA THR C 572 -24.32 9.79 -9.83
C THR C 572 -25.33 10.47 -10.73
N THR C 573 -24.92 11.58 -11.36
CA THR C 573 -25.83 12.36 -12.19
C THR C 573 -26.43 11.50 -13.29
N ASP C 574 -27.75 11.49 -13.38
CA ASP C 574 -28.46 10.65 -14.32
C ASP C 574 -29.40 11.41 -15.24
N ALA C 575 -29.85 12.59 -14.87
CA ALA C 575 -30.74 13.38 -15.71
C ALA C 575 -30.60 14.85 -15.34
N VAL C 576 -30.55 15.71 -16.36
CA VAL C 576 -30.46 17.15 -16.16
C VAL C 576 -31.51 17.82 -17.04
N ARG C 577 -32.31 18.69 -16.44
CA ARG C 577 -33.29 19.45 -17.20
C ARG C 577 -32.59 20.54 -18.01
N ASP C 578 -33.07 20.75 -19.24
CA ASP C 578 -32.53 21.81 -20.08
C ASP C 578 -32.89 23.17 -19.51
N PRO C 579 -31.91 24.04 -19.25
CA PRO C 579 -32.25 25.37 -18.70
C PRO C 579 -33.15 26.19 -19.60
N GLN C 580 -32.97 26.12 -20.93
CA GLN C 580 -33.81 26.91 -21.83
C GLN C 580 -35.24 26.39 -21.87
N THR C 581 -35.42 25.08 -22.05
CA THR C 581 -36.73 24.48 -22.18
C THR C 581 -36.92 23.44 -21.08
N LEU C 582 -38.08 23.50 -20.42
CA LEU C 582 -38.37 22.64 -19.27
C LEU C 582 -38.62 21.22 -19.78
N GLU C 583 -37.53 20.59 -20.21
CA GLU C 583 -37.54 19.23 -20.72
C GLU C 583 -36.49 18.42 -19.98
N ILE C 584 -36.74 17.12 -19.86
CA ILE C 584 -35.85 16.23 -19.12
C ILE C 584 -34.98 15.47 -20.12
N LEU C 585 -33.68 15.41 -19.82
CA LEU C 585 -32.71 14.72 -20.66
C LEU C 585 -31.96 13.71 -19.81
N ASP C 586 -32.01 12.44 -20.21
CA ASP C 586 -31.26 11.41 -19.50
C ASP C 586 -29.81 11.41 -19.96
N ILE C 587 -28.90 11.36 -18.99
CA ILE C 587 -27.47 11.30 -19.26
C ILE C 587 -26.95 9.91 -18.90
N THR C 588 -26.39 9.22 -19.89
CA THR C 588 -25.68 7.98 -19.68
C THR C 588 -24.25 8.13 -20.18
N PRO C 589 -23.27 7.56 -19.49
CA PRO C 589 -21.88 7.87 -19.79
C PRO C 589 -21.44 7.34 -21.14
N CYS C 590 -20.33 7.88 -21.62
CA CYS C 590 -19.76 7.45 -22.89
C CYS C 590 -19.41 5.97 -22.84
N SER C 591 -19.68 5.27 -23.94
CA SER C 591 -19.51 3.83 -23.97
C SER C 591 -18.06 3.45 -23.77
N PHE C 592 -17.82 2.49 -22.87
CA PHE C 592 -16.49 1.93 -22.65
C PHE C 592 -16.62 0.42 -22.56
N GLY C 593 -15.56 -0.28 -22.96
CA GLY C 593 -15.55 -1.73 -22.89
C GLY C 593 -14.16 -2.25 -23.15
N GLY C 594 -13.80 -3.31 -22.43
CA GLY C 594 -12.49 -3.90 -22.61
C GLY C 594 -12.37 -4.56 -23.97
N VAL C 595 -11.30 -4.22 -24.68
CA VAL C 595 -11.03 -4.77 -26.00
C VAL C 595 -10.34 -6.11 -25.82
N SER C 596 -10.97 -7.17 -26.29
CA SER C 596 -10.44 -8.52 -26.17
C SER C 596 -10.08 -9.04 -27.56
N VAL C 597 -8.86 -9.54 -27.69
CA VAL C 597 -8.34 -9.98 -28.99
C VAL C 597 -8.50 -11.49 -29.06
N ILE C 598 -9.35 -11.94 -29.98
CA ILE C 598 -9.54 -13.38 -30.19
C ILE C 598 -8.47 -13.86 -31.15
N THR C 599 -7.51 -14.63 -30.64
CA THR C 599 -6.35 -15.02 -31.41
C THR C 599 -6.28 -16.54 -31.54
N PRO C 600 -6.42 -17.09 -32.73
CA PRO C 600 -6.08 -18.50 -32.94
C PRO C 600 -4.58 -18.68 -32.81
N GLY C 601 -4.19 -19.91 -32.45
CA GLY C 601 -2.79 -20.23 -32.21
C GLY C 601 -1.82 -19.59 -33.19
N THR C 602 -0.77 -18.94 -32.65
CA THR C 602 0.13 -18.18 -33.50
C THR C 602 0.78 -19.07 -34.55
N ASN C 603 1.21 -20.26 -34.15
CA ASN C 603 1.72 -21.22 -35.13
C ASN C 603 0.62 -21.64 -36.10
N THR C 604 -0.61 -21.80 -35.60
CA THR C 604 -1.71 -22.22 -36.45
C THR C 604 -2.11 -21.13 -37.44
N SER C 605 -2.22 -19.89 -36.97
CA SER C 605 -2.72 -18.83 -37.82
C SER C 605 -2.21 -17.48 -37.33
N ASN C 606 -2.39 -16.46 -38.16
CA ASN C 606 -1.98 -15.10 -37.87
C ASN C 606 -3.13 -14.11 -37.86
N GLN C 607 -4.32 -14.53 -38.31
CA GLN C 607 -5.46 -13.62 -38.37
C GLN C 607 -5.95 -13.28 -36.97
N VAL C 608 -6.64 -12.15 -36.86
CA VAL C 608 -7.04 -11.60 -35.57
C VAL C 608 -8.53 -11.26 -35.59
N ALA C 609 -9.19 -11.53 -34.48
CA ALA C 609 -10.55 -11.07 -34.23
C ALA C 609 -10.56 -10.23 -32.97
N VAL C 610 -11.09 -9.01 -33.07
CA VAL C 610 -11.13 -8.07 -31.95
C VAL C 610 -12.55 -7.96 -31.44
N LEU C 611 -12.70 -8.00 -30.11
CA LEU C 611 -13.99 -7.93 -29.46
C LEU C 611 -14.11 -6.59 -28.74
N TYR C 612 -15.22 -5.90 -28.97
CA TYR C 612 -15.56 -4.72 -28.18
C TYR C 612 -16.74 -5.07 -27.28
N GLN C 613 -16.47 -5.14 -25.98
CA GLN C 613 -17.48 -5.59 -25.02
C GLN C 613 -18.60 -4.57 -24.87
N ASP C 614 -19.82 -5.08 -24.69
CA ASP C 614 -21.03 -4.31 -24.36
C ASP C 614 -21.14 -2.99 -25.12
N VAL C 615 -20.68 -2.99 -26.37
CA VAL C 615 -20.81 -1.85 -27.27
C VAL C 615 -21.22 -2.37 -28.64
N ASN C 616 -22.25 -1.75 -29.21
CA ASN C 616 -22.62 -2.07 -30.58
C ASN C 616 -21.73 -1.32 -31.56
N CYS C 617 -21.43 -1.97 -32.69
CA CYS C 617 -20.51 -1.39 -33.66
C CYS C 617 -21.06 -0.14 -34.34
N THR C 618 -22.35 0.15 -34.17
CA THR C 618 -22.87 1.43 -34.63
C THR C 618 -22.13 2.58 -33.96
N GLU C 619 -21.85 2.45 -32.66
CA GLU C 619 -21.06 3.44 -31.95
C GLU C 619 -19.59 3.37 -32.36
N VAL C 620 -19.09 2.17 -32.63
CA VAL C 620 -17.70 1.98 -33.03
C VAL C 620 -17.48 2.53 -34.44
N TYR C 636 -8.40 -2.47 -35.35
CA TYR C 636 -8.63 -3.38 -36.47
C TYR C 636 -9.42 -2.66 -37.56
N SER C 637 -9.39 -3.22 -38.78
CA SER C 637 -10.07 -2.61 -39.91
C SER C 637 -11.57 -2.55 -39.65
N THR C 638 -12.13 -1.35 -39.70
CA THR C 638 -13.55 -1.16 -39.44
C THR C 638 -14.38 -1.71 -40.61
N GLY C 639 -15.62 -2.10 -40.28
CA GLY C 639 -16.51 -2.63 -41.30
C GLY C 639 -16.06 -3.94 -41.89
N SER C 640 -15.55 -4.85 -41.06
CA SER C 640 -15.06 -6.15 -41.49
C SER C 640 -15.83 -7.24 -40.75
N ASN C 641 -16.84 -7.80 -41.41
CA ASN C 641 -17.64 -8.89 -40.86
C ASN C 641 -18.22 -8.52 -39.50
N VAL C 642 -19.00 -7.43 -39.46
CA VAL C 642 -19.58 -6.99 -38.20
C VAL C 642 -20.62 -8.00 -37.74
N PHE C 643 -20.47 -8.48 -36.51
CA PHE C 643 -21.44 -9.38 -35.89
C PHE C 643 -21.77 -8.84 -34.52
N GLN C 644 -23.03 -9.01 -34.10
CA GLN C 644 -23.54 -8.41 -32.87
C GLN C 644 -24.05 -9.50 -31.94
N THR C 645 -23.71 -9.38 -30.65
CA THR C 645 -24.26 -10.24 -29.62
C THR C 645 -24.28 -9.46 -28.30
N ARG C 646 -24.83 -10.10 -27.27
CA ARG C 646 -25.05 -9.42 -26.00
C ARG C 646 -23.73 -8.97 -25.37
N ALA C 647 -22.70 -9.81 -25.45
CA ALA C 647 -21.41 -9.44 -24.87
C ALA C 647 -20.81 -8.22 -25.56
N GLY C 648 -21.12 -8.05 -26.83
CA GLY C 648 -20.60 -6.94 -27.59
C GLY C 648 -20.69 -7.24 -29.08
N CYS C 649 -20.18 -6.33 -29.88
CA CYS C 649 -20.15 -6.53 -31.32
C CYS C 649 -18.72 -6.93 -31.70
N LEU C 650 -18.60 -8.09 -32.33
CA LEU C 650 -17.30 -8.70 -32.60
C LEU C 650 -16.88 -8.37 -34.03
N ILE C 651 -15.70 -7.78 -34.17
CA ILE C 651 -15.18 -7.41 -35.48
C ILE C 651 -14.09 -8.41 -35.86
N GLY C 652 -13.97 -8.69 -37.15
CA GLY C 652 -12.97 -9.62 -37.63
C GLY C 652 -13.42 -11.06 -37.72
N ALA C 653 -14.63 -11.38 -37.27
CA ALA C 653 -15.16 -12.73 -37.34
C ALA C 653 -16.55 -12.70 -37.93
N GLU C 654 -16.86 -13.69 -38.75
CA GLU C 654 -18.14 -13.79 -39.42
C GLU C 654 -19.02 -14.82 -38.73
N HIS C 655 -20.26 -14.43 -38.44
CA HIS C 655 -21.19 -15.33 -37.78
C HIS C 655 -21.56 -16.49 -38.69
N VAL C 656 -21.69 -17.68 -38.10
CA VAL C 656 -22.15 -18.86 -38.82
C VAL C 656 -23.34 -19.43 -38.06
N ASN C 657 -24.41 -19.75 -38.80
CA ASN C 657 -25.64 -20.19 -38.16
C ASN C 657 -25.51 -21.62 -37.67
N ASN C 658 -24.55 -22.37 -38.21
CA ASN C 658 -24.29 -23.71 -37.72
C ASN C 658 -23.66 -23.65 -36.33
N SER C 659 -23.98 -24.64 -35.51
CA SER C 659 -23.45 -24.69 -34.15
C SER C 659 -22.19 -25.55 -34.08
N TYR C 660 -21.23 -25.12 -33.28
CA TYR C 660 -19.98 -25.84 -33.10
C TYR C 660 -19.61 -25.84 -31.62
N GLU C 661 -18.70 -26.74 -31.27
CA GLU C 661 -18.20 -26.78 -29.91
C GLU C 661 -17.41 -25.52 -29.60
N CYS C 662 -17.42 -25.12 -28.34
CA CYS C 662 -16.74 -23.89 -27.94
C CYS C 662 -15.23 -24.08 -27.96
N ASP C 663 -14.53 -23.17 -28.63
CA ASP C 663 -13.08 -23.14 -28.64
C ASP C 663 -12.53 -21.95 -27.86
N ILE C 664 -12.96 -20.75 -28.21
CA ILE C 664 -12.60 -19.54 -27.47
C ILE C 664 -13.89 -18.90 -26.99
N PRO C 665 -14.11 -18.79 -25.68
CA PRO C 665 -15.37 -18.23 -25.19
C PRO C 665 -15.48 -16.73 -25.44
N ILE C 666 -16.33 -16.35 -26.40
CA ILE C 666 -16.56 -14.94 -26.68
C ILE C 666 -17.34 -14.28 -25.54
N GLY C 667 -18.37 -14.96 -25.07
CA GLY C 667 -19.24 -14.40 -24.05
C GLY C 667 -20.68 -14.33 -24.50
N ALA C 668 -21.60 -14.36 -23.54
CA ALA C 668 -23.04 -14.30 -23.83
C ALA C 668 -23.46 -15.43 -24.78
N GLY C 669 -22.83 -16.59 -24.63
CA GLY C 669 -23.23 -17.76 -25.38
C GLY C 669 -22.60 -17.91 -26.75
N ILE C 670 -21.69 -17.02 -27.14
CA ILE C 670 -21.02 -17.10 -28.43
C ILE C 670 -19.60 -17.58 -28.21
N CYS C 671 -19.11 -18.40 -29.13
CA CYS C 671 -17.76 -18.95 -29.04
C CYS C 671 -17.09 -18.85 -30.41
N ALA C 672 -15.79 -18.57 -30.38
CA ALA C 672 -15.02 -18.33 -31.59
C ALA C 672 -14.08 -19.49 -31.87
N SER C 673 -13.78 -19.69 -33.14
CA SER C 673 -12.86 -20.74 -33.56
C SER C 673 -12.32 -20.40 -34.94
N TYR C 674 -11.21 -21.03 -35.29
CA TYR C 674 -10.61 -20.90 -36.60
C TYR C 674 -11.01 -22.09 -37.46
N GLN C 675 -11.75 -21.82 -38.54
CA GLN C 675 -12.30 -22.89 -39.36
C GLN C 675 -12.09 -22.55 -40.84
N THR C 676 -12.04 -23.60 -41.65
CA THR C 676 -11.88 -23.45 -43.09
C THR C 676 -13.23 -23.33 -43.78
N SER C 686 -11.47 -19.37 -47.22
CA SER C 686 -12.22 -20.35 -46.43
C SER C 686 -11.78 -20.30 -44.97
N GLN C 687 -10.47 -20.20 -44.74
CA GLN C 687 -9.90 -20.19 -43.40
C GLN C 687 -10.01 -18.78 -42.83
N SER C 688 -10.97 -18.59 -41.93
CA SER C 688 -11.18 -17.30 -41.28
C SER C 688 -11.78 -17.53 -39.91
N ILE C 689 -11.63 -16.53 -39.04
CA ILE C 689 -12.18 -16.63 -37.69
C ILE C 689 -13.70 -16.53 -37.75
N ILE C 690 -14.37 -17.43 -37.07
CA ILE C 690 -15.84 -17.48 -37.06
C ILE C 690 -16.34 -17.31 -35.63
N ALA C 691 -17.53 -16.74 -35.52
CA ALA C 691 -18.25 -16.65 -34.24
C ALA C 691 -19.58 -17.36 -34.39
N TYR C 692 -19.90 -18.23 -33.44
CA TYR C 692 -21.11 -19.03 -33.51
C TYR C 692 -21.72 -19.19 -32.14
N THR C 693 -23.03 -19.42 -32.12
CA THR C 693 -23.69 -19.81 -30.89
C THR C 693 -23.19 -21.18 -30.47
N MET C 694 -22.48 -21.24 -29.35
CA MET C 694 -21.80 -22.46 -28.95
C MET C 694 -22.78 -23.61 -28.81
N SER C 695 -22.38 -24.78 -29.32
CA SER C 695 -23.21 -25.96 -29.25
C SER C 695 -22.91 -26.66 -27.94
N LEU C 696 -23.93 -26.79 -27.09
CA LEU C 696 -23.74 -27.48 -25.82
C LEU C 696 -23.34 -28.92 -26.03
N GLY C 697 -23.86 -29.55 -27.08
CA GLY C 697 -23.49 -30.91 -27.39
C GLY C 697 -24.46 -31.49 -28.41
N ALA C 698 -24.25 -32.75 -28.72
CA ALA C 698 -25.14 -33.43 -29.64
C ALA C 698 -26.47 -33.70 -28.93
N GLU C 699 -27.55 -33.16 -29.48
CA GLU C 699 -28.87 -33.38 -28.91
C GLU C 699 -29.21 -34.86 -29.03
N ASN C 700 -29.09 -35.57 -27.92
CA ASN C 700 -29.32 -37.04 -27.88
C ASN C 700 -30.68 -37.30 -27.20
N SER C 701 -31.77 -37.24 -27.98
CA SER C 701 -33.07 -37.56 -27.43
C SER C 701 -33.10 -39.02 -27.00
N VAL C 702 -33.02 -39.23 -25.68
CA VAL C 702 -33.04 -40.60 -25.08
C VAL C 702 -34.36 -41.26 -25.47
N ALA C 703 -34.30 -42.49 -25.99
CA ALA C 703 -35.52 -43.24 -26.37
C ALA C 703 -36.22 -43.71 -25.10
N TYR C 704 -36.80 -42.79 -24.32
CA TYR C 704 -37.57 -43.18 -23.16
C TYR C 704 -38.82 -43.93 -23.57
N SER C 705 -39.20 -44.91 -22.76
CA SER C 705 -40.45 -45.62 -22.95
C SER C 705 -40.82 -46.30 -21.64
N ASN C 706 -42.07 -46.72 -21.54
CA ASN C 706 -42.53 -47.40 -20.32
C ASN C 706 -41.82 -48.72 -20.12
N ASN C 707 -41.33 -49.34 -21.19
CA ASN C 707 -40.72 -50.66 -21.09
C ASN C 707 -39.45 -50.77 -21.92
N SER C 708 -38.59 -49.76 -21.87
CA SER C 708 -37.33 -49.78 -22.59
C SER C 708 -36.19 -49.48 -21.64
N ILE C 709 -35.20 -50.37 -21.59
CA ILE C 709 -33.98 -50.16 -20.83
C ILE C 709 -32.79 -50.41 -21.76
N ALA C 710 -31.70 -49.67 -21.53
CA ALA C 710 -30.43 -49.95 -22.21
C ALA C 710 -29.45 -50.56 -21.21
N ILE C 711 -29.30 -51.88 -21.25
CA ILE C 711 -28.35 -52.62 -20.44
C ILE C 711 -27.05 -52.74 -21.24
N PRO C 712 -25.94 -52.15 -20.79
CA PRO C 712 -24.70 -52.24 -21.57
C PRO C 712 -24.17 -53.67 -21.61
N THR C 713 -23.55 -54.01 -22.74
CA THR C 713 -22.99 -55.34 -22.94
C THR C 713 -21.47 -55.38 -22.84
N ASN C 714 -20.82 -54.23 -22.73
CA ASN C 714 -19.37 -54.15 -22.73
C ASN C 714 -18.94 -52.91 -21.97
N PHE C 715 -17.68 -52.91 -21.54
CA PHE C 715 -17.16 -51.85 -20.70
C PHE C 715 -15.87 -51.33 -21.29
N THR C 716 -15.35 -50.27 -20.67
CA THR C 716 -14.09 -49.66 -21.05
C THR C 716 -13.39 -49.17 -19.80
N ILE C 717 -12.36 -49.90 -19.37
CA ILE C 717 -11.61 -49.53 -18.19
C ILE C 717 -10.73 -48.33 -18.59
N SER C 718 -11.22 -47.13 -18.31
CA SER C 718 -10.59 -45.91 -18.79
C SER C 718 -9.85 -45.25 -17.64
N VAL C 719 -8.53 -45.15 -17.77
CA VAL C 719 -7.73 -44.46 -16.77
C VAL C 719 -7.80 -42.97 -17.02
N THR C 720 -8.38 -42.24 -16.06
CA THR C 720 -8.54 -40.80 -16.16
C THR C 720 -7.49 -40.13 -15.28
N THR C 721 -6.72 -39.22 -15.86
CA THR C 721 -5.66 -38.54 -15.14
C THR C 721 -6.20 -37.27 -14.52
N GLU C 722 -6.28 -37.23 -13.19
CA GLU C 722 -6.73 -36.07 -12.45
C GLU C 722 -5.53 -35.43 -11.77
N ILE C 723 -5.30 -34.16 -12.07
CA ILE C 723 -4.16 -33.41 -11.55
C ILE C 723 -4.66 -32.48 -10.46
N LEU C 724 -4.01 -32.53 -9.30
CA LEU C 724 -4.39 -31.68 -8.18
C LEU C 724 -3.15 -31.03 -7.59
N PRO C 725 -3.12 -29.71 -7.43
CA PRO C 725 -2.06 -29.10 -6.63
C PRO C 725 -2.18 -29.58 -5.19
N VAL C 726 -1.04 -29.75 -4.54
CA VAL C 726 -0.98 -30.18 -3.15
C VAL C 726 -0.23 -29.18 -2.29
N SER C 727 1.01 -28.89 -2.64
CA SER C 727 1.81 -27.94 -1.88
C SER C 727 2.34 -26.88 -2.83
N MET C 728 2.02 -25.62 -2.54
CA MET C 728 2.61 -24.52 -3.29
C MET C 728 4.09 -24.40 -2.94
N THR C 729 4.78 -23.52 -3.65
CA THR C 729 6.20 -23.31 -3.39
C THR C 729 6.40 -22.83 -1.95
N LYS C 730 7.12 -23.64 -1.17
CA LYS C 730 7.29 -23.41 0.25
C LYS C 730 8.25 -22.24 0.47
N THR C 731 7.71 -21.04 0.23
CA THR C 731 8.52 -19.82 0.26
C THR C 731 8.46 -19.16 1.63
N SER C 732 9.42 -18.26 1.86
CA SER C 732 9.47 -17.44 3.06
C SER C 732 10.19 -16.15 2.74
N VAL C 733 9.61 -15.02 3.16
CA VAL C 733 10.12 -13.70 2.82
C VAL C 733 10.22 -12.88 4.10
N ASP C 734 11.38 -12.27 4.31
CA ASP C 734 11.60 -11.41 5.47
C ASP C 734 11.63 -9.95 5.05
N CYS C 735 10.99 -9.08 5.82
CA CYS C 735 11.02 -7.65 5.52
C CYS C 735 12.43 -7.09 5.59
N THR C 736 13.17 -7.42 6.65
CA THR C 736 14.36 -6.66 7.00
C THR C 736 15.37 -6.66 5.85
N MET C 737 15.28 -7.67 4.98
CA MET C 737 16.14 -7.67 3.80
C MET C 737 15.39 -7.18 2.56
N TYR C 738 14.10 -7.54 2.44
CA TYR C 738 13.37 -7.19 1.23
C TYR C 738 13.11 -5.69 1.14
N ILE C 739 12.38 -5.14 2.11
CA ILE C 739 12.02 -3.73 2.04
C ILE C 739 13.25 -2.85 2.15
N CYS C 740 14.20 -3.25 2.98
CA CYS C 740 15.39 -2.44 3.24
C CYS C 740 16.61 -3.30 2.97
N GLY C 741 17.56 -2.77 2.20
CA GLY C 741 18.75 -3.52 1.88
C GLY C 741 19.75 -3.53 3.02
N ASP C 742 21.02 -3.30 2.71
CA ASP C 742 22.02 -3.17 3.75
C ASP C 742 21.81 -1.90 4.57
N SER C 743 20.96 -0.98 4.10
CA SER C 743 20.74 0.27 4.79
C SER C 743 20.08 0.03 6.15
N THR C 744 20.53 0.78 7.15
CA THR C 744 19.99 0.69 8.50
C THR C 744 18.93 1.74 8.79
N GLU C 745 18.99 2.89 8.12
CA GLU C 745 17.97 3.92 8.32
C GLU C 745 16.60 3.40 7.92
N CYS C 746 16.52 2.66 6.81
CA CYS C 746 15.27 2.05 6.41
C CYS C 746 14.79 1.05 7.46
N SER C 747 15.70 0.30 8.05
CA SER C 747 15.31 -0.64 9.11
C SER C 747 14.75 0.11 10.31
N ASN C 748 15.38 1.22 10.69
CA ASN C 748 14.87 2.01 11.81
C ASN C 748 13.48 2.56 11.52
N LEU C 749 13.27 3.06 10.29
CA LEU C 749 11.96 3.61 9.96
C LEU C 749 10.90 2.52 9.86
N LEU C 750 11.29 1.32 9.42
CA LEU C 750 10.35 0.20 9.41
C LEU C 750 10.04 -0.25 10.84
N LEU C 751 10.99 -0.04 11.76
CA LEU C 751 10.75 -0.42 13.14
C LEU C 751 9.59 0.35 13.76
N GLN C 752 9.47 1.64 13.44
CA GLN C 752 8.39 2.45 14.02
C GLN C 752 7.02 2.01 13.51
N TYR C 753 6.98 1.26 12.41
CA TYR C 753 5.70 0.74 11.92
C TYR C 753 5.13 -0.37 12.78
N GLY C 754 5.88 -0.87 13.75
CA GLY C 754 5.31 -1.88 14.61
C GLY C 754 5.60 -3.29 14.14
N SER C 755 4.69 -4.21 14.44
CA SER C 755 4.88 -5.62 14.17
C SER C 755 4.14 -6.10 12.92
N PHE C 756 4.06 -5.28 11.87
CA PHE C 756 3.58 -5.80 10.59
C PHE C 756 4.45 -6.95 10.12
N CYS C 757 5.77 -6.82 10.23
CA CYS C 757 6.65 -7.81 9.64
C CYS C 757 6.74 -9.07 10.48
N THR C 758 6.56 -8.95 11.80
CA THR C 758 6.37 -10.16 12.59
C THR C 758 5.14 -10.91 12.13
N GLN C 759 4.05 -10.18 11.85
CA GLN C 759 2.85 -10.81 11.31
C GLN C 759 3.11 -11.45 9.96
N LEU C 760 3.85 -10.77 9.08
CA LEU C 760 4.08 -11.31 7.75
C LEU C 760 4.95 -12.56 7.80
N ASN C 761 6.02 -12.53 8.58
CA ASN C 761 6.88 -13.70 8.72
C ASN C 761 6.13 -14.84 9.37
N ARG C 762 5.29 -14.54 10.37
CA ARG C 762 4.49 -15.59 11.00
C ARG C 762 3.50 -16.19 10.01
N ALA C 763 2.87 -15.35 9.19
CA ALA C 763 1.91 -15.85 8.21
C ALA C 763 2.59 -16.72 7.16
N LEU C 764 3.76 -16.28 6.68
CA LEU C 764 4.46 -17.06 5.66
C LEU C 764 5.03 -18.35 6.24
N THR C 765 5.48 -18.32 7.49
CA THR C 765 5.91 -19.54 8.16
C THR C 765 4.74 -20.49 8.37
N GLY C 766 3.58 -19.94 8.71
CA GLY C 766 2.39 -20.77 8.79
C GLY C 766 2.03 -21.37 7.45
N ILE C 767 2.19 -20.61 6.38
CA ILE C 767 1.94 -21.15 5.04
C ILE C 767 2.93 -22.26 4.72
N ALA C 768 4.20 -22.08 5.08
CA ALA C 768 5.21 -23.10 4.80
C ALA C 768 4.93 -24.38 5.59
N VAL C 769 4.66 -24.24 6.88
CA VAL C 769 4.30 -25.40 7.69
C VAL C 769 3.02 -26.03 7.17
N GLU C 770 2.11 -25.21 6.65
CA GLU C 770 0.89 -25.72 6.05
C GLU C 770 1.19 -26.53 4.80
N GLN C 771 2.18 -26.09 4.01
CA GLN C 771 2.57 -26.85 2.83
C GLN C 771 3.15 -28.20 3.22
N ASP C 772 4.02 -28.21 4.23
CA ASP C 772 4.57 -29.48 4.70
C ASP C 772 3.47 -30.38 5.24
N LYS C 773 2.52 -29.80 5.98
CA LYS C 773 1.40 -30.58 6.49
C LYS C 773 0.51 -31.07 5.38
N ASN C 774 0.37 -30.29 4.31
CA ASN C 774 -0.39 -30.74 3.14
C ASN C 774 0.27 -31.96 2.52
N THR C 775 1.59 -31.91 2.34
CA THR C 775 2.31 -33.04 1.76
C THR C 775 2.19 -34.27 2.65
N GLN C 776 2.33 -34.09 3.96
CA GLN C 776 2.24 -35.24 4.88
C GLN C 776 0.82 -35.79 4.92
N GLU C 777 -0.19 -34.92 4.92
CA GLU C 777 -1.57 -35.39 4.95
C GLU C 777 -1.92 -36.13 3.68
N VAL C 778 -1.44 -35.64 2.53
CA VAL C 778 -1.76 -36.28 1.26
C VAL C 778 -1.02 -37.61 1.14
N PHE C 779 0.31 -37.58 1.16
CA PHE C 779 1.12 -38.75 0.84
C PHE C 779 1.31 -39.71 2.01
N ALA C 780 1.40 -39.22 3.24
CA ALA C 780 1.78 -40.05 4.37
C ALA C 780 0.60 -40.73 5.04
N GLN C 781 -0.46 -41.02 4.30
CA GLN C 781 -1.54 -41.84 4.84
C GLN C 781 -1.01 -43.21 5.25
N VAL C 782 0.07 -43.66 4.63
CA VAL C 782 0.66 -44.96 4.93
C VAL C 782 1.65 -44.78 6.09
N LYS C 783 1.61 -45.71 7.03
CA LYS C 783 2.50 -45.61 8.19
C LYS C 783 3.81 -46.34 7.95
N GLN C 784 3.76 -47.52 7.34
CA GLN C 784 4.94 -48.33 7.09
C GLN C 784 5.24 -48.34 5.59
N ILE C 785 6.43 -47.87 5.23
CA ILE C 785 6.82 -47.83 3.82
C ILE C 785 6.89 -49.25 3.29
N TYR C 786 6.12 -49.51 2.23
CA TYR C 786 6.03 -50.83 1.64
C TYR C 786 6.92 -50.92 0.41
N LYS C 787 7.36 -52.14 0.11
CA LYS C 787 8.23 -52.41 -1.03
C LYS C 787 7.52 -53.36 -1.98
N THR C 788 7.56 -53.03 -3.26
CA THR C 788 6.93 -53.89 -4.26
C THR C 788 7.66 -55.22 -4.33
N PRO C 789 6.97 -56.32 -4.62
CA PRO C 789 7.65 -57.60 -4.71
C PRO C 789 8.64 -57.61 -5.84
N PRO C 790 9.73 -58.39 -5.72
CA PRO C 790 10.72 -58.43 -6.81
C PRO C 790 10.15 -58.92 -8.13
N ILE C 791 9.21 -59.85 -8.10
CA ILE C 791 8.62 -60.38 -9.32
C ILE C 791 7.23 -59.74 -9.53
N LYS C 792 7.00 -59.23 -10.73
CA LYS C 792 5.75 -58.55 -11.04
C LYS C 792 4.78 -59.50 -11.76
N ASP C 793 4.35 -60.53 -11.04
CA ASP C 793 3.41 -61.51 -11.58
C ASP C 793 2.00 -61.11 -11.13
N PHE C 794 1.52 -60.01 -11.71
CA PHE C 794 0.25 -59.42 -11.30
C PHE C 794 -0.92 -59.87 -12.18
N GLY C 795 -0.84 -61.09 -12.72
CA GLY C 795 -1.92 -61.62 -13.52
C GLY C 795 -2.14 -60.95 -14.86
N GLY C 796 -1.15 -60.24 -15.38
CA GLY C 796 -1.26 -59.56 -16.65
C GLY C 796 -1.13 -58.05 -16.61
N PHE C 797 -1.40 -57.41 -15.48
CA PHE C 797 -1.34 -55.94 -15.44
C PHE C 797 0.10 -55.45 -15.51
N ASN C 798 0.33 -54.39 -16.30
CA ASN C 798 1.61 -53.70 -16.35
C ASN C 798 1.56 -52.42 -15.52
N PHE C 799 2.42 -52.33 -14.51
CA PHE C 799 2.59 -51.12 -13.73
C PHE C 799 3.98 -50.52 -13.89
N SER C 800 4.74 -50.97 -14.89
CA SER C 800 6.10 -50.45 -15.08
C SER C 800 6.09 -48.95 -15.30
N GLN C 801 4.99 -48.42 -15.85
CA GLN C 801 4.90 -46.98 -16.06
C GLN C 801 4.67 -46.24 -14.75
N ILE C 802 4.00 -46.87 -13.78
CA ILE C 802 3.69 -46.21 -12.53
C ILE C 802 4.60 -46.65 -11.39
N LEU C 803 5.17 -47.84 -11.47
CA LEU C 803 6.10 -48.28 -10.45
C LEU C 803 7.46 -47.60 -10.65
N PRO C 804 8.25 -47.46 -9.59
CA PRO C 804 9.57 -46.82 -9.74
C PRO C 804 10.46 -47.60 -10.68
N ASP C 805 11.30 -46.87 -11.42
CA ASP C 805 12.22 -47.48 -12.37
C ASP C 805 13.61 -47.55 -11.77
N PRO C 806 14.13 -48.75 -11.50
CA PRO C 806 15.47 -48.84 -10.89
C PRO C 806 16.58 -48.27 -11.75
N SER C 807 16.40 -48.26 -13.08
CA SER C 807 17.47 -47.83 -13.98
C SER C 807 17.86 -46.38 -13.74
N LYS C 808 16.87 -45.50 -13.61
CA LYS C 808 17.16 -44.09 -13.37
C LYS C 808 17.74 -43.92 -11.96
N PRO C 809 18.69 -43.00 -11.79
CA PRO C 809 19.28 -42.79 -10.45
C PRO C 809 18.25 -42.44 -9.39
N SER C 810 17.23 -41.65 -9.75
CA SER C 810 16.14 -41.37 -8.82
C SER C 810 14.99 -42.34 -9.08
N LYS C 811 14.53 -42.98 -8.01
CA LYS C 811 13.55 -44.06 -8.13
C LYS C 811 12.16 -43.48 -8.35
N ARG C 812 12.02 -42.78 -9.48
CA ARG C 812 10.75 -42.23 -9.91
C ARG C 812 10.25 -43.00 -11.12
N SER C 813 8.92 -43.14 -11.21
CA SER C 813 8.32 -43.90 -12.28
C SER C 813 8.49 -43.16 -13.61
N PRO C 814 8.42 -43.89 -14.73
CA PRO C 814 8.48 -43.21 -16.04
C PRO C 814 7.41 -42.14 -16.19
N ILE C 815 6.19 -42.43 -15.73
CA ILE C 815 5.15 -41.40 -15.74
C ILE C 815 5.54 -40.26 -14.82
N GLU C 816 6.02 -40.58 -13.62
CA GLU C 816 6.50 -39.54 -12.71
C GLU C 816 7.67 -38.79 -13.33
N ASP C 817 8.54 -39.50 -14.05
CA ASP C 817 9.68 -38.85 -14.69
C ASP C 817 9.22 -37.81 -15.71
N LEU C 818 8.28 -38.19 -16.59
CA LEU C 818 7.81 -37.23 -17.58
C LEU C 818 7.02 -36.09 -16.93
N LEU C 819 6.30 -36.41 -15.84
CA LEU C 819 5.58 -35.36 -15.13
C LEU C 819 6.54 -34.33 -14.55
N PHE C 820 7.67 -34.80 -14.01
CA PHE C 820 8.69 -33.87 -13.52
C PHE C 820 9.33 -33.10 -14.66
N ASN C 821 9.52 -33.76 -15.81
CA ASN C 821 10.14 -33.10 -16.95
C ASN C 821 9.25 -31.97 -17.50
N LYS C 822 7.94 -32.22 -17.60
CA LYS C 822 7.05 -31.25 -18.23
C LYS C 822 6.97 -29.95 -17.44
N VAL C 823 6.87 -30.06 -16.12
CA VAL C 823 6.75 -28.86 -15.30
C VAL C 823 8.07 -28.11 -15.30
N THR C 824 7.99 -26.79 -15.54
CA THR C 824 9.18 -25.96 -15.57
C THR C 824 9.14 -24.89 -14.48
N LYS C 851 16.08 -14.61 -8.15
CA LYS C 851 15.31 -13.86 -7.17
C LYS C 851 15.97 -13.94 -5.79
N PHE C 852 16.88 -13.01 -5.53
CA PHE C 852 17.59 -12.94 -4.25
C PHE C 852 17.50 -11.52 -3.71
N ASN C 853 16.41 -11.24 -3.01
CA ASN C 853 16.17 -9.97 -2.34
C ASN C 853 15.52 -10.20 -0.98
N GLY C 854 16.01 -11.18 -0.25
CA GLY C 854 15.35 -11.66 0.94
C GLY C 854 14.31 -12.72 0.68
N LEU C 855 14.02 -13.02 -0.58
CA LEU C 855 13.07 -14.05 -0.95
C LEU C 855 13.80 -15.38 -1.01
N THR C 856 13.62 -16.21 0.02
CA THR C 856 14.26 -17.50 0.09
C THR C 856 13.20 -18.59 -0.03
N VAL C 857 13.50 -19.61 -0.83
CA VAL C 857 12.59 -20.74 -1.03
C VAL C 857 13.00 -21.83 -0.05
N LEU C 858 12.24 -21.97 1.02
CA LEU C 858 12.53 -23.02 1.98
C LEU C 858 12.33 -24.38 1.33
N PRO C 859 13.32 -25.27 1.40
CA PRO C 859 13.17 -26.59 0.79
C PRO C 859 12.04 -27.36 1.44
N PRO C 860 11.29 -28.14 0.66
CA PRO C 860 10.23 -28.96 1.26
C PRO C 860 10.84 -29.93 2.26
N LEU C 861 10.13 -30.15 3.37
CA LEU C 861 10.62 -31.08 4.37
C LEU C 861 10.77 -32.47 3.77
N LEU C 862 9.79 -32.92 3.00
CA LEU C 862 9.90 -34.16 2.25
C LEU C 862 10.53 -33.86 0.89
N THR C 863 11.74 -34.36 0.67
CA THR C 863 12.37 -34.18 -0.63
C THR C 863 11.65 -35.02 -1.68
N ASP C 864 11.91 -34.69 -2.95
CA ASP C 864 11.25 -35.39 -4.05
C ASP C 864 11.51 -36.88 -3.98
N GLU C 865 12.68 -37.29 -3.47
CA GLU C 865 12.97 -38.70 -3.32
C GLU C 865 12.07 -39.36 -2.27
N MET C 866 11.88 -38.70 -1.13
CA MET C 866 11.01 -39.29 -0.12
C MET C 866 9.54 -39.19 -0.50
N ILE C 867 9.15 -38.13 -1.21
CA ILE C 867 7.78 -38.08 -1.73
C ILE C 867 7.55 -39.21 -2.70
N ALA C 868 8.54 -39.49 -3.55
CA ALA C 868 8.46 -40.65 -4.42
C ALA C 868 8.44 -41.94 -3.61
N GLN C 869 9.09 -41.96 -2.47
CA GLN C 869 9.07 -43.16 -1.62
C GLN C 869 7.69 -43.37 -1.00
N TYR C 870 7.07 -42.30 -0.51
CA TYR C 870 5.67 -42.36 -0.07
C TYR C 870 4.76 -42.84 -1.20
N THR C 871 4.94 -42.28 -2.40
CA THR C 871 4.10 -42.67 -3.52
C THR C 871 4.31 -44.13 -3.87
N SER C 872 5.55 -44.61 -3.83
CA SER C 872 5.84 -46.00 -4.11
C SER C 872 5.27 -46.92 -3.04
N ALA C 873 5.32 -46.48 -1.77
CA ALA C 873 4.71 -47.25 -0.69
C ALA C 873 3.21 -47.35 -0.88
N LEU C 874 2.56 -46.23 -1.24
CA LEU C 874 1.13 -46.25 -1.51
C LEU C 874 0.80 -47.15 -2.69
N LEU C 875 1.62 -47.09 -3.75
CA LEU C 875 1.41 -47.94 -4.91
C LEU C 875 1.56 -49.41 -4.54
N ALA C 876 2.59 -49.76 -3.77
CA ALA C 876 2.80 -51.14 -3.38
C ALA C 876 1.68 -51.64 -2.48
N GLY C 877 1.23 -50.79 -1.55
CA GLY C 877 0.10 -51.16 -0.72
C GLY C 877 -1.17 -51.36 -1.53
N THR C 878 -1.42 -50.48 -2.50
CA THR C 878 -2.60 -50.62 -3.33
C THR C 878 -2.52 -51.90 -4.18
N ILE C 879 -1.34 -52.19 -4.71
CA ILE C 879 -1.18 -53.33 -5.61
C ILE C 879 -1.28 -54.64 -4.85
N THR C 880 -0.60 -54.76 -3.72
CA THR C 880 -0.49 -56.02 -3.00
C THR C 880 -1.56 -56.22 -1.94
N SER C 881 -2.00 -55.14 -1.29
CA SER C 881 -2.97 -55.21 -0.21
C SER C 881 -4.30 -54.56 -0.54
N GLY C 882 -4.29 -53.43 -1.25
CA GLY C 882 -5.56 -52.81 -1.63
C GLY C 882 -5.97 -51.73 -0.65
N TRP C 883 -7.20 -51.82 -0.17
CA TRP C 883 -7.71 -50.86 0.80
C TRP C 883 -7.33 -51.20 2.23
N THR C 884 -6.84 -52.42 2.47
CA THR C 884 -6.61 -52.85 3.86
C THR C 884 -5.43 -52.13 4.48
N PHE C 885 -4.44 -51.73 3.69
CA PHE C 885 -3.26 -51.09 4.27
C PHE C 885 -3.59 -49.73 4.85
N GLY C 886 -4.67 -49.12 4.38
CA GLY C 886 -5.10 -47.84 4.93
C GLY C 886 -6.02 -47.95 6.13
N ALA C 887 -6.48 -49.14 6.45
CA ALA C 887 -7.37 -49.38 7.58
C ALA C 887 -6.76 -50.31 8.62
N GLY C 888 -5.43 -50.25 8.81
CA GLY C 888 -4.78 -51.10 9.77
C GLY C 888 -3.57 -51.80 9.18
N PRO C 889 -3.44 -53.09 9.46
CA PRO C 889 -2.31 -53.85 8.89
C PRO C 889 -2.47 -53.98 7.39
N ALA C 890 -1.34 -54.07 6.69
CA ALA C 890 -1.35 -54.36 5.27
C ALA C 890 -1.54 -55.87 5.07
N LEU C 891 -2.54 -56.22 4.29
CA LEU C 891 -2.92 -57.62 4.08
C LEU C 891 -2.76 -57.97 2.61
N GLN C 892 -1.76 -58.78 2.31
CA GLN C 892 -1.46 -59.09 0.92
C GLN C 892 -2.63 -59.80 0.24
N ILE C 893 -2.91 -59.41 -0.99
CA ILE C 893 -4.00 -59.99 -1.78
C ILE C 893 -3.61 -59.92 -3.25
N PRO C 894 -3.79 -60.98 -4.02
CA PRO C 894 -3.43 -60.93 -5.44
C PRO C 894 -4.20 -59.83 -6.15
N PHE C 895 -3.52 -59.14 -7.07
CA PHE C 895 -4.14 -58.01 -7.75
C PHE C 895 -5.41 -58.38 -8.51
N PRO C 896 -5.50 -59.50 -9.25
CA PRO C 896 -6.78 -59.85 -9.85
C PRO C 896 -7.89 -59.99 -8.82
N MET C 897 -7.58 -60.52 -7.63
CA MET C 897 -8.61 -60.67 -6.62
C MET C 897 -9.11 -59.32 -6.13
N GLN C 898 -8.22 -58.37 -5.88
CA GLN C 898 -8.69 -57.10 -5.36
C GLN C 898 -9.38 -56.29 -6.45
N MET C 899 -8.98 -56.48 -7.70
CA MET C 899 -9.73 -55.84 -8.79
C MET C 899 -11.12 -56.44 -8.93
N ALA C 900 -11.25 -57.74 -8.75
CA ALA C 900 -12.59 -58.35 -8.70
C ALA C 900 -13.39 -57.76 -7.55
N TYR C 901 -12.72 -57.45 -6.44
CA TYR C 901 -13.42 -56.84 -5.32
C TYR C 901 -13.83 -55.41 -5.62
N ARG C 902 -13.02 -54.68 -6.40
CA ARG C 902 -13.43 -53.34 -6.83
C ARG C 902 -14.66 -53.41 -7.74
N PHE C 903 -14.69 -54.37 -8.67
CA PHE C 903 -15.91 -54.60 -9.43
C PHE C 903 -17.09 -54.88 -8.51
N ASN C 904 -16.91 -55.78 -7.54
CA ASN C 904 -17.98 -56.07 -6.60
C ASN C 904 -18.41 -54.80 -5.87
N GLY C 905 -17.48 -53.88 -5.65
CA GLY C 905 -17.80 -52.62 -5.02
C GLY C 905 -18.67 -51.73 -5.88
N ILE C 906 -18.44 -51.75 -7.20
CA ILE C 906 -19.22 -50.88 -8.08
C ILE C 906 -20.45 -51.60 -8.61
N GLY C 907 -20.83 -52.70 -7.97
CA GLY C 907 -22.05 -53.39 -8.31
C GLY C 907 -21.97 -54.32 -9.49
N VAL C 908 -20.79 -54.53 -10.05
CA VAL C 908 -20.58 -55.51 -11.11
C VAL C 908 -19.98 -56.76 -10.47
N THR C 909 -20.63 -57.91 -10.69
CA THR C 909 -20.22 -59.12 -10.02
C THR C 909 -18.79 -59.50 -10.40
N GLN C 910 -18.21 -60.40 -9.61
CA GLN C 910 -16.84 -60.87 -9.87
C GLN C 910 -16.76 -61.69 -11.15
N ASN C 911 -17.90 -62.07 -11.71
CA ASN C 911 -17.92 -62.79 -12.98
C ASN C 911 -17.10 -62.07 -14.03
N VAL C 912 -17.29 -60.76 -14.15
CA VAL C 912 -16.78 -60.00 -15.28
C VAL C 912 -15.27 -60.10 -15.36
N LEU C 913 -14.58 -59.90 -14.25
CA LEU C 913 -13.13 -59.82 -14.29
C LEU C 913 -12.50 -61.18 -14.53
N TYR C 914 -12.88 -62.17 -13.72
CA TYR C 914 -12.26 -63.48 -13.85
C TYR C 914 -12.56 -64.10 -15.21
N GLU C 915 -13.71 -63.78 -15.79
CA GLU C 915 -13.99 -64.26 -17.15
C GLU C 915 -13.21 -63.46 -18.17
N ASN C 916 -12.93 -62.18 -17.89
CA ASN C 916 -12.26 -61.30 -18.83
C ASN C 916 -10.95 -60.76 -18.26
N GLN C 917 -10.16 -61.60 -17.61
CA GLN C 917 -8.94 -61.13 -16.96
C GLN C 917 -7.95 -60.58 -17.97
N LYS C 918 -7.69 -61.34 -19.04
CA LYS C 918 -6.73 -60.90 -20.04
C LYS C 918 -7.20 -59.64 -20.76
N LEU C 919 -8.48 -59.59 -21.12
CA LEU C 919 -9.00 -58.43 -21.83
C LEU C 919 -8.94 -57.17 -20.96
N ILE C 920 -9.34 -57.26 -19.71
CA ILE C 920 -9.29 -56.10 -18.81
C ILE C 920 -7.85 -55.71 -18.56
N ALA C 921 -6.96 -56.71 -18.46
CA ALA C 921 -5.54 -56.42 -18.31
C ALA C 921 -5.03 -55.60 -19.48
N ASN C 922 -5.36 -56.02 -20.71
CA ASN C 922 -4.89 -55.30 -21.88
C ASN C 922 -5.52 -53.91 -21.97
N GLN C 923 -6.80 -53.79 -21.59
CA GLN C 923 -7.45 -52.48 -21.63
C GLN C 923 -6.79 -51.52 -20.64
N PHE C 924 -6.51 -51.98 -19.43
CA PHE C 924 -5.83 -51.15 -18.45
C PHE C 924 -4.43 -50.78 -18.92
N ASN C 925 -3.72 -51.74 -19.53
CA ASN C 925 -2.38 -51.48 -20.02
C ASN C 925 -2.37 -50.44 -21.13
N SER C 926 -3.27 -50.59 -22.11
CA SER C 926 -3.34 -49.60 -23.18
C SER C 926 -3.81 -48.26 -22.65
N ALA C 927 -4.66 -48.26 -21.62
CA ALA C 927 -5.06 -47.00 -21.01
C ALA C 927 -3.87 -46.29 -20.39
N ILE C 928 -3.01 -47.03 -19.69
CA ILE C 928 -1.81 -46.43 -19.12
C ILE C 928 -0.88 -45.96 -20.24
N GLY C 929 -0.77 -46.74 -21.31
CA GLY C 929 0.07 -46.31 -22.43
C GLY C 929 -0.46 -45.05 -23.09
N LYS C 930 -1.78 -44.91 -23.17
CA LYS C 930 -2.36 -43.71 -23.75
C LYS C 930 -2.19 -42.52 -22.81
N ILE C 931 -2.20 -42.75 -21.50
CA ILE C 931 -1.85 -41.69 -20.56
C ILE C 931 -0.41 -41.24 -20.81
N GLN C 932 0.49 -42.21 -20.96
CA GLN C 932 1.87 -41.93 -21.32
C GLN C 932 1.97 -41.04 -22.56
N ASP C 933 1.28 -41.44 -23.62
CA ASP C 933 1.40 -40.73 -24.90
C ASP C 933 0.76 -39.35 -24.82
N SER C 934 -0.44 -39.25 -24.25
CA SER C 934 -1.12 -37.97 -24.16
C SER C 934 -0.40 -37.01 -23.22
N LEU C 935 0.31 -37.52 -22.22
CA LEU C 935 1.12 -36.65 -21.37
C LEU C 935 2.37 -36.19 -22.11
N SER C 936 3.05 -37.12 -22.80
CA SER C 936 4.30 -36.77 -23.48
C SER C 936 4.06 -35.79 -24.62
N SER C 937 3.00 -36.01 -25.40
CA SER C 937 2.76 -35.19 -26.59
C SER C 937 2.08 -33.87 -26.23
N THR C 938 0.89 -33.94 -25.64
CA THR C 938 0.14 -32.73 -25.32
C THR C 938 0.82 -31.99 -24.17
N PRO C 939 1.19 -30.73 -24.34
CA PRO C 939 1.85 -30.00 -23.24
C PRO C 939 0.89 -29.38 -22.25
N SER C 940 -0.40 -29.29 -22.57
CA SER C 940 -1.40 -28.71 -21.68
C SER C 940 -2.02 -29.72 -20.73
N ALA C 941 -1.42 -30.91 -20.59
CA ALA C 941 -1.99 -31.92 -19.72
C ALA C 941 -1.85 -31.53 -18.25
N LEU C 942 -0.66 -31.08 -17.85
CA LEU C 942 -0.41 -30.67 -16.47
C LEU C 942 -0.76 -29.21 -16.25
N GLY C 943 -1.98 -28.85 -16.67
CA GLY C 943 -2.39 -27.46 -16.64
C GLY C 943 -2.45 -26.90 -15.23
N LYS C 944 -2.98 -27.68 -14.29
CA LYS C 944 -3.17 -27.18 -12.93
C LYS C 944 -1.82 -26.91 -12.26
N LEU C 945 -0.90 -27.88 -12.31
CA LEU C 945 0.41 -27.67 -11.70
C LEU C 945 1.18 -26.58 -12.41
N GLN C 946 1.14 -26.54 -13.75
CA GLN C 946 1.86 -25.49 -14.45
C GLN C 946 1.29 -24.12 -14.10
N ASP C 947 -0.03 -24.01 -13.97
CA ASP C 947 -0.63 -22.75 -13.58
C ASP C 947 -0.24 -22.36 -12.16
N VAL C 948 -0.19 -23.34 -11.25
CA VAL C 948 0.21 -23.03 -9.87
C VAL C 948 1.64 -22.53 -9.83
N VAL C 949 2.55 -23.23 -10.51
CA VAL C 949 3.95 -22.84 -10.52
C VAL C 949 4.12 -21.48 -11.18
N ASN C 950 3.42 -21.26 -12.29
CA ASN C 950 3.51 -19.97 -12.99
C ASN C 950 2.95 -18.85 -12.12
N GLN C 951 1.85 -19.09 -11.41
CA GLN C 951 1.28 -18.07 -10.56
C GLN C 951 2.24 -17.70 -9.43
N ASN C 952 2.84 -18.71 -8.79
CA ASN C 952 3.80 -18.42 -7.73
C ASN C 952 5.02 -17.69 -8.28
N ALA C 953 5.53 -18.13 -9.42
CA ALA C 953 6.71 -17.50 -10.00
C ALA C 953 6.43 -16.06 -10.39
N GLN C 954 5.26 -15.80 -10.97
CA GLN C 954 4.94 -14.43 -11.39
C GLN C 954 4.60 -13.56 -10.19
N ALA C 955 4.07 -14.15 -9.10
CA ALA C 955 3.87 -13.39 -7.88
C ALA C 955 5.21 -12.96 -7.30
N LEU C 956 6.17 -13.88 -7.24
CA LEU C 956 7.51 -13.53 -6.77
C LEU C 956 8.17 -12.51 -7.69
N ASN C 957 8.00 -12.68 -9.01
CA ASN C 957 8.58 -11.74 -9.96
C ASN C 957 7.97 -10.36 -9.81
N THR C 958 6.66 -10.28 -9.61
CA THR C 958 6.01 -9.00 -9.36
C THR C 958 6.52 -8.37 -8.08
N LEU C 959 6.70 -9.19 -7.04
CA LEU C 959 7.24 -8.67 -5.79
C LEU C 959 8.64 -8.10 -6.00
N VAL C 960 9.46 -8.78 -6.79
CA VAL C 960 10.80 -8.27 -7.07
C VAL C 960 10.73 -6.97 -7.85
N LYS C 961 9.90 -6.93 -8.90
CA LYS C 961 9.79 -5.72 -9.71
C LYS C 961 9.22 -4.56 -8.93
N GLN C 962 8.47 -4.84 -7.85
CA GLN C 962 7.98 -3.76 -7.01
C GLN C 962 9.13 -2.95 -6.41
N LEU C 963 10.31 -3.55 -6.30
CA LEU C 963 11.48 -2.78 -5.87
C LEU C 963 11.92 -1.78 -6.91
N SER C 964 11.44 -1.90 -8.14
CA SER C 964 11.75 -0.96 -9.21
C SER C 964 10.66 0.09 -9.42
N SER C 965 9.73 0.19 -8.48
CA SER C 965 8.62 1.14 -8.58
C SER C 965 8.87 2.33 -7.67
N ASN C 966 8.62 3.53 -8.20
CA ASN C 966 8.89 4.75 -7.45
C ASN C 966 7.95 4.91 -6.26
N PHE C 967 6.69 4.50 -6.41
CA PHE C 967 5.65 4.64 -5.40
C PHE C 967 5.43 6.09 -4.99
N GLY C 968 5.92 7.05 -5.77
CA GLY C 968 5.91 8.45 -5.41
C GLY C 968 7.24 8.96 -4.92
N ALA C 969 8.17 8.06 -4.56
CA ALA C 969 9.52 8.48 -4.22
C ALA C 969 10.27 8.89 -5.46
N ILE C 970 11.21 9.82 -5.29
CA ILE C 970 11.97 10.36 -6.42
C ILE C 970 12.89 9.32 -7.06
N SER C 971 13.14 8.21 -6.37
CA SER C 971 13.92 7.12 -6.94
C SER C 971 13.50 5.82 -6.28
N SER C 972 13.63 4.73 -7.03
CA SER C 972 13.22 3.42 -6.52
C SER C 972 14.35 2.66 -5.84
N VAL C 973 15.58 3.17 -5.88
CA VAL C 973 16.69 2.59 -5.14
C VAL C 973 17.03 3.52 -3.98
N LEU C 974 16.98 2.99 -2.77
CA LEU C 974 17.10 3.82 -1.59
C LEU C 974 18.51 4.34 -1.37
N ASN C 975 19.51 3.73 -2.00
CA ASN C 975 20.89 4.20 -1.82
C ASN C 975 21.07 5.61 -2.39
N ASP C 976 20.51 5.87 -3.57
CA ASP C 976 20.68 7.18 -4.20
C ASP C 976 19.98 8.27 -3.39
N ILE C 977 18.74 8.01 -2.95
CA ILE C 977 18.03 9.02 -2.17
C ILE C 977 18.69 9.22 -0.82
N LEU C 978 19.28 8.16 -0.26
CA LEU C 978 20.06 8.31 0.97
C LEU C 978 21.40 8.99 0.72
N SER C 979 21.84 9.08 -0.53
CA SER C 979 23.11 9.72 -0.88
C SER C 979 22.94 11.12 -1.44
N ARG C 980 22.01 11.31 -2.39
CA ARG C 980 21.83 12.59 -3.04
C ARG C 980 20.94 13.55 -2.23
N LEU C 981 20.36 13.09 -1.12
CA LEU C 981 19.68 13.96 -0.17
C LEU C 981 20.29 13.77 1.21
N ASP C 982 20.43 14.90 1.91
CA ASP C 982 20.67 14.84 3.34
C ASP C 982 19.45 14.25 4.04
N PRO C 983 19.64 13.61 5.19
CA PRO C 983 18.54 12.87 5.83
C PRO C 983 17.25 13.67 5.98
N PRO C 984 17.28 14.89 6.59
CA PRO C 984 16.03 15.45 7.12
C PRO C 984 14.85 15.44 6.16
N GLU C 985 15.06 15.78 4.89
CA GLU C 985 13.97 15.61 3.91
C GLU C 985 14.06 14.27 3.21
N ALA C 986 15.12 13.49 3.48
CA ALA C 986 15.24 12.19 2.85
C ALA C 986 14.34 11.15 3.51
N GLU C 987 14.12 11.23 4.82
CA GLU C 987 13.30 10.18 5.42
C GLU C 987 11.85 10.30 4.97
N VAL C 988 11.46 11.44 4.40
CA VAL C 988 10.10 11.55 3.84
C VAL C 988 9.95 10.64 2.63
N GLN C 989 10.90 10.70 1.70
CA GLN C 989 10.89 9.80 0.56
C GLN C 989 11.10 8.36 1.02
N ILE C 990 11.92 8.16 2.04
CA ILE C 990 12.09 6.82 2.60
C ILE C 990 10.78 6.31 3.16
N ASP C 991 9.98 7.19 3.78
CA ASP C 991 8.66 6.80 4.28
C ASP C 991 7.73 6.45 3.14
N ARG C 992 7.76 7.23 2.06
CA ARG C 992 6.94 6.91 0.90
C ARG C 992 7.29 5.52 0.37
N LEU C 993 8.59 5.24 0.23
CA LEU C 993 9.01 3.95 -0.29
C LEU C 993 8.75 2.82 0.70
N ILE C 994 8.91 3.06 2.00
CA ILE C 994 8.67 2.03 2.99
C ILE C 994 7.18 1.67 3.00
N THR C 995 6.31 2.68 2.88
CA THR C 995 4.87 2.41 2.82
C THR C 995 4.50 1.66 1.55
N GLY C 996 5.07 2.07 0.41
CA GLY C 996 4.78 1.38 -0.83
C GLY C 996 5.21 -0.07 -0.81
N ARG C 997 6.44 -0.33 -0.35
CA ARG C 997 6.94 -1.69 -0.34
C ARG C 997 6.24 -2.54 0.71
N LEU C 998 5.88 -1.93 1.85
CA LEU C 998 5.12 -2.66 2.86
C LEU C 998 3.73 -3.01 2.34
N GLN C 999 3.10 -2.09 1.60
CA GLN C 999 1.83 -2.41 0.96
C GLN C 999 1.99 -3.52 -0.07
N SER C 1000 3.10 -3.52 -0.81
CA SER C 1000 3.33 -4.59 -1.78
C SER C 1000 3.47 -5.93 -1.09
N LEU C 1001 4.20 -5.97 0.03
CA LEU C 1001 4.28 -7.23 0.79
C LEU C 1001 2.94 -7.62 1.38
N GLN C 1002 2.16 -6.67 1.89
CA GLN C 1002 0.86 -7.03 2.44
C GLN C 1002 -0.04 -7.60 1.34
N THR C 1003 -0.02 -6.99 0.15
CA THR C 1003 -0.77 -7.53 -0.96
C THR C 1003 -0.27 -8.92 -1.35
N TYR C 1004 1.05 -9.09 -1.43
CA TYR C 1004 1.60 -10.38 -1.80
C TYR C 1004 1.26 -11.45 -0.78
N VAL C 1005 1.36 -11.13 0.50
CA VAL C 1005 1.07 -12.10 1.55
C VAL C 1005 -0.41 -12.41 1.61
N THR C 1006 -1.27 -11.42 1.37
CA THR C 1006 -2.71 -11.69 1.34
C THR C 1006 -3.07 -12.57 0.16
N GLN C 1007 -2.52 -12.30 -1.03
CA GLN C 1007 -2.76 -13.16 -2.17
C GLN C 1007 -2.17 -14.55 -1.93
N GLN C 1008 -1.03 -14.61 -1.25
CA GLN C 1008 -0.44 -15.89 -0.89
C GLN C 1008 -1.33 -16.66 0.07
N LEU C 1009 -1.94 -15.96 1.02
CA LEU C 1009 -2.83 -16.62 1.98
C LEU C 1009 -4.08 -17.14 1.29
N ILE C 1010 -4.67 -16.34 0.39
CA ILE C 1010 -5.84 -16.81 -0.35
C ILE C 1010 -5.48 -17.98 -1.26
N ARG C 1011 -4.36 -17.86 -1.97
CA ARG C 1011 -3.92 -18.94 -2.84
C ARG C 1011 -3.58 -20.18 -2.04
N ALA C 1012 -3.01 -20.01 -0.86
CA ALA C 1012 -2.68 -21.14 0.00
C ALA C 1012 -3.93 -21.76 0.58
N ALA C 1013 -4.97 -20.97 0.82
CA ALA C 1013 -6.26 -21.54 1.20
C ALA C 1013 -6.83 -22.36 0.06
N GLU C 1014 -6.71 -21.88 -1.17
CA GLU C 1014 -7.16 -22.65 -2.32
C GLU C 1014 -6.35 -23.95 -2.47
N ILE C 1015 -5.02 -23.84 -2.34
CA ILE C 1015 -4.15 -25.01 -2.44
C ILE C 1015 -4.41 -25.98 -1.31
N ARG C 1016 -4.75 -25.47 -0.12
CA ARG C 1016 -5.01 -26.33 1.03
C ARG C 1016 -6.37 -27.00 0.91
N ALA C 1017 -7.36 -26.32 0.33
CA ALA C 1017 -8.60 -26.99 -0.01
C ALA C 1017 -8.35 -28.09 -1.03
N SER C 1018 -7.50 -27.81 -2.02
CA SER C 1018 -7.15 -28.83 -3.00
C SER C 1018 -6.36 -29.97 -2.38
N ALA C 1019 -5.53 -29.66 -1.37
CA ALA C 1019 -4.74 -30.69 -0.70
C ALA C 1019 -5.62 -31.56 0.18
N ASN C 1020 -6.61 -30.95 0.84
CA ASN C 1020 -7.60 -31.74 1.57
C ASN C 1020 -8.40 -32.61 0.61
N LEU C 1021 -8.71 -32.07 -0.57
CA LEU C 1021 -9.39 -32.87 -1.59
C LEU C 1021 -8.51 -34.04 -2.04
N ALA C 1022 -7.21 -33.81 -2.22
CA ALA C 1022 -6.31 -34.88 -2.64
C ALA C 1022 -6.13 -35.91 -1.54
N ALA C 1023 -6.02 -35.47 -0.29
CA ALA C 1023 -5.93 -36.40 0.83
C ALA C 1023 -7.19 -37.24 0.92
N THR C 1024 -8.36 -36.61 0.75
CA THR C 1024 -9.60 -37.37 0.71
C THR C 1024 -9.62 -38.33 -0.46
N LYS C 1025 -9.07 -37.92 -1.60
CA LYS C 1025 -9.07 -38.78 -2.78
C LYS C 1025 -8.20 -40.01 -2.58
N MET C 1026 -7.01 -39.85 -2.00
CA MET C 1026 -6.23 -41.04 -1.65
C MET C 1026 -6.94 -41.87 -0.59
N SER C 1027 -7.49 -41.23 0.44
CA SER C 1027 -8.15 -41.96 1.50
C SER C 1027 -9.33 -42.78 1.00
N GLU C 1028 -10.05 -42.30 -0.01
CA GLU C 1028 -11.25 -42.96 -0.49
C GLU C 1028 -11.06 -43.74 -1.77
N CYS C 1029 -9.96 -43.56 -2.47
CA CYS C 1029 -9.76 -44.18 -3.78
C CYS C 1029 -8.44 -44.92 -3.89
N VAL C 1030 -7.37 -44.40 -3.30
CA VAL C 1030 -6.14 -45.18 -3.24
C VAL C 1030 -6.18 -46.14 -2.06
N LEU C 1031 -6.63 -45.65 -0.91
CA LEU C 1031 -6.77 -46.44 0.30
C LEU C 1031 -8.11 -47.16 0.37
N GLY C 1032 -8.93 -47.04 -0.67
CA GLY C 1032 -10.23 -47.68 -0.67
C GLY C 1032 -10.89 -47.54 -2.03
N GLN C 1033 -12.19 -47.79 -2.06
CA GLN C 1033 -13.00 -47.57 -3.25
C GLN C 1033 -14.15 -46.66 -2.89
N SER C 1034 -14.27 -45.53 -3.58
CA SER C 1034 -15.26 -44.52 -3.27
C SER C 1034 -16.48 -44.69 -4.16
N LYS C 1035 -17.66 -44.70 -3.55
CA LYS C 1035 -18.92 -44.77 -4.28
C LYS C 1035 -19.48 -43.39 -4.61
N ARG C 1036 -18.76 -42.33 -4.27
CA ARG C 1036 -19.19 -40.98 -4.63
C ARG C 1036 -19.06 -40.80 -6.14
N VAL C 1037 -20.20 -40.61 -6.81
CA VAL C 1037 -20.20 -40.55 -8.26
C VAL C 1037 -19.43 -39.34 -8.74
N ASP C 1038 -18.57 -39.55 -9.74
CA ASP C 1038 -17.73 -38.54 -10.37
C ASP C 1038 -16.74 -37.90 -9.40
N PHE C 1039 -16.56 -38.48 -8.21
CA PHE C 1039 -15.53 -37.99 -7.30
C PHE C 1039 -14.15 -38.40 -7.79
N CYS C 1040 -14.00 -39.65 -8.20
CA CYS C 1040 -12.73 -40.20 -8.67
C CYS C 1040 -12.93 -40.68 -10.10
N GLY C 1041 -12.77 -39.76 -11.05
CA GLY C 1041 -12.87 -40.09 -12.46
C GLY C 1041 -14.28 -40.27 -12.96
N LYS C 1042 -14.52 -39.88 -14.21
CA LYS C 1042 -15.85 -40.00 -14.82
C LYS C 1042 -16.16 -41.47 -15.03
N GLY C 1043 -17.05 -42.00 -14.21
CA GLY C 1043 -17.45 -43.39 -14.34
C GLY C 1043 -17.47 -44.09 -12.99
N TYR C 1044 -17.80 -45.38 -12.99
CA TYR C 1044 -17.73 -46.15 -11.75
C TYR C 1044 -16.27 -46.37 -11.37
N HIS C 1045 -15.87 -45.80 -10.25
CA HIS C 1045 -14.47 -45.77 -9.88
C HIS C 1045 -13.97 -47.12 -9.39
N LEU C 1046 -12.76 -47.50 -9.81
CA LEU C 1046 -12.17 -48.77 -9.47
C LEU C 1046 -10.96 -48.64 -8.55
N MET C 1047 -10.00 -47.81 -8.90
CA MET C 1047 -8.76 -47.70 -8.14
C MET C 1047 -8.25 -46.28 -8.29
N SER C 1048 -7.06 -46.02 -7.76
CA SER C 1048 -6.39 -44.75 -8.00
C SER C 1048 -4.93 -44.92 -7.65
N PHE C 1049 -4.07 -44.50 -8.56
CA PHE C 1049 -2.63 -44.62 -8.37
C PHE C 1049 -2.04 -43.23 -8.21
N PRO C 1050 -1.55 -42.88 -7.03
CA PRO C 1050 -0.88 -41.59 -6.89
C PRO C 1050 0.39 -41.56 -7.72
N GLN C 1051 0.73 -40.38 -8.22
CA GLN C 1051 1.97 -40.19 -8.95
C GLN C 1051 2.53 -38.83 -8.55
N SER C 1052 3.66 -38.84 -7.86
CA SER C 1052 4.27 -37.60 -7.41
C SER C 1052 4.58 -36.69 -8.59
N ALA C 1053 4.17 -35.44 -8.48
CA ALA C 1053 4.41 -34.43 -9.50
C ALA C 1053 4.92 -33.17 -8.82
N PRO C 1054 5.66 -32.32 -9.54
CA PRO C 1054 6.24 -31.14 -8.89
C PRO C 1054 5.21 -30.24 -8.24
N HIS C 1055 5.27 -30.12 -6.91
CA HIS C 1055 4.35 -29.29 -6.14
C HIS C 1055 2.89 -29.71 -6.38
N GLY C 1056 2.65 -31.00 -6.33
CA GLY C 1056 1.30 -31.51 -6.50
C GLY C 1056 1.30 -33.02 -6.58
N VAL C 1057 0.15 -33.56 -6.95
CA VAL C 1057 -0.01 -35.00 -7.14
C VAL C 1057 -0.86 -35.24 -8.37
N VAL C 1058 -0.68 -36.41 -8.98
CA VAL C 1058 -1.44 -36.81 -10.16
C VAL C 1058 -2.07 -38.16 -9.88
N PHE C 1059 -3.38 -38.26 -10.08
CA PHE C 1059 -4.12 -39.49 -9.87
C PHE C 1059 -4.45 -40.14 -11.20
N LEU C 1060 -4.21 -41.45 -11.29
CA LEU C 1060 -4.65 -42.23 -12.44
C LEU C 1060 -5.90 -42.98 -12.03
N HIS C 1061 -7.03 -42.29 -12.08
CA HIS C 1061 -8.30 -42.85 -11.61
C HIS C 1061 -8.73 -43.95 -12.58
N VAL C 1062 -8.45 -45.19 -12.23
CA VAL C 1062 -8.93 -46.31 -13.02
C VAL C 1062 -10.43 -46.41 -12.80
N THR C 1063 -11.22 -46.12 -13.84
CA THR C 1063 -12.67 -46.07 -13.72
C THR C 1063 -13.31 -47.02 -14.72
N TYR C 1064 -14.41 -47.63 -14.30
CA TYR C 1064 -15.19 -48.52 -15.13
C TYR C 1064 -16.23 -47.70 -15.89
N VAL C 1065 -16.25 -47.84 -17.21
CA VAL C 1065 -17.20 -47.12 -18.05
C VAL C 1065 -17.81 -48.08 -19.07
N PRO C 1066 -19.12 -48.32 -19.01
CA PRO C 1066 -19.75 -49.17 -20.02
C PRO C 1066 -19.72 -48.51 -21.40
N ALA C 1067 -19.66 -49.34 -22.44
CA ALA C 1067 -19.48 -48.83 -23.79
C ALA C 1067 -20.66 -49.13 -24.70
N GLN C 1068 -21.03 -50.40 -24.86
CA GLN C 1068 -22.00 -50.79 -25.89
C GLN C 1068 -23.30 -51.22 -25.21
N GLU C 1069 -24.31 -50.36 -25.32
CA GLU C 1069 -25.65 -50.63 -24.74
C GLU C 1069 -26.46 -51.46 -25.72
N LYS C 1070 -27.46 -52.17 -25.20
CA LYS C 1070 -28.44 -52.91 -26.04
C LYS C 1070 -29.84 -52.67 -25.46
N ASN C 1071 -30.82 -52.36 -26.31
CA ASN C 1071 -32.13 -51.89 -25.78
C ASN C 1071 -33.11 -53.06 -25.72
N PHE C 1072 -33.86 -53.17 -24.62
CA PHE C 1072 -34.68 -54.36 -24.30
C PHE C 1072 -36.10 -53.94 -23.92
N THR C 1073 -37.01 -54.92 -23.86
CA THR C 1073 -38.31 -54.72 -23.24
C THR C 1073 -38.23 -55.07 -21.76
N THR C 1074 -38.82 -54.23 -20.93
CA THR C 1074 -38.59 -54.29 -19.49
C THR C 1074 -39.92 -54.31 -18.74
N ALA C 1075 -39.92 -54.97 -17.58
CA ALA C 1075 -41.04 -54.97 -16.68
C ALA C 1075 -40.51 -54.70 -15.28
N PRO C 1076 -41.25 -53.99 -14.42
CA PRO C 1076 -40.78 -53.79 -13.05
C PRO C 1076 -41.04 -54.96 -12.14
N ALA C 1077 -41.73 -55.98 -12.61
CA ALA C 1077 -42.10 -57.12 -11.79
C ALA C 1077 -42.13 -58.36 -12.67
N ILE C 1078 -42.49 -59.49 -12.06
CA ILE C 1078 -42.79 -60.73 -12.77
C ILE C 1078 -43.92 -61.40 -12.02
N CYS C 1079 -45.02 -61.68 -12.72
CA CYS C 1079 -46.21 -62.24 -12.09
C CYS C 1079 -46.23 -63.75 -12.31
N HIS C 1080 -45.92 -64.50 -11.27
CA HIS C 1080 -45.96 -65.96 -11.33
C HIS C 1080 -46.84 -66.48 -10.20
N ASP C 1081 -47.69 -67.45 -10.53
CA ASP C 1081 -48.62 -68.05 -9.57
C ASP C 1081 -49.47 -66.99 -8.88
N GLY C 1082 -49.83 -65.94 -9.60
CA GLY C 1082 -50.68 -64.89 -9.05
C GLY C 1082 -50.03 -64.09 -7.94
N LYS C 1083 -48.71 -64.05 -7.89
CA LYS C 1083 -48.01 -63.26 -6.88
C LYS C 1083 -46.78 -62.65 -7.52
N ALA C 1084 -46.51 -61.39 -7.18
CA ALA C 1084 -45.41 -60.67 -7.81
C ALA C 1084 -44.07 -61.26 -7.41
N HIS C 1085 -43.12 -61.20 -8.33
CA HIS C 1085 -41.74 -61.60 -8.09
C HIS C 1085 -40.83 -60.45 -8.47
N PHE C 1086 -40.05 -59.97 -7.53
CA PHE C 1086 -39.17 -58.87 -7.87
C PHE C 1086 -37.73 -59.35 -7.92
N PRO C 1087 -36.86 -58.72 -8.69
CA PRO C 1087 -35.48 -59.20 -8.79
C PRO C 1087 -34.72 -58.96 -7.49
N ARG C 1088 -34.05 -60.00 -7.00
CA ARG C 1088 -33.28 -59.86 -5.77
C ARG C 1088 -32.18 -58.82 -5.93
N GLU C 1089 -31.43 -58.90 -7.02
CA GLU C 1089 -30.42 -57.90 -7.36
C GLU C 1089 -30.23 -57.94 -8.87
N GLY C 1090 -30.85 -56.99 -9.56
CA GLY C 1090 -30.75 -56.96 -11.01
C GLY C 1090 -31.94 -56.24 -11.61
N VAL C 1091 -32.05 -56.37 -12.93
CA VAL C 1091 -33.12 -55.77 -13.71
C VAL C 1091 -33.79 -56.87 -14.52
N PHE C 1092 -35.11 -56.79 -14.66
CA PHE C 1092 -35.84 -57.73 -15.50
C PHE C 1092 -35.85 -57.21 -16.93
N VAL C 1093 -35.23 -57.95 -17.85
CA VAL C 1093 -35.17 -57.58 -19.25
C VAL C 1093 -35.60 -58.76 -20.10
N SER C 1094 -35.81 -58.50 -21.39
CA SER C 1094 -36.16 -59.56 -22.33
C SER C 1094 -35.73 -59.16 -23.72
N ASN C 1095 -35.43 -60.17 -24.55
CA ASN C 1095 -35.03 -59.94 -25.93
C ASN C 1095 -36.20 -60.11 -26.90
N GLY C 1096 -37.43 -60.21 -26.39
CA GLY C 1096 -38.60 -60.33 -27.22
C GLY C 1096 -39.33 -61.65 -27.11
N THR C 1097 -38.62 -62.73 -26.82
CA THR C 1097 -39.23 -64.04 -26.66
C THR C 1097 -38.86 -64.73 -25.36
N HIS C 1098 -37.95 -64.17 -24.58
CA HIS C 1098 -37.51 -64.79 -23.34
C HIS C 1098 -37.15 -63.70 -22.35
N TRP C 1099 -37.70 -63.78 -21.14
CA TRP C 1099 -37.43 -62.77 -20.12
C TRP C 1099 -36.21 -63.16 -19.30
N PHE C 1100 -35.35 -62.18 -19.02
CA PHE C 1100 -34.11 -62.45 -18.31
C PHE C 1100 -33.90 -61.40 -17.23
N VAL C 1101 -33.23 -61.82 -16.16
CA VAL C 1101 -32.82 -60.93 -15.09
C VAL C 1101 -31.33 -60.66 -15.23
N THR C 1102 -30.95 -59.39 -15.20
CA THR C 1102 -29.60 -58.99 -15.53
C THR C 1102 -29.10 -57.97 -14.52
N GLN C 1103 -27.83 -58.09 -14.14
CA GLN C 1103 -27.23 -57.09 -13.28
C GLN C 1103 -27.29 -55.73 -13.96
N ARG C 1104 -27.27 -54.68 -13.14
CA ARG C 1104 -27.59 -53.34 -13.64
C ARG C 1104 -26.56 -52.83 -14.63
N ASN C 1105 -25.27 -53.12 -14.43
CA ASN C 1105 -24.21 -52.44 -15.15
C ASN C 1105 -23.47 -53.33 -16.14
N PHE C 1106 -24.04 -54.46 -16.53
CA PHE C 1106 -23.40 -55.35 -17.50
C PHE C 1106 -24.42 -56.38 -17.97
N TYR C 1107 -24.53 -56.54 -19.28
CA TYR C 1107 -25.54 -57.43 -19.84
C TYR C 1107 -25.08 -58.87 -19.65
N GLU C 1108 -25.52 -59.48 -18.55
CA GLU C 1108 -25.34 -60.92 -18.33
C GLU C 1108 -26.68 -61.53 -17.97
N PRO C 1109 -27.45 -61.99 -18.94
CA PRO C 1109 -28.77 -62.55 -18.63
C PRO C 1109 -28.69 -63.86 -17.86
N GLN C 1110 -29.65 -64.08 -16.98
CA GLN C 1110 -29.85 -65.36 -16.32
C GLN C 1110 -31.33 -65.71 -16.38
N ILE C 1111 -31.63 -67.00 -16.49
CA ILE C 1111 -33.01 -67.44 -16.45
C ILE C 1111 -33.60 -67.11 -15.08
N ILE C 1112 -34.90 -66.78 -15.06
CA ILE C 1112 -35.53 -66.34 -13.82
C ILE C 1112 -35.70 -67.52 -12.89
N THR C 1113 -35.36 -67.32 -11.62
CA THR C 1113 -35.41 -68.37 -10.63
C THR C 1113 -35.75 -67.75 -9.29
N THR C 1114 -36.23 -68.58 -8.36
CA THR C 1114 -36.55 -68.09 -7.02
C THR C 1114 -35.31 -67.65 -6.25
N ASP C 1115 -34.12 -68.03 -6.71
CA ASP C 1115 -32.90 -67.67 -5.99
C ASP C 1115 -32.58 -66.19 -6.14
N ASN C 1116 -32.82 -65.62 -7.33
CA ASN C 1116 -32.56 -64.21 -7.57
C ASN C 1116 -33.84 -63.38 -7.67
N THR C 1117 -34.96 -63.92 -7.18
CA THR C 1117 -36.22 -63.20 -7.13
C THR C 1117 -36.87 -63.42 -5.77
N PHE C 1118 -37.45 -62.35 -5.22
CA PHE C 1118 -38.18 -62.44 -3.96
C PHE C 1118 -39.62 -61.99 -4.16
N VAL C 1119 -40.55 -62.74 -3.59
CA VAL C 1119 -41.97 -62.44 -3.70
C VAL C 1119 -42.32 -61.25 -2.82
N SER C 1120 -43.34 -60.50 -3.21
CA SER C 1120 -43.74 -59.35 -2.42
C SER C 1120 -45.21 -59.32 -2.05
N GLY C 1121 -46.10 -59.76 -2.94
CA GLY C 1121 -47.52 -59.69 -2.65
C GLY C 1121 -48.35 -60.08 -3.86
N ASN C 1122 -49.56 -59.55 -3.89
CA ASN C 1122 -50.51 -59.91 -4.93
C ASN C 1122 -50.12 -59.29 -6.27
N CYS C 1123 -50.56 -59.94 -7.35
CA CYS C 1123 -50.20 -59.51 -8.70
C CYS C 1123 -50.96 -58.28 -9.15
N ASP C 1124 -52.13 -58.01 -8.58
CA ASP C 1124 -53.00 -56.95 -9.09
C ASP C 1124 -52.47 -55.57 -8.76
N VAL C 1125 -51.84 -55.40 -7.59
CA VAL C 1125 -51.49 -54.07 -7.11
C VAL C 1125 -50.41 -53.44 -7.96
N VAL C 1126 -49.53 -54.25 -8.55
CA VAL C 1126 -48.38 -53.71 -9.26
C VAL C 1126 -48.78 -53.21 -10.63
N ILE C 1127 -48.29 -52.03 -11.00
CA ILE C 1127 -48.55 -51.42 -12.31
C ILE C 1127 -47.38 -51.73 -13.22
N GLY C 1128 -47.66 -52.29 -14.39
CA GLY C 1128 -46.63 -52.71 -15.31
C GLY C 1128 -46.16 -54.13 -15.16
N ILE C 1129 -46.69 -54.86 -14.18
CA ILE C 1129 -46.30 -56.25 -13.99
C ILE C 1129 -46.70 -57.07 -15.21
N VAL C 1130 -45.84 -58.01 -15.58
CA VAL C 1130 -46.08 -58.85 -16.75
C VAL C 1130 -46.04 -60.31 -16.33
N ASN C 1131 -46.83 -61.12 -17.03
CA ASN C 1131 -46.86 -62.55 -16.77
C ASN C 1131 -45.58 -63.20 -17.27
N ASN C 1132 -45.19 -64.28 -16.61
CA ASN C 1132 -43.97 -65.01 -16.94
C ASN C 1132 -43.99 -66.33 -16.16
N THR C 1133 -42.93 -67.11 -16.29
CA THR C 1133 -42.70 -68.29 -15.47
C THR C 1133 -41.35 -68.15 -14.78
N VAL C 1134 -41.26 -68.63 -13.55
CA VAL C 1134 -40.05 -68.54 -12.74
C VAL C 1134 -39.66 -69.96 -12.36
N TYR C 1135 -38.41 -70.33 -12.65
CA TYR C 1135 -37.95 -71.69 -12.43
C TYR C 1135 -37.90 -72.00 -10.94
N ASP C 1136 -38.48 -73.14 -10.55
CA ASP C 1136 -38.37 -73.63 -9.19
C ASP C 1136 -37.29 -74.71 -9.14
N PRO C 1137 -36.13 -74.46 -8.52
CA PRO C 1137 -35.05 -75.45 -8.57
C PRO C 1137 -35.41 -76.79 -7.96
N LEU C 1138 -36.34 -76.84 -7.02
CA LEU C 1138 -36.65 -78.09 -6.32
C LEU C 1138 -37.52 -79.04 -7.13
N GLN C 1139 -38.18 -78.56 -8.18
CA GLN C 1139 -39.06 -79.43 -8.95
C GLN C 1139 -38.33 -80.58 -9.62
N PRO C 1140 -37.20 -80.39 -10.31
CA PRO C 1140 -36.49 -81.56 -10.86
C PRO C 1140 -36.04 -82.55 -9.81
N GLU C 1141 -35.65 -82.08 -8.63
CA GLU C 1141 -35.26 -82.99 -7.56
C GLU C 1141 -36.45 -83.70 -6.93
N LEU C 1142 -37.64 -83.12 -7.04
CA LEU C 1142 -38.83 -83.78 -6.50
C LEU C 1142 -39.10 -85.10 -7.22
N ASP C 1143 -38.93 -85.12 -8.55
CA ASP C 1143 -39.16 -86.35 -9.30
C ASP C 1143 -38.18 -87.44 -8.90
N SER C 1144 -36.92 -87.09 -8.72
CA SER C 1144 -35.89 -88.05 -8.32
C SER C 1144 -35.84 -88.21 -6.80
N GLN D 1 62.31 52.00 -13.70
CA GLN D 1 61.13 51.46 -13.05
C GLN D 1 59.88 51.70 -13.90
N VAL D 2 58.73 51.69 -13.25
CA VAL D 2 57.44 51.92 -13.90
C VAL D 2 56.95 53.31 -13.51
N GLN D 3 56.65 54.14 -14.51
CA GLN D 3 56.24 55.52 -14.30
C GLN D 3 54.93 55.78 -15.00
N LEU D 4 53.98 56.36 -14.27
CA LEU D 4 52.69 56.78 -14.81
C LEU D 4 52.55 58.29 -14.61
N GLN D 5 52.22 59.01 -15.68
CA GLN D 5 52.20 60.45 -15.69
C GLN D 5 50.76 60.96 -15.61
N GLN D 6 50.54 61.98 -14.80
CA GLN D 6 49.25 62.61 -14.60
C GLN D 6 49.38 64.12 -14.61
N PRO D 7 48.34 64.84 -15.03
CA PRO D 7 48.33 66.29 -14.84
C PRO D 7 48.34 66.64 -13.35
N GLY D 8 49.03 67.73 -13.02
CA GLY D 8 49.11 68.14 -11.63
C GLY D 8 47.76 68.52 -11.05
N ALA D 9 46.99 69.32 -11.78
CA ALA D 9 45.68 69.74 -11.35
C ALA D 9 44.87 70.18 -12.57
N GLU D 10 43.55 70.02 -12.48
CA GLU D 10 42.64 70.39 -13.55
C GLU D 10 41.49 71.20 -12.98
N LEU D 11 41.36 72.44 -13.44
CA LEU D 11 40.28 73.34 -13.02
C LEU D 11 39.31 73.49 -14.19
N VAL D 12 38.07 73.07 -13.98
CA VAL D 12 37.06 73.08 -15.03
C VAL D 12 35.75 73.61 -14.47
N LYS D 13 34.87 74.04 -15.37
CA LYS D 13 33.54 74.48 -15.00
C LYS D 13 32.62 73.27 -14.82
N PRO D 14 31.56 73.41 -14.01
CA PRO D 14 30.62 72.30 -13.85
C PRO D 14 29.90 71.99 -15.16
N GLY D 15 29.54 70.71 -15.32
CA GLY D 15 28.86 70.26 -16.52
C GLY D 15 29.74 69.95 -17.71
N THR D 16 31.06 69.87 -17.51
CA THR D 16 32.00 69.63 -18.60
C THR D 16 32.50 68.18 -18.52
N SER D 17 32.52 67.52 -19.67
CA SER D 17 33.01 66.15 -19.78
C SER D 17 34.33 66.15 -20.53
N MET D 18 35.32 65.42 -20.00
CA MET D 18 36.68 65.46 -20.50
C MET D 18 37.30 64.07 -20.39
N LYS D 19 38.37 63.85 -21.16
CA LYS D 19 39.08 62.58 -21.12
C LYS D 19 40.30 62.66 -20.21
N LEU D 20 40.45 61.66 -19.36
CA LEU D 20 41.62 61.50 -18.50
C LEU D 20 42.28 60.16 -18.77
N SER D 21 43.59 60.19 -18.99
CA SER D 21 44.34 59.00 -19.34
C SER D 21 45.70 59.03 -18.67
N CYS D 22 46.31 57.86 -18.52
CA CYS D 22 47.63 57.71 -17.91
C CYS D 22 48.59 57.11 -18.92
N LYS D 23 49.71 57.79 -19.12
CA LYS D 23 50.77 57.25 -19.97
C LYS D 23 51.52 56.16 -19.22
N ALA D 24 51.69 55.01 -19.86
CA ALA D 24 52.27 53.83 -19.23
C ALA D 24 53.69 53.64 -19.71
N SER D 25 54.63 53.56 -18.77
CA SER D 25 56.04 53.35 -19.07
C SER D 25 56.60 52.28 -18.15
N GLY D 26 57.58 51.54 -18.65
CA GLY D 26 58.20 50.48 -17.90
C GLY D 26 57.47 49.15 -17.91
N TYR D 27 56.32 49.07 -18.57
CA TYR D 27 55.57 47.83 -18.62
C TYR D 27 54.69 47.83 -19.87
N THR D 28 54.26 46.64 -20.26
CA THR D 28 53.38 46.48 -21.41
C THR D 28 51.94 46.77 -20.99
N PHE D 29 51.34 47.78 -21.63
CA PHE D 29 50.01 48.23 -21.22
C PHE D 29 48.95 47.18 -21.52
N THR D 30 49.07 46.48 -22.65
CA THR D 30 47.99 45.60 -23.11
C THR D 30 47.78 44.43 -22.16
N SER D 31 48.87 43.75 -21.75
CA SER D 31 48.73 42.53 -20.96
C SER D 31 48.13 42.82 -19.59
N TYR D 32 48.56 43.89 -18.94
CA TYR D 32 48.12 44.18 -17.58
C TYR D 32 46.71 44.78 -17.58
N TRP D 33 45.98 44.50 -16.51
CA TRP D 33 44.60 44.95 -16.41
C TRP D 33 44.54 46.46 -16.13
N MET D 34 43.51 47.10 -16.67
CA MET D 34 43.29 48.53 -16.50
C MET D 34 42.04 48.78 -15.68
N HIS D 35 42.20 49.48 -14.55
CA HIS D 35 41.10 49.88 -13.70
C HIS D 35 41.22 51.37 -13.38
N TRP D 36 40.20 51.91 -12.70
CA TRP D 36 40.13 53.32 -12.36
C TRP D 36 39.56 53.49 -10.96
N VAL D 37 39.96 54.57 -10.29
CA VAL D 37 39.47 54.91 -8.95
C VAL D 37 39.54 56.42 -8.75
N LYS D 38 38.65 56.94 -7.92
CA LYS D 38 38.67 58.34 -7.53
C LYS D 38 38.84 58.48 -6.02
N GLN D 39 39.50 59.56 -5.60
CA GLN D 39 39.69 59.91 -4.21
C GLN D 39 38.99 61.22 -3.89
N ARG D 40 38.30 61.25 -2.76
CA ARG D 40 37.80 62.49 -2.20
C ARG D 40 38.30 62.62 -0.76
N PRO D 41 38.98 63.71 -0.41
CA PRO D 41 39.56 63.82 0.93
C PRO D 41 38.50 63.75 2.01
N GLY D 42 38.79 62.99 3.07
CA GLY D 42 37.82 62.73 4.11
C GLY D 42 36.80 61.67 3.77
N GLN D 43 36.86 61.08 2.58
CA GLN D 43 35.94 60.05 2.14
C GLN D 43 36.72 58.89 1.55
N GLY D 44 36.21 57.68 1.72
CA GLY D 44 36.86 56.49 1.23
C GLY D 44 36.99 56.40 -0.28
N LEU D 45 38.14 55.91 -0.73
CA LEU D 45 38.33 55.56 -2.13
C LEU D 45 37.27 54.54 -2.55
N GLU D 46 36.69 54.74 -3.73
CA GLU D 46 35.69 53.83 -4.28
C GLU D 46 35.95 53.60 -5.77
N TRP D 47 35.81 52.35 -6.18
CA TRP D 47 36.29 51.90 -7.50
C TRP D 47 35.35 52.37 -8.61
N ILE D 48 35.88 52.43 -9.84
CA ILE D 48 35.14 52.94 -10.98
C ILE D 48 34.71 51.83 -11.94
N GLY D 49 35.67 51.21 -12.61
CA GLY D 49 35.35 50.30 -13.69
C GLY D 49 36.57 49.58 -14.20
N MET D 50 36.33 48.63 -15.10
CA MET D 50 37.34 47.67 -15.54
C MET D 50 37.29 47.50 -17.05
N ILE D 51 38.47 47.56 -17.68
CA ILE D 51 38.65 47.19 -19.09
C ILE D 51 40.02 46.55 -19.23
N HIS D 52 40.07 45.47 -20.00
CA HIS D 52 41.34 44.84 -20.35
C HIS D 52 41.79 45.39 -21.69
N PRO D 53 43.00 45.99 -21.78
CA PRO D 53 43.34 46.79 -22.96
C PRO D 53 43.27 46.03 -24.27
N ASN D 54 43.67 44.76 -24.30
CA ASN D 54 43.65 43.96 -25.52
C ASN D 54 42.58 42.87 -25.44
N SER D 55 41.45 43.14 -26.11
CA SER D 55 40.33 42.20 -26.21
C SER D 55 39.80 41.83 -24.82
N GLY D 56 39.26 42.83 -24.13
CA GLY D 56 38.70 42.64 -22.79
C GLY D 56 37.35 43.32 -22.67
N SER D 57 36.49 42.73 -21.85
CA SER D 57 35.17 43.30 -21.60
C SER D 57 35.24 44.42 -20.57
N THR D 58 34.10 45.08 -20.35
CA THR D 58 34.02 46.20 -19.44
C THR D 58 32.88 46.00 -18.44
N LYS D 59 33.16 46.30 -17.17
CA LYS D 59 32.16 46.30 -16.10
C LYS D 59 32.37 47.54 -15.25
N TYR D 60 31.29 48.01 -14.61
CA TYR D 60 31.36 49.16 -13.73
C TYR D 60 30.54 48.89 -12.47
N ASN D 61 30.85 49.64 -11.42
CA ASN D 61 30.11 49.53 -10.18
C ASN D 61 28.69 50.07 -10.33
N GLU D 62 27.78 49.57 -9.50
CA GLU D 62 26.35 49.78 -9.73
C GLU D 62 25.95 51.24 -9.60
N ASN D 63 26.50 51.95 -8.61
CA ASN D 63 26.09 53.34 -8.40
C ASN D 63 26.50 54.22 -9.57
N PHE D 64 27.68 53.97 -10.14
CA PHE D 64 28.20 54.74 -11.25
C PHE D 64 28.25 53.93 -12.54
N LYS D 65 27.24 53.09 -12.77
CA LYS D 65 27.16 52.30 -13.99
C LYS D 65 26.71 53.19 -15.14
N SER D 66 27.52 53.25 -16.20
CA SER D 66 27.31 54.03 -17.43
C SER D 66 27.31 55.54 -17.15
N LYS D 67 27.57 55.97 -15.91
CA LYS D 67 27.63 57.40 -15.63
C LYS D 67 28.81 58.06 -16.35
N ALA D 68 29.94 57.36 -16.43
CA ALA D 68 31.12 57.86 -17.13
C ALA D 68 31.57 56.82 -18.14
N THR D 69 31.71 57.26 -19.40
CA THR D 69 32.20 56.37 -20.44
C THR D 69 33.69 56.10 -20.24
N LEU D 70 34.10 54.86 -20.45
CA LEU D 70 35.48 54.44 -20.25
C LEU D 70 35.97 53.68 -21.48
N THR D 71 37.16 54.05 -21.96
CA THR D 71 37.77 53.44 -23.13
C THR D 71 39.26 53.25 -22.89
N VAL D 72 39.87 52.43 -23.75
CA VAL D 72 41.31 52.18 -23.70
C VAL D 72 41.88 52.40 -25.09
N ASP D 73 43.05 53.05 -25.14
CA ASP D 73 43.77 53.27 -26.39
C ASP D 73 45.04 52.44 -26.37
N LYS D 74 45.17 51.52 -27.33
CA LYS D 74 46.37 50.71 -27.42
C LYS D 74 47.60 51.58 -27.71
N SER D 75 47.46 52.53 -28.62
CA SER D 75 48.54 53.48 -28.87
C SER D 75 48.69 54.43 -27.70
N SER D 76 49.93 54.84 -27.43
CA SER D 76 50.35 55.73 -26.36
C SER D 76 50.14 55.11 -24.98
N SER D 77 49.65 53.86 -24.89
CA SER D 77 49.48 53.15 -23.63
C SER D 77 48.65 53.97 -22.65
N THR D 78 47.52 54.50 -23.13
CA THR D 78 46.64 55.35 -22.34
C THR D 78 45.22 54.81 -22.40
N ALA D 79 44.50 54.90 -21.28
CA ALA D 79 43.11 54.51 -21.18
C ALA D 79 42.27 55.76 -20.97
N TYR D 80 41.34 56.02 -21.89
CA TYR D 80 40.57 57.26 -21.89
C TYR D 80 39.21 57.04 -21.24
N MET D 81 38.87 57.89 -20.27
CA MET D 81 37.56 57.87 -19.62
C MET D 81 36.83 59.15 -19.98
N GLN D 82 35.55 59.02 -20.31
CA GLN D 82 34.72 60.15 -20.70
C GLN D 82 33.62 60.34 -19.67
N PHE D 83 33.44 61.57 -19.21
CA PHE D 83 32.36 61.88 -18.29
C PHE D 83 31.03 62.04 -19.02
N SER D 84 29.97 62.13 -18.22
CA SER D 84 28.62 62.40 -18.72
C SER D 84 27.80 63.02 -17.59
N SER D 85 27.31 64.24 -17.82
CA SER D 85 26.56 65.00 -16.81
C SER D 85 27.37 65.15 -15.53
N LEU D 86 28.54 65.78 -15.66
CA LEU D 86 29.40 65.99 -14.51
C LEU D 86 28.78 66.99 -13.54
N THR D 87 28.93 66.71 -12.25
CA THR D 87 28.43 67.58 -11.19
C THR D 87 29.53 67.78 -10.16
N SER D 88 29.23 68.62 -9.16
CA SER D 88 30.19 68.87 -8.10
C SER D 88 30.48 67.62 -7.30
N GLU D 89 29.44 66.84 -6.99
CA GLU D 89 29.64 65.59 -6.24
C GLU D 89 30.37 64.55 -7.10
N ASP D 90 30.20 64.62 -8.42
CA ASP D 90 30.90 63.68 -9.29
C ASP D 90 32.39 64.00 -9.36
N SER D 91 32.77 65.24 -9.09
CA SER D 91 34.17 65.64 -9.17
C SER D 91 34.99 64.98 -8.08
N ALA D 92 36.15 64.43 -8.46
CA ALA D 92 37.05 63.80 -7.51
C ALA D 92 38.42 63.64 -8.15
N VAL D 93 39.42 63.35 -7.31
CA VAL D 93 40.76 63.10 -7.80
C VAL D 93 40.88 61.65 -8.26
N TYR D 94 41.24 61.45 -9.51
CA TYR D 94 41.18 60.14 -10.16
C TYR D 94 42.59 59.56 -10.26
N TYR D 95 42.73 58.26 -9.99
CA TYR D 95 44.01 57.58 -10.01
C TYR D 95 44.03 56.52 -11.10
N CYS D 96 45.11 56.49 -11.89
CA CYS D 96 45.32 55.38 -12.82
C CYS D 96 45.64 54.11 -12.05
N VAL D 97 45.02 53.00 -12.45
CA VAL D 97 45.10 51.74 -11.72
C VAL D 97 45.54 50.62 -12.66
N ARG D 98 46.51 49.84 -12.22
CA ARG D 98 46.97 48.65 -12.92
C ARG D 98 46.82 47.44 -12.01
N SER D 99 46.32 46.33 -12.55
CA SER D 99 46.07 45.12 -11.79
C SER D 99 46.89 43.97 -12.37
N GLY D 100 47.34 43.08 -11.49
CA GLY D 100 48.12 41.94 -11.90
C GLY D 100 47.65 40.66 -11.24
N SER D 101 47.89 39.54 -11.91
CA SER D 101 47.43 38.24 -11.46
C SER D 101 48.54 37.22 -11.56
N TYR D 102 48.52 36.23 -10.65
CA TYR D 102 49.45 35.11 -10.76
C TYR D 102 49.15 34.26 -11.98
N TYR D 103 47.88 33.95 -12.19
CA TYR D 103 47.47 33.04 -13.26
C TYR D 103 46.48 33.66 -14.24
N GLY D 104 46.08 34.91 -14.04
CA GLY D 104 45.01 35.49 -14.81
C GLY D 104 43.67 35.01 -14.31
N THR D 105 42.62 35.46 -15.00
CA THR D 105 41.22 35.14 -14.72
C THR D 105 40.78 35.61 -13.34
N THR D 106 41.63 36.34 -12.61
CA THR D 106 41.28 36.84 -11.28
C THR D 106 42.19 38.04 -10.98
N TYR D 107 41.76 38.85 -10.01
CA TYR D 107 42.49 40.06 -9.64
C TYR D 107 43.30 39.78 -8.38
N ASP D 108 44.44 39.10 -8.59
CA ASP D 108 45.29 38.70 -7.47
C ASP D 108 45.86 39.92 -6.75
N TYR D 109 46.32 40.91 -7.50
CA TYR D 109 46.99 42.05 -6.88
C TYR D 109 46.95 43.25 -7.83
N PHE D 110 47.21 44.41 -7.26
CA PHE D 110 47.34 45.66 -8.02
C PHE D 110 48.77 46.15 -7.85
N ASP D 111 49.54 46.14 -8.94
CA ASP D 111 50.98 46.32 -8.82
C ASP D 111 51.36 47.80 -8.74
N TYR D 112 50.92 48.60 -9.71
CA TYR D 112 51.30 50.01 -9.77
C TYR D 112 50.09 50.88 -10.03
N TRP D 113 50.07 52.05 -9.38
CA TRP D 113 49.09 53.09 -9.64
C TRP D 113 49.79 54.38 -10.02
N GLY D 114 49.08 55.24 -10.74
CA GLY D 114 49.63 56.53 -11.10
C GLY D 114 49.55 57.54 -9.96
N GLN D 115 50.19 58.69 -10.19
CA GLN D 115 50.14 59.77 -9.21
C GLN D 115 48.72 60.27 -9.00
N GLY D 116 47.96 60.43 -10.08
CA GLY D 116 46.60 60.90 -10.04
C GLY D 116 46.47 62.35 -10.47
N THR D 117 45.31 62.69 -11.00
CA THR D 117 44.98 64.04 -11.42
C THR D 117 43.78 64.53 -10.63
N THR D 118 43.84 65.78 -10.19
CA THR D 118 42.81 66.36 -9.32
C THR D 118 41.80 67.10 -10.19
N LEU D 119 40.57 66.56 -10.26
CA LEU D 119 39.49 67.21 -10.99
C LEU D 119 38.76 68.17 -10.05
N THR D 120 39.36 69.35 -9.89
CA THR D 120 38.78 70.38 -9.05
C THR D 120 37.88 71.28 -9.90
N VAL D 121 36.63 71.43 -9.47
CA VAL D 121 35.65 72.23 -10.20
C VAL D 121 35.51 73.59 -9.52
N SER D 122 36.52 73.99 -8.76
CA SER D 122 36.50 75.27 -8.07
C SER D 122 36.57 76.43 -9.06
N ASP E 1 26.42 43.82 -1.44
CA ASP E 1 27.83 43.75 -1.77
C ASP E 1 28.67 43.55 -0.51
N ILE E 2 29.96 43.80 -0.60
CA ILE E 2 30.88 43.62 0.51
C ILE E 2 31.21 45.00 1.06
N VAL E 3 31.03 45.18 2.37
CA VAL E 3 31.37 46.43 3.06
C VAL E 3 32.51 46.13 4.03
N LEU E 4 33.49 47.04 4.09
CA LEU E 4 34.62 46.90 4.98
C LEU E 4 34.53 47.94 6.09
N THR E 5 34.53 47.47 7.34
CA THR E 5 34.53 48.34 8.49
C THR E 5 35.89 48.25 9.16
N GLN E 6 36.71 49.28 8.99
CA GLN E 6 38.05 49.27 9.56
C GLN E 6 37.98 49.55 11.05
N SER E 7 38.68 48.73 11.83
CA SER E 7 38.74 48.88 13.27
C SER E 7 40.20 48.85 13.72
N PRO E 8 40.55 49.64 14.74
CA PRO E 8 39.70 50.57 15.47
C PRO E 8 39.72 51.98 14.87
N ALA E 9 39.58 52.07 13.54
CA ALA E 9 39.70 53.34 12.84
C ALA E 9 41.05 53.98 13.13
N SER E 10 41.07 55.29 13.32
CA SER E 10 42.31 55.99 13.61
C SER E 10 42.97 55.42 14.87
N LEU E 11 44.27 55.15 14.78
CA LEU E 11 45.02 54.52 15.85
C LEU E 11 46.30 55.31 16.09
N ALA E 12 46.72 55.34 17.35
CA ALA E 12 47.96 55.98 17.76
C ALA E 12 48.84 54.93 18.44
N VAL E 13 50.06 54.75 17.92
CA VAL E 13 51.00 53.77 18.45
C VAL E 13 52.36 54.44 18.58
N SER E 14 53.10 54.09 19.63
CA SER E 14 54.42 54.65 19.84
C SER E 14 55.41 54.12 18.80
N LEU E 15 56.54 54.82 18.68
CA LEU E 15 57.57 54.42 17.74
C LEU E 15 58.14 53.06 18.14
N GLY E 16 58.27 52.17 17.16
CA GLY E 16 58.80 50.84 17.42
C GLY E 16 57.96 50.02 18.39
N GLN E 17 56.65 50.02 18.20
CA GLN E 17 55.72 49.32 19.10
C GLN E 17 54.71 48.55 18.26
N ARG E 18 54.15 47.50 18.86
CA ARG E 18 53.16 46.69 18.17
C ARG E 18 51.93 47.53 17.82
N ALA E 19 51.52 47.47 16.55
CA ALA E 19 50.34 48.17 16.06
C ALA E 19 49.47 47.18 15.30
N THR E 20 48.20 47.07 15.70
CA THR E 20 47.27 46.12 15.11
C THR E 20 46.02 46.86 14.66
N ILE E 21 45.69 46.74 13.37
CA ILE E 21 44.45 47.25 12.81
C ILE E 21 43.80 46.12 12.02
N SER E 22 42.48 45.98 12.15
CA SER E 22 41.74 44.91 11.49
C SER E 22 40.45 45.45 10.90
N CYS E 23 40.17 45.08 9.65
CA CYS E 23 38.91 45.38 9.00
C CYS E 23 38.24 44.07 8.63
N ARG E 24 36.97 43.92 9.00
CA ARG E 24 36.24 42.69 8.74
C ARG E 24 35.12 42.96 7.74
N ALA E 25 35.15 42.24 6.63
CA ALA E 25 34.13 42.38 5.60
C ALA E 25 32.82 41.78 6.08
N SER E 26 31.72 42.23 5.45
CA SER E 26 30.41 41.71 5.79
C SER E 26 30.33 40.20 5.52
N GLU E 27 30.78 39.78 4.35
CA GLU E 27 30.93 38.36 4.04
C GLU E 27 32.35 38.10 3.54
N SER E 28 32.80 36.87 3.75
CA SER E 28 34.21 36.52 3.61
C SER E 28 34.74 36.78 2.21
N VAL E 29 35.98 37.28 2.14
CA VAL E 29 36.60 37.59 0.86
C VAL E 29 37.40 36.40 0.34
N ASN E 30 37.89 35.54 1.24
CA ASN E 30 38.59 34.33 0.84
C ASN E 30 37.63 33.37 0.17
N ILE E 31 38.05 32.81 -0.97
CA ILE E 31 37.19 31.88 -1.69
C ILE E 31 37.50 30.45 -1.27
N TYR E 32 38.69 29.96 -1.60
CA TYR E 32 39.11 28.61 -1.24
C TYR E 32 40.59 28.72 -0.87
N GLY E 33 40.87 28.95 0.40
CA GLY E 33 42.25 29.09 0.86
C GLY E 33 42.84 30.45 0.54
N ASN E 34 42.97 30.77 -0.75
CA ASN E 34 43.54 32.05 -1.15
C ASN E 34 42.60 33.20 -0.80
N SER E 35 43.18 34.30 -0.32
CA SER E 35 42.43 35.49 0.08
C SER E 35 42.81 36.65 -0.83
N PHE E 36 41.84 37.57 -1.05
CA PHE E 36 42.01 38.68 -1.98
C PHE E 36 41.84 39.99 -1.21
N MET E 37 42.91 40.43 -0.57
CA MET E 37 42.91 41.64 0.25
C MET E 37 44.16 42.46 -0.07
N HIS E 38 43.99 43.78 -0.12
CA HIS E 38 45.06 44.71 -0.46
C HIS E 38 45.11 45.79 0.60
N TRP E 39 46.31 46.08 1.11
CA TRP E 39 46.49 47.14 2.10
C TRP E 39 47.43 48.19 1.53
N TYR E 40 47.04 49.46 1.69
CA TYR E 40 47.58 50.58 0.93
C TYR E 40 48.18 51.63 1.85
N GLN E 41 49.23 52.28 1.37
CA GLN E 41 49.91 53.37 2.10
C GLN E 41 49.69 54.65 1.32
N GLN E 42 48.67 55.42 1.71
CA GLN E 42 48.31 56.64 0.99
C GLN E 42 48.74 57.84 1.83
N LYS E 43 49.82 58.49 1.39
CA LYS E 43 50.23 59.76 1.99
C LYS E 43 49.34 60.88 1.48
N PRO E 44 49.23 61.98 2.24
CA PRO E 44 48.44 63.12 1.76
C PRO E 44 49.01 63.68 0.46
N GLY E 45 48.17 63.67 -0.58
CA GLY E 45 48.59 64.14 -1.89
C GLY E 45 49.66 63.29 -2.53
N GLN E 46 49.66 62.00 -2.26
CA GLN E 46 50.60 61.06 -2.84
C GLN E 46 49.86 59.77 -3.20
N PRO E 47 50.32 59.06 -4.22
CA PRO E 47 49.63 57.82 -4.62
C PRO E 47 49.77 56.76 -3.54
N PRO E 48 48.77 55.89 -3.40
CA PRO E 48 48.86 54.82 -2.42
C PRO E 48 50.00 53.87 -2.72
N LYS E 49 50.65 53.40 -1.66
CA LYS E 49 51.77 52.49 -1.77
C LYS E 49 51.36 51.14 -1.18
N LEU E 50 51.64 50.07 -1.92
CA LEU E 50 51.26 48.73 -1.49
C LEU E 50 51.99 48.35 -0.21
N LEU E 51 51.29 47.63 0.67
CA LEU E 51 51.92 46.88 1.76
C LEU E 51 51.78 45.39 1.56
N ILE E 52 50.56 44.90 1.43
CA ILE E 52 50.25 43.48 1.40
C ILE E 52 49.16 43.27 0.36
N PHE E 53 49.53 42.71 -0.78
CA PHE E 53 48.61 42.56 -1.90
C PHE E 53 47.87 41.24 -1.91
N ARG E 54 47.98 40.43 -0.86
CA ARG E 54 47.25 39.19 -0.73
C ARG E 54 47.01 38.93 0.76
N ALA E 55 46.71 37.69 1.10
CA ALA E 55 46.55 37.33 2.52
C ALA E 55 47.84 37.59 3.29
N SER E 56 48.98 37.16 2.74
CA SER E 56 50.26 37.33 3.41
C SER E 56 51.39 37.77 2.49
N ASN E 57 51.17 37.89 1.18
CA ASN E 57 52.22 38.29 0.26
C ASN E 57 52.64 39.73 0.50
N LEU E 58 53.95 39.97 0.48
CA LEU E 58 54.54 41.28 0.74
C LEU E 58 55.23 41.76 -0.52
N GLU E 59 54.96 43.01 -0.91
CA GLU E 59 55.50 43.55 -2.14
C GLU E 59 57.00 43.80 -2.04
N SER E 60 57.72 43.47 -3.12
CA SER E 60 59.16 43.66 -3.14
C SER E 60 59.51 45.14 -3.16
N GLY E 61 60.71 45.46 -2.66
CA GLY E 61 61.13 46.84 -2.53
C GLY E 61 60.54 47.58 -1.36
N ILE E 62 59.89 46.87 -0.44
CA ILE E 62 59.17 47.48 0.68
C ILE E 62 59.64 46.80 1.96
N PRO E 63 59.88 47.54 3.04
CA PRO E 63 60.42 46.92 4.26
C PRO E 63 59.54 45.81 4.80
N VAL E 64 60.18 44.77 5.32
CA VAL E 64 59.49 43.61 5.87
C VAL E 64 58.78 43.91 7.18
N ARG E 65 58.85 45.15 7.66
CA ARG E 65 58.26 45.50 8.94
C ARG E 65 56.75 45.21 8.96
N PHE E 66 56.08 45.45 7.84
CA PHE E 66 54.66 45.12 7.74
C PHE E 66 54.48 43.62 7.62
N SER E 67 53.50 43.08 8.35
CA SER E 67 53.29 41.64 8.42
C SER E 67 51.84 41.31 8.13
N GLY E 68 51.62 40.12 7.57
CA GLY E 68 50.30 39.68 7.17
C GLY E 68 49.75 38.62 8.11
N SER E 69 48.46 38.75 8.42
CA SER E 69 47.78 37.80 9.28
C SER E 69 46.28 37.91 9.02
N GLY E 70 45.54 36.93 9.54
CA GLY E 70 44.10 36.94 9.45
C GLY E 70 43.57 35.90 8.49
N SER E 71 42.28 35.59 8.64
CA SER E 71 41.62 34.59 7.82
C SER E 71 40.15 34.98 7.64
N ARG E 72 39.62 34.63 6.47
CA ARG E 72 38.21 34.87 6.10
C ARG E 72 37.95 36.37 6.23
N THR E 73 36.94 36.80 6.99
CA THR E 73 36.61 38.22 6.99
C THR E 73 37.62 39.04 7.78
N ASP E 74 38.21 38.48 8.82
CA ASP E 74 39.03 39.24 9.75
C ASP E 74 40.49 39.09 9.34
N PHE E 75 41.12 40.22 8.99
CA PHE E 75 42.52 40.29 8.60
C PHE E 75 43.19 41.34 9.47
N THR E 76 44.32 40.98 10.08
CA THR E 76 45.03 41.85 11.02
C THR E 76 46.40 42.21 10.46
N LEU E 77 46.77 43.48 10.61
CA LEU E 77 48.09 43.97 10.20
C LEU E 77 48.96 44.19 11.44
N THR E 78 50.20 43.73 11.37
CA THR E 78 51.14 43.88 12.48
C THR E 78 52.33 44.71 12.02
N ILE E 79 52.67 45.73 12.80
CA ILE E 79 53.87 46.53 12.56
C ILE E 79 54.63 46.60 13.88
N ASN E 80 55.60 45.70 14.07
CA ASN E 80 56.33 45.70 15.33
C ASN E 80 57.27 46.90 15.44
N PRO E 81 58.20 47.14 14.50
CA PRO E 81 58.96 48.42 14.55
C PRO E 81 58.29 49.55 13.77
N VAL E 82 57.26 50.15 14.37
CA VAL E 82 56.62 51.31 13.76
C VAL E 82 57.64 52.42 13.59
N GLU E 83 57.70 52.98 12.39
CA GLU E 83 58.69 53.99 12.03
C GLU E 83 57.98 55.33 11.88
N ALA E 84 58.75 56.41 11.84
CA ALA E 84 58.16 57.75 11.88
C ALA E 84 57.32 58.05 10.63
N ASP E 85 57.95 58.10 9.45
CA ASP E 85 57.32 58.77 8.32
C ASP E 85 56.27 57.88 7.64
N ASP E 86 56.33 56.57 7.87
CA ASP E 86 55.42 55.68 7.15
C ASP E 86 53.98 55.80 7.63
N VAL E 87 53.74 56.53 8.72
CA VAL E 87 52.38 56.68 9.22
C VAL E 87 51.56 57.53 8.24
N ALA E 88 50.40 57.02 7.88
CA ALA E 88 49.47 57.70 6.98
C ALA E 88 48.14 56.95 7.01
N THR E 89 47.26 57.30 6.08
CA THR E 89 45.95 56.67 6.00
C THR E 89 46.07 55.28 5.38
N TYR E 90 45.45 54.29 6.03
CA TYR E 90 45.52 52.90 5.60
C TYR E 90 44.15 52.46 5.08
N TYR E 91 44.13 51.89 3.88
CA TYR E 91 42.93 51.33 3.29
C TYR E 91 43.09 49.83 3.11
N CYS E 92 41.98 49.10 3.25
CA CYS E 92 41.94 47.67 2.98
C CYS E 92 40.85 47.39 1.95
N HIS E 93 41.14 46.52 1.00
CA HIS E 93 40.26 46.28 -0.14
C HIS E 93 40.09 44.80 -0.44
N GLN E 94 38.86 44.45 -0.80
CA GLN E 94 38.50 43.08 -1.15
C GLN E 94 38.38 42.95 -2.66
N SER E 95 39.08 41.96 -3.22
CA SER E 95 39.10 41.74 -4.66
C SER E 95 38.29 40.53 -5.09
N ASN E 96 37.51 39.94 -4.19
CA ASN E 96 36.79 38.71 -4.52
C ASN E 96 35.68 38.97 -5.53
N GLU E 97 34.86 39.99 -5.28
CA GLU E 97 33.67 40.23 -6.09
C GLU E 97 33.77 41.57 -6.82
N ASP E 98 32.81 41.81 -7.71
CA ASP E 98 32.86 43.00 -8.56
C ASP E 98 32.66 44.35 -7.84
N PRO E 99 32.02 44.47 -6.67
CA PRO E 99 31.91 45.82 -6.08
C PRO E 99 33.26 46.47 -5.85
N PHE E 100 34.28 45.70 -5.47
CA PHE E 100 35.66 46.18 -5.38
C PHE E 100 35.77 47.33 -4.38
N THR E 101 35.09 47.19 -3.24
CA THR E 101 35.06 48.25 -2.24
C THR E 101 36.36 48.32 -1.46
N PHE E 102 36.71 49.51 -0.99
CA PHE E 102 37.91 49.73 -0.19
C PHE E 102 37.53 50.09 1.25
N GLY E 103 38.56 50.30 2.06
CA GLY E 103 38.34 50.60 3.46
C GLY E 103 37.99 52.06 3.70
N SER E 104 37.63 52.35 4.95
CA SER E 104 37.24 53.72 5.31
C SER E 104 38.46 54.63 5.45
N GLY E 105 39.54 54.12 6.02
CA GLY E 105 40.72 54.92 6.31
C GLY E 105 41.18 54.70 7.74
N THR E 106 42.49 54.68 7.94
CA THR E 106 43.10 54.40 9.23
C THR E 106 44.25 55.37 9.47
N LYS E 107 43.98 56.45 10.20
CA LYS E 107 45.03 57.40 10.56
C LYS E 107 45.98 56.78 11.58
N LEU E 108 47.27 57.05 11.42
CA LEU E 108 48.29 56.57 12.33
C LEU E 108 49.18 57.72 12.77
N GLU E 109 49.51 57.73 14.07
CA GLU E 109 50.36 58.77 14.63
C GLU E 109 51.25 58.17 15.71
N ILE E 110 52.39 58.81 15.94
CA ILE E 110 53.35 58.36 16.93
C ILE E 110 52.92 58.79 18.32
C1 NAG F . -8.28 -60.80 20.59
C2 NAG F . -7.84 -62.00 21.43
C3 NAG F . -8.32 -61.85 22.86
C4 NAG F . -7.86 -60.51 23.44
C5 NAG F . -8.28 -59.37 22.52
C6 NAG F . -7.74 -58.03 22.95
C7 NAG F . -9.58 -63.59 20.66
C8 NAG F . -9.82 -64.94 20.06
N2 NAG F . -8.29 -63.26 20.85
O3 NAG F . -7.82 -62.92 23.65
O4 NAG F . -8.43 -60.31 24.72
O5 NAG F . -7.80 -59.60 21.19
O6 NAG F . -7.31 -57.25 21.84
O7 NAG F . -10.50 -62.84 20.97
C1 NAG F . -7.42 -60.52 25.72
C2 NAG F . -7.71 -59.60 26.92
C3 NAG F . -6.69 -59.83 28.02
C4 NAG F . -6.63 -61.31 28.39
C5 NAG F . -6.38 -62.15 27.14
C6 NAG F . -6.44 -63.64 27.41
C7 NAG F . -8.84 -57.46 26.48
C8 NAG F . -8.66 -56.04 26.05
N2 NAG F . -7.72 -58.20 26.51
O3 NAG F . -7.04 -59.06 29.16
O4 NAG F . -5.57 -61.54 29.32
O5 NAG F . -7.39 -61.87 26.16
O6 NAG F . -7.63 -64.22 26.90
O7 NAG F . -9.94 -57.92 26.78
C1 NAG G . -49.35 -43.80 4.97
C2 NAG G . -50.65 -44.56 5.07
C3 NAG G . -51.59 -44.16 3.93
C4 NAG G . -51.77 -42.65 3.90
C5 NAG G . -50.41 -41.96 3.85
C6 NAG G . -50.50 -40.46 3.93
C7 NAG G . -50.82 -46.81 6.04
C8 NAG G . -50.49 -48.26 5.87
N2 NAG G . -50.43 -46.00 5.06
O3 NAG G . -52.85 -44.80 4.11
O4 NAG G . -52.53 -42.27 2.76
O5 NAG G . -49.61 -42.40 4.95
O6 NAG G . -49.26 -39.89 4.32
O7 NAG G . -51.39 -46.39 7.04
C1 NAG G . -53.80 -41.77 3.21
C2 NAG G . -54.38 -40.87 2.13
C3 NAG G . -55.75 -40.34 2.54
C4 NAG G . -56.66 -41.49 2.92
C5 NAG G . -56.00 -42.38 3.97
C6 NAG G . -56.81 -43.62 4.28
C7 NAG G . -52.76 -39.70 0.70
C8 NAG G . -51.87 -38.49 0.56
N2 NAG G . -53.47 -39.77 1.83
O3 NAG G . -56.31 -39.59 1.48
O4 NAG G . -57.89 -41.00 3.44
O5 NAG G . -54.72 -42.84 3.48
O6 NAG G . -56.01 -44.61 4.92
O7 NAG G . -52.83 -40.56 -0.17
C1 NAG H . 43.84 -0.01 -19.69
C2 NAG H . 43.39 -0.84 -20.89
C3 NAG H . 43.95 -2.26 -20.80
C4 NAG H . 45.46 -2.22 -20.63
C5 NAG H . 45.83 -1.34 -19.44
C6 NAG H . 47.33 -1.16 -19.28
C7 NAG H . 41.23 0.06 -21.64
C8 NAG H . 39.75 -0.13 -21.64
N2 NAG H . 41.95 -0.87 -20.98
O3 NAG H . 43.61 -2.98 -21.98
O4 NAG H . 45.96 -3.54 -20.41
O5 NAG H . 45.28 -0.04 -19.61
O6 NAG H . 47.97 -1.03 -20.54
O7 NAG H . 41.76 1.01 -22.20
C1 NAG I . 59.45 10.44 -18.46
C2 NAG I . 58.07 10.75 -17.88
C3 NAG I . 57.06 9.69 -18.33
C4 NAG I . 57.05 9.58 -19.85
C5 NAG I . 58.46 9.29 -20.35
C6 NAG I . 58.56 9.27 -21.86
C7 NAG I . 57.51 11.75 -15.72
C8 NAG I . 57.66 11.66 -14.23
N2 NAG I . 58.12 10.81 -16.43
O3 NAG I . 55.77 10.03 -17.85
O4 NAG I . 56.19 8.52 -20.25
O5 NAG I . 59.36 10.31 -19.91
O6 NAG I . 58.78 7.94 -22.34
O7 NAG I . 56.86 12.65 -16.25
C1 NAG J . 30.79 -25.09 -0.35
C2 NAG J . 30.08 -25.98 -1.37
C3 NAG J . 31.04 -27.06 -1.87
C4 NAG J . 32.33 -26.44 -2.39
C5 NAG J . 32.94 -25.54 -1.32
C6 NAG J . 34.16 -24.80 -1.81
C7 NAG J . 27.77 -26.75 -1.54
C8 NAG J . 26.61 -27.37 -0.80
N2 NAG J . 28.88 -26.57 -0.82
O3 NAG J . 30.41 -27.81 -2.90
O4 NAG J . 33.26 -27.46 -2.73
O5 NAG J . 31.99 -24.55 -0.91
O6 NAG J . 35.31 -25.64 -1.83
O7 NAG J . 27.68 -26.42 -2.72
C1 NAG K . 28.24 -42.89 8.53
C2 NAG K . 29.34 -42.68 9.58
C3 NAG K . 30.56 -42.04 8.93
C4 NAG K . 31.01 -42.86 7.71
C5 NAG K . 29.84 -43.07 6.76
C6 NAG K . 30.19 -43.98 5.59
C7 NAG K . 28.57 -42.38 11.89
C8 NAG K . 28.10 -41.40 12.92
N2 NAG K . 28.86 -41.87 10.68
O3 NAG K . 31.62 -41.96 9.87
O4 NAG K . 32.05 -42.17 7.04
O5 NAG K . 28.74 -43.68 7.45
O6 NAG K . 31.46 -43.65 5.05
O7 NAG K . 28.69 -43.58 12.14
C1 NAG L . 1.83 -67.98 -9.56
C2 NAG L . 1.28 -68.99 -10.56
C3 NAG L . 2.26 -70.15 -10.75
C4 NAG L . 3.64 -69.60 -11.11
C5 NAG L . 4.09 -68.59 -10.08
C6 NAG L . 5.41 -67.93 -10.41
C7 NAG L . -1.16 -68.84 -10.33
C8 NAG L . -2.39 -69.51 -9.81
N2 NAG L . -0.01 -69.50 -10.13
O3 NAG L . 1.79 -71.00 -11.79
O4 NAG L . 4.59 -70.68 -11.16
O5 NAG L . 3.12 -67.54 -9.98
O6 NAG L . 5.51 -66.64 -9.84
O7 NAG L . -1.20 -67.75 -10.87
C1 NAG M . -18.55 -47.44 34.13
C2 NAG M . -18.99 -48.40 35.23
C3 NAG M . -19.01 -47.67 36.57
C4 NAG M . -17.66 -47.00 36.84
C5 NAG M . -17.28 -46.11 35.66
C6 NAG M . -15.91 -45.50 35.81
C7 NAG M . -20.46 -50.12 34.29
C8 NAG M . -21.88 -50.56 34.08
N2 NAG M . -20.29 -48.96 34.95
O3 NAG M . -19.30 -48.60 37.61
O4 NAG M . -17.73 -46.22 38.03
O5 NAG M . -17.28 -46.87 34.46
O6 NAG M . -15.50 -45.45 37.17
O7 NAG M . -19.51 -50.78 33.88
C1 NAG N . 3.01 -65.17 5.76
C2 NAG N . 3.24 -66.01 7.01
C3 NAG N . 4.46 -66.88 6.84
C4 NAG N . 4.35 -67.71 5.56
C5 NAG N . 4.07 -66.80 4.37
C6 NAG N . 3.85 -67.56 3.08
C7 NAG N . 2.93 -65.52 9.40
C8 NAG N . 3.16 -64.53 10.50
N2 NAG N . 3.37 -65.16 8.19
O3 NAG N . 4.60 -67.75 7.96
O4 NAG N . 5.56 -68.43 5.34
O5 NAG N . 2.89 -66.02 4.61
O6 NAG N . 5.06 -67.75 2.37
O7 NAG N . 2.39 -66.61 9.60
C1 NAG O . -6.98 -76.98 8.49
C2 NAG O . -6.27 -77.67 9.65
C3 NAG O . -6.86 -79.06 9.88
C4 NAG O . -8.37 -78.97 10.06
C5 NAG O . -9.00 -78.23 8.88
C6 NAG O . -10.48 -78.01 9.05
C7 NAG O . -4.25 -78.40 8.42
C8 NAG O . -2.76 -78.34 8.38
N2 NAG O . -4.83 -77.74 9.43
O3 NAG O . -6.27 -79.63 11.05
O4 NAG O . -8.93 -80.28 10.13
O5 NAG O . -8.39 -76.93 8.75
O6 NAG O . -11.06 -79.00 9.88
O7 NAG O . -4.90 -79.02 7.58
C1 NAG P . -8.89 -80.34 -12.31
C2 NAG P . -7.47 -79.92 -12.71
C3 NAG P . -7.28 -80.05 -14.22
C4 NAG P . -7.65 -81.45 -14.69
C5 NAG P . -9.06 -81.80 -14.22
C6 NAG P . -9.44 -83.23 -14.54
C7 NAG P . -6.07 -78.21 -11.63
C8 NAG P . -5.95 -76.77 -11.26
N2 NAG P . -7.19 -78.56 -12.28
O3 NAG P . -5.92 -79.76 -14.56
O4 NAG P . -7.59 -81.53 -16.10
O5 NAG P . -9.14 -81.68 -12.79
O6 NAG P . -8.82 -83.68 -15.74
O7 NAG P . -5.19 -79.03 -11.37
C1 NAG Q . 36.71 -15.67 31.35
C2 NAG Q . 37.25 -14.68 30.31
C3 NAG Q . 38.74 -14.92 30.10
C4 NAG Q . 39.49 -14.92 31.44
C5 NAG Q . 38.82 -15.88 32.42
C6 NAG Q . 39.43 -15.83 33.80
C7 NAG Q . 35.96 -13.73 28.46
C8 NAG Q . 36.11 -12.41 29.16
N2 NAG Q . 36.53 -14.78 29.06
O3 NAG Q . 39.27 -13.89 29.26
O4 NAG Q . 40.84 -15.33 31.23
O5 NAG Q . 37.43 -15.53 32.57
O6 NAG Q . 38.47 -16.14 34.81
O7 NAG Q . 35.36 -13.84 27.39
C1 NAG R . 4.70 -8.75 46.86
C2 NAG R . 5.14 -10.21 46.96
C3 NAG R . 4.45 -10.90 48.14
C4 NAG R . 4.67 -10.11 49.42
C5 NAG R . 4.24 -8.67 49.23
C6 NAG R . 4.55 -7.80 50.42
C7 NAG R . 3.68 -11.12 45.18
C8 NAG R . 3.64 -11.90 43.90
N2 NAG R . 4.89 -10.94 45.71
O3 NAG R . 4.97 -12.22 48.28
O4 NAG R . 3.92 -10.69 50.48
O5 NAG R . 4.95 -8.09 48.12
O6 NAG R . 4.18 -8.43 51.64
O7 NAG R . 2.65 -10.69 45.70
C1 NAG S . 0.35 20.29 48.28
C2 NAG S . 1.21 19.43 49.22
C3 NAG S . 0.42 18.21 49.67
C4 NAG S . -0.92 18.61 50.28
C5 NAG S . -1.68 19.48 49.28
C6 NAG S . -2.98 20.03 49.87
C7 NAG S . 3.57 18.76 49.26
C8 NAG S . 4.76 18.37 48.44
N2 NAG S . 2.45 19.03 48.58
O3 NAG S . 1.17 17.46 50.61
O4 NAG S . -1.68 17.46 50.59
O5 NAG S . -0.90 20.62 48.92
O6 NAG S . -3.12 19.67 51.23
O7 NAG S . 3.62 18.83 50.48
C1 NAG T . 11.17 41.16 30.44
C2 NAG T . 10.21 42.14 31.14
C3 NAG T . 8.88 41.46 31.43
C4 NAG T . 8.30 40.85 30.15
C5 NAG T . 9.32 39.93 29.49
C6 NAG T . 8.87 39.39 28.17
C7 NAG T . 10.47 43.85 32.88
C8 NAG T . 11.18 44.22 34.15
N2 NAG T . 10.81 42.66 32.36
O3 NAG T . 7.97 42.42 31.96
O4 NAG T . 7.13 40.12 30.45
O5 NAG T . 10.55 40.64 29.26
O6 NAG T . 8.51 40.45 27.28
O7 NAG T . 9.65 44.58 32.35
C1 NAG U . -23.91 -5.17 38.37
C2 NAG U . -22.88 -6.18 38.86
C3 NAG U . -23.39 -6.93 40.09
C4 NAG U . -23.85 -5.95 41.16
C5 NAG U . -24.85 -4.96 40.57
C6 NAG U . -25.26 -3.89 41.55
C7 NAG U . -23.33 -7.96 37.20
C8 NAG U . -22.73 -8.83 36.14
N2 NAG U . -22.49 -7.11 37.80
O3 NAG U . -22.37 -7.77 40.60
O4 NAG U . -24.47 -6.65 42.23
O5 NAG U . -24.27 -4.29 39.44
O6 NAG U . -26.67 -3.87 41.73
O7 NAG U . -24.52 -8.02 37.49
C1 NAG V . -41.39 -19.17 36.98
C2 NAG V . -41.07 -19.02 38.46
C3 NAG V . -42.33 -18.69 39.25
C4 NAG V . -43.01 -17.48 38.66
C5 NAG V . -43.25 -17.67 37.16
C6 NAG V . -43.81 -16.43 36.49
C7 NAG V . -39.20 -20.25 39.51
C8 NAG V . -38.49 -18.93 39.54
N2 NAG V . -40.43 -20.23 38.98
O3 NAG V . -41.98 -18.45 40.61
O4 NAG V . -44.26 -17.25 39.31
O5 NAG V . -42.00 -17.96 36.51
O6 NAG V . -44.48 -15.59 37.42
O7 NAG V . -38.70 -21.28 39.93
C1 NAG W . -32.67 -55.58 30.34
C2 NAG W . -32.28 -57.06 30.54
C3 NAG W . -33.35 -57.78 31.37
C4 NAG W . -33.60 -57.02 32.67
C5 NAG W . -33.95 -55.58 32.38
C6 NAG W . -34.11 -54.73 33.62
C7 NAG W . -31.40 -58.85 29.12
C8 NAG W . -31.32 -59.41 27.73
N2 NAG W . -32.11 -57.73 29.26
O3 NAG W . -32.92 -59.10 31.66
O4 NAG W . -34.66 -57.63 33.39
O5 NAG W . -32.91 -54.96 31.60
O6 NAG W . -33.03 -53.81 33.74
O7 NAG W . -30.86 -59.41 30.07
C1 NAG X . -49.38 -32.90 -13.76
C2 NAG X . -50.74 -33.57 -14.02
C3 NAG X . -51.56 -32.75 -15.01
C4 NAG X . -51.68 -31.30 -14.54
C5 NAG X . -50.28 -30.73 -14.27
C6 NAG X . -50.32 -29.34 -13.69
C7 NAG X . -49.98 -35.28 -15.63
C8 NAG X . -49.92 -36.75 -15.93
N2 NAG X . -50.58 -34.94 -14.48
O3 NAG X . -52.86 -33.32 -15.12
O4 NAG X . -52.32 -30.52 -15.53
O5 NAG X . -49.59 -31.56 -13.33
O6 NAG X . -49.60 -29.27 -12.47
O7 NAG X . -49.51 -34.45 -16.41
C1 NAG Y . -44.21 -46.48 22.22
C2 NAG Y . -43.41 -46.34 23.53
C3 NAG Y . -43.37 -44.88 23.98
C4 NAG Y . -42.86 -43.99 22.86
C5 NAG Y . -43.70 -44.21 21.61
C6 NAG Y . -43.19 -43.43 20.41
C7 NAG Y . -43.67 -48.46 24.73
C8 NAG Y . -44.35 -49.17 25.86
N2 NAG Y . -43.99 -47.18 24.57
O3 NAG Y . -42.54 -44.76 25.13
O4 NAG Y . -42.95 -42.62 23.24
O5 NAG Y . -43.66 -45.60 21.23
O6 NAG Y . -44.13 -43.44 19.35
O7 NAG Y . -42.86 -49.04 24.00
C1 NAG Z . -49.38 -60.62 16.08
C2 NAG Z . -50.88 -60.48 16.36
C3 NAG Z . -51.58 -61.83 16.17
C4 NAG Z . -51.26 -62.39 14.79
C5 NAG Z . -49.75 -62.46 14.58
C6 NAG Z . -49.37 -62.92 13.20
C7 NAG Z . -50.78 -60.55 18.83
C8 NAG Z . -51.13 -59.83 20.09
N2 NAG Z . -51.14 -59.95 17.69
O3 NAG Z . -52.99 -61.64 16.31
O4 NAG Z . -51.81 -63.70 14.67
O5 NAG Z . -49.18 -61.16 14.77
O6 NAG Z . -50.30 -63.87 12.71
O7 NAG Z . -50.20 -61.64 18.85
C1 NAG AA . -34.66 -72.22 25.80
C2 NAG AA . -34.83 -71.82 27.27
C3 NAG AA . -33.73 -72.44 28.12
C4 NAG AA . -33.66 -73.94 27.90
C5 NAG AA . -33.53 -74.25 26.41
C6 NAG AA . -33.58 -75.73 26.10
C7 NAG AA . -33.86 -69.54 27.10
C8 NAG AA . -34.11 -68.09 27.35
N2 NAG AA . -34.87 -70.37 27.44
O3 NAG AA . -33.97 -72.16 29.50
O4 NAG AA . -32.55 -74.50 28.59
O5 NAG AA . -34.62 -73.64 25.69
O6 NAG AA . -34.32 -75.99 24.92
O7 NAG AA . -32.81 -69.95 26.61
C1 NAG BA . -44.43 19.16 25.89
C2 NAG BA . -43.49 18.63 26.97
C3 NAG BA . -44.29 17.95 28.08
C4 NAG BA . -45.36 18.89 28.62
C5 NAG BA . -46.24 19.38 27.48
C6 NAG BA . -47.25 20.41 27.91
C7 NAG BA . -41.20 17.90 26.44
C8 NAG BA . -40.75 19.16 27.12
N2 NAG BA . -42.52 17.70 26.41
O3 NAG BA . -43.41 17.57 29.13
O4 NAG BA . -46.17 18.22 29.57
O5 NAG BA . -45.42 20.01 26.48
O6 NAG BA . -48.24 20.63 26.91
O7 NAG BA . -40.41 17.10 25.96
C1 NAG CA . -47.26 10.95 -10.50
C2 NAG CA . -47.48 11.07 -12.00
C3 NAG CA . -48.78 10.37 -12.40
C4 NAG CA . -48.78 8.93 -11.88
C5 NAG CA . -48.49 8.90 -10.38
C6 NAG CA . -48.36 7.50 -9.83
C7 NAG CA . -46.42 13.16 -12.74
C8 NAG CA . -46.64 14.58 -13.14
N2 NAG CA . -47.52 12.47 -12.41
O3 NAG CA . -48.91 10.37 -13.82
O4 NAG CA . -50.06 8.34 -12.11
O5 NAG CA . -47.24 9.57 -10.12
O6 NAG CA . -47.35 6.77 -10.50
O7 NAG CA . -45.30 12.66 -12.70
C1 NAG DA . -36.56 30.60 -23.82
C2 NAG DA . -38.07 30.71 -23.87
C3 NAG DA . -38.49 31.98 -24.59
C4 NAG DA . -37.90 32.04 -25.99
C5 NAG DA . -36.40 31.76 -26.02
C6 NAG DA . -35.56 32.96 -25.62
C7 NAG DA . -38.96 28.42 -23.86
C8 NAG DA . -39.56 27.33 -24.70
N2 NAG DA . -38.66 29.55 -24.52
O3 NAG DA . -38.08 33.12 -23.83
O4 NAG DA . -38.56 31.08 -26.82
O5 NAG DA . -36.01 30.67 -25.17
O6 NAG DA . -35.82 34.07 -26.46
O7 NAG DA . -38.74 28.29 -22.67
C1 NAG EA . -31.01 49.64 -32.15
C2 NAG EA . -31.04 49.30 -33.64
C3 NAG EA . -30.42 47.93 -33.88
C4 NAG EA . -29.03 47.86 -33.26
C5 NAG EA . -29.08 48.26 -31.80
C6 NAG EA . -27.71 48.33 -31.16
C7 NAG EA . -33.41 48.59 -33.76
C8 NAG EA . -34.73 48.82 -34.45
N2 NAG EA . -32.40 49.35 -34.17
O3 NAG EA . -30.35 47.68 -35.28
O4 NAG EA . -28.51 46.53 -33.37
O5 NAG EA . -29.66 49.58 -31.67
O6 NAG EA . -27.78 48.84 -29.83
O7 NAG EA . -33.28 47.75 -32.86
C1 NAG FA . -26.77 -1.09 -30.82
C2 NAG FA . -27.76 -1.59 -29.75
C3 NAG FA . -29.17 -1.18 -30.09
C4 NAG FA . -29.20 0.28 -30.49
C5 NAG FA . -28.49 0.43 -31.83
C6 NAG FA . -27.75 1.74 -31.96
C7 NAG FA . -27.38 -3.66 -28.45
C8 NAG FA . -27.15 -2.76 -27.27
N2 NAG FA . -27.66 -3.05 -29.61
O3 NAG FA . -30.01 -1.38 -28.95
O4 NAG FA . -30.55 0.73 -30.62
O5 NAG FA . -27.53 -0.62 -32.02
O6 NAG FA . -28.40 2.62 -32.85
O7 NAG FA . -27.31 -4.88 -28.36
C1 NAG GA . -28.46 -19.25 -41.52
C2 NAG GA . -27.56 -20.15 -42.37
C3 NAG GA . -28.39 -20.87 -43.43
C4 NAG GA . -29.56 -21.60 -42.79
C5 NAG GA . -30.37 -20.64 -41.91
C6 NAG GA . -31.47 -21.33 -41.14
C7 NAG GA . -25.19 -19.72 -42.85
C8 NAG GA . -24.21 -18.83 -43.55
N2 NAG GA . -26.49 -19.39 -42.98
O3 NAG GA . -27.56 -21.80 -44.12
O4 NAG GA . -30.41 -22.13 -43.79
O5 NAG GA . -29.51 -20.03 -40.93
O6 NAG GA . -32.57 -20.46 -40.92
O7 NAG GA . -24.84 -20.70 -42.20
C1 NAG HA . -46.73 -47.08 -21.32
C2 NAG HA . -47.57 -48.15 -20.62
C3 NAG HA . -48.44 -48.91 -21.62
C4 NAG HA . -49.27 -47.94 -22.45
C5 NAG HA . -48.36 -46.91 -23.11
C6 NAG HA . -49.11 -45.85 -23.87
C7 NAG HA . -46.98 -49.48 -18.63
C8 NAG HA . -48.21 -48.91 -17.99
N2 NAG HA . -46.72 -49.08 -19.88
O3 NAG HA . -49.30 -49.80 -20.93
O4 NAG HA . -49.99 -48.65 -23.45
O5 NAG HA . -47.59 -46.23 -22.11
O6 NAG HA . -49.25 -44.67 -23.09
O7 NAG HA . -46.24 -50.27 -18.05
C1 NAG IA . -15.74 -55.63 -25.74
C2 NAG IA . -15.83 -56.77 -26.75
C3 NAG IA . -14.44 -57.25 -27.13
C4 NAG IA . -13.60 -56.09 -27.64
C5 NAG IA . -13.57 -54.99 -26.57
C6 NAG IA . -12.84 -53.75 -27.03
C7 NAG IA . -17.84 -58.18 -26.64
C8 NAG IA . -18.51 -59.35 -25.97
N2 NAG IA . -16.62 -57.88 -26.21
O3 NAG IA . -14.55 -58.24 -28.15
O4 NAG IA . -12.27 -56.52 -27.91
O5 NAG IA . -14.91 -54.58 -26.27
O6 NAG IA . -13.02 -52.67 -26.12
O7 NAG IA . -18.40 -57.54 -27.52
C1 NAG JA . 4.30 -55.09 -18.36
C2 NAG JA . 5.31 -56.17 -18.78
C3 NAG JA . 6.15 -55.74 -19.97
C4 NAG JA . 5.38 -54.73 -20.79
C5 NAG JA . 5.29 -53.43 -19.99
C6 NAG JA . 4.28 -52.49 -20.58
C7 NAG JA . 6.43 -57.79 -17.33
C8 NAG JA . 7.33 -57.99 -16.14
N2 NAG JA . 6.17 -56.52 -17.65
O3 NAG JA . 6.42 -56.90 -20.75
O4 NAG JA . 5.99 -54.51 -22.05
O5 NAG JA . 4.87 -53.72 -18.65
O6 NAG JA . 3.72 -53.07 -21.76
O7 NAG JA . 5.98 -58.72 -17.98
C1 NAG KA . -34.82 -50.37 -29.49
C2 NAG KA . -36.06 -51.26 -29.54
C3 NAG KA . -36.50 -51.38 -30.98
C4 NAG KA . -36.76 -49.99 -31.53
C5 NAG KA . -35.51 -49.13 -31.42
C6 NAG KA . -35.72 -47.70 -31.88
C7 NAG KA . -36.30 -52.98 -27.86
C8 NAG KA . -36.64 -54.44 -27.78
N2 NAG KA . -35.79 -52.57 -29.01
O3 NAG KA . -37.70 -52.16 -31.04
O4 NAG KA . -37.17 -50.11 -32.90
O5 NAG KA . -35.11 -49.09 -30.05
O6 NAG KA . -35.87 -47.66 -33.31
O7 NAG KA . -36.49 -52.21 -26.92
C1 NAG LA . -33.67 -64.64 -26.82
C2 NAG LA . -33.70 -65.19 -28.25
C3 NAG LA . -33.95 -66.70 -28.22
C4 NAG LA . -32.94 -67.39 -27.31
C5 NAG LA . -32.93 -66.75 -25.94
C6 NAG LA . -31.86 -67.30 -25.03
C7 NAG LA . -34.46 -63.43 -29.75
C8 NAG LA . -35.61 -62.86 -30.53
N2 NAG LA . -34.71 -64.53 -29.05
O3 NAG LA . -33.86 -67.22 -29.53
O4 NAG LA . -33.27 -68.77 -27.18
O5 NAG LA . -32.69 -65.33 -26.05
O6 NAG LA . -30.58 -67.26 -25.66
O7 NAG LA . -33.35 -62.89 -29.77
C1 NAG MA . -51.69 -63.42 -16.36
C2 NAG MA . -52.53 -62.38 -17.10
C3 NAG MA . -53.90 -62.22 -16.45
C4 NAG MA . -54.58 -63.57 -16.33
C5 NAG MA . -53.67 -64.56 -15.60
C6 NAG MA . -54.23 -65.96 -15.54
C7 NAG MA . -51.48 -60.48 -18.27
C8 NAG MA . -50.79 -59.16 -18.12
N2 NAG MA . -51.84 -61.08 -17.14
O3 NAG MA . -54.70 -61.35 -17.23
O4 NAG MA . -55.80 -63.44 -15.62
O5 NAG MA . -52.41 -64.65 -16.29
O6 NAG MA . -53.36 -66.90 -16.13
O7 NAG MA . -51.71 -60.98 -19.37
C1 NAG NA . 1.30 5.86 -46.94
C2 NAG NA . 0.33 7.05 -46.92
C3 NAG NA . -0.78 6.83 -47.94
C4 NAG NA . -0.20 6.55 -49.32
C5 NAG NA . 0.78 5.39 -49.25
C6 NAG NA . 1.50 5.13 -50.56
C7 NAG NA . 0.33 8.07 -44.69
C8 NAG NA . -0.37 8.16 -43.37
N2 NAG NA . -0.22 7.25 -45.59
O3 NAG NA . -1.61 7.99 -47.99
O4 NAG NA . -1.24 6.23 -50.24
O5 NAG NA . 1.80 5.66 -48.28
O6 NAG NA . 2.22 3.91 -50.52
O7 NAG NA . 1.35 8.70 -44.93
C1 NAG OA . 25.90 -16.31 -30.98
C2 NAG OA . 25.14 -16.72 -32.25
C3 NAG OA . 25.77 -17.96 -32.88
C4 NAG OA . 27.26 -17.73 -33.10
C5 NAG OA . 27.93 -17.30 -31.80
C6 NAG OA . 29.39 -16.97 -31.96
C7 NAG OA . 22.80 -16.01 -32.02
C8 NAG OA . 21.41 -16.45 -31.69
N2 NAG OA . 23.74 -16.97 -31.96
O3 NAG OA . 25.13 -18.24 -34.11
O4 NAG OA . 27.88 -18.93 -33.57
O5 NAG OA . 27.29 -16.13 -31.29
O6 NAG OA . 30.22 -18.04 -31.53
O7 NAG OA . 23.06 -14.86 -32.32
#